data_2L4T
#
_entry.id   2L4T
#
loop_
_entity.id
_entity.type
_entity.pdbx_description
1 polymer 'Tax1-binding protein 3'
2 polymer 'Glutaminase L peptide'
#
loop_
_entity_poly.entity_id
_entity_poly.type
_entity_poly.pdbx_seq_one_letter_code
_entity_poly.pdbx_strand_id
1 'polypeptide(L)'
;MSYIPGQPVTAVVQRVEIHKLRQGENLILGFSIGGGIDQDPSQNPFSEDKTDKGIYVTRVSEGGPAEIAGLQIGDKIMQV
NGWDMTMVTHDQARKRLTKRSEEVVRLLVTRQSLQKAVQQSMLS
;
A
2 'polypeptide(L)' KENLESMV B
#
# COMPACT_ATOMS: atom_id res chain seq x y z
N MET A 1 -4.09 0.30 -31.16
CA MET A 1 -5.00 -0.11 -30.08
C MET A 1 -4.23 -0.91 -29.03
N SER A 2 -4.87 -1.11 -27.87
CA SER A 2 -4.30 -1.91 -26.79
C SER A 2 -3.02 -1.29 -26.22
N TYR A 3 -3.17 -0.59 -25.09
CA TYR A 3 -2.06 0.03 -24.35
C TYR A 3 -1.51 1.24 -25.07
N ILE A 4 -1.61 2.40 -24.42
CA ILE A 4 -1.19 3.67 -25.00
C ILE A 4 -0.31 4.42 -24.00
N PRO A 5 1.00 4.41 -24.23
CA PRO A 5 1.97 5.04 -23.32
C PRO A 5 1.86 6.56 -23.30
N GLY A 6 1.87 7.13 -22.11
CA GLY A 6 1.74 8.58 -21.97
C GLY A 6 0.40 8.98 -21.41
N GLN A 7 -0.55 8.06 -21.48
CA GLN A 7 -1.89 8.32 -20.98
C GLN A 7 -2.08 7.68 -19.60
N PRO A 8 -2.44 8.49 -18.60
CA PRO A 8 -2.61 8.02 -17.22
C PRO A 8 -3.77 7.05 -17.07
N VAL A 9 -3.53 5.96 -16.34
CA VAL A 9 -4.57 4.97 -16.06
C VAL A 9 -5.19 5.25 -14.72
N THR A 10 -4.63 6.28 -14.13
CA THR A 10 -5.08 6.91 -12.88
C THR A 10 -4.88 6.00 -11.68
N ALA A 11 -5.60 4.91 -11.69
CA ALA A 11 -5.57 3.94 -10.61
C ALA A 11 -6.22 2.65 -11.04
N VAL A 12 -5.40 1.62 -11.12
CA VAL A 12 -5.86 0.29 -11.39
C VAL A 12 -6.30 -0.36 -10.10
N VAL A 13 -7.57 -0.70 -10.00
CA VAL A 13 -8.09 -1.30 -8.80
C VAL A 13 -8.07 -2.80 -8.94
N GLN A 14 -7.18 -3.41 -8.20
CA GLN A 14 -6.90 -4.81 -8.32
C GLN A 14 -6.76 -5.40 -6.94
N ARG A 15 -7.16 -6.64 -6.80
CA ARG A 15 -7.11 -7.32 -5.58
C ARG A 15 -6.01 -8.32 -5.59
N VAL A 16 -5.25 -8.27 -4.55
CA VAL A 16 -4.07 -9.09 -4.46
C VAL A 16 -3.95 -9.65 -3.05
N GLU A 17 -3.80 -10.93 -2.95
CA GLU A 17 -3.70 -11.56 -1.66
C GLU A 17 -2.25 -11.91 -1.37
N ILE A 18 -1.69 -11.15 -0.45
CA ILE A 18 -0.30 -11.22 -0.10
C ILE A 18 -0.15 -11.91 1.23
N HIS A 19 0.58 -12.97 1.22
CA HIS A 19 0.65 -13.78 2.41
C HIS A 19 2.01 -13.72 3.12
N LYS A 20 1.92 -13.42 4.42
CA LYS A 20 3.05 -13.45 5.35
C LYS A 20 3.85 -14.75 5.20
N LEU A 21 5.12 -14.72 5.57
CA LEU A 21 6.04 -15.76 5.18
C LEU A 21 6.84 -16.25 6.38
N ARG A 22 7.36 -17.44 6.23
CA ARG A 22 7.96 -18.18 7.33
C ARG A 22 9.30 -17.62 7.78
N GLN A 23 9.33 -17.20 9.03
CA GLN A 23 10.53 -16.88 9.74
C GLN A 23 10.47 -17.46 11.14
N GLY A 24 10.42 -18.78 11.18
CA GLY A 24 10.32 -19.50 12.43
C GLY A 24 8.93 -19.41 13.03
N GLU A 25 8.82 -18.67 14.11
CA GLU A 25 7.53 -18.43 14.72
C GLU A 25 6.91 -17.22 14.04
N ASN A 26 7.63 -16.67 13.09
CA ASN A 26 7.20 -15.49 12.45
C ASN A 26 6.66 -15.85 11.11
N LEU A 27 5.55 -15.31 10.88
CA LEU A 27 4.95 -15.32 9.58
C LEU A 27 4.80 -13.88 9.14
N ILE A 28 5.65 -13.48 8.22
CA ILE A 28 5.72 -12.09 7.77
C ILE A 28 6.29 -11.92 6.40
N LEU A 29 6.02 -10.76 5.85
CA LEU A 29 6.20 -10.51 4.44
C LEU A 29 7.54 -9.82 4.21
N GLY A 30 7.81 -8.78 4.98
CA GLY A 30 9.10 -8.13 4.93
C GLY A 30 9.16 -6.93 4.00
N PHE A 31 8.02 -6.54 3.46
CA PHE A 31 7.98 -5.36 2.60
C PHE A 31 7.51 -4.17 3.43
N SER A 32 7.64 -2.96 2.90
CA SER A 32 7.43 -1.77 3.73
C SER A 32 6.38 -0.87 3.13
N ILE A 33 5.53 -0.30 3.98
CA ILE A 33 4.46 0.53 3.49
C ILE A 33 4.45 1.83 4.25
N GLY A 34 4.11 2.89 3.56
CA GLY A 34 4.12 4.16 4.19
C GLY A 34 2.73 4.73 4.35
N GLY A 35 2.35 4.99 5.59
CA GLY A 35 1.12 5.69 5.84
C GLY A 35 1.40 6.96 6.56
N GLY A 36 1.88 7.90 5.80
CA GLY A 36 2.41 9.08 6.40
C GLY A 36 3.59 9.60 5.61
N ILE A 37 4.03 8.79 4.65
CA ILE A 37 5.32 9.01 3.96
C ILE A 37 5.63 10.48 3.66
N ASP A 38 4.67 11.20 3.12
CA ASP A 38 4.88 12.57 2.70
C ASP A 38 3.94 13.49 3.42
N GLN A 39 3.37 13.00 4.51
CA GLN A 39 2.38 13.78 5.24
C GLN A 39 2.78 14.06 6.71
N ASP A 40 1.79 14.12 7.60
CA ASP A 40 1.86 14.90 8.84
C ASP A 40 0.52 14.69 9.59
N PRO A 41 0.34 15.15 10.83
CA PRO A 41 -0.95 14.99 11.53
C PRO A 41 -1.95 16.07 11.18
N SER A 42 -1.43 17.11 10.57
CA SER A 42 -2.16 18.35 10.38
C SER A 42 -3.17 18.28 9.23
N GLN A 43 -3.14 17.20 8.45
CA GLN A 43 -4.00 17.09 7.30
C GLN A 43 -5.32 16.41 7.65
N ASN A 44 -5.27 15.64 8.72
CA ASN A 44 -6.41 14.82 9.15
C ASN A 44 -7.74 15.56 9.32
N PRO A 45 -7.75 16.85 9.74
CA PRO A 45 -8.96 17.67 9.65
C PRO A 45 -9.65 17.52 8.29
N PHE A 46 -8.86 17.13 7.29
CA PHE A 46 -9.36 16.86 5.95
C PHE A 46 -9.07 15.43 5.51
N SER A 47 -8.24 14.68 6.28
CA SER A 47 -7.89 13.34 5.95
C SER A 47 -7.01 13.35 4.71
N GLU A 48 -6.27 14.45 4.59
CA GLU A 48 -5.22 14.65 3.61
C GLU A 48 -5.79 15.22 2.31
N ASP A 49 -6.70 14.49 1.69
CA ASP A 49 -7.40 14.95 0.50
C ASP A 49 -8.77 14.31 0.47
N LYS A 50 -9.33 14.17 1.67
CA LYS A 50 -10.57 13.42 1.91
C LYS A 50 -10.36 11.94 1.75
N THR A 51 -10.47 11.24 2.86
CA THR A 51 -10.41 9.77 2.91
C THR A 51 -9.09 9.25 2.35
N ASP A 52 -8.15 10.16 2.17
CA ASP A 52 -6.85 9.85 1.59
C ASP A 52 -6.04 8.96 2.52
N LYS A 53 -5.59 9.55 3.63
CA LYS A 53 -4.84 8.86 4.69
C LYS A 53 -3.40 8.64 4.28
N GLY A 54 -3.16 8.68 2.99
CA GLY A 54 -1.81 8.62 2.47
C GLY A 54 -1.14 7.29 2.72
N ILE A 55 -1.77 6.22 2.26
CA ILE A 55 -1.26 4.87 2.42
C ILE A 55 -0.72 4.34 1.09
N TYR A 56 0.55 3.98 1.09
CA TYR A 56 1.26 3.70 -0.14
C TYR A 56 2.50 2.85 0.12
N VAL A 57 2.66 1.78 -0.65
CA VAL A 57 3.80 0.92 -0.53
C VAL A 57 5.02 1.61 -1.11
N THR A 58 6.07 1.61 -0.31
CA THR A 58 7.30 2.30 -0.67
C THR A 58 8.45 1.31 -0.85
N ARG A 59 8.16 0.02 -0.63
CA ARG A 59 9.15 -1.04 -0.90
C ARG A 59 8.50 -2.39 -0.81
N VAL A 60 9.27 -3.38 -1.21
CA VAL A 60 8.84 -4.75 -1.24
C VAL A 60 10.01 -5.67 -0.97
N SER A 61 9.78 -6.69 -0.18
CA SER A 61 10.73 -7.79 -0.13
C SER A 61 10.63 -8.56 -1.43
N GLU A 62 11.58 -8.29 -2.29
CA GLU A 62 11.53 -8.74 -3.64
C GLU A 62 11.81 -10.20 -3.76
N GLY A 63 11.13 -10.74 -4.72
CA GLY A 63 11.10 -12.17 -4.92
C GLY A 63 10.49 -12.88 -3.73
N GLY A 64 9.61 -12.18 -3.01
CA GLY A 64 9.11 -12.70 -1.79
C GLY A 64 7.64 -13.03 -1.87
N PRO A 65 6.83 -12.43 -1.00
CA PRO A 65 5.41 -12.70 -0.90
C PRO A 65 4.49 -11.71 -1.59
N ALA A 66 4.83 -10.44 -1.49
CA ALA A 66 3.89 -9.39 -1.85
C ALA A 66 3.81 -9.31 -3.33
N GLU A 67 4.96 -9.42 -3.93
CA GLU A 67 5.10 -9.03 -5.28
C GLU A 67 4.71 -10.18 -6.15
N ILE A 68 4.77 -11.37 -5.56
CA ILE A 68 4.41 -12.53 -6.26
C ILE A 68 2.92 -12.62 -6.28
N ALA A 69 2.35 -12.12 -5.21
CA ALA A 69 0.93 -12.01 -5.10
C ALA A 69 0.45 -11.03 -6.15
N GLY A 70 1.34 -10.10 -6.49
CA GLY A 70 1.00 -9.06 -7.44
C GLY A 70 1.10 -7.68 -6.83
N LEU A 71 2.18 -7.45 -6.12
CA LEU A 71 2.45 -6.20 -5.49
C LEU A 71 3.82 -5.75 -5.98
N GLN A 72 4.10 -4.49 -5.84
CA GLN A 72 5.31 -3.91 -6.34
C GLN A 72 5.50 -2.57 -5.70
N ILE A 73 6.56 -1.88 -6.06
CA ILE A 73 6.92 -0.65 -5.38
C ILE A 73 6.12 0.52 -5.92
N GLY A 74 5.26 1.07 -5.09
CA GLY A 74 4.58 2.28 -5.48
C GLY A 74 3.10 2.06 -5.64
N ASP A 75 2.52 1.48 -4.62
CA ASP A 75 1.15 0.97 -4.74
C ASP A 75 0.32 1.50 -3.59
N LYS A 76 -0.88 1.98 -3.87
CA LYS A 76 -1.67 2.58 -2.80
C LYS A 76 -2.70 1.58 -2.32
N ILE A 77 -2.45 1.06 -1.14
CA ILE A 77 -3.30 0.04 -0.51
C ILE A 77 -4.46 0.70 0.20
N MET A 78 -5.67 0.40 -0.26
CA MET A 78 -6.86 1.05 0.26
C MET A 78 -7.57 0.17 1.28
N GLN A 79 -7.35 -1.15 1.19
CA GLN A 79 -7.94 -2.08 2.13
C GLN A 79 -7.31 -3.44 2.06
N VAL A 80 -7.49 -4.12 3.16
CA VAL A 80 -6.90 -5.44 3.38
C VAL A 80 -7.91 -6.41 3.93
N ASN A 81 -7.98 -7.61 3.33
CA ASN A 81 -8.96 -8.65 3.65
C ASN A 81 -10.36 -8.11 3.48
N GLY A 82 -10.42 -7.04 2.71
CA GLY A 82 -11.68 -6.34 2.48
C GLY A 82 -11.95 -5.23 3.48
N TRP A 83 -10.97 -4.90 4.33
CA TRP A 83 -11.16 -3.92 5.37
C TRP A 83 -10.56 -2.60 4.94
N ASP A 84 -11.34 -1.82 4.22
CA ASP A 84 -11.01 -0.42 3.94
C ASP A 84 -10.12 0.18 5.02
N MET A 85 -8.87 0.41 4.65
CA MET A 85 -7.89 0.99 5.57
C MET A 85 -8.04 2.50 5.73
N THR A 86 -8.88 3.14 4.90
CA THR A 86 -8.92 4.60 4.86
C THR A 86 -9.59 5.20 6.10
N MET A 87 -10.60 4.51 6.63
CA MET A 87 -11.31 5.03 7.79
C MET A 87 -10.75 4.46 9.10
N VAL A 88 -9.73 3.63 8.97
CA VAL A 88 -9.13 2.96 10.11
C VAL A 88 -7.74 3.54 10.37
N THR A 89 -7.06 3.12 11.44
CA THR A 89 -5.80 3.75 11.82
C THR A 89 -4.64 2.84 11.42
N HIS A 90 -3.44 3.40 11.40
CA HIS A 90 -2.25 2.69 10.93
C HIS A 90 -1.97 1.46 11.80
N ASP A 91 -2.18 1.62 13.09
CA ASP A 91 -2.02 0.54 14.05
C ASP A 91 -3.11 -0.50 13.85
N GLN A 92 -4.32 0.00 13.61
CA GLN A 92 -5.46 -0.86 13.30
C GLN A 92 -5.14 -1.67 12.06
N ALA A 93 -4.53 -1.00 11.11
CA ALA A 93 -4.15 -1.61 9.87
C ALA A 93 -3.10 -2.65 10.16
N ARG A 94 -2.15 -2.26 11.01
CA ARG A 94 -1.09 -3.15 11.43
C ARG A 94 -1.66 -4.45 12.00
N LYS A 95 -2.73 -4.33 12.78
CA LYS A 95 -3.38 -5.47 13.40
C LYS A 95 -3.84 -6.49 12.37
N ARG A 96 -4.57 -6.03 11.35
CA ARG A 96 -5.24 -6.97 10.44
C ARG A 96 -4.35 -7.41 9.28
N LEU A 97 -3.21 -6.78 9.14
CA LEU A 97 -2.19 -7.23 8.20
C LEU A 97 -1.37 -8.36 8.79
N THR A 98 -1.11 -8.26 10.06
CA THR A 98 -0.22 -9.20 10.73
C THR A 98 -0.77 -9.70 12.06
N LYS A 99 -1.97 -10.26 12.04
CA LYS A 99 -2.47 -10.96 13.21
C LYS A 99 -2.22 -12.47 13.06
N ARG A 100 -3.05 -13.27 13.68
CA ARG A 100 -2.93 -14.72 13.59
C ARG A 100 -4.25 -15.34 13.17
N SER A 101 -5.01 -14.59 12.42
CA SER A 101 -6.33 -15.03 11.97
C SER A 101 -6.35 -15.23 10.46
N GLU A 102 -5.28 -14.78 9.82
CA GLU A 102 -5.11 -14.90 8.41
C GLU A 102 -3.81 -15.62 8.14
N GLU A 103 -3.52 -15.80 6.89
CA GLU A 103 -2.25 -16.34 6.43
C GLU A 103 -1.85 -15.52 5.28
N VAL A 104 -2.58 -14.45 5.13
CA VAL A 104 -2.58 -13.73 3.90
C VAL A 104 -3.46 -12.50 3.99
N VAL A 105 -3.05 -11.43 3.33
CA VAL A 105 -3.82 -10.21 3.35
C VAL A 105 -4.34 -9.90 1.95
N ARG A 106 -5.66 -9.87 1.82
CA ARG A 106 -6.28 -9.58 0.54
C ARG A 106 -6.44 -8.10 0.34
N LEU A 107 -5.80 -7.57 -0.62
CA LEU A 107 -5.69 -6.14 -0.70
C LEU A 107 -6.54 -5.55 -1.79
N LEU A 108 -7.03 -4.37 -1.52
CA LEU A 108 -7.56 -3.51 -2.56
C LEU A 108 -6.55 -2.42 -2.78
N VAL A 109 -5.86 -2.46 -3.88
CA VAL A 109 -4.77 -1.57 -4.13
C VAL A 109 -5.04 -0.84 -5.42
N THR A 110 -4.24 0.15 -5.64
CA THR A 110 -4.36 0.98 -6.82
C THR A 110 -3.06 1.08 -7.59
N ARG A 111 -3.04 0.46 -8.76
CA ARG A 111 -1.84 0.36 -9.57
C ARG A 111 -1.73 1.50 -10.54
N GLN A 112 -0.50 1.83 -10.89
CA GLN A 112 -0.21 2.86 -11.86
C GLN A 112 0.10 2.26 -13.21
N SER A 113 0.41 0.99 -13.16
CA SER A 113 0.74 0.15 -14.31
C SER A 113 2.21 0.22 -14.60
N LEU A 114 2.85 1.05 -13.85
CA LEU A 114 4.27 1.24 -13.95
C LEU A 114 4.95 0.43 -12.89
N GLN A 115 4.85 -0.86 -13.10
CA GLN A 115 5.42 -1.88 -12.24
C GLN A 115 6.95 -1.77 -12.14
N LYS A 116 7.57 -2.76 -11.50
CA LYS A 116 9.00 -2.76 -11.27
C LYS A 116 9.78 -2.75 -12.59
N ALA A 117 10.55 -1.69 -12.79
CA ALA A 117 11.40 -1.54 -13.97
C ALA A 117 12.48 -0.54 -13.61
N VAL A 118 12.64 -0.42 -12.31
CA VAL A 118 13.42 0.61 -11.64
C VAL A 118 13.45 1.94 -12.42
N GLN A 119 12.42 2.75 -12.18
CA GLN A 119 12.34 4.08 -12.75
C GLN A 119 12.63 5.11 -11.67
N GLN A 120 13.75 5.81 -11.81
CA GLN A 120 14.14 6.79 -10.82
C GLN A 120 13.40 8.11 -11.02
N SER A 121 12.17 8.17 -10.51
CA SER A 121 11.38 9.38 -10.56
C SER A 121 11.21 9.98 -9.17
N MET A 122 11.85 11.10 -8.93
CA MET A 122 11.84 11.73 -7.61
C MET A 122 11.53 13.21 -7.71
N LEU A 123 10.39 13.61 -7.16
CA LEU A 123 9.99 15.01 -7.18
C LEU A 123 9.53 15.44 -5.79
N SER A 124 10.20 16.43 -5.23
CA SER A 124 9.92 16.90 -3.89
C SER A 124 8.97 18.08 -3.90
N LYS B 1 -2.81 9.86 10.70
CA LYS B 1 -2.73 10.68 9.51
C LYS B 1 -1.29 10.94 9.13
N GLU B 2 -0.45 11.07 10.14
CA GLU B 2 0.87 11.63 9.95
C GLU B 2 1.88 10.62 9.48
N ASN B 3 3.03 11.15 9.12
CA ASN B 3 4.21 10.35 8.75
C ASN B 3 4.48 9.18 9.72
N LEU B 4 4.06 7.97 9.33
CA LEU B 4 4.57 6.76 9.96
C LEU B 4 4.50 5.56 9.01
N GLU B 5 5.65 4.97 8.72
CA GLU B 5 5.72 3.83 7.81
C GLU B 5 6.11 2.59 8.59
N SER B 6 5.99 1.42 7.96
CA SER B 6 6.27 0.16 8.64
C SER B 6 6.44 -0.99 7.66
N MET B 7 7.37 -1.87 7.94
CA MET B 7 7.44 -3.14 7.23
C MET B 7 6.63 -4.19 7.98
N VAL B 8 6.10 -5.13 7.24
CA VAL B 8 5.41 -6.28 7.79
C VAL B 8 5.68 -7.47 6.89
N MET A 1 7.75 5.58 -28.35
CA MET A 1 7.14 5.74 -27.00
C MET A 1 8.15 5.42 -25.91
N SER A 2 8.68 6.47 -25.29
CA SER A 2 9.61 6.30 -24.18
C SER A 2 9.08 7.02 -22.95
N TYR A 3 8.66 8.26 -23.15
CA TYR A 3 8.07 9.05 -22.08
C TYR A 3 6.61 9.31 -22.42
N ILE A 4 5.73 9.08 -21.46
CA ILE A 4 4.31 9.25 -21.68
C ILE A 4 3.75 10.33 -20.76
N PRO A 5 3.60 11.55 -21.28
CA PRO A 5 3.06 12.70 -20.54
C PRO A 5 1.54 12.67 -20.54
N GLY A 6 1.01 11.62 -21.11
CA GLY A 6 -0.42 11.45 -21.19
C GLY A 6 -0.87 10.18 -20.53
N GLN A 7 -0.25 9.87 -19.39
CA GLN A 7 -0.62 8.70 -18.62
C GLN A 7 -2.07 8.82 -18.13
N PRO A 8 -2.88 7.79 -18.40
CA PRO A 8 -4.31 7.81 -18.11
C PRO A 8 -4.68 7.23 -16.76
N VAL A 9 -6.00 6.99 -16.60
CA VAL A 9 -6.65 6.45 -15.40
C VAL A 9 -6.24 7.14 -14.08
N THR A 10 -7.13 7.00 -13.12
CA THR A 10 -7.01 7.68 -11.85
C THR A 10 -6.63 6.71 -10.76
N ALA A 11 -7.22 5.56 -10.85
CA ALA A 11 -6.96 4.44 -9.96
C ALA A 11 -7.52 3.18 -10.52
N VAL A 12 -6.63 2.27 -10.83
CA VAL A 12 -7.04 0.95 -11.19
C VAL A 12 -7.20 0.14 -9.92
N VAL A 13 -8.26 -0.58 -9.85
CA VAL A 13 -8.58 -1.39 -8.68
C VAL A 13 -8.15 -2.83 -8.92
N GLN A 14 -7.30 -3.32 -8.04
CA GLN A 14 -6.80 -4.67 -8.10
C GLN A 14 -6.74 -5.23 -6.70
N ARG A 15 -6.63 -6.53 -6.63
CA ARG A 15 -6.55 -7.22 -5.41
C ARG A 15 -5.33 -8.09 -5.40
N VAL A 16 -4.64 -8.07 -4.30
CA VAL A 16 -3.44 -8.84 -4.17
C VAL A 16 -3.40 -9.44 -2.77
N GLU A 17 -3.22 -10.74 -2.70
CA GLU A 17 -3.21 -11.40 -1.42
C GLU A 17 -1.76 -11.75 -1.07
N ILE A 18 -1.21 -11.01 -0.12
CA ILE A 18 0.18 -11.10 0.22
C ILE A 18 0.32 -11.78 1.53
N HIS A 19 1.17 -12.76 1.57
CA HIS A 19 1.35 -13.50 2.76
C HIS A 19 2.69 -13.19 3.43
N LYS A 20 2.71 -12.07 4.14
CA LYS A 20 3.86 -11.63 4.91
C LYS A 20 3.41 -11.11 6.26
N LEU A 21 3.28 -12.02 7.21
CA LEU A 21 2.67 -11.76 8.48
C LEU A 21 3.26 -12.69 9.52
N ARG A 22 3.09 -12.34 10.78
CA ARG A 22 3.44 -13.23 11.87
C ARG A 22 2.57 -14.48 11.84
N GLN A 23 3.16 -15.60 11.48
CA GLN A 23 2.46 -16.87 11.39
C GLN A 23 3.18 -17.92 12.18
N GLY A 24 3.22 -17.69 13.47
CA GLY A 24 3.68 -18.67 14.40
C GLY A 24 5.17 -18.83 14.38
N GLU A 25 5.61 -19.82 13.64
CA GLU A 25 7.01 -20.07 13.48
C GLU A 25 7.54 -19.17 12.39
N ASN A 26 6.63 -18.39 11.81
CA ASN A 26 6.99 -17.50 10.78
C ASN A 26 6.77 -16.12 11.24
N LEU A 27 7.77 -15.38 11.03
CA LEU A 27 7.72 -13.97 11.17
C LEU A 27 8.10 -13.36 9.85
N ILE A 28 7.12 -12.85 9.18
CA ILE A 28 7.33 -12.10 7.98
C ILE A 28 6.97 -10.67 8.27
N LEU A 29 7.91 -9.78 7.98
CA LEU A 29 7.94 -8.45 8.54
C LEU A 29 8.98 -7.66 7.76
N GLY A 30 8.76 -7.58 6.46
CA GLY A 30 9.77 -7.06 5.55
C GLY A 30 9.36 -5.91 4.64
N PHE A 31 8.28 -6.07 3.85
CA PHE A 31 7.99 -5.07 2.82
C PHE A 31 7.36 -3.86 3.45
N SER A 32 7.65 -2.71 2.87
CA SER A 32 7.42 -1.45 3.57
C SER A 32 6.33 -0.65 2.89
N ILE A 33 5.48 -0.05 3.70
CA ILE A 33 4.35 0.70 3.19
C ILE A 33 4.34 2.07 3.82
N GLY A 34 3.88 3.05 3.08
CA GLY A 34 3.88 4.40 3.59
C GLY A 34 2.55 4.76 4.23
N GLY A 35 2.62 5.51 5.33
CA GLY A 35 1.42 5.94 6.03
C GLY A 35 1.50 7.40 6.43
N GLY A 36 0.51 8.18 5.97
CA GLY A 36 0.49 9.60 6.21
C GLY A 36 -0.92 10.11 6.38
N ILE A 37 -1.63 9.56 7.36
CA ILE A 37 -2.98 10.01 7.67
C ILE A 37 -3.14 10.19 9.17
N ASP A 38 -2.52 9.30 9.93
CA ASP A 38 -2.64 9.34 11.39
C ASP A 38 -1.67 10.35 11.98
N GLN A 39 -0.86 10.93 11.11
CA GLN A 39 0.34 11.62 11.56
C GLN A 39 0.09 13.10 11.85
N ASP A 40 0.04 13.88 10.80
CA ASP A 40 0.06 15.33 10.93
C ASP A 40 -0.73 15.96 9.79
N PRO A 41 -1.50 17.02 10.07
CA PRO A 41 -2.34 17.70 9.08
C PRO A 41 -1.55 18.29 7.91
N SER A 42 -0.26 18.49 8.11
CA SER A 42 0.60 19.08 7.10
C SER A 42 0.67 18.21 5.85
N GLN A 43 0.51 16.90 6.03
CA GLN A 43 0.63 15.96 4.95
C GLN A 43 -0.69 15.75 4.25
N ASN A 44 -1.75 16.16 4.89
CA ASN A 44 -3.08 15.83 4.40
C ASN A 44 -3.94 17.06 4.18
N PRO A 45 -3.92 17.61 2.96
CA PRO A 45 -4.90 18.57 2.48
C PRO A 45 -5.99 17.86 1.69
N PHE A 46 -6.06 16.53 1.86
CA PHE A 46 -6.95 15.67 1.09
C PHE A 46 -6.77 14.21 1.52
N SER A 47 -5.51 13.83 1.73
CA SER A 47 -5.13 12.47 1.93
C SER A 47 -3.67 12.42 2.24
N GLU A 48 -2.94 13.08 1.37
CA GLU A 48 -1.50 13.14 1.45
C GLU A 48 -1.00 14.13 0.40
N ASP A 49 -0.74 13.65 -0.80
CA ASP A 49 -0.29 14.56 -1.85
C ASP A 49 -1.30 14.64 -2.97
N LYS A 50 -2.51 15.10 -2.60
CA LYS A 50 -3.63 15.28 -3.54
C LYS A 50 -4.12 13.96 -4.11
N THR A 51 -3.32 13.40 -5.00
CA THR A 51 -3.73 12.26 -5.78
C THR A 51 -3.43 10.93 -5.06
N ASP A 52 -3.16 11.03 -3.77
CA ASP A 52 -2.91 9.85 -2.95
C ASP A 52 -4.07 9.63 -2.01
N LYS A 53 -3.87 8.71 -1.08
CA LYS A 53 -4.84 8.40 -0.07
C LYS A 53 -4.13 8.28 1.29
N GLY A 54 -2.80 8.25 1.22
CA GLY A 54 -1.99 8.24 2.43
C GLY A 54 -1.49 6.86 2.79
N ILE A 55 -1.91 5.87 2.03
CA ILE A 55 -1.44 4.49 2.21
C ILE A 55 -0.99 3.90 0.88
N TYR A 56 0.26 3.47 0.80
CA TYR A 56 0.79 2.87 -0.42
C TYR A 56 2.05 2.07 -0.09
N VAL A 57 2.57 1.29 -1.02
CA VAL A 57 3.75 0.55 -0.78
C VAL A 57 4.94 1.33 -1.28
N THR A 58 5.96 1.40 -0.45
CA THR A 58 7.17 2.13 -0.77
C THR A 58 8.35 1.17 -0.96
N ARG A 59 8.11 -0.11 -0.67
CA ARG A 59 9.13 -1.14 -0.91
C ARG A 59 8.57 -2.52 -0.63
N VAL A 60 9.35 -3.51 -0.98
CA VAL A 60 8.95 -4.89 -0.90
C VAL A 60 10.14 -5.76 -0.53
N SER A 61 9.91 -6.74 0.32
CA SER A 61 10.87 -7.83 0.42
C SER A 61 10.82 -8.59 -0.88
N GLU A 62 11.76 -8.29 -1.74
CA GLU A 62 11.73 -8.72 -3.09
C GLU A 62 12.11 -10.17 -3.23
N GLY A 63 11.62 -10.70 -4.29
CA GLY A 63 11.77 -12.11 -4.58
C GLY A 63 10.92 -12.94 -3.65
N GLY A 64 9.91 -12.30 -3.05
CA GLY A 64 9.17 -12.95 -2.02
C GLY A 64 7.68 -13.01 -2.32
N PRO A 65 6.88 -12.90 -1.27
CA PRO A 65 5.44 -13.15 -1.31
C PRO A 65 4.61 -11.98 -1.82
N ALA A 66 5.06 -10.77 -1.56
CA ALA A 66 4.23 -9.62 -1.88
C ALA A 66 4.11 -9.51 -3.35
N GLU A 67 5.25 -9.59 -3.97
CA GLU A 67 5.37 -9.23 -5.34
C GLU A 67 4.85 -10.34 -6.21
N ILE A 68 4.89 -11.55 -5.69
CA ILE A 68 4.40 -12.67 -6.42
C ILE A 68 2.93 -12.71 -6.31
N ALA A 69 2.46 -12.18 -5.20
CA ALA A 69 1.06 -11.96 -5.01
C ALA A 69 0.61 -10.94 -6.02
N GLY A 70 1.57 -10.11 -6.43
CA GLY A 70 1.28 -9.04 -7.36
C GLY A 70 1.39 -7.69 -6.68
N LEU A 71 2.53 -7.46 -6.08
CA LEU A 71 2.77 -6.27 -5.31
C LEU A 71 4.16 -5.78 -5.65
N GLN A 72 4.28 -4.50 -5.69
CA GLN A 72 5.43 -3.86 -6.24
C GLN A 72 5.43 -2.40 -5.86
N ILE A 73 6.58 -1.80 -5.92
CA ILE A 73 6.85 -0.53 -5.31
C ILE A 73 6.05 0.59 -5.92
N GLY A 74 5.20 1.17 -5.10
CA GLY A 74 4.50 2.37 -5.49
C GLY A 74 3.05 2.07 -5.75
N ASP A 75 2.42 1.41 -4.79
CA ASP A 75 1.07 0.91 -5.02
C ASP A 75 0.21 1.16 -3.80
N LYS A 76 -0.94 1.79 -3.98
CA LYS A 76 -1.69 2.29 -2.85
C LYS A 76 -2.61 1.21 -2.32
N ILE A 77 -2.24 0.68 -1.18
CA ILE A 77 -3.03 -0.33 -0.51
C ILE A 77 -4.19 0.33 0.22
N MET A 78 -5.34 0.34 -0.41
CA MET A 78 -6.48 1.08 0.10
C MET A 78 -7.16 0.31 1.19
N GLN A 79 -7.14 -1.02 1.10
CA GLN A 79 -7.76 -1.85 2.08
C GLN A 79 -7.10 -3.20 2.22
N VAL A 80 -7.34 -3.76 3.37
CA VAL A 80 -6.89 -5.10 3.71
C VAL A 80 -8.07 -6.02 3.90
N ASN A 81 -8.14 -7.11 3.14
CA ASN A 81 -9.24 -8.08 3.22
C ASN A 81 -10.60 -7.42 2.96
N GLY A 82 -10.55 -6.16 2.53
CA GLY A 82 -11.76 -5.41 2.27
C GLY A 82 -11.95 -4.24 3.24
N TRP A 83 -11.00 -4.07 4.16
CA TRP A 83 -11.11 -3.04 5.17
C TRP A 83 -10.28 -1.84 4.77
N ASP A 84 -10.91 -0.95 4.04
CA ASP A 84 -10.34 0.38 3.78
C ASP A 84 -9.43 0.82 4.93
N MET A 85 -8.14 0.75 4.67
CA MET A 85 -7.11 1.02 5.67
C MET A 85 -7.05 2.50 6.05
N THR A 86 -7.70 3.35 5.26
CA THR A 86 -7.54 4.78 5.42
C THR A 86 -8.63 5.39 6.31
N MET A 87 -9.59 4.57 6.69
CA MET A 87 -10.64 5.01 7.61
C MET A 87 -10.38 4.50 9.02
N VAL A 88 -9.45 3.56 9.15
CA VAL A 88 -9.03 3.04 10.44
C VAL A 88 -7.73 3.75 10.84
N THR A 89 -7.01 3.25 11.84
CA THR A 89 -5.72 3.78 12.15
C THR A 89 -4.68 2.85 11.55
N HIS A 90 -3.50 3.36 11.30
CA HIS A 90 -2.47 2.62 10.58
C HIS A 90 -2.11 1.33 11.31
N ASP A 91 -2.12 1.38 12.62
CA ASP A 91 -1.88 0.20 13.45
C ASP A 91 -3.08 -0.74 13.36
N GLN A 92 -4.27 -0.16 13.31
CA GLN A 92 -5.50 -0.94 13.20
C GLN A 92 -5.48 -1.73 11.91
N ALA A 93 -5.13 -1.05 10.84
CA ALA A 93 -5.08 -1.67 9.54
C ALA A 93 -3.92 -2.64 9.48
N ARG A 94 -2.86 -2.32 10.21
CA ARG A 94 -1.66 -3.13 10.16
C ARG A 94 -1.86 -4.42 10.98
N LYS A 95 -2.75 -4.37 11.96
CA LYS A 95 -3.12 -5.57 12.71
C LYS A 95 -4.16 -6.38 11.92
N ARG A 96 -4.82 -5.76 10.95
CA ARG A 96 -5.66 -6.49 10.00
C ARG A 96 -4.80 -7.32 9.05
N LEU A 97 -3.58 -6.85 8.85
CA LEU A 97 -2.61 -7.53 8.01
C LEU A 97 -2.04 -8.71 8.75
N THR A 98 -1.87 -8.50 10.03
CA THR A 98 -1.28 -9.49 10.90
C THR A 98 -2.19 -9.83 12.08
N LYS A 99 -3.42 -10.25 11.81
CA LYS A 99 -4.34 -10.59 12.90
C LYS A 99 -4.00 -11.92 13.51
N ARG A 100 -3.05 -12.59 12.90
CA ARG A 100 -2.52 -13.87 13.39
C ARG A 100 -3.50 -15.00 13.14
N SER A 101 -4.62 -14.69 12.50
CA SER A 101 -5.63 -15.69 12.21
C SER A 101 -5.74 -15.92 10.71
N GLU A 102 -4.74 -15.46 9.97
CA GLU A 102 -4.68 -15.63 8.55
C GLU A 102 -3.27 -16.06 8.19
N GLU A 103 -3.14 -16.72 7.08
CA GLU A 103 -1.85 -17.15 6.57
C GLU A 103 -1.51 -16.35 5.35
N VAL A 104 -2.36 -15.38 5.10
CA VAL A 104 -2.22 -14.52 3.95
C VAL A 104 -3.10 -13.30 4.10
N VAL A 105 -2.58 -12.16 3.69
CA VAL A 105 -3.30 -10.90 3.84
C VAL A 105 -3.91 -10.53 2.52
N ARG A 106 -5.20 -10.32 2.50
CA ARG A 106 -5.84 -9.86 1.31
C ARG A 106 -5.74 -8.37 1.24
N LEU A 107 -5.58 -7.86 0.06
CA LEU A 107 -5.40 -6.44 -0.15
C LEU A 107 -6.27 -5.92 -1.28
N LEU A 108 -6.53 -4.64 -1.21
CA LEU A 108 -7.17 -3.91 -2.28
C LEU A 108 -6.33 -2.69 -2.59
N VAL A 109 -5.74 -2.66 -3.77
CA VAL A 109 -4.73 -1.70 -4.09
C VAL A 109 -5.13 -0.94 -5.33
N THR A 110 -4.46 0.16 -5.55
CA THR A 110 -4.78 1.03 -6.67
C THR A 110 -3.56 1.33 -7.52
N ARG A 111 -3.60 0.82 -8.74
CA ARG A 111 -2.52 0.97 -9.67
C ARG A 111 -2.80 2.13 -10.60
N GLN A 112 -1.75 2.69 -11.14
CA GLN A 112 -1.86 3.67 -12.18
C GLN A 112 -1.52 3.01 -13.49
N SER A 113 -0.64 2.06 -13.31
CA SER A 113 -0.09 1.21 -14.37
C SER A 113 1.05 1.88 -15.10
N LEU A 114 1.37 3.05 -14.61
CA LEU A 114 2.41 3.88 -15.20
C LEU A 114 3.43 4.18 -14.15
N GLN A 115 3.71 3.16 -13.41
CA GLN A 115 4.60 3.19 -12.26
C GLN A 115 5.88 3.99 -12.52
N LYS A 116 6.25 4.78 -11.54
CA LYS A 116 7.38 5.68 -11.67
C LYS A 116 8.04 5.88 -10.32
N ALA A 117 9.32 6.21 -10.34
CA ALA A 117 10.07 6.41 -9.10
C ALA A 117 10.97 7.60 -9.27
N VAL A 118 10.54 8.47 -10.16
CA VAL A 118 11.32 9.62 -10.55
C VAL A 118 10.52 10.89 -10.29
N GLN A 119 10.59 11.36 -9.06
CA GLN A 119 9.85 12.55 -8.65
C GLN A 119 10.75 13.50 -7.87
N GLN A 120 11.10 14.60 -8.50
CA GLN A 120 11.91 15.62 -7.84
C GLN A 120 11.08 16.88 -7.59
N SER A 121 9.96 16.98 -8.27
CA SER A 121 9.08 18.13 -8.15
C SER A 121 7.67 17.77 -8.60
N MET A 122 6.67 18.44 -8.03
CA MET A 122 5.29 18.20 -8.37
C MET A 122 4.46 19.44 -8.09
N LEU A 123 3.25 19.49 -8.63
CA LEU A 123 2.37 20.64 -8.44
C LEU A 123 2.03 20.82 -6.96
N SER A 124 2.43 21.95 -6.41
CA SER A 124 2.14 22.25 -5.02
C SER A 124 0.71 22.73 -4.86
N LYS B 1 5.93 15.93 7.47
CA LYS B 1 4.62 15.37 7.16
C LYS B 1 4.54 13.92 7.59
N GLU B 2 4.55 13.02 6.63
CA GLU B 2 4.37 11.60 6.90
C GLU B 2 5.61 11.00 7.53
N ASN B 3 5.38 10.06 8.43
CA ASN B 3 6.51 9.39 9.08
C ASN B 3 6.18 7.95 9.48
N LEU B 4 5.00 7.46 9.12
CA LEU B 4 4.66 6.09 9.45
C LEU B 4 4.93 5.16 8.28
N GLU B 5 5.47 4.00 8.61
CA GLU B 5 5.62 2.93 7.64
C GLU B 5 5.30 1.62 8.34
N SER B 6 5.23 0.55 7.57
CA SER B 6 5.05 -0.77 8.15
C SER B 6 5.71 -1.81 7.27
N MET B 7 6.64 -2.53 7.84
CA MET B 7 7.36 -3.57 7.14
C MET B 7 6.79 -4.93 7.51
N VAL B 8 6.05 -5.53 6.59
CA VAL B 8 5.47 -6.85 6.81
C VAL B 8 5.99 -7.81 5.74
N MET A 1 -14.83 5.81 -19.01
CA MET A 1 -13.38 5.82 -19.29
C MET A 1 -13.13 5.36 -20.72
N SER A 2 -12.07 5.84 -21.33
CA SER A 2 -11.79 5.50 -22.73
C SER A 2 -10.35 5.08 -22.93
N TYR A 3 -10.16 4.11 -23.82
CA TYR A 3 -8.82 3.63 -24.14
C TYR A 3 -8.13 4.59 -25.09
N ILE A 4 -7.26 5.42 -24.55
CA ILE A 4 -6.52 6.39 -25.34
C ILE A 4 -5.06 6.39 -24.88
N PRO A 5 -4.19 5.68 -25.63
CA PRO A 5 -2.76 5.62 -25.33
C PRO A 5 -2.10 6.98 -25.53
N GLY A 6 -1.57 7.51 -24.44
CA GLY A 6 -0.95 8.82 -24.48
C GLY A 6 -1.46 9.71 -23.37
N GLN A 7 -2.56 9.32 -22.75
CA GLN A 7 -3.10 10.04 -21.62
C GLN A 7 -2.83 9.26 -20.33
N PRO A 8 -2.63 9.98 -19.23
CA PRO A 8 -2.29 9.38 -17.93
C PRO A 8 -3.39 8.46 -17.39
N VAL A 9 -2.99 7.53 -16.53
CA VAL A 9 -3.92 6.61 -15.92
C VAL A 9 -4.54 7.23 -14.69
N THR A 10 -5.64 6.64 -14.27
CA THR A 10 -6.39 7.14 -13.16
C THR A 10 -6.03 6.37 -11.90
N ALA A 11 -6.27 5.08 -11.98
CA ALA A 11 -5.92 4.15 -10.93
C ALA A 11 -6.14 2.72 -11.40
N VAL A 12 -5.08 1.93 -11.37
CA VAL A 12 -5.19 0.51 -11.58
C VAL A 12 -5.86 -0.11 -10.38
N VAL A 13 -7.07 -0.53 -10.57
CA VAL A 13 -7.83 -1.13 -9.49
C VAL A 13 -7.54 -2.62 -9.46
N GLN A 14 -6.76 -3.02 -8.49
CA GLN A 14 -6.22 -4.35 -8.43
C GLN A 14 -6.36 -4.90 -7.03
N ARG A 15 -6.76 -6.15 -6.95
CA ARG A 15 -7.00 -6.85 -5.73
C ARG A 15 -5.99 -7.98 -5.61
N VAL A 16 -5.02 -7.84 -4.73
CA VAL A 16 -3.96 -8.82 -4.62
C VAL A 16 -3.79 -9.27 -3.17
N GLU A 17 -3.75 -10.57 -2.97
CA GLU A 17 -3.59 -11.13 -1.65
C GLU A 17 -2.11 -11.36 -1.37
N ILE A 18 -1.57 -10.53 -0.51
CA ILE A 18 -0.21 -10.65 -0.07
C ILE A 18 -0.17 -11.61 1.08
N HIS A 19 0.98 -12.13 1.33
CA HIS A 19 1.15 -13.05 2.41
C HIS A 19 2.58 -13.03 2.95
N LYS A 20 2.80 -12.18 3.92
CA LYS A 20 4.00 -12.21 4.72
C LYS A 20 4.04 -13.55 5.44
N LEU A 21 5.21 -14.04 5.77
CA LEU A 21 5.33 -15.48 5.95
C LEU A 21 5.88 -15.87 7.31
N ARG A 22 5.11 -16.64 8.04
CA ARG A 22 5.60 -17.31 9.22
C ARG A 22 6.23 -18.65 8.84
N GLN A 23 7.48 -18.79 9.24
CA GLN A 23 8.22 -20.02 9.06
C GLN A 23 8.88 -20.44 10.35
N GLY A 24 8.02 -20.73 11.31
CA GLY A 24 8.45 -21.36 12.55
C GLY A 24 9.11 -20.38 13.48
N GLU A 25 10.43 -20.36 13.45
CA GLU A 25 11.19 -19.40 14.21
C GLU A 25 11.14 -18.09 13.47
N ASN A 26 10.56 -18.12 12.29
CA ASN A 26 10.54 -17.00 11.45
C ASN A 26 9.16 -16.46 11.32
N LEU A 27 9.14 -15.22 11.49
CA LEU A 27 8.06 -14.38 11.16
C LEU A 27 8.62 -13.38 10.19
N ILE A 28 8.17 -13.41 8.97
CA ILE A 28 8.78 -12.58 7.99
C ILE A 28 7.94 -11.37 7.76
N LEU A 29 8.60 -10.26 8.09
CA LEU A 29 8.11 -8.92 8.01
C LEU A 29 8.95 -8.24 6.92
N GLY A 30 8.62 -8.60 5.70
CA GLY A 30 9.51 -8.37 4.58
C GLY A 30 9.42 -7.01 3.93
N PHE A 31 8.44 -6.81 3.05
CA PHE A 31 8.41 -5.63 2.20
C PHE A 31 7.94 -4.42 2.98
N SER A 32 7.97 -3.24 2.37
CA SER A 32 7.81 -2.02 3.11
C SER A 32 6.66 -1.20 2.57
N ILE A 33 5.92 -0.58 3.46
CA ILE A 33 4.72 0.13 3.08
C ILE A 33 4.75 1.50 3.71
N GLY A 34 4.17 2.46 3.04
CA GLY A 34 4.18 3.80 3.54
C GLY A 34 2.90 4.15 4.27
N GLY A 35 3.02 4.56 5.51
CA GLY A 35 1.90 5.07 6.25
C GLY A 35 2.24 6.42 6.82
N GLY A 36 1.35 7.39 6.64
CA GLY A 36 1.65 8.74 7.12
C GLY A 36 0.54 9.32 7.97
N ILE A 37 -0.66 8.85 7.74
CA ILE A 37 -1.86 9.39 8.40
C ILE A 37 -1.79 9.28 9.91
N ASP A 38 -1.21 8.20 10.39
CA ASP A 38 -1.20 7.89 11.81
C ASP A 38 0.18 8.17 12.42
N GLN A 39 1.01 8.88 11.68
CA GLN A 39 2.37 9.12 12.12
C GLN A 39 2.50 10.48 12.77
N ASP A 40 2.67 11.49 11.97
CA ASP A 40 2.86 12.84 12.48
C ASP A 40 2.46 13.85 11.43
N PRO A 41 1.54 14.76 11.80
CA PRO A 41 0.96 15.77 10.88
C PRO A 41 1.99 16.78 10.41
N SER A 42 3.13 16.78 11.07
CA SER A 42 4.23 17.65 10.73
C SER A 42 4.70 17.37 9.31
N GLN A 43 4.85 16.10 8.99
CA GLN A 43 5.36 15.71 7.70
C GLN A 43 4.22 15.34 6.78
N ASN A 44 3.20 14.69 7.34
CA ASN A 44 2.02 14.34 6.60
C ASN A 44 0.90 15.32 6.93
N PRO A 45 0.66 16.27 6.02
CA PRO A 45 -0.37 17.29 6.21
C PRO A 45 -1.78 16.71 6.31
N PHE A 46 -1.91 15.44 5.92
CA PHE A 46 -3.18 14.76 5.95
C PHE A 46 -2.99 13.26 5.79
N SER A 47 -2.09 12.85 4.92
CA SER A 47 -1.95 11.49 4.54
C SER A 47 -0.51 11.18 4.20
N GLU A 48 -0.06 11.84 3.16
CA GLU A 48 1.27 11.67 2.64
C GLU A 48 1.51 12.72 1.57
N ASP A 49 0.63 12.71 0.59
CA ASP A 49 0.71 13.65 -0.51
C ASP A 49 -0.69 14.06 -0.91
N LYS A 50 -0.86 14.54 -2.12
CA LYS A 50 -2.14 15.07 -2.58
C LYS A 50 -3.19 13.97 -2.64
N THR A 51 -2.98 13.03 -3.53
CA THR A 51 -3.96 11.99 -3.77
C THR A 51 -3.43 10.64 -3.30
N ASP A 52 -2.46 10.68 -2.40
CA ASP A 52 -1.78 9.45 -1.96
C ASP A 52 -2.67 8.55 -1.11
N LYS A 53 -3.43 9.16 -0.22
CA LYS A 53 -4.28 8.48 0.78
C LYS A 53 -3.51 8.22 2.07
N GLY A 54 -2.22 7.91 1.95
CA GLY A 54 -1.39 7.71 3.12
C GLY A 54 -1.25 6.25 3.51
N ILE A 55 -1.87 5.38 2.71
CA ILE A 55 -1.72 3.93 2.86
C ILE A 55 -1.28 3.35 1.54
N TYR A 56 -0.03 2.95 1.44
CA TYR A 56 0.51 2.45 0.18
C TYR A 56 1.77 1.64 0.40
N VAL A 57 2.21 0.92 -0.62
CA VAL A 57 3.48 0.27 -0.61
C VAL A 57 4.52 1.22 -1.14
N THR A 58 5.69 1.22 -0.50
CA THR A 58 6.75 2.12 -0.90
C THR A 58 7.94 1.31 -1.36
N ARG A 59 7.87 0.00 -1.14
CA ARG A 59 8.96 -0.90 -1.45
C ARG A 59 8.53 -2.33 -1.22
N VAL A 60 9.34 -3.23 -1.70
CA VAL A 60 9.05 -4.64 -1.66
C VAL A 60 10.35 -5.40 -1.49
N SER A 61 10.38 -6.35 -0.57
CA SER A 61 11.48 -7.29 -0.54
C SER A 61 11.26 -8.27 -1.66
N GLU A 62 12.02 -8.06 -2.71
CA GLU A 62 11.81 -8.70 -3.96
C GLU A 62 12.13 -10.17 -3.89
N GLY A 63 11.41 -10.87 -4.71
CA GLY A 63 11.42 -12.31 -4.71
C GLY A 63 10.79 -12.87 -3.44
N GLY A 64 9.91 -12.08 -2.83
CA GLY A 64 9.37 -12.48 -1.56
C GLY A 64 7.91 -12.87 -1.64
N PRO A 65 7.08 -12.23 -0.83
CA PRO A 65 5.65 -12.55 -0.75
C PRO A 65 4.74 -11.63 -1.54
N ALA A 66 5.05 -10.35 -1.52
CA ALA A 66 4.08 -9.36 -1.96
C ALA A 66 3.99 -9.41 -3.43
N GLU A 67 5.13 -9.49 -4.03
CA GLU A 67 5.26 -9.18 -5.40
C GLU A 67 4.88 -10.39 -6.18
N ILE A 68 4.97 -11.53 -5.50
CA ILE A 68 4.70 -12.76 -6.14
C ILE A 68 3.23 -12.97 -6.13
N ALA A 69 2.62 -12.36 -5.14
CA ALA A 69 1.19 -12.31 -5.08
C ALA A 69 0.71 -11.44 -6.21
N GLY A 70 1.57 -10.49 -6.58
CA GLY A 70 1.21 -9.52 -7.58
C GLY A 70 1.18 -8.12 -7.02
N LEU A 71 2.27 -7.76 -6.35
CA LEU A 71 2.39 -6.49 -5.69
C LEU A 71 3.72 -5.92 -6.15
N GLN A 72 3.82 -4.62 -6.11
CA GLN A 72 4.93 -3.94 -6.64
C GLN A 72 5.00 -2.55 -6.09
N ILE A 73 6.08 -1.89 -6.39
CA ILE A 73 6.45 -0.67 -5.71
C ILE A 73 5.58 0.51 -6.12
N GLY A 74 4.81 0.99 -5.16
CA GLY A 74 4.07 2.22 -5.35
C GLY A 74 2.61 1.95 -5.56
N ASP A 75 1.98 1.42 -4.53
CA ASP A 75 0.62 0.91 -4.64
C ASP A 75 -0.16 1.22 -3.38
N LYS A 76 -1.26 1.95 -3.48
CA LYS A 76 -1.93 2.40 -2.27
C LYS A 76 -3.08 1.49 -1.91
N ILE A 77 -2.88 0.75 -0.83
CA ILE A 77 -3.86 -0.19 -0.31
C ILE A 77 -5.06 0.54 0.28
N MET A 78 -6.21 0.39 -0.35
CA MET A 78 -7.40 1.09 0.10
C MET A 78 -8.15 0.26 1.13
N GLN A 79 -8.17 -1.04 0.90
CA GLN A 79 -8.86 -1.96 1.78
C GLN A 79 -8.09 -3.22 1.96
N VAL A 80 -8.35 -3.83 3.07
CA VAL A 80 -7.65 -5.01 3.47
C VAL A 80 -8.62 -6.17 3.52
N ASN A 81 -8.31 -7.24 2.79
CA ASN A 81 -9.19 -8.40 2.73
C ASN A 81 -10.57 -8.06 2.16
N GLY A 82 -10.76 -6.82 1.72
CA GLY A 82 -12.01 -6.44 1.11
C GLY A 82 -12.73 -5.30 1.81
N TRP A 83 -12.19 -4.80 2.92
CA TRP A 83 -12.82 -3.71 3.62
C TRP A 83 -11.83 -2.58 3.86
N ASP A 84 -12.18 -1.44 3.27
CA ASP A 84 -11.46 -0.16 3.41
C ASP A 84 -10.70 -0.03 4.72
N MET A 85 -9.39 0.15 4.60
CA MET A 85 -8.53 0.34 5.76
C MET A 85 -7.99 1.78 5.84
N THR A 86 -8.52 2.67 5.01
CA THR A 86 -8.05 4.06 5.00
C THR A 86 -8.74 4.90 6.07
N MET A 87 -9.89 4.41 6.54
CA MET A 87 -10.62 5.08 7.62
C MET A 87 -9.98 4.76 8.97
N VAL A 88 -9.33 3.61 9.01
CA VAL A 88 -8.76 3.08 10.25
C VAL A 88 -7.39 3.73 10.54
N THR A 89 -6.74 3.31 11.62
CA THR A 89 -5.44 3.87 11.96
C THR A 89 -4.36 2.86 11.57
N HIS A 90 -3.13 3.33 11.47
CA HIS A 90 -2.02 2.48 11.02
C HIS A 90 -1.82 1.32 11.98
N ASP A 91 -2.00 1.59 13.26
CA ASP A 91 -1.93 0.56 14.28
C ASP A 91 -3.05 -0.43 14.09
N GLN A 92 -4.25 0.11 13.86
CA GLN A 92 -5.45 -0.69 13.63
C GLN A 92 -5.21 -1.63 12.48
N ALA A 93 -4.74 -1.04 11.38
CA ALA A 93 -4.49 -1.78 10.16
C ALA A 93 -3.38 -2.78 10.40
N ARG A 94 -2.38 -2.36 11.15
CA ARG A 94 -1.23 -3.20 11.39
C ARG A 94 -1.63 -4.44 12.17
N LYS A 95 -2.29 -4.25 13.30
CA LYS A 95 -2.62 -5.35 14.17
C LYS A 95 -3.70 -6.25 13.58
N ARG A 96 -4.45 -5.76 12.59
CA ARG A 96 -5.49 -6.59 12.00
C ARG A 96 -4.93 -7.46 10.88
N LEU A 97 -4.01 -6.93 10.08
CA LEU A 97 -3.36 -7.75 9.05
C LEU A 97 -2.42 -8.78 9.66
N THR A 98 -1.87 -8.45 10.82
CA THR A 98 -1.07 -9.42 11.57
C THR A 98 -1.80 -9.84 12.84
N LYS A 99 -3.08 -10.19 12.70
CA LYS A 99 -3.91 -10.57 13.84
C LYS A 99 -3.64 -11.99 14.28
N ARG A 100 -2.76 -12.64 13.55
CA ARG A 100 -2.33 -14.03 13.80
C ARG A 100 -3.40 -15.03 13.40
N SER A 101 -4.63 -14.57 13.31
CA SER A 101 -5.71 -15.38 12.77
C SER A 101 -5.56 -15.40 11.25
N GLU A 102 -4.77 -14.46 10.76
CA GLU A 102 -4.31 -14.44 9.42
C GLU A 102 -2.92 -13.84 9.43
N GLU A 103 -2.08 -14.31 8.55
CA GLU A 103 -0.74 -13.75 8.41
C GLU A 103 -0.59 -13.29 6.99
N VAL A 104 -1.73 -13.29 6.36
CA VAL A 104 -1.88 -12.90 5.00
C VAL A 104 -2.31 -11.45 4.98
N VAL A 105 -2.27 -10.81 3.83
CA VAL A 105 -2.88 -9.51 3.75
C VAL A 105 -3.40 -9.27 2.35
N ARG A 106 -4.71 -9.28 2.23
CA ARG A 106 -5.35 -8.99 0.98
C ARG A 106 -5.48 -7.51 0.82
N LEU A 107 -5.25 -7.05 -0.38
CA LEU A 107 -5.23 -5.63 -0.66
C LEU A 107 -6.18 -5.32 -1.78
N LEU A 108 -7.03 -4.37 -1.55
CA LEU A 108 -7.69 -3.71 -2.67
C LEU A 108 -6.94 -2.43 -2.88
N VAL A 109 -6.15 -2.41 -3.93
CA VAL A 109 -5.10 -1.47 -4.05
C VAL A 109 -5.26 -0.67 -5.32
N THR A 110 -4.36 0.24 -5.48
CA THR A 110 -4.40 1.22 -6.57
C THR A 110 -2.98 1.58 -7.03
N ARG A 111 -2.62 1.15 -8.24
CA ARG A 111 -1.33 1.49 -8.81
C ARG A 111 -1.48 2.21 -10.14
N GLN A 112 -0.39 2.77 -10.62
CA GLN A 112 -0.33 3.39 -11.94
C GLN A 112 0.02 2.37 -12.98
N SER A 113 1.02 1.59 -12.61
CA SER A 113 1.64 0.53 -13.43
C SER A 113 2.78 1.11 -14.21
N LEU A 114 2.92 2.38 -14.05
CA LEU A 114 3.98 3.16 -14.67
C LEU A 114 4.80 3.79 -13.58
N GLN A 115 4.59 3.20 -12.43
CA GLN A 115 5.18 3.64 -11.19
C GLN A 115 6.64 3.22 -11.10
N LYS A 116 7.45 4.12 -10.57
CA LYS A 116 8.87 3.87 -10.35
C LYS A 116 9.34 4.62 -9.11
N ALA A 117 10.47 4.21 -8.57
CA ALA A 117 11.03 4.84 -7.38
C ALA A 117 12.52 4.96 -7.56
N VAL A 118 12.89 4.98 -8.80
CA VAL A 118 14.25 4.99 -9.24
C VAL A 118 14.77 6.41 -9.40
N GLN A 119 14.16 7.32 -8.66
CA GLN A 119 14.53 8.71 -8.69
C GLN A 119 15.29 9.09 -7.43
N GLN A 120 16.30 9.93 -7.58
CA GLN A 120 17.13 10.32 -6.46
C GLN A 120 16.38 11.25 -5.50
N SER A 121 16.99 11.53 -4.38
CA SER A 121 16.39 12.40 -3.39
C SER A 121 16.77 13.85 -3.65
N MET A 122 15.75 14.70 -3.80
CA MET A 122 15.97 16.13 -3.93
C MET A 122 16.14 16.76 -2.55
N LEU A 123 15.78 16.00 -1.53
CA LEU A 123 15.84 16.48 -0.16
C LEU A 123 17.22 16.22 0.41
N SER A 124 17.80 17.26 1.00
CA SER A 124 19.07 17.12 1.70
C SER A 124 18.93 17.63 3.12
N LYS B 1 10.67 14.04 12.33
CA LYS B 1 9.57 13.15 11.97
C LYS B 1 9.71 12.63 10.55
N GLU B 2 9.73 11.31 10.44
CA GLU B 2 9.68 10.64 9.16
C GLU B 2 9.47 9.16 9.36
N ASN B 3 8.26 8.73 9.07
CA ASN B 3 7.84 7.35 9.32
C ASN B 3 7.64 6.62 8.02
N LEU B 4 6.38 6.50 7.63
CA LEU B 4 5.99 5.82 6.40
C LEU B 4 6.27 4.33 6.47
N GLU B 5 7.51 3.98 6.21
CA GLU B 5 7.91 2.58 6.05
C GLU B 5 7.55 1.73 7.25
N SER B 6 6.71 0.75 7.00
CA SER B 6 6.46 -0.31 7.95
C SER B 6 6.55 -1.62 7.19
N MET B 7 7.55 -2.42 7.53
CA MET B 7 7.74 -3.70 6.86
C MET B 7 6.74 -4.71 7.38
N VAL B 8 6.26 -5.55 6.47
CA VAL B 8 5.30 -6.61 6.80
C VAL B 8 5.65 -7.88 6.04
N MET A 1 -10.46 5.00 -25.55
CA MET A 1 -9.58 4.00 -26.20
C MET A 1 -8.18 4.57 -26.46
N SER A 2 -8.11 5.85 -26.81
CA SER A 2 -6.84 6.50 -27.10
C SER A 2 -6.35 7.33 -25.92
N TYR A 3 -6.87 7.02 -24.72
CA TYR A 3 -6.49 7.70 -23.47
C TYR A 3 -7.08 9.09 -23.36
N ILE A 4 -7.23 9.73 -24.51
CA ILE A 4 -7.76 11.09 -24.62
C ILE A 4 -6.92 12.09 -23.83
N PRO A 5 -5.97 12.76 -24.51
CA PRO A 5 -5.12 13.79 -23.91
C PRO A 5 -5.94 14.89 -23.26
N GLY A 6 -5.55 15.28 -22.05
CA GLY A 6 -6.30 16.26 -21.30
C GLY A 6 -6.72 15.73 -19.95
N GLN A 7 -7.09 14.46 -19.92
CA GLN A 7 -7.48 13.79 -18.68
C GLN A 7 -6.27 13.13 -18.05
N PRO A 8 -6.23 13.08 -16.71
CA PRO A 8 -5.12 12.48 -15.96
C PRO A 8 -5.09 10.95 -16.08
N VAL A 9 -4.17 10.33 -15.36
CA VAL A 9 -4.05 8.88 -15.35
C VAL A 9 -5.18 8.26 -14.53
N THR A 10 -5.20 6.94 -14.46
CA THR A 10 -6.32 6.23 -13.92
C THR A 10 -5.86 5.13 -13.00
N ALA A 11 -6.19 5.33 -11.76
CA ALA A 11 -5.94 4.37 -10.70
C ALA A 11 -6.42 3.01 -11.09
N VAL A 12 -5.45 2.15 -11.20
CA VAL A 12 -5.69 0.77 -11.43
C VAL A 12 -5.97 0.10 -10.11
N VAL A 13 -7.01 -0.68 -10.09
CA VAL A 13 -7.44 -1.39 -8.90
C VAL A 13 -7.03 -2.85 -8.98
N GLN A 14 -6.20 -3.28 -8.04
CA GLN A 14 -5.72 -4.65 -8.03
C GLN A 14 -6.04 -5.28 -6.70
N ARG A 15 -6.60 -6.46 -6.79
CA ARG A 15 -6.97 -7.20 -5.65
C ARG A 15 -5.97 -8.30 -5.48
N VAL A 16 -5.10 -8.10 -4.52
CA VAL A 16 -3.94 -8.93 -4.37
C VAL A 16 -3.84 -9.46 -2.95
N GLU A 17 -3.73 -10.76 -2.86
CA GLU A 17 -3.59 -11.43 -1.59
C GLU A 17 -2.13 -11.78 -1.38
N ILE A 18 -1.51 -11.06 -0.48
CA ILE A 18 -0.11 -11.13 -0.22
C ILE A 18 0.14 -11.86 1.06
N HIS A 19 0.80 -12.96 0.96
CA HIS A 19 0.92 -13.81 2.10
C HIS A 19 2.32 -13.81 2.73
N LYS A 20 2.50 -12.88 3.67
CA LYS A 20 3.55 -12.95 4.66
C LYS A 20 3.01 -13.72 5.84
N LEU A 21 3.86 -14.21 6.72
CA LEU A 21 3.41 -15.37 7.48
C LEU A 21 4.01 -15.51 8.87
N ARG A 22 3.15 -15.89 9.77
CA ARG A 22 3.55 -16.44 11.05
C ARG A 22 3.89 -17.91 10.87
N GLN A 23 5.15 -18.24 11.02
CA GLN A 23 5.63 -19.58 10.74
C GLN A 23 6.06 -20.24 12.02
N GLY A 24 5.08 -20.47 12.86
CA GLY A 24 5.31 -21.09 14.13
C GLY A 24 5.90 -20.12 15.12
N GLU A 25 7.19 -20.24 15.31
CA GLU A 25 7.93 -19.31 16.12
C GLU A 25 8.38 -18.14 15.28
N ASN A 26 7.97 -18.16 14.02
CA ASN A 26 8.35 -17.14 13.12
C ASN A 26 7.21 -16.24 12.87
N LEU A 27 7.59 -15.05 12.74
CA LEU A 27 6.76 -13.99 12.30
C LEU A 27 7.49 -13.27 11.21
N ILE A 28 7.00 -13.36 10.00
CA ILE A 28 7.68 -12.78 8.88
C ILE A 28 6.95 -11.55 8.44
N LEU A 29 7.71 -10.45 8.55
CA LEU A 29 7.28 -9.10 8.34
C LEU A 29 8.18 -8.50 7.27
N GLY A 30 7.87 -8.84 6.05
CA GLY A 30 8.75 -8.60 4.92
C GLY A 30 8.68 -7.22 4.29
N PHE A 31 7.70 -7.00 3.41
CA PHE A 31 7.71 -5.81 2.55
C PHE A 31 7.17 -4.61 3.30
N SER A 32 7.38 -3.41 2.78
CA SER A 32 7.15 -2.21 3.56
C SER A 32 6.13 -1.31 2.89
N ILE A 33 5.27 -0.71 3.68
CA ILE A 33 4.22 0.12 3.16
C ILE A 33 4.27 1.47 3.83
N GLY A 34 4.06 2.50 3.06
CA GLY A 34 4.17 3.83 3.58
C GLY A 34 2.83 4.43 3.93
N GLY A 35 2.75 5.09 5.08
CA GLY A 35 1.55 5.78 5.47
C GLY A 35 1.86 7.18 5.93
N GLY A 36 1.82 8.12 5.01
CA GLY A 36 2.33 9.44 5.32
C GLY A 36 2.87 10.14 4.09
N ILE A 37 2.31 9.86 2.92
CA ILE A 37 2.77 10.48 1.68
C ILE A 37 2.80 12.01 1.76
N ASP A 38 1.72 12.60 2.25
CA ASP A 38 1.66 14.05 2.44
C ASP A 38 1.27 14.34 3.87
N GLN A 39 0.90 13.27 4.56
CA GLN A 39 0.27 13.38 5.85
C GLN A 39 0.80 12.30 6.79
N ASP A 40 -0.06 11.87 7.71
CA ASP A 40 0.25 10.82 8.66
C ASP A 40 -1.04 10.26 9.22
N PRO A 41 -1.14 8.93 9.36
CA PRO A 41 -2.38 8.25 9.77
C PRO A 41 -2.77 8.50 11.23
N SER A 42 -1.83 8.94 12.03
CA SER A 42 -2.11 9.25 13.42
C SER A 42 -2.97 10.51 13.49
N GLN A 43 -2.63 11.48 12.65
CA GLN A 43 -3.36 12.73 12.58
C GLN A 43 -4.53 12.61 11.59
N ASN A 44 -4.33 11.76 10.59
CA ASN A 44 -5.35 11.50 9.58
C ASN A 44 -5.71 10.02 9.54
N PRO A 45 -6.70 9.63 10.35
CA PRO A 45 -7.22 8.26 10.38
C PRO A 45 -8.29 8.06 9.32
N PHE A 46 -8.14 8.73 8.20
CA PHE A 46 -9.10 8.62 7.12
C PHE A 46 -8.46 8.94 5.76
N SER A 47 -8.16 10.22 5.57
CA SER A 47 -7.91 10.83 4.27
C SER A 47 -8.33 12.29 4.35
N GLU A 48 -7.40 13.19 4.52
CA GLU A 48 -7.75 14.57 4.77
C GLU A 48 -7.91 15.32 3.46
N ASP A 49 -7.37 14.73 2.40
CA ASP A 49 -7.45 15.33 1.08
C ASP A 49 -8.54 14.64 0.27
N LYS A 50 -9.26 13.74 0.93
CA LYS A 50 -10.31 12.93 0.30
C LYS A 50 -9.71 11.89 -0.63
N THR A 51 -9.10 12.38 -1.69
CA THR A 51 -8.33 11.55 -2.61
C THR A 51 -6.92 11.36 -2.07
N ASP A 52 -6.82 11.57 -0.77
CA ASP A 52 -5.59 11.38 0.03
C ASP A 52 -4.85 10.14 -0.42
N LYS A 53 -5.42 8.98 -0.11
CA LYS A 53 -4.80 7.70 -0.43
C LYS A 53 -3.41 7.67 0.17
N GLY A 54 -3.34 8.23 1.37
CA GLY A 54 -2.11 8.36 2.12
C GLY A 54 -1.37 7.04 2.38
N ILE A 55 -1.98 5.93 1.98
CA ILE A 55 -1.42 4.60 2.22
C ILE A 55 -0.99 3.94 0.91
N TYR A 56 0.26 3.49 0.85
CA TYR A 56 0.79 2.86 -0.35
C TYR A 56 1.99 1.98 0.00
N VAL A 57 2.47 1.20 -0.96
CA VAL A 57 3.65 0.41 -0.79
C VAL A 57 4.85 1.26 -1.11
N THR A 58 5.86 1.17 -0.27
CA THR A 58 7.08 1.94 -0.44
C THR A 58 8.27 1.01 -0.68
N ARG A 59 8.01 -0.28 -0.52
CA ARG A 59 9.02 -1.30 -0.77
C ARG A 59 8.41 -2.68 -0.71
N VAL A 60 9.18 -3.64 -1.17
CA VAL A 60 8.77 -5.01 -1.23
C VAL A 60 9.96 -5.88 -0.86
N SER A 61 9.72 -6.94 -0.09
CA SER A 61 10.72 -7.97 0.05
C SER A 61 10.77 -8.75 -1.24
N GLU A 62 11.76 -8.44 -2.03
CA GLU A 62 11.84 -8.88 -3.38
C GLU A 62 12.07 -10.35 -3.47
N GLY A 63 11.36 -10.88 -4.41
CA GLY A 63 11.26 -12.31 -4.58
C GLY A 63 10.54 -12.93 -3.40
N GLY A 64 9.61 -12.19 -2.81
CA GLY A 64 8.98 -12.62 -1.60
C GLY A 64 7.53 -12.94 -1.78
N PRO A 65 6.67 -12.26 -1.02
CA PRO A 65 5.23 -12.50 -1.03
C PRO A 65 4.41 -11.52 -1.82
N ALA A 66 4.77 -10.26 -1.73
CA ALA A 66 3.90 -9.20 -2.16
C ALA A 66 3.87 -9.17 -3.65
N GLU A 67 5.04 -9.29 -4.20
CA GLU A 67 5.23 -8.95 -5.57
C GLU A 67 4.81 -10.11 -6.41
N ILE A 68 4.82 -11.29 -5.78
CA ILE A 68 4.51 -12.48 -6.47
C ILE A 68 3.04 -12.65 -6.50
N ALA A 69 2.44 -12.07 -5.49
CA ALA A 69 1.00 -11.95 -5.43
C ALA A 69 0.56 -10.93 -6.45
N GLY A 70 1.50 -10.07 -6.82
CA GLY A 70 1.24 -9.04 -7.82
C GLY A 70 1.24 -7.65 -7.24
N LEU A 71 2.27 -7.36 -6.46
CA LEU A 71 2.41 -6.10 -5.77
C LEU A 71 3.78 -5.53 -6.12
N GLN A 72 3.92 -4.24 -5.97
CA GLN A 72 5.12 -3.56 -6.36
C GLN A 72 5.16 -2.20 -5.71
N ILE A 73 6.22 -1.46 -5.97
CA ILE A 73 6.50 -0.24 -5.26
C ILE A 73 5.71 0.93 -5.77
N GLY A 74 4.87 1.42 -4.88
CA GLY A 74 4.14 2.65 -5.12
C GLY A 74 2.66 2.37 -5.20
N ASP A 75 2.22 1.41 -4.40
CA ASP A 75 0.88 0.88 -4.59
C ASP A 75 -0.01 1.20 -3.40
N LYS A 76 -1.12 1.89 -3.64
CA LYS A 76 -1.91 2.44 -2.56
C LYS A 76 -2.92 1.43 -2.05
N ILE A 77 -2.65 0.91 -0.88
CA ILE A 77 -3.52 -0.07 -0.24
C ILE A 77 -4.74 0.61 0.34
N MET A 78 -5.91 0.31 -0.21
CA MET A 78 -7.14 0.94 0.25
C MET A 78 -7.85 -0.01 1.19
N GLN A 79 -7.68 -1.30 0.94
CA GLN A 79 -8.31 -2.32 1.73
C GLN A 79 -7.34 -3.37 2.14
N VAL A 80 -7.62 -3.93 3.28
CA VAL A 80 -6.86 -5.01 3.82
C VAL A 80 -7.79 -6.09 4.33
N ASN A 81 -7.47 -7.34 4.06
CA ASN A 81 -8.22 -8.48 4.61
C ASN A 81 -9.64 -8.51 4.03
N GLY A 82 -9.92 -7.57 3.14
CA GLY A 82 -11.21 -7.51 2.48
C GLY A 82 -11.92 -6.18 2.70
N TRP A 83 -11.40 -5.35 3.59
CA TRP A 83 -12.06 -4.13 3.95
C TRP A 83 -11.13 -2.94 3.89
N ASP A 84 -11.64 -1.86 3.32
CA ASP A 84 -11.05 -0.54 3.40
C ASP A 84 -10.38 -0.28 4.75
N MET A 85 -9.08 0.01 4.70
CA MET A 85 -8.29 0.20 5.91
C MET A 85 -7.99 1.67 6.18
N THR A 86 -8.60 2.58 5.42
CA THR A 86 -8.25 3.99 5.52
C THR A 86 -8.96 4.67 6.68
N MET A 87 -10.11 4.13 7.08
CA MET A 87 -10.91 4.71 8.14
C MET A 87 -10.33 4.39 9.52
N VAL A 88 -9.30 3.56 9.54
CA VAL A 88 -8.62 3.22 10.77
C VAL A 88 -7.27 3.92 10.82
N THR A 89 -6.47 3.67 11.85
CA THR A 89 -5.15 4.23 11.92
C THR A 89 -4.18 3.21 11.34
N HIS A 90 -3.02 3.64 10.90
CA HIS A 90 -2.09 2.74 10.22
C HIS A 90 -1.73 1.56 11.10
N ASP A 91 -1.60 1.84 12.39
CA ASP A 91 -1.34 0.79 13.37
C ASP A 91 -2.54 -0.12 13.46
N GLN A 92 -3.72 0.47 13.52
CA GLN A 92 -4.97 -0.29 13.58
C GLN A 92 -5.11 -1.19 12.37
N ALA A 93 -4.94 -0.59 11.21
CA ALA A 93 -5.09 -1.29 9.97
C ALA A 93 -3.97 -2.29 9.82
N ARG A 94 -2.87 -2.03 10.51
CA ARG A 94 -1.75 -2.94 10.50
C ARG A 94 -2.02 -4.09 11.48
N LYS A 95 -2.69 -3.79 12.59
CA LYS A 95 -3.17 -4.81 13.50
C LYS A 95 -4.19 -5.72 12.82
N ARG A 96 -4.78 -5.25 11.73
CA ARG A 96 -5.71 -6.08 10.97
C ARG A 96 -4.91 -7.09 10.16
N LEU A 97 -3.92 -6.59 9.45
CA LEU A 97 -3.14 -7.42 8.53
C LEU A 97 -2.07 -8.26 9.24
N THR A 98 -1.60 -7.83 10.40
CA THR A 98 -0.60 -8.60 11.13
C THR A 98 -1.23 -9.25 12.36
N LYS A 99 -2.43 -9.79 12.20
CA LYS A 99 -3.05 -10.49 13.29
C LYS A 99 -2.55 -11.92 13.32
N ARG A 100 -3.24 -12.76 14.04
CA ARG A 100 -2.79 -14.13 14.24
C ARG A 100 -3.78 -15.09 13.61
N SER A 101 -4.58 -14.59 12.68
CA SER A 101 -5.69 -15.36 12.15
C SER A 101 -5.54 -15.68 10.66
N GLU A 102 -4.56 -15.10 9.98
CA GLU A 102 -4.40 -15.35 8.57
C GLU A 102 -2.99 -15.74 8.23
N GLU A 103 -2.78 -15.91 6.96
CA GLU A 103 -1.51 -16.31 6.40
C GLU A 103 -1.18 -15.34 5.33
N VAL A 104 -2.06 -14.39 5.21
CA VAL A 104 -2.13 -13.64 3.99
C VAL A 104 -2.96 -12.38 4.14
N VAL A 105 -2.50 -11.31 3.50
CA VAL A 105 -3.19 -10.05 3.58
C VAL A 105 -3.95 -9.79 2.28
N ARG A 106 -5.24 -9.54 2.42
CA ARG A 106 -6.08 -9.25 1.28
C ARG A 106 -6.02 -7.79 0.95
N LEU A 107 -5.50 -7.47 -0.19
CA LEU A 107 -5.31 -6.09 -0.53
C LEU A 107 -6.16 -5.67 -1.70
N LEU A 108 -6.67 -4.47 -1.56
CA LEU A 108 -7.26 -3.77 -2.67
C LEU A 108 -6.47 -2.52 -2.86
N VAL A 109 -5.69 -2.53 -3.89
CA VAL A 109 -4.65 -1.58 -4.04
C VAL A 109 -4.84 -0.83 -5.32
N THR A 110 -4.13 0.24 -5.42
CA THR A 110 -4.27 1.18 -6.51
C THR A 110 -2.94 1.69 -7.03
N ARG A 111 -2.59 1.23 -8.22
CA ARG A 111 -1.39 1.74 -8.86
C ARG A 111 -1.77 2.48 -10.12
N GLN A 112 -0.90 3.34 -10.59
CA GLN A 112 -1.19 4.14 -11.77
C GLN A 112 -0.65 3.47 -13.00
N SER A 113 0.25 2.58 -12.72
CA SER A 113 1.00 1.78 -13.69
C SER A 113 2.24 2.51 -14.11
N LEU A 114 2.31 3.71 -13.62
CA LEU A 114 3.41 4.60 -13.93
C LEU A 114 4.38 4.58 -12.78
N GLN A 115 4.81 3.39 -12.51
CA GLN A 115 5.72 3.08 -11.43
C GLN A 115 7.11 3.64 -11.71
N LYS A 116 7.74 4.13 -10.66
CA LYS A 116 9.10 4.65 -10.76
C LYS A 116 10.04 3.83 -9.90
N ALA A 117 10.90 3.06 -10.56
CA ALA A 117 11.85 2.22 -9.86
C ALA A 117 13.24 2.69 -10.20
N VAL A 118 13.25 3.88 -10.73
CA VAL A 118 14.44 4.51 -11.23
C VAL A 118 14.58 5.87 -10.57
N GLN A 119 15.14 5.87 -9.38
CA GLN A 119 15.20 7.07 -8.56
C GLN A 119 16.64 7.44 -8.23
N GLN A 120 16.82 8.66 -7.76
CA GLN A 120 18.12 9.13 -7.30
C GLN A 120 17.91 10.36 -6.43
N SER A 121 19.00 10.84 -5.82
CA SER A 121 18.96 12.00 -4.92
C SER A 121 18.27 11.65 -3.60
N MET A 122 18.71 12.30 -2.53
CA MET A 122 18.15 12.09 -1.20
C MET A 122 18.06 13.42 -0.47
N LEU A 123 16.84 13.89 -0.24
CA LEU A 123 16.63 15.19 0.38
C LEU A 123 15.87 15.04 1.69
N SER A 124 16.26 15.84 2.68
CA SER A 124 15.56 15.87 3.96
C SER A 124 15.41 17.32 4.44
N LYS B 1 4.00 14.14 15.13
CA LYS B 1 3.93 12.94 14.32
C LYS B 1 4.06 13.32 12.85
N GLU B 2 4.89 12.58 12.12
CA GLU B 2 5.03 12.82 10.68
C GLU B 2 5.54 11.59 9.96
N ASN B 3 4.61 10.95 9.27
CA ASN B 3 4.89 9.78 8.41
C ASN B 3 5.34 8.55 9.22
N LEU B 4 4.85 7.37 8.84
CA LEU B 4 5.29 6.13 9.45
C LEU B 4 5.07 4.99 8.46
N GLU B 5 5.91 3.97 8.55
CA GLU B 5 5.82 2.84 7.65
C GLU B 5 5.49 1.57 8.43
N SER B 6 5.38 0.45 7.71
CA SER B 6 5.21 -0.85 8.32
C SER B 6 5.65 -1.93 7.35
N MET B 7 6.56 -2.80 7.79
CA MET B 7 6.85 -3.99 7.04
C MET B 7 5.90 -5.08 7.50
N VAL B 8 5.48 -5.90 6.58
CA VAL B 8 4.57 -6.98 6.87
C VAL B 8 4.97 -8.22 6.07
N MET A 1 4.54 -2.81 -26.44
CA MET A 1 3.23 -2.96 -25.74
C MET A 1 2.91 -1.70 -24.93
N SER A 2 3.38 -0.56 -25.39
CA SER A 2 3.21 0.69 -24.66
C SER A 2 1.85 1.31 -24.98
N TYR A 3 1.37 1.07 -26.19
CA TYR A 3 0.07 1.57 -26.64
C TYR A 3 -0.06 3.08 -26.42
N ILE A 4 0.68 3.84 -27.21
CA ILE A 4 0.70 5.29 -27.15
C ILE A 4 1.28 5.79 -25.83
N PRO A 5 2.59 6.04 -25.81
CA PRO A 5 3.25 6.60 -24.63
C PRO A 5 2.95 8.09 -24.50
N GLY A 6 1.95 8.41 -23.69
CA GLY A 6 1.53 9.78 -23.53
C GLY A 6 0.26 9.90 -22.73
N GLN A 7 -0.63 8.93 -22.90
CA GLN A 7 -1.90 8.91 -22.19
C GLN A 7 -1.78 8.17 -20.85
N PRO A 8 -1.78 8.92 -19.74
CA PRO A 8 -1.70 8.34 -18.40
C PRO A 8 -3.01 7.68 -18.00
N VAL A 9 -2.93 6.54 -17.32
CA VAL A 9 -4.11 5.84 -16.87
C VAL A 9 -4.73 6.57 -15.70
N THR A 10 -5.97 6.24 -15.42
CA THR A 10 -6.76 6.93 -14.44
C THR A 10 -6.43 6.43 -13.03
N ALA A 11 -6.58 5.13 -12.87
CA ALA A 11 -6.24 4.44 -11.64
C ALA A 11 -6.31 2.95 -11.88
N VAL A 12 -5.27 2.26 -11.46
CA VAL A 12 -5.26 0.83 -11.53
C VAL A 12 -5.90 0.26 -10.30
N VAL A 13 -7.07 -0.30 -10.48
CA VAL A 13 -7.79 -0.93 -9.41
C VAL A 13 -7.40 -2.39 -9.38
N GLN A 14 -6.58 -2.71 -8.42
CA GLN A 14 -5.96 -3.98 -8.33
C GLN A 14 -6.11 -4.46 -6.92
N ARG A 15 -6.50 -5.70 -6.74
CA ARG A 15 -6.55 -6.27 -5.45
C ARG A 15 -5.77 -7.58 -5.44
N VAL A 16 -4.71 -7.58 -4.68
CA VAL A 16 -3.75 -8.65 -4.68
C VAL A 16 -3.72 -9.23 -3.28
N GLU A 17 -3.45 -10.50 -3.16
CA GLU A 17 -3.49 -11.15 -1.87
C GLU A 17 -2.07 -11.54 -1.45
N ILE A 18 -1.54 -10.82 -0.46
CA ILE A 18 -0.21 -11.02 0.03
C ILE A 18 -0.29 -11.82 1.29
N HIS A 19 0.48 -12.85 1.38
CA HIS A 19 0.48 -13.59 2.60
C HIS A 19 1.88 -13.65 3.23
N LYS A 20 2.08 -12.75 4.17
CA LYS A 20 3.28 -12.72 4.98
C LYS A 20 2.96 -13.15 6.41
N LEU A 21 3.57 -14.24 6.82
CA LEU A 21 3.16 -14.95 8.00
C LEU A 21 4.34 -15.71 8.58
N ARG A 22 4.23 -16.03 9.85
CA ARG A 22 5.05 -17.06 10.45
C ARG A 22 4.77 -18.39 9.78
N GLN A 23 5.71 -18.85 9.01
CA GLN A 23 5.64 -20.15 8.42
C GLN A 23 6.85 -20.93 8.83
N GLY A 24 6.95 -21.10 10.13
CA GLY A 24 7.95 -21.98 10.69
C GLY A 24 9.31 -21.36 10.66
N GLU A 25 10.10 -21.78 9.67
CA GLU A 25 11.40 -21.19 9.43
C GLU A 25 11.22 -19.81 8.85
N ASN A 26 10.00 -19.51 8.50
CA ASN A 26 9.70 -18.32 7.80
C ASN A 26 8.97 -17.38 8.67
N LEU A 27 9.51 -16.25 8.67
CA LEU A 27 8.86 -15.11 9.22
C LEU A 27 8.81 -14.08 8.14
N ILE A 28 7.64 -13.83 7.63
CA ILE A 28 7.50 -12.83 6.62
C ILE A 28 6.79 -11.64 7.19
N LEU A 29 7.48 -10.53 7.05
CA LEU A 29 7.21 -9.28 7.72
C LEU A 29 8.25 -8.32 7.18
N GLY A 30 8.16 -8.12 5.89
CA GLY A 30 9.28 -7.56 5.16
C GLY A 30 8.95 -6.42 4.24
N PHE A 31 7.92 -6.57 3.41
CA PHE A 31 7.58 -5.50 2.48
C PHE A 31 7.05 -4.33 3.27
N SER A 32 7.21 -3.14 2.78
CA SER A 32 6.96 -1.99 3.61
C SER A 32 5.90 -1.10 3.00
N ILE A 33 5.16 -0.44 3.85
CA ILE A 33 4.02 0.33 3.40
C ILE A 33 4.03 1.70 4.02
N GLY A 34 3.73 2.70 3.21
CA GLY A 34 3.73 4.05 3.70
C GLY A 34 2.37 4.47 4.20
N GLY A 35 2.32 5.07 5.38
CA GLY A 35 1.07 5.49 5.96
C GLY A 35 1.17 6.85 6.61
N GLY A 36 0.13 7.65 6.42
CA GLY A 36 0.14 9.01 6.94
C GLY A 36 -1.24 9.62 7.02
N ILE A 37 -2.09 9.03 7.85
CA ILE A 37 -3.45 9.50 8.00
C ILE A 37 -3.68 10.10 9.38
N ASP A 38 -3.60 9.25 10.40
CA ASP A 38 -3.85 9.66 11.77
C ASP A 38 -2.53 10.07 12.42
N GLN A 39 -1.50 10.12 11.59
CA GLN A 39 -0.13 10.30 12.07
C GLN A 39 0.17 11.78 12.32
N ASP A 40 0.38 12.50 11.24
CA ASP A 40 0.69 13.93 11.32
C ASP A 40 -0.05 14.69 10.24
N PRO A 41 -0.91 15.65 10.63
CA PRO A 41 -1.66 16.49 9.70
C PRO A 41 -0.92 17.79 9.39
N SER A 42 0.15 18.01 10.13
CA SER A 42 0.82 19.30 10.20
C SER A 42 1.41 19.74 8.86
N GLN A 43 1.76 18.77 8.03
CA GLN A 43 2.43 19.06 6.80
C GLN A 43 1.45 19.07 5.63
N ASN A 44 0.19 18.88 5.96
CA ASN A 44 -0.89 19.01 5.00
C ASN A 44 -2.06 19.75 5.62
N PRO A 45 -2.05 21.09 5.52
CA PRO A 45 -3.14 21.92 6.01
C PRO A 45 -4.27 22.02 4.98
N PHE A 46 -4.07 21.34 3.86
CA PHE A 46 -5.03 21.34 2.78
C PHE A 46 -5.96 20.14 2.90
N SER A 47 -5.43 19.02 3.35
CA SER A 47 -6.22 17.83 3.49
C SER A 47 -5.85 17.10 4.75
N GLU A 48 -6.33 15.88 4.87
CA GLU A 48 -6.16 15.08 6.07
C GLU A 48 -6.85 13.74 5.87
N ASP A 49 -7.95 13.77 5.11
CA ASP A 49 -8.70 12.58 4.77
C ASP A 49 -9.12 12.61 3.30
N LYS A 50 -9.47 13.80 2.83
CA LYS A 50 -10.06 14.01 1.49
C LYS A 50 -9.31 13.26 0.39
N THR A 51 -8.20 13.81 -0.04
CA THR A 51 -7.42 13.19 -1.10
C THR A 51 -6.21 12.48 -0.51
N ASP A 52 -6.26 12.27 0.80
CA ASP A 52 -5.15 11.69 1.53
C ASP A 52 -5.06 10.20 1.32
N LYS A 53 -5.97 9.47 1.99
CA LYS A 53 -5.97 7.99 2.00
C LYS A 53 -4.79 7.47 2.81
N GLY A 54 -3.59 8.00 2.54
CA GLY A 54 -2.44 7.79 3.38
C GLY A 54 -2.05 6.35 3.59
N ILE A 55 -2.46 5.46 2.69
CA ILE A 55 -2.07 4.06 2.75
C ILE A 55 -1.54 3.61 1.39
N TYR A 56 -0.30 3.17 1.34
CA TYR A 56 0.30 2.69 0.09
C TYR A 56 1.54 1.84 0.35
N VAL A 57 2.05 1.18 -0.68
CA VAL A 57 3.26 0.40 -0.59
C VAL A 57 4.43 1.28 -0.90
N THR A 58 5.47 1.16 -0.09
CA THR A 58 6.71 1.84 -0.32
C THR A 58 7.84 0.83 -0.54
N ARG A 59 7.53 -0.44 -0.27
CA ARG A 59 8.52 -1.52 -0.42
C ARG A 59 7.89 -2.86 -0.60
N VAL A 60 8.75 -3.78 -0.99
CA VAL A 60 8.39 -5.16 -1.16
C VAL A 60 9.57 -6.04 -0.78
N SER A 61 9.35 -6.99 0.12
CA SER A 61 10.34 -7.99 0.40
C SER A 61 10.46 -8.91 -0.80
N GLU A 62 11.56 -8.76 -1.49
CA GLU A 62 11.80 -9.43 -2.72
C GLU A 62 11.89 -10.92 -2.54
N GLY A 63 11.46 -11.55 -3.57
CA GLY A 63 11.42 -13.00 -3.63
C GLY A 63 10.57 -13.59 -2.54
N GLY A 64 9.60 -12.81 -2.06
CA GLY A 64 8.85 -13.21 -0.91
C GLY A 64 7.40 -13.46 -1.22
N PRO A 65 6.52 -12.79 -0.49
CA PRO A 65 5.08 -12.95 -0.62
C PRO A 65 4.40 -11.90 -1.48
N ALA A 66 4.87 -10.68 -1.35
CA ALA A 66 4.13 -9.54 -1.86
C ALA A 66 4.14 -9.56 -3.35
N GLU A 67 5.29 -9.82 -3.87
CA GLU A 67 5.57 -9.57 -5.25
C GLU A 67 5.13 -10.75 -6.05
N ILE A 68 5.06 -11.88 -5.36
CA ILE A 68 4.74 -13.08 -6.02
C ILE A 68 3.26 -13.16 -6.18
N ALA A 69 2.59 -12.57 -5.22
CA ALA A 69 1.18 -12.39 -5.32
C ALA A 69 0.92 -11.36 -6.39
N GLY A 70 1.91 -10.50 -6.56
CA GLY A 70 1.83 -9.46 -7.58
C GLY A 70 1.74 -8.07 -6.99
N LEU A 71 2.65 -7.75 -6.07
CA LEU A 71 2.68 -6.46 -5.45
C LEU A 71 4.00 -5.81 -5.76
N GLN A 72 3.99 -4.52 -5.68
CA GLN A 72 5.08 -3.71 -6.09
C GLN A 72 4.96 -2.32 -5.53
N ILE A 73 5.97 -1.51 -5.75
CA ILE A 73 6.15 -0.29 -5.03
C ILE A 73 5.32 0.86 -5.57
N GLY A 74 4.42 1.31 -4.72
CA GLY A 74 3.74 2.57 -4.94
C GLY A 74 2.27 2.37 -5.01
N ASP A 75 1.76 1.56 -4.11
CA ASP A 75 0.42 1.03 -4.27
C ASP A 75 -0.48 1.41 -3.10
N LYS A 76 -1.54 2.19 -3.36
CA LYS A 76 -2.37 2.74 -2.31
C LYS A 76 -3.42 1.71 -1.89
N ILE A 77 -3.22 1.13 -0.72
CA ILE A 77 -4.10 0.09 -0.21
C ILE A 77 -5.35 0.71 0.39
N MET A 78 -6.49 0.44 -0.22
CA MET A 78 -7.75 1.04 0.24
C MET A 78 -8.44 0.11 1.22
N GLN A 79 -8.31 -1.18 0.98
CA GLN A 79 -8.88 -2.17 1.88
C GLN A 79 -7.96 -3.33 2.03
N VAL A 80 -8.14 -3.97 3.14
CA VAL A 80 -7.31 -5.08 3.51
C VAL A 80 -8.18 -6.28 3.76
N ASN A 81 -7.78 -7.42 3.23
CA ASN A 81 -8.57 -8.64 3.38
C ASN A 81 -9.93 -8.51 2.69
N GLY A 82 -10.19 -7.33 2.15
CA GLY A 82 -11.46 -7.08 1.49
C GLY A 82 -12.30 -6.01 2.15
N TRP A 83 -11.83 -5.42 3.26
CA TRP A 83 -12.59 -4.40 3.93
C TRP A 83 -11.82 -3.09 4.00
N ASP A 84 -12.36 -2.13 3.29
CA ASP A 84 -11.94 -0.72 3.32
C ASP A 84 -11.31 -0.29 4.64
N MET A 85 -10.04 0.07 4.54
CA MET A 85 -9.35 0.74 5.64
C MET A 85 -9.39 2.25 5.44
N THR A 86 -8.43 2.75 4.64
CA THR A 86 -8.34 4.15 4.16
C THR A 86 -8.18 5.19 5.27
N MET A 87 -9.08 5.13 6.22
CA MET A 87 -9.13 6.13 7.29
C MET A 87 -8.76 5.46 8.60
N VAL A 88 -8.60 4.15 8.53
CA VAL A 88 -8.09 3.34 9.60
C VAL A 88 -6.64 3.73 9.88
N THR A 89 -6.16 3.51 11.09
CA THR A 89 -4.83 3.95 11.39
C THR A 89 -3.83 2.89 11.02
N HIS A 90 -2.67 3.34 10.60
CA HIS A 90 -1.62 2.46 10.14
C HIS A 90 -1.25 1.48 11.22
N ASP A 91 -1.38 1.91 12.46
CA ASP A 91 -1.04 1.07 13.59
C ASP A 91 -1.97 -0.11 13.69
N GLN A 92 -3.25 0.15 13.58
CA GLN A 92 -4.23 -0.85 13.75
C GLN A 92 -4.41 -1.62 12.45
N ALA A 93 -4.08 -0.97 11.34
CA ALA A 93 -4.08 -1.61 10.07
C ALA A 93 -2.92 -2.57 10.02
N ARG A 94 -1.81 -2.14 10.61
CA ARG A 94 -0.60 -2.91 10.59
C ARG A 94 -0.74 -4.13 11.49
N LYS A 95 -1.52 -3.98 12.55
CA LYS A 95 -1.72 -5.07 13.49
C LYS A 95 -2.74 -6.08 12.97
N ARG A 96 -3.62 -5.66 12.07
CA ARG A 96 -4.59 -6.57 11.49
C ARG A 96 -4.05 -7.24 10.23
N LEU A 97 -3.27 -6.51 9.43
CA LEU A 97 -2.67 -7.09 8.23
C LEU A 97 -1.58 -8.11 8.58
N THR A 98 -0.92 -7.91 9.70
CA THR A 98 -0.03 -8.93 10.22
C THR A 98 -0.52 -9.41 11.58
N LYS A 99 -1.74 -9.93 11.56
CA LYS A 99 -2.40 -10.42 12.77
C LYS A 99 -1.87 -11.79 13.17
N ARG A 100 -1.17 -12.39 12.23
CA ARG A 100 -0.46 -13.67 12.43
C ARG A 100 -1.47 -14.79 12.55
N SER A 101 -2.70 -14.49 12.18
CA SER A 101 -3.81 -15.40 12.31
C SER A 101 -4.62 -15.41 11.02
N GLU A 102 -4.01 -14.97 9.93
CA GLU A 102 -4.67 -14.90 8.66
C GLU A 102 -4.14 -16.00 7.76
N GLU A 103 -4.82 -16.12 6.66
CA GLU A 103 -4.46 -17.06 5.62
C GLU A 103 -3.94 -16.32 4.44
N VAL A 104 -4.05 -15.01 4.53
CA VAL A 104 -3.61 -14.13 3.48
C VAL A 104 -4.05 -12.70 3.80
N VAL A 105 -3.45 -11.70 3.14
CA VAL A 105 -3.97 -10.36 3.30
C VAL A 105 -4.29 -9.76 1.94
N ARG A 106 -5.54 -9.40 1.77
CA ARG A 106 -5.98 -8.83 0.51
C ARG A 106 -5.75 -7.36 0.48
N LEU A 107 -5.15 -6.88 -0.57
CA LEU A 107 -4.98 -5.46 -0.71
C LEU A 107 -5.75 -5.03 -1.91
N LEU A 108 -6.83 -4.37 -1.64
CA LEU A 108 -7.56 -3.70 -2.69
C LEU A 108 -6.97 -2.32 -2.81
N VAL A 109 -6.23 -2.14 -3.88
CA VAL A 109 -5.23 -1.14 -3.94
C VAL A 109 -5.29 -0.41 -5.27
N THR A 110 -4.61 0.69 -5.31
CA THR A 110 -4.63 1.59 -6.45
C THR A 110 -3.23 2.02 -6.82
N ARG A 111 -2.86 1.75 -8.05
CA ARG A 111 -1.59 2.20 -8.56
C ARG A 111 -1.76 2.82 -9.92
N GLN A 112 -0.71 3.42 -10.43
CA GLN A 112 -0.72 3.98 -11.76
C GLN A 112 0.11 3.14 -12.69
N SER A 113 1.36 3.04 -12.30
CA SER A 113 2.37 2.29 -13.04
C SER A 113 2.79 3.03 -14.30
N LEU A 114 2.45 4.29 -14.34
CA LEU A 114 2.73 5.13 -15.48
C LEU A 114 3.53 6.33 -15.05
N GLN A 115 4.38 6.03 -14.11
CA GLN A 115 5.27 6.99 -13.52
C GLN A 115 6.35 7.41 -14.51
N LYS A 116 6.97 8.56 -14.28
CA LYS A 116 8.04 9.02 -15.13
C LYS A 116 9.35 8.32 -14.76
N ALA A 117 9.73 7.33 -15.56
CA ALA A 117 10.99 6.62 -15.34
C ALA A 117 11.94 7.11 -16.39
N VAL A 118 11.44 8.11 -17.05
CA VAL A 118 12.12 8.83 -18.08
C VAL A 118 12.46 10.23 -17.55
N GLN A 119 11.77 10.52 -16.47
CA GLN A 119 11.86 11.80 -15.78
C GLN A 119 11.54 12.98 -16.69
N GLN A 120 11.86 14.18 -16.21
CA GLN A 120 11.60 15.40 -16.96
C GLN A 120 12.49 16.52 -16.41
N SER A 121 13.14 17.25 -17.29
CA SER A 121 14.07 18.29 -16.86
C SER A 121 13.52 19.68 -17.12
N MET A 122 12.58 19.81 -18.05
CA MET A 122 12.02 21.11 -18.38
C MET A 122 10.51 21.12 -18.16
N LEU A 123 9.99 22.28 -17.76
CA LEU A 123 8.55 22.44 -17.60
C LEU A 123 7.99 23.24 -18.75
N SER A 124 7.63 22.54 -19.83
CA SER A 124 7.14 23.17 -21.05
C SER A 124 8.20 24.09 -21.67
N LYS B 1 -0.10 12.60 3.97
CA LYS B 1 0.89 13.43 4.65
C LYS B 1 1.59 12.63 5.75
N GLU B 2 2.89 12.90 5.92
CA GLU B 2 3.72 12.24 6.92
C GLU B 2 4.06 10.83 6.48
N ASN B 3 5.26 10.38 6.82
CA ASN B 3 5.74 9.09 6.36
C ASN B 3 6.02 8.14 7.52
N LEU B 4 5.08 7.25 7.77
CA LEU B 4 5.29 6.15 8.67
C LEU B 4 5.22 4.86 7.85
N GLU B 5 6.35 4.26 7.58
CA GLU B 5 6.36 3.01 6.86
C GLU B 5 6.61 1.87 7.84
N SER B 6 6.18 0.68 7.46
CA SER B 6 6.32 -0.49 8.32
C SER B 6 6.57 -1.72 7.48
N MET B 7 7.64 -2.45 7.79
CA MET B 7 7.89 -3.73 7.15
C MET B 7 6.93 -4.77 7.70
N VAL B 8 6.18 -5.37 6.81
CA VAL B 8 5.10 -6.26 7.19
C VAL B 8 5.06 -7.46 6.25
N MET A 1 -23.83 24.12 -17.25
CA MET A 1 -23.27 23.04 -18.10
C MET A 1 -22.01 22.46 -17.47
N SER A 2 -22.16 21.34 -16.79
CA SER A 2 -21.04 20.70 -16.13
C SER A 2 -20.52 19.52 -16.95
N TYR A 3 -19.25 19.60 -17.32
CA TYR A 3 -18.58 18.52 -18.00
C TYR A 3 -17.07 18.61 -17.75
N ILE A 4 -16.40 17.48 -17.80
CA ILE A 4 -14.98 17.44 -17.47
C ILE A 4 -14.20 16.70 -18.54
N PRO A 5 -13.48 17.44 -19.41
CA PRO A 5 -12.65 16.88 -20.45
C PRO A 5 -11.26 16.54 -19.96
N GLY A 6 -11.11 16.62 -18.66
CA GLY A 6 -9.83 16.33 -18.03
C GLY A 6 -10.02 15.62 -16.71
N GLN A 7 -10.74 14.51 -16.75
CA GLN A 7 -11.00 13.72 -15.56
C GLN A 7 -9.70 13.07 -15.06
N PRO A 8 -9.63 12.80 -13.74
CA PRO A 8 -8.44 12.21 -13.12
C PRO A 8 -8.05 10.87 -13.72
N VAL A 9 -6.80 10.48 -13.49
CA VAL A 9 -6.24 9.27 -14.00
C VAL A 9 -7.00 8.03 -13.51
N THR A 10 -6.58 6.88 -13.99
CA THR A 10 -7.33 5.68 -13.79
C THR A 10 -6.57 4.71 -12.90
N ALA A 11 -6.99 4.75 -11.68
CA ALA A 11 -6.44 3.93 -10.62
C ALA A 11 -6.83 2.49 -10.82
N VAL A 12 -5.84 1.70 -11.14
CA VAL A 12 -6.01 0.27 -11.25
C VAL A 12 -6.36 -0.31 -9.90
N VAL A 13 -7.58 -0.74 -9.76
CA VAL A 13 -8.00 -1.37 -8.52
C VAL A 13 -7.67 -2.84 -8.60
N GLN A 14 -6.64 -3.21 -7.88
CA GLN A 14 -6.09 -4.52 -7.97
C GLN A 14 -6.26 -5.24 -6.65
N ARG A 15 -6.67 -6.49 -6.75
CA ARG A 15 -6.94 -7.30 -5.61
C ARG A 15 -5.81 -8.29 -5.43
N VAL A 16 -5.15 -8.22 -4.30
CA VAL A 16 -3.99 -9.03 -4.08
C VAL A 16 -4.13 -9.80 -2.79
N GLU A 17 -3.60 -11.00 -2.79
CA GLU A 17 -3.48 -11.79 -1.59
C GLU A 17 -2.00 -12.09 -1.37
N ILE A 18 -1.43 -11.44 -0.37
CA ILE A 18 0.00 -11.46 -0.15
C ILE A 18 0.36 -12.31 1.04
N HIS A 19 1.06 -13.38 0.79
CA HIS A 19 1.42 -14.28 1.83
C HIS A 19 2.93 -14.49 1.92
N LYS A 20 3.58 -13.74 2.81
CA LYS A 20 4.99 -13.93 3.05
C LYS A 20 5.20 -15.16 3.92
N LEU A 21 5.50 -15.00 5.20
CA LEU A 21 5.65 -16.17 6.06
C LEU A 21 5.30 -15.85 7.51
N ARG A 22 4.26 -16.49 8.00
CA ARG A 22 4.08 -16.61 9.43
C ARG A 22 4.97 -17.77 9.90
N GLN A 23 6.04 -17.45 10.60
CA GLN A 23 7.02 -18.42 10.98
C GLN A 23 6.90 -18.67 12.46
N GLY A 24 5.75 -19.19 12.83
CA GLY A 24 5.49 -19.53 14.20
C GLY A 24 5.31 -18.30 15.05
N GLU A 25 6.37 -17.93 15.73
CA GLU A 25 6.39 -16.74 16.54
C GLU A 25 6.56 -15.52 15.65
N ASN A 26 6.71 -15.77 14.37
CA ASN A 26 6.93 -14.73 13.43
C ASN A 26 5.74 -14.57 12.56
N LEU A 27 5.50 -13.34 12.36
CA LEU A 27 4.53 -12.87 11.40
C LEU A 27 5.26 -11.90 10.49
N ILE A 28 5.48 -12.32 9.28
CA ILE A 28 6.24 -11.53 8.33
C ILE A 28 5.41 -11.24 7.10
N LEU A 29 5.39 -9.99 6.70
CA LEU A 29 4.86 -9.63 5.40
C LEU A 29 6.02 -9.16 4.53
N GLY A 30 7.03 -8.61 5.19
CA GLY A 30 8.30 -8.37 4.55
C GLY A 30 8.44 -6.97 3.99
N PHE A 31 7.52 -6.60 3.11
CA PHE A 31 7.59 -5.31 2.44
C PHE A 31 7.20 -4.18 3.38
N SER A 32 7.27 -2.96 2.90
CA SER A 32 7.07 -1.80 3.76
C SER A 32 5.97 -0.93 3.20
N ILE A 33 5.11 -0.42 4.06
CA ILE A 33 4.00 0.37 3.62
C ILE A 33 4.00 1.70 4.31
N GLY A 34 3.41 2.70 3.67
CA GLY A 34 3.40 4.01 4.25
C GLY A 34 2.02 4.60 4.35
N GLY A 35 1.66 5.06 5.54
CA GLY A 35 0.41 5.75 5.74
C GLY A 35 0.66 7.17 6.19
N GLY A 36 0.86 8.05 5.23
CA GLY A 36 1.41 9.35 5.56
C GLY A 36 2.28 9.89 4.45
N ILE A 37 2.49 9.05 3.43
CA ILE A 37 3.47 9.36 2.39
C ILE A 37 3.06 10.53 1.50
N ASP A 38 1.82 10.54 1.05
CA ASP A 38 1.38 11.51 0.07
C ASP A 38 0.41 12.51 0.70
N GLN A 39 0.15 12.31 1.98
CA GLN A 39 -0.83 13.09 2.68
C GLN A 39 -0.58 13.05 4.17
N ASP A 40 -1.52 13.61 4.90
CA ASP A 40 -1.42 13.83 6.33
C ASP A 40 -2.57 14.74 6.76
N PRO A 41 -3.02 14.69 8.03
CA PRO A 41 -4.28 15.32 8.44
C PRO A 41 -4.10 16.80 8.69
N SER A 42 -2.88 17.12 9.05
CA SER A 42 -2.55 18.47 9.44
C SER A 42 -2.01 19.23 8.26
N GLN A 43 -1.48 18.51 7.28
CA GLN A 43 -0.80 19.16 6.21
C GLN A 43 -1.39 18.76 4.86
N ASN A 44 -2.36 17.84 4.85
CA ASN A 44 -3.18 17.61 3.67
C ASN A 44 -4.62 17.31 4.05
N PRO A 45 -5.37 18.34 4.47
CA PRO A 45 -6.81 18.21 4.70
C PRO A 45 -7.55 18.35 3.37
N PHE A 46 -6.78 18.41 2.30
CA PHE A 46 -7.30 18.52 0.96
C PHE A 46 -7.57 17.12 0.41
N SER A 47 -6.79 16.14 0.87
CA SER A 47 -7.03 14.77 0.47
C SER A 47 -8.03 14.14 1.43
N GLU A 48 -8.05 12.82 1.47
CA GLU A 48 -8.98 12.07 2.31
C GLU A 48 -10.44 12.29 1.83
N ASP A 49 -10.60 13.06 0.76
CA ASP A 49 -11.93 13.41 0.27
C ASP A 49 -12.59 12.26 -0.48
N LYS A 50 -11.91 11.75 -1.49
CA LYS A 50 -12.46 10.69 -2.32
C LYS A 50 -12.16 9.32 -1.73
N THR A 51 -11.10 8.72 -2.20
CA THR A 51 -10.64 7.44 -1.69
C THR A 51 -9.30 7.66 -1.06
N ASP A 52 -8.84 8.91 -1.20
CA ASP A 52 -7.57 9.36 -0.69
C ASP A 52 -6.40 8.54 -1.24
N LYS A 53 -5.22 9.06 -1.00
CA LYS A 53 -3.98 8.38 -1.35
C LYS A 53 -3.24 8.05 -0.06
N GLY A 54 -4.02 7.98 1.01
CA GLY A 54 -3.51 7.79 2.36
C GLY A 54 -2.47 6.70 2.49
N ILE A 55 -2.81 5.51 2.03
CA ILE A 55 -1.96 4.35 2.18
C ILE A 55 -1.34 3.95 0.85
N TYR A 56 -0.05 3.73 0.87
CA TYR A 56 0.72 3.47 -0.32
C TYR A 56 1.94 2.64 0.03
N VAL A 57 2.14 1.56 -0.70
CA VAL A 57 3.28 0.72 -0.52
C VAL A 57 4.52 1.45 -0.97
N THR A 58 5.49 1.50 -0.08
CA THR A 58 6.71 2.22 -0.33
C THR A 58 7.83 1.26 -0.71
N ARG A 59 7.56 -0.05 -0.60
CA ARG A 59 8.52 -1.05 -1.03
C ARG A 59 7.95 -2.44 -0.94
N VAL A 60 8.74 -3.37 -1.45
CA VAL A 60 8.40 -4.77 -1.46
C VAL A 60 9.66 -5.58 -1.24
N SER A 61 9.63 -6.43 -0.25
CA SER A 61 10.72 -7.36 -0.07
C SER A 61 10.62 -8.40 -1.15
N GLU A 62 11.60 -8.41 -2.01
CA GLU A 62 11.62 -9.32 -3.08
C GLU A 62 11.79 -10.71 -2.56
N GLY A 63 11.12 -11.57 -3.23
CA GLY A 63 10.92 -12.91 -2.73
C GLY A 63 10.11 -12.86 -1.46
N GLY A 64 9.16 -11.93 -1.43
CA GLY A 64 8.37 -11.67 -0.25
C GLY A 64 6.91 -11.63 -0.56
N PRO A 65 6.41 -12.74 -1.16
CA PRO A 65 5.19 -12.92 -1.97
C PRO A 65 4.16 -11.81 -2.11
N ALA A 66 4.56 -10.63 -1.88
CA ALA A 66 3.77 -9.46 -2.20
C ALA A 66 3.82 -9.27 -3.68
N GLU A 67 5.01 -9.49 -4.19
CA GLU A 67 5.37 -9.12 -5.54
C GLU A 67 4.79 -10.13 -6.51
N ILE A 68 4.83 -11.38 -6.09
CA ILE A 68 4.36 -12.45 -6.90
C ILE A 68 2.89 -12.61 -6.74
N ALA A 69 2.42 -12.15 -5.60
CA ALA A 69 1.00 -11.98 -5.42
C ALA A 69 0.51 -10.96 -6.43
N GLY A 70 1.43 -10.09 -6.80
CA GLY A 70 1.15 -9.11 -7.82
C GLY A 70 1.28 -7.70 -7.31
N LEU A 71 2.19 -7.47 -6.37
CA LEU A 71 2.43 -6.16 -5.87
C LEU A 71 3.71 -5.63 -6.46
N GLN A 72 4.01 -4.41 -6.13
CA GLN A 72 5.14 -3.69 -6.68
C GLN A 72 5.46 -2.59 -5.73
N ILE A 73 6.44 -1.82 -6.08
CA ILE A 73 6.82 -0.68 -5.32
C ILE A 73 5.99 0.51 -5.76
N GLY A 74 5.15 1.00 -4.88
CA GLY A 74 4.43 2.21 -5.21
C GLY A 74 3.01 1.91 -5.58
N ASP A 75 2.26 1.45 -4.61
CA ASP A 75 0.89 1.03 -4.87
C ASP A 75 0.02 1.34 -3.68
N LYS A 76 -1.12 1.95 -3.89
CA LYS A 76 -1.90 2.47 -2.79
C LYS A 76 -2.83 1.40 -2.26
N ILE A 77 -2.47 0.86 -1.10
CA ILE A 77 -3.28 -0.13 -0.44
C ILE A 77 -4.50 0.52 0.18
N MET A 78 -5.62 0.43 -0.51
CA MET A 78 -6.83 1.10 -0.09
C MET A 78 -7.57 0.29 0.97
N GLN A 79 -7.31 -1.00 1.00
CA GLN A 79 -7.91 -1.88 1.97
C GLN A 79 -7.20 -3.18 2.05
N VAL A 80 -7.46 -3.86 3.13
CA VAL A 80 -6.90 -5.17 3.38
C VAL A 80 -7.99 -6.10 3.89
N ASN A 81 -8.07 -7.31 3.33
CA ASN A 81 -9.10 -8.29 3.68
C ASN A 81 -10.51 -7.72 3.51
N GLY A 82 -10.58 -6.60 2.80
CA GLY A 82 -11.85 -5.92 2.61
C GLY A 82 -12.05 -4.76 3.57
N TRP A 83 -11.03 -4.44 4.36
CA TRP A 83 -11.13 -3.40 5.37
C TRP A 83 -10.46 -2.15 4.87
N ASP A 84 -11.18 -1.45 4.02
CA ASP A 84 -10.83 -0.08 3.61
C ASP A 84 -9.96 0.62 4.66
N MET A 85 -8.68 0.71 4.36
CA MET A 85 -7.73 1.35 5.25
C MET A 85 -7.34 2.74 4.78
N THR A 86 -8.28 3.45 4.18
CA THR A 86 -8.01 4.80 3.68
C THR A 86 -7.89 5.82 4.81
N MET A 87 -8.50 5.50 5.94
CA MET A 87 -8.46 6.38 7.11
C MET A 87 -8.12 5.57 8.35
N VAL A 88 -7.41 4.50 8.08
CA VAL A 88 -7.05 3.50 9.06
C VAL A 88 -5.81 3.91 9.89
N THR A 89 -5.70 3.35 11.09
CA THR A 89 -4.62 3.67 11.98
C THR A 89 -3.55 2.61 11.88
N HIS A 90 -2.31 3.00 12.15
CA HIS A 90 -1.15 2.11 12.06
C HIS A 90 -1.36 0.83 12.82
N ASP A 91 -1.81 1.00 14.04
CA ASP A 91 -1.99 -0.10 14.97
C ASP A 91 -3.03 -1.05 14.45
N GLN A 92 -4.14 -0.48 14.04
CA GLN A 92 -5.26 -1.27 13.62
C GLN A 92 -5.08 -1.76 12.18
N ALA A 93 -4.20 -1.08 11.42
CA ALA A 93 -3.81 -1.58 10.12
C ALA A 93 -2.95 -2.79 10.36
N ARG A 94 -2.06 -2.63 11.33
CA ARG A 94 -1.13 -3.68 11.70
C ARG A 94 -1.87 -4.96 12.04
N LYS A 95 -2.98 -4.84 12.76
CA LYS A 95 -3.79 -6.01 13.13
C LYS A 95 -4.67 -6.52 11.98
N ARG A 96 -4.94 -5.69 10.97
CA ARG A 96 -5.69 -6.14 9.80
C ARG A 96 -4.83 -6.92 8.82
N LEU A 97 -3.63 -6.43 8.58
CA LEU A 97 -2.79 -6.96 7.51
C LEU A 97 -1.89 -8.10 7.98
N THR A 98 -1.60 -8.14 9.27
CA THR A 98 -0.79 -9.22 9.81
C THR A 98 -1.25 -9.60 11.22
N LYS A 99 -2.46 -10.14 11.30
CA LYS A 99 -2.94 -10.72 12.53
C LYS A 99 -2.52 -12.18 12.58
N ARG A 100 -2.93 -12.86 13.63
CA ARG A 100 -2.51 -14.25 13.84
C ARG A 100 -3.59 -15.20 13.33
N SER A 101 -4.51 -14.66 12.55
CA SER A 101 -5.61 -15.45 12.02
C SER A 101 -5.50 -15.56 10.50
N GLU A 102 -4.38 -15.10 9.97
CA GLU A 102 -4.12 -15.18 8.56
C GLU A 102 -2.62 -15.18 8.35
N GLU A 103 -2.19 -15.94 7.38
CA GLU A 103 -0.77 -16.05 7.04
C GLU A 103 -0.63 -15.62 5.60
N VAL A 104 -1.61 -14.83 5.22
CA VAL A 104 -1.74 -14.26 3.91
C VAL A 104 -2.65 -13.06 4.03
N VAL A 105 -2.26 -11.96 3.43
CA VAL A 105 -3.02 -10.73 3.58
C VAL A 105 -3.68 -10.36 2.27
N ARG A 106 -4.98 -10.26 2.29
CA ARG A 106 -5.71 -9.81 1.15
C ARG A 106 -5.73 -8.32 1.19
N LEU A 107 -5.61 -7.68 0.06
CA LEU A 107 -5.69 -6.25 0.01
C LEU A 107 -6.15 -5.72 -1.33
N LEU A 108 -6.55 -4.47 -1.28
CA LEU A 108 -6.94 -3.70 -2.45
C LEU A 108 -5.93 -2.58 -2.63
N VAL A 109 -5.46 -2.39 -3.84
CA VAL A 109 -4.51 -1.36 -4.11
C VAL A 109 -4.91 -0.60 -5.35
N THR A 110 -4.21 0.47 -5.62
CA THR A 110 -4.44 1.29 -6.80
C THR A 110 -3.14 1.70 -7.45
N ARG A 111 -2.87 1.11 -8.61
CA ARG A 111 -1.66 1.43 -9.36
C ARG A 111 -2.05 2.03 -10.70
N GLN A 112 -1.08 2.58 -11.42
CA GLN A 112 -1.35 3.18 -12.72
C GLN A 112 -0.86 2.31 -13.86
N SER A 113 0.30 1.72 -13.64
CA SER A 113 1.02 0.96 -14.65
C SER A 113 1.66 1.91 -15.63
N LEU A 114 1.68 3.17 -15.21
CA LEU A 114 2.34 4.24 -15.93
C LEU A 114 1.84 4.38 -17.34
N GLN A 115 0.63 3.96 -17.51
CA GLN A 115 -0.03 3.93 -18.79
C GLN A 115 -0.96 5.13 -18.97
N LYS A 116 -1.46 5.28 -20.18
CA LYS A 116 -2.44 6.32 -20.50
C LYS A 116 -3.53 5.73 -21.38
N ALA A 117 -4.77 6.06 -21.08
CA ALA A 117 -5.90 5.47 -21.79
C ALA A 117 -6.97 6.52 -21.99
N VAL A 118 -6.52 7.75 -21.87
CA VAL A 118 -7.40 8.89 -21.95
C VAL A 118 -7.24 9.59 -23.30
N GLN A 119 -7.84 8.96 -24.29
CA GLN A 119 -7.72 9.43 -25.66
C GLN A 119 -9.10 9.68 -26.26
N GLN A 120 -10.05 9.95 -25.38
CA GLN A 120 -11.42 10.25 -25.80
C GLN A 120 -11.50 11.72 -26.20
N SER A 121 -12.10 11.99 -27.35
CA SER A 121 -12.19 13.35 -27.83
C SER A 121 -13.47 13.56 -28.65
N MET A 122 -14.36 14.40 -28.11
CA MET A 122 -15.60 14.84 -28.78
C MET A 122 -16.39 13.69 -29.43
N LEU A 123 -17.24 14.03 -30.39
CA LEU A 123 -18.07 13.05 -31.07
C LEU A 123 -17.23 12.24 -32.06
N SER A 124 -17.14 10.95 -31.82
CA SER A 124 -16.40 10.05 -32.69
C SER A 124 -17.16 9.81 -33.99
N LYS B 1 -3.48 9.47 9.34
CA LYS B 1 -3.26 10.42 8.27
C LYS B 1 -1.85 10.98 8.41
N GLU B 2 -1.45 11.25 9.65
CA GLU B 2 -0.11 11.76 9.98
C GLU B 2 0.96 10.73 9.60
N ASN B 3 2.18 11.20 9.34
CA ASN B 3 3.28 10.30 8.96
C ASN B 3 3.41 9.08 9.87
N LEU B 4 3.01 7.92 9.37
CA LEU B 4 3.17 6.67 10.12
C LEU B 4 3.29 5.47 9.17
N GLU B 5 3.43 4.29 9.79
CA GLU B 5 3.41 2.96 9.15
C GLU B 5 4.77 2.26 9.23
N SER B 6 4.93 1.15 8.50
CA SER B 6 5.91 0.13 8.88
C SER B 6 6.41 -0.72 7.72
N MET B 7 7.32 -1.64 8.06
CA MET B 7 7.41 -2.91 7.36
C MET B 7 6.55 -3.86 8.17
N VAL B 8 5.89 -4.78 7.52
CA VAL B 8 4.90 -5.59 8.19
C VAL B 8 5.21 -7.06 8.04
N MET A 1 -11.93 16.49 -28.42
CA MET A 1 -11.56 17.63 -29.28
C MET A 1 -11.03 18.80 -28.46
N SER A 2 -11.18 18.72 -27.14
CA SER A 2 -10.82 19.81 -26.26
C SER A 2 -9.45 19.58 -25.63
N TYR A 3 -8.94 20.61 -24.97
CA TYR A 3 -7.72 20.51 -24.19
C TYR A 3 -8.08 20.29 -22.73
N ILE A 4 -7.24 19.56 -22.02
CA ILE A 4 -7.52 19.25 -20.63
C ILE A 4 -6.42 19.80 -19.73
N PRO A 5 -6.63 20.98 -19.15
CA PRO A 5 -5.70 21.61 -18.22
C PRO A 5 -5.83 21.03 -16.83
N GLY A 6 -4.80 20.32 -16.39
CA GLY A 6 -4.85 19.67 -15.09
C GLY A 6 -5.64 18.39 -15.14
N GLN A 7 -5.29 17.53 -16.09
CA GLN A 7 -5.97 16.26 -16.28
C GLN A 7 -5.66 15.31 -15.12
N PRO A 8 -6.71 14.75 -14.51
CA PRO A 8 -6.58 13.86 -13.35
C PRO A 8 -5.87 12.55 -13.67
N VAL A 9 -5.22 11.99 -12.65
CA VAL A 9 -4.53 10.71 -12.79
C VAL A 9 -5.53 9.57 -12.63
N THR A 10 -5.06 8.35 -12.83
CA THR A 10 -5.92 7.23 -12.96
C THR A 10 -5.52 6.11 -12.04
N ALA A 11 -6.35 5.93 -11.08
CA ALA A 11 -6.22 4.86 -10.11
C ALA A 11 -6.81 3.59 -10.64
N VAL A 12 -5.94 2.67 -10.87
CA VAL A 12 -6.33 1.33 -11.20
C VAL A 12 -6.44 0.54 -9.91
N VAL A 13 -7.47 -0.23 -9.82
CA VAL A 13 -7.73 -1.03 -8.65
C VAL A 13 -7.23 -2.45 -8.89
N GLN A 14 -6.46 -2.95 -7.96
CA GLN A 14 -5.93 -4.30 -8.03
C GLN A 14 -6.16 -5.00 -6.71
N ARG A 15 -6.46 -6.28 -6.80
CA ARG A 15 -6.71 -7.11 -5.67
C ARG A 15 -5.66 -8.19 -5.64
N VAL A 16 -4.88 -8.17 -4.60
CA VAL A 16 -3.78 -9.07 -4.46
C VAL A 16 -3.76 -9.59 -3.03
N GLU A 17 -3.29 -10.79 -2.83
CA GLU A 17 -3.21 -11.36 -1.49
C GLU A 17 -1.76 -11.67 -1.14
N ILE A 18 -1.22 -10.90 -0.21
CA ILE A 18 0.16 -11.01 0.19
C ILE A 18 0.26 -11.87 1.40
N HIS A 19 0.85 -13.00 1.24
CA HIS A 19 0.90 -13.94 2.30
C HIS A 19 2.22 -13.88 3.06
N LYS A 20 2.06 -13.57 4.35
CA LYS A 20 3.13 -13.39 5.30
C LYS A 20 4.05 -14.62 5.36
N LEU A 21 5.25 -14.47 5.93
CA LEU A 21 6.29 -15.47 5.77
C LEU A 21 6.88 -15.86 7.10
N ARG A 22 7.45 -17.03 7.13
CA ARG A 22 7.86 -17.69 8.36
C ARG A 22 9.11 -17.08 8.97
N GLN A 23 8.94 -16.51 10.16
CA GLN A 23 10.04 -16.12 11.02
C GLN A 23 9.73 -16.48 12.44
N GLY A 24 9.73 -17.77 12.68
CA GLY A 24 9.42 -18.28 13.99
C GLY A 24 7.96 -18.17 14.27
N GLU A 25 7.63 -17.38 15.27
CA GLU A 25 6.25 -17.15 15.62
C GLU A 25 5.66 -16.11 14.70
N ASN A 26 6.49 -15.61 13.81
CA ASN A 26 6.12 -14.52 12.99
C ASN A 26 5.87 -15.01 11.62
N LEU A 27 4.82 -14.51 11.11
CA LEU A 27 4.49 -14.63 9.72
C LEU A 27 4.44 -13.25 9.13
N ILE A 28 5.49 -12.90 8.41
CA ILE A 28 5.67 -11.60 7.77
C ILE A 28 6.72 -11.73 6.69
N LEU A 29 6.92 -10.71 5.86
CA LEU A 29 7.85 -10.86 4.75
C LEU A 29 8.88 -9.73 4.68
N GLY A 30 8.50 -8.53 5.08
CA GLY A 30 9.45 -7.44 5.13
C GLY A 30 9.28 -6.42 4.02
N PHE A 31 8.12 -6.38 3.37
CA PHE A 31 7.87 -5.33 2.39
C PHE A 31 7.31 -4.13 3.11
N SER A 32 7.51 -2.95 2.58
CA SER A 32 7.28 -1.75 3.37
C SER A 32 6.33 -0.81 2.66
N ILE A 33 5.45 -0.18 3.42
CA ILE A 33 4.58 0.82 2.85
C ILE A 33 4.79 2.10 3.61
N GLY A 34 4.28 3.19 3.07
CA GLY A 34 4.56 4.47 3.66
C GLY A 34 3.35 5.40 3.70
N GLY A 35 3.34 6.30 4.69
CA GLY A 35 2.32 7.33 4.77
C GLY A 35 1.75 7.48 6.16
N GLY A 36 0.47 7.18 6.28
CA GLY A 36 -0.19 7.08 7.55
C GLY A 36 -1.65 7.44 7.42
N ILE A 37 -1.88 8.68 6.99
CA ILE A 37 -3.20 9.25 6.87
C ILE A 37 -3.17 10.43 5.91
N ASP A 38 -2.33 11.38 6.26
CA ASP A 38 -2.24 12.66 5.57
C ASP A 38 -0.82 13.18 5.68
N GLN A 39 -0.33 13.16 6.92
CA GLN A 39 0.99 13.69 7.31
C GLN A 39 1.23 15.12 6.88
N ASP A 40 1.40 15.30 5.60
CA ASP A 40 1.81 16.57 5.04
C ASP A 40 1.11 16.81 3.71
N PRO A 41 0.60 18.03 3.52
CA PRO A 41 -0.14 18.44 2.32
C PRO A 41 0.74 18.50 1.08
N SER A 42 2.00 18.25 1.28
CA SER A 42 2.95 18.11 0.18
C SER A 42 2.58 16.89 -0.65
N GLN A 43 2.29 15.80 0.04
CA GLN A 43 1.97 14.55 -0.60
C GLN A 43 0.48 14.49 -0.92
N ASN A 44 -0.28 15.19 -0.07
CA ASN A 44 -1.71 15.40 -0.27
C ASN A 44 -1.92 16.41 -1.40
N PRO A 45 -2.34 15.91 -2.56
CA PRO A 45 -2.56 16.74 -3.73
C PRO A 45 -3.83 17.60 -3.61
N PHE A 46 -4.82 17.09 -2.87
CA PHE A 46 -6.14 17.70 -2.88
C PHE A 46 -7.10 17.05 -1.90
N SER A 47 -6.62 16.20 -1.02
CA SER A 47 -7.51 15.39 -0.23
C SER A 47 -7.18 15.57 1.24
N GLU A 48 -7.17 14.46 1.99
CA GLU A 48 -6.86 14.46 3.41
C GLU A 48 -7.26 13.13 4.02
N ASP A 49 -8.29 12.52 3.46
CA ASP A 49 -8.80 11.26 3.94
C ASP A 49 -9.33 10.45 2.76
N LYS A 50 -9.35 9.14 2.93
CA LYS A 50 -10.00 8.24 1.98
C LYS A 50 -9.29 8.16 0.64
N THR A 51 -9.61 9.09 -0.24
CA THR A 51 -9.21 9.01 -1.64
C THR A 51 -7.79 9.53 -1.86
N ASP A 52 -7.05 9.79 -0.79
CA ASP A 52 -5.71 10.31 -0.94
C ASP A 52 -4.72 9.17 -1.08
N LYS A 53 -3.46 9.46 -0.86
CA LYS A 53 -2.40 8.47 -0.97
C LYS A 53 -1.87 8.16 0.41
N GLY A 54 -2.72 8.43 1.40
CA GLY A 54 -2.37 8.22 2.80
C GLY A 54 -1.71 6.88 3.09
N ILE A 55 -2.15 5.83 2.40
CA ILE A 55 -1.58 4.50 2.57
C ILE A 55 -1.15 3.94 1.23
N TYR A 56 0.17 3.82 1.00
CA TYR A 56 0.66 3.23 -0.22
C TYR A 56 2.03 2.59 -0.02
N VAL A 57 2.29 1.51 -0.75
CA VAL A 57 3.49 0.75 -0.63
C VAL A 57 4.67 1.46 -1.28
N THR A 58 5.81 1.40 -0.60
CA THR A 58 7.03 1.98 -1.10
C THR A 58 8.10 0.90 -1.27
N ARG A 59 7.83 -0.30 -0.76
CA ARG A 59 8.80 -1.38 -0.82
C ARG A 59 8.16 -2.73 -1.01
N VAL A 60 9.03 -3.68 -1.27
CA VAL A 60 8.69 -5.07 -1.33
C VAL A 60 9.92 -5.88 -0.95
N SER A 61 9.73 -6.89 -0.11
CA SER A 61 10.73 -7.91 0.04
C SER A 61 10.82 -8.69 -1.26
N GLU A 62 11.83 -8.37 -2.03
CA GLU A 62 11.96 -8.81 -3.38
C GLU A 62 12.16 -10.30 -3.46
N GLY A 63 11.65 -10.81 -4.54
CA GLY A 63 11.72 -12.22 -4.84
C GLY A 63 10.96 -13.04 -3.82
N GLY A 64 10.00 -12.42 -3.14
CA GLY A 64 9.38 -13.07 -2.02
C GLY A 64 7.95 -13.41 -2.27
N PRO A 65 7.08 -13.10 -1.31
CA PRO A 65 5.66 -13.40 -1.34
C PRO A 65 4.80 -12.30 -1.94
N ALA A 66 5.16 -11.06 -1.68
CA ALA A 66 4.26 -9.94 -1.99
C ALA A 66 4.12 -9.84 -3.47
N GLU A 67 5.25 -9.85 -4.10
CA GLU A 67 5.33 -9.49 -5.47
C GLU A 67 4.82 -10.61 -6.33
N ILE A 68 4.93 -11.83 -5.83
CA ILE A 68 4.51 -12.97 -6.59
C ILE A 68 3.03 -13.10 -6.49
N ALA A 69 2.54 -12.60 -5.38
CA ALA A 69 1.12 -12.45 -5.20
C ALA A 69 0.64 -11.45 -6.22
N GLY A 70 1.56 -10.56 -6.60
CA GLY A 70 1.23 -9.52 -7.55
C GLY A 70 1.31 -8.15 -6.92
N LEU A 71 2.38 -7.92 -6.19
CA LEU A 71 2.58 -6.69 -5.48
C LEU A 71 3.92 -6.12 -5.92
N GLN A 72 4.09 -4.86 -5.75
CA GLN A 72 5.23 -4.16 -6.30
C GLN A 72 5.40 -2.82 -5.61
N ILE A 73 6.34 -2.03 -6.08
CA ILE A 73 6.63 -0.77 -5.46
C ILE A 73 5.72 0.34 -5.95
N GLY A 74 4.90 0.85 -5.07
CA GLY A 74 4.17 2.07 -5.37
C GLY A 74 2.71 1.81 -5.60
N ASP A 75 1.99 1.47 -4.53
CA ASP A 75 0.59 1.10 -4.68
C ASP A 75 -0.21 1.48 -3.45
N LYS A 76 -1.38 2.07 -3.65
CA LYS A 76 -2.18 2.54 -2.53
C LYS A 76 -2.96 1.39 -1.94
N ILE A 77 -2.56 0.95 -0.76
CA ILE A 77 -3.31 -0.05 -0.03
C ILE A 77 -4.58 0.59 0.54
N MET A 78 -5.69 0.41 -0.17
CA MET A 78 -6.94 1.06 0.20
C MET A 78 -7.76 0.16 1.10
N GLN A 79 -7.49 -1.12 1.02
CA GLN A 79 -8.23 -2.10 1.72
C GLN A 79 -7.38 -3.32 1.92
N VAL A 80 -7.70 -4.01 2.98
CA VAL A 80 -6.89 -5.09 3.40
C VAL A 80 -7.77 -6.18 3.99
N ASN A 81 -7.45 -7.43 3.70
CA ASN A 81 -8.21 -8.58 4.21
C ASN A 81 -9.65 -8.57 3.71
N GLY A 82 -9.98 -7.59 2.90
CA GLY A 82 -11.33 -7.48 2.36
C GLY A 82 -12.17 -6.41 3.02
N TRP A 83 -11.56 -5.51 3.81
CA TRP A 83 -12.27 -4.40 4.37
C TRP A 83 -11.51 -3.12 4.14
N ASP A 84 -12.13 -2.26 3.37
CA ASP A 84 -11.54 -0.97 2.98
C ASP A 84 -11.07 -0.22 4.23
N MET A 85 -9.76 0.00 4.33
CA MET A 85 -9.21 0.77 5.44
C MET A 85 -9.39 2.28 5.20
N THR A 86 -8.31 2.94 4.77
CA THR A 86 -8.25 4.36 4.37
C THR A 86 -8.59 5.36 5.49
N MET A 87 -9.62 5.05 6.25
CA MET A 87 -10.14 5.94 7.29
C MET A 87 -9.77 5.45 8.68
N VAL A 88 -8.68 4.72 8.76
CA VAL A 88 -8.28 4.07 9.99
C VAL A 88 -6.96 4.64 10.52
N THR A 89 -6.32 3.91 11.43
CA THR A 89 -4.96 4.21 11.81
C THR A 89 -4.07 3.02 11.49
N HIS A 90 -2.80 3.29 11.32
CA HIS A 90 -1.85 2.26 10.94
C HIS A 90 -1.77 1.19 12.02
N ASP A 91 -2.02 1.60 13.24
CA ASP A 91 -1.95 0.68 14.38
C ASP A 91 -3.08 -0.32 14.33
N GLN A 92 -4.26 0.12 13.93
CA GLN A 92 -5.38 -0.79 13.88
C GLN A 92 -5.35 -1.51 12.56
N ALA A 93 -4.63 -0.91 11.61
CA ALA A 93 -4.36 -1.56 10.34
C ALA A 93 -3.41 -2.69 10.60
N ARG A 94 -2.47 -2.44 11.52
CA ARG A 94 -1.53 -3.43 11.97
C ARG A 94 -2.25 -4.66 12.51
N LYS A 95 -3.23 -4.46 13.39
CA LYS A 95 -3.97 -5.58 13.96
C LYS A 95 -4.82 -6.29 12.89
N ARG A 96 -5.12 -5.61 11.78
CA ARG A 96 -5.91 -6.25 10.71
C ARG A 96 -5.04 -7.13 9.82
N LEU A 97 -3.97 -6.55 9.28
CA LEU A 97 -3.11 -7.27 8.34
C LEU A 97 -2.27 -8.33 9.02
N THR A 98 -1.79 -8.03 10.20
CA THR A 98 -0.93 -8.95 10.92
C THR A 98 -1.58 -9.47 12.17
N LYS A 99 -2.80 -9.96 12.04
CA LYS A 99 -3.45 -10.62 13.14
C LYS A 99 -3.05 -12.10 13.11
N ARG A 100 -3.77 -12.91 13.85
CA ARG A 100 -3.44 -14.33 13.96
C ARG A 100 -4.51 -15.18 13.31
N SER A 101 -5.26 -14.59 12.40
CA SER A 101 -6.40 -15.27 11.81
C SER A 101 -6.10 -15.76 10.42
N GLU A 102 -5.04 -15.24 9.82
CA GLU A 102 -4.65 -15.63 8.50
C GLU A 102 -3.14 -15.73 8.42
N GLU A 103 -2.69 -16.18 7.28
CA GLU A 103 -1.28 -16.18 6.94
C GLU A 103 -1.10 -15.46 5.62
N VAL A 104 -2.21 -14.96 5.12
CA VAL A 104 -2.22 -14.23 3.86
C VAL A 104 -3.11 -13.00 3.97
N VAL A 105 -2.64 -11.90 3.40
CA VAL A 105 -3.29 -10.63 3.55
C VAL A 105 -3.97 -10.25 2.25
N ARG A 106 -5.19 -9.79 2.30
CA ARG A 106 -5.86 -9.29 1.12
C ARG A 106 -5.54 -7.83 0.93
N LEU A 107 -5.23 -7.45 -0.29
CA LEU A 107 -4.91 -6.08 -0.60
C LEU A 107 -5.77 -5.59 -1.73
N LEU A 108 -6.43 -4.52 -1.45
CA LEU A 108 -7.14 -3.77 -2.44
C LEU A 108 -6.41 -2.46 -2.62
N VAL A 109 -5.73 -2.34 -3.73
CA VAL A 109 -4.80 -1.28 -3.93
C VAL A 109 -5.17 -0.50 -5.18
N THR A 110 -4.50 0.62 -5.35
CA THR A 110 -4.74 1.48 -6.48
C THR A 110 -3.45 2.05 -7.03
N ARG A 111 -3.08 1.61 -8.20
CA ARG A 111 -1.89 2.14 -8.84
C ARG A 111 -2.12 2.28 -10.34
N GLN A 112 -1.20 2.95 -11.00
CA GLN A 112 -1.28 3.18 -12.44
C GLN A 112 -0.76 2.00 -13.24
N SER A 113 0.53 1.77 -13.06
CA SER A 113 1.29 0.70 -13.72
C SER A 113 1.69 1.10 -15.12
N LEU A 114 1.63 2.38 -15.36
CA LEU A 114 1.83 2.92 -16.70
C LEU A 114 2.94 3.94 -16.72
N GLN A 115 3.59 3.97 -15.61
CA GLN A 115 4.71 4.86 -15.37
C GLN A 115 5.88 4.10 -14.76
N LYS A 116 7.07 4.65 -14.89
CA LYS A 116 8.25 4.06 -14.29
C LYS A 116 8.42 4.56 -12.87
N ALA A 117 8.64 3.65 -11.94
CA ALA A 117 8.83 4.02 -10.54
C ALA A 117 10.11 3.40 -10.05
N VAL A 118 10.91 3.03 -11.02
CA VAL A 118 12.13 2.31 -10.79
C VAL A 118 13.31 3.16 -11.25
N GLN A 119 13.71 4.08 -10.41
CA GLN A 119 14.78 5.01 -10.74
C GLN A 119 15.85 4.96 -9.66
N GLN A 120 15.83 3.86 -8.92
CA GLN A 120 16.71 3.71 -7.76
C GLN A 120 18.02 3.08 -8.14
N SER A 121 19.10 3.67 -7.65
CA SER A 121 20.43 3.09 -7.78
C SER A 121 21.11 3.16 -6.41
N MET A 122 21.18 2.02 -5.74
CA MET A 122 21.71 1.99 -4.38
C MET A 122 23.17 1.57 -4.34
N LEU A 123 23.83 1.86 -3.24
CA LEU A 123 25.22 1.50 -3.05
C LEU A 123 25.38 0.75 -1.74
N SER A 124 26.24 -0.25 -1.73
CA SER A 124 26.49 -1.03 -0.53
C SER A 124 27.69 -0.47 0.23
N LYS B 1 7.67 12.27 1.33
CA LYS B 1 6.97 13.18 2.24
C LYS B 1 6.23 12.41 3.34
N GLU B 2 6.15 11.09 3.20
CA GLU B 2 5.48 10.26 4.19
C GLU B 2 6.25 10.32 5.51
N ASN B 3 5.50 10.35 6.63
CA ASN B 3 6.10 10.63 7.93
C ASN B 3 6.29 9.38 8.76
N LEU B 4 5.36 8.46 8.64
CA LEU B 4 5.41 7.23 9.42
C LEU B 4 4.99 6.06 8.55
N GLU B 5 5.38 4.85 8.95
CA GLU B 5 4.83 3.61 8.42
C GLU B 5 5.70 2.42 8.78
N SER B 6 5.70 1.35 7.94
CA SER B 6 6.25 0.07 8.37
C SER B 6 6.63 -0.85 7.23
N MET B 7 7.29 -1.95 7.61
CA MET B 7 7.44 -3.12 6.76
C MET B 7 6.68 -4.27 7.40
N VAL B 8 6.11 -5.13 6.58
CA VAL B 8 5.41 -6.30 7.06
C VAL B 8 5.93 -7.54 6.37
N MET A 1 10.45 1.51 -24.02
CA MET A 1 10.18 1.98 -25.40
C MET A 1 9.97 3.50 -25.40
N SER A 2 9.26 4.01 -26.40
CA SER A 2 9.05 5.44 -26.54
C SER A 2 8.16 6.01 -25.44
N TYR A 3 7.13 5.25 -25.06
CA TYR A 3 6.13 5.69 -24.09
C TYR A 3 5.23 6.77 -24.69
N ILE A 4 4.11 7.02 -24.03
CA ILE A 4 3.21 8.09 -24.44
C ILE A 4 3.10 9.13 -23.33
N PRO A 5 3.95 10.16 -23.38
CA PRO A 5 3.96 11.22 -22.38
C PRO A 5 2.81 12.20 -22.59
N GLY A 6 2.12 12.54 -21.51
CA GLY A 6 1.05 13.49 -21.58
C GLY A 6 -0.27 12.90 -21.16
N GLN A 7 -0.44 11.60 -21.37
CA GLN A 7 -1.67 10.91 -21.03
C GLN A 7 -1.43 9.91 -19.91
N PRO A 8 -1.70 10.30 -18.65
CA PRO A 8 -1.54 9.44 -17.49
C PRO A 8 -2.85 8.76 -17.11
N VAL A 9 -2.84 8.08 -15.97
CA VAL A 9 -4.04 7.42 -15.47
C VAL A 9 -4.33 7.89 -14.04
N THR A 10 -5.56 7.68 -13.63
CA THR A 10 -6.05 8.20 -12.37
C THR A 10 -5.80 7.23 -11.23
N ALA A 11 -6.39 6.07 -11.37
CA ALA A 11 -6.23 5.00 -10.41
C ALA A 11 -6.69 3.70 -11.00
N VAL A 12 -5.81 2.74 -10.95
CA VAL A 12 -6.16 1.39 -11.30
C VAL A 12 -6.41 0.63 -10.02
N VAL A 13 -7.42 -0.18 -10.04
CA VAL A 13 -7.81 -0.95 -8.86
C VAL A 13 -7.42 -2.40 -9.04
N GLN A 14 -6.63 -2.90 -8.09
CA GLN A 14 -6.17 -4.27 -8.14
C GLN A 14 -6.40 -4.91 -6.79
N ARG A 15 -6.59 -6.21 -6.83
CA ARG A 15 -6.86 -6.99 -5.68
C ARG A 15 -5.79 -8.06 -5.63
N VAL A 16 -4.88 -7.90 -4.71
CA VAL A 16 -3.77 -8.81 -4.57
C VAL A 16 -3.79 -9.33 -3.16
N GLU A 17 -3.33 -10.54 -2.97
CA GLU A 17 -3.30 -11.14 -1.66
C GLU A 17 -1.86 -11.40 -1.24
N ILE A 18 -1.39 -10.62 -0.28
CA ILE A 18 -0.04 -10.70 0.19
C ILE A 18 0.05 -11.67 1.33
N HIS A 19 0.75 -12.71 1.08
CA HIS A 19 0.87 -13.77 2.02
C HIS A 19 2.25 -13.78 2.65
N LYS A 20 2.40 -12.92 3.66
CA LYS A 20 3.60 -12.85 4.50
C LYS A 20 3.87 -14.20 5.14
N LEU A 21 4.99 -14.35 5.81
CA LEU A 21 5.41 -15.68 6.18
C LEU A 21 5.60 -15.82 7.67
N ARG A 22 5.33 -17.01 8.13
CA ARG A 22 5.64 -17.44 9.45
C ARG A 22 6.54 -18.67 9.35
N GLN A 23 7.79 -18.52 9.72
CA GLN A 23 8.75 -19.59 9.56
C GLN A 23 9.23 -20.12 10.90
N GLY A 24 8.27 -20.68 11.63
CA GLY A 24 8.49 -21.38 12.89
C GLY A 24 9.77 -21.06 13.62
N GLU A 25 9.84 -19.83 14.05
CA GLU A 25 11.02 -19.18 14.63
C GLU A 25 10.95 -17.79 14.12
N ASN A 26 10.31 -17.70 12.98
CA ASN A 26 10.26 -16.51 12.23
C ASN A 26 8.86 -16.13 11.94
N LEU A 27 8.75 -14.88 11.85
CA LEU A 27 7.65 -14.18 11.31
C LEU A 27 8.25 -13.22 10.31
N ILE A 28 7.77 -13.27 9.11
CA ILE A 28 8.36 -12.50 8.06
C ILE A 28 7.49 -11.34 7.74
N LEU A 29 8.13 -10.19 7.94
CA LEU A 29 7.56 -8.88 7.83
C LEU A 29 8.42 -8.13 6.83
N GLY A 30 8.25 -8.50 5.58
CA GLY A 30 9.19 -8.13 4.54
C GLY A 30 9.01 -6.74 3.97
N PHE A 31 8.17 -6.62 2.95
CA PHE A 31 8.09 -5.39 2.16
C PHE A 31 7.48 -4.26 2.98
N SER A 32 7.63 -3.03 2.53
CA SER A 32 7.26 -1.90 3.37
C SER A 32 6.18 -1.09 2.70
N ILE A 33 5.30 -0.55 3.50
CA ILE A 33 4.15 0.15 2.99
C ILE A 33 4.05 1.50 3.67
N GLY A 34 3.76 2.50 2.89
CA GLY A 34 3.72 3.85 3.41
C GLY A 34 2.35 4.18 3.96
N GLY A 35 2.32 5.00 5.00
CA GLY A 35 1.06 5.40 5.59
C GLY A 35 1.03 6.87 5.93
N GLY A 36 0.07 7.58 5.38
CA GLY A 36 -0.09 8.99 5.69
C GLY A 36 -1.52 9.44 5.56
N ILE A 37 -2.29 9.25 6.62
CA ILE A 37 -3.67 9.71 6.67
C ILE A 37 -4.09 10.05 8.09
N ASP A 38 -4.14 9.03 8.93
CA ASP A 38 -4.62 9.18 10.29
C ASP A 38 -3.43 9.08 11.22
N GLN A 39 -2.27 9.30 10.63
CA GLN A 39 -1.02 9.11 11.31
C GLN A 39 -0.68 10.30 12.19
N ASP A 40 -0.26 11.36 11.55
CA ASP A 40 0.19 12.54 12.26
C ASP A 40 -0.10 13.79 11.43
N PRO A 41 -0.82 14.75 12.03
CA PRO A 41 -1.27 15.98 11.34
C PRO A 41 -0.11 16.91 11.01
N SER A 42 1.01 16.70 11.67
CA SER A 42 2.21 17.47 11.42
C SER A 42 2.75 17.17 10.04
N GLN A 43 2.50 15.95 9.59
CA GLN A 43 2.96 15.50 8.31
C GLN A 43 1.94 15.82 7.25
N ASN A 44 0.75 15.31 7.48
CA ASN A 44 -0.34 15.37 6.56
C ASN A 44 -1.27 16.54 6.87
N PRO A 45 -1.15 17.64 6.12
CA PRO A 45 -1.99 18.82 6.30
C PRO A 45 -3.43 18.58 5.86
N PHE A 46 -3.61 17.71 4.87
CA PHE A 46 -4.94 17.45 4.31
C PHE A 46 -5.29 15.96 4.38
N SER A 47 -4.35 15.12 3.97
CA SER A 47 -4.56 13.69 3.92
C SER A 47 -3.20 13.05 3.92
N GLU A 48 -2.49 13.35 2.86
CA GLU A 48 -1.11 12.99 2.67
C GLU A 48 -0.44 14.17 2.02
N ASP A 49 -0.89 14.42 0.80
CA ASP A 49 -0.55 15.64 0.10
C ASP A 49 -1.83 16.41 -0.16
N LYS A 50 -2.41 16.23 -1.33
CA LYS A 50 -3.72 16.79 -1.62
C LYS A 50 -4.67 15.71 -2.14
N THR A 51 -4.35 15.19 -3.31
CA THR A 51 -5.21 14.24 -3.99
C THR A 51 -4.85 12.80 -3.64
N ASP A 52 -3.90 12.63 -2.72
CA ASP A 52 -3.43 11.31 -2.38
C ASP A 52 -4.36 10.68 -1.36
N LYS A 53 -4.09 9.43 -1.11
CA LYS A 53 -4.91 8.60 -0.24
C LYS A 53 -4.09 8.14 0.95
N GLY A 54 -2.79 8.44 0.91
CA GLY A 54 -1.94 8.25 2.07
C GLY A 54 -1.35 6.84 2.21
N ILE A 55 -2.19 5.83 2.02
CA ILE A 55 -1.72 4.45 2.15
C ILE A 55 -1.27 3.89 0.81
N TYR A 56 -0.06 3.34 0.76
CA TYR A 56 0.48 2.76 -0.46
C TYR A 56 1.71 1.91 -0.16
N VAL A 57 2.21 1.16 -1.13
CA VAL A 57 3.43 0.41 -0.98
C VAL A 57 4.58 1.26 -1.43
N THR A 58 5.63 1.28 -0.63
CA THR A 58 6.84 2.00 -0.97
C THR A 58 8.02 1.05 -1.09
N ARG A 59 7.81 -0.22 -0.72
CA ARG A 59 8.89 -1.22 -0.76
C ARG A 59 8.37 -2.61 -0.95
N VAL A 60 9.32 -3.44 -1.31
CA VAL A 60 9.15 -4.86 -1.45
C VAL A 60 10.45 -5.54 -1.12
N SER A 61 10.43 -6.43 -0.15
CA SER A 61 11.60 -7.25 0.11
C SER A 61 11.61 -8.40 -0.86
N GLU A 62 12.37 -8.22 -1.91
CA GLU A 62 12.32 -9.02 -3.09
C GLU A 62 12.55 -10.47 -2.83
N GLY A 63 11.82 -11.22 -3.59
CA GLY A 63 11.77 -12.65 -3.44
C GLY A 63 11.00 -13.03 -2.20
N GLY A 64 10.06 -12.18 -1.81
CA GLY A 64 9.33 -12.40 -0.60
C GLY A 64 7.92 -12.85 -0.89
N PRO A 65 6.94 -12.20 -0.27
CA PRO A 65 5.53 -12.54 -0.39
C PRO A 65 4.72 -11.65 -1.30
N ALA A 66 5.05 -10.39 -1.32
CA ALA A 66 4.13 -9.40 -1.84
C ALA A 66 4.20 -9.44 -3.31
N GLU A 67 5.42 -9.48 -3.76
CA GLU A 67 5.74 -9.28 -5.13
C GLU A 67 5.29 -10.48 -5.92
N ILE A 68 5.28 -11.63 -5.26
CA ILE A 68 4.95 -12.85 -5.91
C ILE A 68 3.47 -12.96 -5.99
N ALA A 69 2.85 -12.30 -5.04
CA ALA A 69 1.42 -12.18 -5.02
C ALA A 69 1.02 -11.25 -6.15
N GLY A 70 1.97 -10.43 -6.56
CA GLY A 70 1.71 -9.46 -7.61
C GLY A 70 1.67 -8.06 -7.06
N LEU A 71 2.63 -7.77 -6.21
CA LEU A 71 2.71 -6.50 -5.54
C LEU A 71 4.01 -5.84 -5.97
N GLN A 72 4.03 -4.54 -5.90
CA GLN A 72 5.13 -3.76 -6.42
C GLN A 72 5.03 -2.35 -5.85
N ILE A 73 6.03 -1.57 -6.13
CA ILE A 73 6.21 -0.30 -5.48
C ILE A 73 5.30 0.77 -6.02
N GLY A 74 4.43 1.23 -5.15
CA GLY A 74 3.57 2.35 -5.46
C GLY A 74 2.13 1.94 -5.46
N ASP A 75 1.78 1.10 -4.50
CA ASP A 75 0.45 0.49 -4.50
C ASP A 75 -0.38 0.98 -3.35
N LYS A 76 -1.40 1.76 -3.63
CA LYS A 76 -2.16 2.38 -2.57
C LYS A 76 -3.16 1.38 -2.01
N ILE A 77 -2.87 0.89 -0.82
CA ILE A 77 -3.73 -0.09 -0.18
C ILE A 77 -4.98 0.61 0.36
N MET A 78 -6.11 0.39 -0.30
CA MET A 78 -7.34 1.02 0.09
C MET A 78 -8.15 0.08 0.95
N GLN A 79 -7.82 -1.20 0.86
CA GLN A 79 -8.56 -2.23 1.56
C GLN A 79 -7.66 -3.40 1.87
N VAL A 80 -7.76 -3.88 3.08
CA VAL A 80 -7.03 -5.06 3.48
C VAL A 80 -7.97 -6.15 3.97
N ASN A 81 -7.90 -7.33 3.35
CA ASN A 81 -8.79 -8.46 3.68
C ASN A 81 -10.25 -8.07 3.51
N GLY A 82 -10.44 -7.07 2.67
CA GLY A 82 -11.77 -6.54 2.41
C GLY A 82 -12.10 -5.32 3.25
N TRP A 83 -11.15 -4.86 4.06
CA TRP A 83 -11.41 -3.75 4.94
C TRP A 83 -10.97 -2.47 4.29
N ASP A 84 -11.90 -1.78 3.68
CA ASP A 84 -11.64 -0.41 3.25
C ASP A 84 -10.96 0.37 4.36
N MET A 85 -9.66 0.58 4.20
CA MET A 85 -8.87 1.28 5.21
C MET A 85 -9.24 2.75 5.24
N THR A 86 -8.45 3.56 4.51
CA THR A 86 -8.69 4.99 4.24
C THR A 86 -8.71 5.88 5.49
N MET A 87 -9.43 5.44 6.49
CA MET A 87 -9.59 6.19 7.72
C MET A 87 -9.13 5.36 8.92
N VAL A 88 -8.85 4.09 8.65
CA VAL A 88 -8.27 3.20 9.62
C VAL A 88 -6.82 3.56 9.83
N THR A 89 -6.29 3.39 11.04
CA THR A 89 -4.94 3.80 11.27
C THR A 89 -4.00 2.71 10.86
N HIS A 90 -2.83 3.13 10.42
CA HIS A 90 -1.86 2.25 9.84
C HIS A 90 -1.37 1.24 10.86
N ASP A 91 -1.46 1.62 12.13
CA ASP A 91 -0.98 0.79 13.20
C ASP A 91 -2.00 -0.28 13.56
N GLN A 92 -3.27 0.06 13.47
CA GLN A 92 -4.31 -0.87 13.75
C GLN A 92 -4.59 -1.72 12.52
N ALA A 93 -4.20 -1.19 11.36
CA ALA A 93 -4.21 -1.97 10.16
C ALA A 93 -3.16 -3.03 10.31
N ARG A 94 -2.01 -2.58 10.82
CA ARG A 94 -0.91 -3.48 11.11
C ARG A 94 -1.32 -4.57 12.08
N LYS A 95 -1.98 -4.19 13.16
CA LYS A 95 -2.29 -5.14 14.21
C LYS A 95 -3.32 -6.18 13.76
N ARG A 96 -4.19 -5.84 12.81
CA ARG A 96 -5.20 -6.77 12.38
C ARG A 96 -4.66 -7.67 11.28
N LEU A 97 -3.69 -7.18 10.51
CA LEU A 97 -3.17 -7.97 9.39
C LEU A 97 -2.21 -9.05 9.85
N THR A 98 -1.59 -8.84 11.00
CA THR A 98 -0.69 -9.84 11.58
C THR A 98 -1.33 -10.57 12.76
N LYS A 99 -2.64 -10.82 12.68
CA LYS A 99 -3.35 -11.43 13.79
C LYS A 99 -3.22 -12.95 13.78
N ARG A 100 -2.59 -13.44 12.74
CA ARG A 100 -2.36 -14.87 12.53
C ARG A 100 -3.67 -15.62 12.39
N SER A 101 -4.73 -14.88 12.15
CA SER A 101 -6.04 -15.46 11.93
C SER A 101 -6.36 -15.42 10.43
N GLU A 102 -5.32 -15.11 9.67
CA GLU A 102 -5.39 -15.04 8.24
C GLU A 102 -4.28 -15.90 7.68
N GLU A 103 -4.48 -16.32 6.47
CA GLU A 103 -3.50 -17.11 5.75
C GLU A 103 -2.90 -16.27 4.67
N VAL A 104 -3.27 -15.00 4.69
CA VAL A 104 -2.91 -14.10 3.63
C VAL A 104 -3.58 -12.74 3.86
N VAL A 105 -3.09 -11.70 3.20
CA VAL A 105 -3.77 -10.42 3.32
C VAL A 105 -4.28 -9.94 1.97
N ARG A 106 -5.54 -9.56 1.92
CA ARG A 106 -6.13 -9.03 0.71
C ARG A 106 -5.85 -7.56 0.62
N LEU A 107 -5.40 -7.10 -0.52
CA LEU A 107 -5.16 -5.68 -0.71
C LEU A 107 -5.96 -5.21 -1.89
N LEU A 108 -6.90 -4.36 -1.61
CA LEU A 108 -7.57 -3.62 -2.66
C LEU A 108 -6.83 -2.32 -2.82
N VAL A 109 -6.09 -2.20 -3.89
CA VAL A 109 -5.14 -1.14 -4.03
C VAL A 109 -5.45 -0.30 -5.26
N THR A 110 -4.78 0.82 -5.30
CA THR A 110 -4.83 1.71 -6.43
C THR A 110 -3.44 2.05 -6.90
N ARG A 111 -3.09 1.54 -8.06
CA ARG A 111 -1.80 1.83 -8.63
C ARG A 111 -1.97 2.32 -10.05
N GLN A 112 -0.93 2.93 -10.59
CA GLN A 112 -0.85 3.26 -11.99
C GLN A 112 -0.30 2.06 -12.73
N SER A 113 0.78 1.56 -12.14
CA SER A 113 1.46 0.32 -12.53
C SER A 113 2.60 0.62 -13.45
N LEU A 114 2.98 1.87 -13.42
CA LEU A 114 4.05 2.40 -14.21
C LEU A 114 4.67 3.56 -13.48
N GLN A 115 3.82 4.19 -12.72
CA GLN A 115 4.19 5.28 -11.84
C GLN A 115 4.40 4.76 -10.43
N LYS A 116 5.60 4.95 -9.90
CA LYS A 116 5.94 4.50 -8.55
C LYS A 116 5.84 5.66 -7.57
N ALA A 117 5.91 5.37 -6.28
CA ALA A 117 5.67 6.38 -5.27
C ALA A 117 6.78 6.34 -4.25
N VAL A 118 7.91 5.87 -4.72
CA VAL A 118 9.07 5.69 -3.89
C VAL A 118 10.07 6.81 -4.15
N GLN A 119 9.77 7.94 -3.55
CA GLN A 119 10.54 9.15 -3.75
C GLN A 119 11.40 9.49 -2.55
N GLN A 120 11.94 8.45 -1.90
CA GLN A 120 12.81 8.63 -0.75
C GLN A 120 14.09 9.37 -1.17
N SER A 121 14.14 10.66 -0.86
CA SER A 121 15.27 11.50 -1.26
C SER A 121 16.38 11.48 -0.22
N MET A 122 16.04 11.10 1.00
CA MET A 122 16.99 11.10 2.09
C MET A 122 16.99 9.76 2.81
N LEU A 123 18.17 9.18 2.97
CA LEU A 123 18.32 7.92 3.67
C LEU A 123 18.43 8.17 5.17
N SER A 124 17.52 7.59 5.93
CA SER A 124 17.51 7.82 7.37
C SER A 124 18.43 6.85 8.10
N LYS B 1 8.68 15.22 8.30
CA LYS B 1 7.43 14.78 8.92
C LYS B 1 6.46 14.23 7.89
N GLU B 2 6.52 12.92 7.64
CA GLU B 2 5.46 12.22 6.92
C GLU B 2 5.79 10.76 6.68
N ASN B 3 4.77 9.99 6.30
CA ASN B 3 4.91 8.61 5.86
C ASN B 3 5.57 7.70 6.90
N LEU B 4 4.75 6.96 7.64
CA LEU B 4 5.28 5.92 8.50
C LEU B 4 5.32 4.63 7.70
N GLU B 5 6.50 4.01 7.65
CA GLU B 5 6.65 2.78 6.91
C GLU B 5 6.18 1.60 7.77
N SER B 6 5.84 0.51 7.12
CA SER B 6 5.46 -0.69 7.82
C SER B 6 5.77 -1.90 6.98
N MET B 7 6.82 -2.61 7.36
CA MET B 7 7.16 -3.87 6.71
C MET B 7 6.23 -4.96 7.20
N VAL B 8 5.80 -5.81 6.27
CA VAL B 8 4.91 -6.93 6.57
C VAL B 8 5.27 -8.13 5.70
N MET A 1 15.62 9.46 -13.88
CA MET A 1 14.57 10.34 -13.34
C MET A 1 13.57 10.69 -14.44
N SER A 2 13.17 9.67 -15.19
CA SER A 2 12.26 9.86 -16.33
C SER A 2 10.83 10.05 -15.85
N TYR A 3 10.32 11.27 -15.97
CA TYR A 3 8.96 11.59 -15.53
C TYR A 3 8.27 12.53 -16.51
N ILE A 4 6.97 12.68 -16.35
CA ILE A 4 6.17 13.58 -17.18
C ILE A 4 5.38 14.53 -16.30
N PRO A 5 5.89 15.76 -16.11
CA PRO A 5 5.29 16.74 -15.21
C PRO A 5 4.01 17.35 -15.77
N GLY A 6 2.92 17.22 -15.00
CA GLY A 6 1.68 17.85 -15.38
C GLY A 6 0.69 16.90 -16.01
N GLN A 7 1.16 15.74 -16.43
CA GLN A 7 0.29 14.77 -17.05
C GLN A 7 0.21 13.49 -16.23
N PRO A 8 -0.81 13.38 -15.36
CA PRO A 8 -1.03 12.23 -14.51
C PRO A 8 -2.08 11.26 -15.08
N VAL A 9 -2.47 10.32 -14.25
CA VAL A 9 -3.49 9.35 -14.58
C VAL A 9 -4.51 9.29 -13.45
N THR A 10 -5.35 8.29 -13.45
CA THR A 10 -6.43 8.21 -12.50
C THR A 10 -6.12 7.18 -11.41
N ALA A 11 -6.65 6.00 -11.59
CA ALA A 11 -6.43 4.88 -10.68
C ALA A 11 -6.97 3.61 -11.26
N VAL A 12 -6.17 2.60 -11.13
CA VAL A 12 -6.59 1.26 -11.44
C VAL A 12 -6.86 0.56 -10.12
N VAL A 13 -7.89 -0.25 -10.09
CA VAL A 13 -8.27 -0.97 -8.88
C VAL A 13 -8.20 -2.47 -9.11
N GLN A 14 -7.36 -3.13 -8.35
CA GLN A 14 -7.12 -4.55 -8.49
C GLN A 14 -6.82 -5.15 -7.13
N ARG A 15 -6.76 -6.46 -7.11
CA ARG A 15 -6.62 -7.21 -5.93
C ARG A 15 -5.40 -8.07 -5.98
N VAL A 16 -4.72 -8.13 -4.88
CA VAL A 16 -3.54 -8.93 -4.77
C VAL A 16 -3.49 -9.56 -3.37
N GLU A 17 -3.31 -10.86 -3.33
CA GLU A 17 -3.30 -11.57 -2.06
C GLU A 17 -1.85 -11.82 -1.67
N ILE A 18 -1.38 -11.12 -0.66
CA ILE A 18 0.00 -11.21 -0.23
C ILE A 18 0.10 -12.20 0.90
N HIS A 19 0.60 -13.35 0.56
CA HIS A 19 0.65 -14.46 1.46
C HIS A 19 1.92 -14.42 2.30
N LYS A 20 1.78 -13.81 3.47
CA LYS A 20 2.87 -13.62 4.42
C LYS A 20 3.19 -14.94 5.13
N LEU A 21 4.36 -15.04 5.74
CA LEU A 21 4.77 -16.29 6.37
C LEU A 21 5.48 -16.03 7.70
N ARG A 22 4.93 -16.61 8.76
CA ARG A 22 5.58 -16.62 10.05
C ARG A 22 6.69 -17.66 10.06
N GLN A 23 7.85 -17.24 10.54
CA GLN A 23 9.01 -18.10 10.64
C GLN A 23 9.58 -18.04 12.03
N GLY A 24 8.78 -18.49 12.97
CA GLY A 24 9.20 -18.63 14.34
C GLY A 24 9.17 -17.30 15.05
N GLU A 25 10.34 -16.74 15.22
CA GLU A 25 10.46 -15.40 15.76
C GLU A 25 10.14 -14.39 14.68
N ASN A 26 9.84 -14.88 13.50
CA ASN A 26 9.61 -14.03 12.38
C ASN A 26 8.18 -14.07 12.00
N LEU A 27 7.75 -12.92 11.75
CA LEU A 27 6.47 -12.65 11.16
C LEU A 27 6.72 -11.80 9.95
N ILE A 28 6.54 -12.38 8.79
CA ILE A 28 6.88 -11.70 7.56
C ILE A 28 5.67 -11.46 6.69
N LEU A 29 5.39 -10.22 6.35
CA LEU A 29 4.55 -9.92 5.20
C LEU A 29 5.44 -9.54 4.06
N GLY A 30 6.61 -9.06 4.44
CA GLY A 30 7.74 -9.02 3.54
C GLY A 30 7.73 -7.84 2.59
N PHE A 31 7.28 -6.69 3.05
CA PHE A 31 7.48 -5.45 2.30
C PHE A 31 7.25 -4.24 3.19
N SER A 32 7.45 -3.05 2.65
CA SER A 32 7.35 -1.84 3.46
C SER A 32 6.25 -0.95 2.92
N ILE A 33 5.57 -0.26 3.82
CA ILE A 33 4.39 0.47 3.45
C ILE A 33 4.46 1.87 4.04
N GLY A 34 3.90 2.83 3.31
CA GLY A 34 3.90 4.18 3.79
C GLY A 34 2.59 4.53 4.45
N GLY A 35 2.66 5.28 5.53
CA GLY A 35 1.47 5.69 6.24
C GLY A 35 1.40 7.19 6.42
N GLY A 36 0.33 7.80 5.91
CA GLY A 36 0.21 9.22 5.93
C GLY A 36 -1.22 9.71 5.97
N ILE A 37 -1.95 9.34 7.01
CA ILE A 37 -3.33 9.75 7.14
C ILE A 37 -3.59 10.57 8.40
N ASP A 38 -3.27 10.00 9.54
CA ASP A 38 -3.53 10.66 10.80
C ASP A 38 -2.32 10.54 11.69
N GLN A 39 -1.20 10.25 11.05
CA GLN A 39 0.06 10.01 11.77
C GLN A 39 0.44 11.19 12.62
N ASP A 40 0.95 12.22 12.00
CA ASP A 40 1.36 13.41 12.74
C ASP A 40 1.16 14.66 11.90
N PRO A 41 0.26 15.57 12.32
CA PRO A 41 -0.09 16.79 11.57
C PRO A 41 1.12 17.70 11.41
N SER A 42 2.15 17.33 12.13
CA SER A 42 3.44 17.97 12.12
C SER A 42 3.93 18.21 10.71
N GLN A 43 4.00 17.14 9.93
CA GLN A 43 4.80 17.17 8.74
C GLN A 43 3.98 17.47 7.50
N ASN A 44 2.68 17.24 7.59
CA ASN A 44 1.81 17.46 6.44
C ASN A 44 0.37 17.61 6.88
N PRO A 45 -0.17 18.83 6.78
CA PRO A 45 -1.56 19.12 7.16
C PRO A 45 -2.59 18.67 6.12
N PHE A 46 -2.13 18.34 4.91
CA PHE A 46 -3.07 18.05 3.82
C PHE A 46 -2.61 16.89 2.94
N SER A 47 -1.30 16.60 2.97
CA SER A 47 -0.65 15.67 2.08
C SER A 47 -0.84 16.08 0.64
N GLU A 48 -1.93 15.60 0.04
CA GLU A 48 -2.28 15.99 -1.30
C GLU A 48 -1.19 15.56 -2.30
N ASP A 49 -0.30 14.66 -1.87
CA ASP A 49 0.75 14.13 -2.73
C ASP A 49 0.15 13.18 -3.75
N LYS A 50 -0.56 13.77 -4.71
CA LYS A 50 -1.17 13.07 -5.81
C LYS A 50 -2.10 11.97 -5.34
N THR A 51 -3.23 12.40 -4.79
CA THR A 51 -4.28 11.51 -4.33
C THR A 51 -3.69 10.43 -3.43
N ASP A 52 -2.68 10.85 -2.67
CA ASP A 52 -1.97 10.01 -1.71
C ASP A 52 -2.87 8.99 -1.03
N LYS A 53 -3.91 9.49 -0.37
CA LYS A 53 -4.88 8.66 0.35
C LYS A 53 -4.31 8.19 1.68
N GLY A 54 -2.99 8.11 1.75
CA GLY A 54 -2.32 7.95 3.02
C GLY A 54 -1.94 6.52 3.35
N ILE A 55 -2.38 5.57 2.55
CA ILE A 55 -1.97 4.19 2.71
C ILE A 55 -1.51 3.64 1.38
N TYR A 56 -0.22 3.38 1.26
CA TYR A 56 0.32 2.87 0.01
C TYR A 56 1.64 2.12 0.27
N VAL A 57 1.99 1.21 -0.63
CA VAL A 57 3.24 0.53 -0.57
C VAL A 57 4.34 1.43 -1.08
N THR A 58 5.41 1.47 -0.33
CA THR A 58 6.57 2.25 -0.71
C THR A 58 7.68 1.33 -1.20
N ARG A 59 7.57 0.04 -0.89
CA ARG A 59 8.54 -0.94 -1.33
C ARG A 59 8.15 -2.35 -0.95
N VAL A 60 8.93 -3.29 -1.43
CA VAL A 60 8.66 -4.70 -1.32
C VAL A 60 9.94 -5.40 -0.92
N SER A 61 9.83 -6.48 -0.17
CA SER A 61 11.00 -7.33 0.01
C SER A 61 11.06 -8.26 -1.17
N GLU A 62 12.18 -8.20 -1.81
CA GLU A 62 12.39 -8.82 -3.08
C GLU A 62 12.40 -10.31 -2.99
N GLY A 63 11.73 -10.84 -3.96
CA GLY A 63 11.58 -12.27 -4.11
C GLY A 63 10.88 -12.89 -2.94
N GLY A 64 9.98 -12.12 -2.34
CA GLY A 64 9.34 -12.56 -1.14
C GLY A 64 7.92 -13.01 -1.41
N PRO A 65 6.97 -12.49 -0.65
CA PRO A 65 5.57 -12.85 -0.74
C PRO A 65 4.71 -11.91 -1.56
N ALA A 66 5.03 -10.64 -1.51
CA ALA A 66 4.13 -9.61 -2.00
C ALA A 66 4.18 -9.59 -3.49
N GLU A 67 5.37 -9.66 -3.99
CA GLU A 67 5.60 -9.41 -5.37
C GLU A 67 5.18 -10.59 -6.18
N ILE A 68 5.18 -11.76 -5.54
CA ILE A 68 4.78 -12.95 -6.20
C ILE A 68 3.29 -13.02 -6.20
N ALA A 69 2.76 -12.33 -5.22
CA ALA A 69 1.34 -12.11 -5.14
C ALA A 69 0.94 -11.22 -6.31
N GLY A 70 1.92 -10.45 -6.76
CA GLY A 70 1.69 -9.50 -7.84
C GLY A 70 1.75 -8.09 -7.34
N LEU A 71 2.69 -7.82 -6.46
CA LEU A 71 2.81 -6.56 -5.79
C LEU A 71 4.17 -5.98 -6.13
N GLN A 72 4.27 -4.70 -6.04
CA GLN A 72 5.43 -4.00 -6.48
C GLN A 72 5.45 -2.61 -5.88
N ILE A 73 6.41 -1.80 -6.26
CA ILE A 73 6.68 -0.58 -5.57
C ILE A 73 5.78 0.58 -5.99
N GLY A 74 4.94 1.02 -5.06
CA GLY A 74 4.33 2.34 -5.18
C GLY A 74 2.85 2.30 -5.52
N ASP A 75 2.06 1.66 -4.68
CA ASP A 75 0.64 1.54 -4.92
C ASP A 75 -0.15 1.74 -3.66
N LYS A 76 -1.35 2.25 -3.79
CA LYS A 76 -2.13 2.62 -2.63
C LYS A 76 -3.04 1.49 -2.21
N ILE A 77 -2.69 0.88 -1.09
CA ILE A 77 -3.47 -0.19 -0.51
C ILE A 77 -4.68 0.39 0.20
N MET A 78 -5.85 0.23 -0.38
CA MET A 78 -7.05 0.86 0.14
C MET A 78 -7.69 0.02 1.22
N GLN A 79 -7.59 -1.29 1.08
CA GLN A 79 -8.16 -2.20 2.06
C GLN A 79 -7.42 -3.48 2.13
N VAL A 80 -7.68 -4.14 3.24
CA VAL A 80 -7.04 -5.38 3.56
C VAL A 80 -8.08 -6.46 3.78
N ASN A 81 -8.00 -7.53 3.00
CA ASN A 81 -8.91 -8.65 3.12
C ASN A 81 -10.36 -8.24 2.85
N GLY A 82 -10.55 -6.98 2.51
CA GLY A 82 -11.86 -6.51 2.11
C GLY A 82 -12.35 -5.31 2.90
N TRP A 83 -11.59 -4.84 3.89
CA TRP A 83 -12.01 -3.70 4.66
C TRP A 83 -11.00 -2.57 4.58
N ASP A 84 -11.44 -1.52 3.92
CA ASP A 84 -10.75 -0.23 3.83
C ASP A 84 -9.80 0.03 5.00
N MET A 85 -8.52 0.13 4.69
CA MET A 85 -7.48 0.42 5.70
C MET A 85 -7.32 1.91 5.94
N THR A 86 -7.75 2.72 4.97
CA THR A 86 -7.45 4.15 5.00
C THR A 86 -8.32 4.91 6.00
N MET A 87 -9.45 4.35 6.35
CA MET A 87 -10.33 4.95 7.35
C MET A 87 -9.92 4.50 8.76
N VAL A 88 -8.84 3.74 8.83
CA VAL A 88 -8.29 3.28 10.07
C VAL A 88 -6.90 3.91 10.26
N THR A 89 -6.22 3.63 11.38
CA THR A 89 -4.89 4.21 11.59
C THR A 89 -3.83 3.17 11.19
N HIS A 90 -2.60 3.61 11.04
CA HIS A 90 -1.54 2.75 10.54
C HIS A 90 -1.26 1.62 11.53
N ASP A 91 -1.40 1.94 12.79
CA ASP A 91 -1.22 0.96 13.87
C ASP A 91 -2.45 0.07 13.96
N GLN A 92 -3.60 0.61 13.59
CA GLN A 92 -4.83 -0.16 13.50
C GLN A 92 -4.72 -1.15 12.37
N ALA A 93 -4.25 -0.66 11.24
CA ALA A 93 -4.04 -1.47 10.07
C ALA A 93 -3.06 -2.55 10.42
N ARG A 94 -2.08 -2.18 11.23
CA ARG A 94 -1.09 -3.10 11.75
C ARG A 94 -1.76 -4.31 12.38
N LYS A 95 -2.71 -4.03 13.26
CA LYS A 95 -3.37 -5.06 14.05
C LYS A 95 -4.21 -6.01 13.20
N ARG A 96 -4.81 -5.52 12.13
CA ARG A 96 -5.70 -6.34 11.32
C ARG A 96 -4.98 -7.12 10.23
N LEU A 97 -3.76 -6.73 9.89
CA LEU A 97 -2.96 -7.47 8.92
C LEU A 97 -2.15 -8.57 9.61
N THR A 98 -1.92 -8.38 10.91
CA THR A 98 -1.31 -9.40 11.73
C THR A 98 -2.25 -9.84 12.84
N LYS A 99 -3.48 -10.19 12.47
CA LYS A 99 -4.48 -10.58 13.46
C LYS A 99 -4.31 -12.04 13.83
N ARG A 100 -3.40 -12.68 13.11
CA ARG A 100 -3.05 -14.09 13.32
C ARG A 100 -4.22 -15.01 12.99
N SER A 101 -5.24 -14.44 12.36
CA SER A 101 -6.42 -15.18 11.99
C SER A 101 -6.47 -15.36 10.47
N GLU A 102 -5.36 -15.07 9.82
CA GLU A 102 -5.28 -15.16 8.39
C GLU A 102 -4.00 -15.87 7.99
N GLU A 103 -4.05 -16.42 6.81
CA GLU A 103 -2.91 -17.10 6.22
C GLU A 103 -2.25 -16.20 5.23
N VAL A 104 -2.89 -15.10 4.99
CA VAL A 104 -2.57 -14.29 3.86
C VAL A 104 -3.21 -12.92 3.99
N VAL A 105 -2.61 -11.91 3.38
CA VAL A 105 -3.18 -10.57 3.47
C VAL A 105 -3.62 -10.13 2.09
N ARG A 106 -4.92 -10.07 1.91
CA ARG A 106 -5.47 -9.70 0.64
C ARG A 106 -5.62 -8.21 0.55
N LEU A 107 -5.34 -7.67 -0.60
CA LEU A 107 -5.30 -6.24 -0.74
C LEU A 107 -6.22 -5.73 -1.83
N LEU A 108 -6.78 -4.57 -1.57
CA LEU A 108 -7.45 -3.80 -2.62
C LEU A 108 -6.59 -2.57 -2.88
N VAL A 109 -5.93 -2.54 -4.02
CA VAL A 109 -4.92 -1.56 -4.26
C VAL A 109 -5.22 -0.76 -5.51
N THR A 110 -4.52 0.34 -5.62
CA THR A 110 -4.71 1.24 -6.74
C THR A 110 -3.39 1.49 -7.48
N ARG A 111 -3.33 1.00 -8.71
CA ARG A 111 -2.20 1.19 -9.56
C ARG A 111 -2.34 2.41 -10.42
N GLN A 112 -1.21 2.90 -10.87
CA GLN A 112 -1.13 3.99 -11.80
C GLN A 112 -0.99 3.44 -13.20
N SER A 113 -0.35 2.28 -13.24
CA SER A 113 -0.26 1.44 -14.44
C SER A 113 0.82 1.92 -15.38
N LEU A 114 1.72 2.69 -14.84
CA LEU A 114 2.74 3.35 -15.62
C LEU A 114 4.11 2.83 -15.23
N GLN A 115 4.08 1.58 -14.89
CA GLN A 115 5.25 0.82 -14.51
C GLN A 115 6.30 0.70 -15.63
N LYS A 116 7.00 1.81 -15.88
CA LYS A 116 8.10 1.89 -16.87
C LYS A 116 7.58 1.85 -18.31
N ALA A 117 8.30 2.56 -19.18
CA ALA A 117 7.94 2.65 -20.60
C ALA A 117 9.08 3.27 -21.37
N VAL A 118 10.27 2.91 -20.96
CA VAL A 118 11.48 3.52 -21.47
C VAL A 118 12.18 2.57 -22.43
N GLN A 119 11.72 2.61 -23.66
CA GLN A 119 12.30 1.81 -24.73
C GLN A 119 12.59 2.68 -25.96
N GLN A 120 13.79 2.51 -26.52
CA GLN A 120 14.24 3.26 -27.69
C GLN A 120 14.12 4.78 -27.50
N SER A 121 15.12 5.36 -26.83
CA SER A 121 15.11 6.79 -26.57
C SER A 121 15.66 7.57 -27.77
N MET A 122 16.19 6.84 -28.76
CA MET A 122 16.79 7.46 -29.94
C MET A 122 15.75 7.69 -31.04
N LEU A 123 14.86 6.74 -31.19
CA LEU A 123 13.84 6.81 -32.23
C LEU A 123 12.48 7.13 -31.63
N SER A 124 12.04 8.37 -31.81
CA SER A 124 10.74 8.80 -31.31
C SER A 124 9.63 7.98 -31.93
N LYS B 1 -1.35 13.09 7.00
CA LYS B 1 -0.01 13.39 7.51
C LYS B 1 0.88 12.14 7.45
N GLU B 2 2.02 12.23 6.79
CA GLU B 2 2.85 11.04 6.54
C GLU B 2 4.25 11.12 7.13
N ASN B 3 4.61 10.07 7.85
CA ASN B 3 5.98 9.93 8.36
C ASN B 3 6.20 8.50 8.87
N LEU B 4 5.31 7.59 8.49
CA LEU B 4 5.42 6.20 8.92
C LEU B 4 5.77 5.26 7.79
N GLU B 5 6.74 4.40 8.07
CA GLU B 5 7.00 3.22 7.27
C GLU B 5 6.90 1.99 8.15
N SER B 6 6.65 0.85 7.55
CA SER B 6 6.63 -0.40 8.27
C SER B 6 6.83 -1.58 7.34
N MET B 7 7.88 -2.38 7.56
CA MET B 7 7.95 -3.67 6.91
C MET B 7 7.18 -4.65 7.75
N VAL B 8 6.01 -4.97 7.28
CA VAL B 8 5.18 -5.94 7.95
C VAL B 8 5.66 -7.33 7.60
N MET A 1 5.84 5.02 -32.68
CA MET A 1 6.99 4.09 -32.68
C MET A 1 7.55 3.88 -31.27
N SER A 2 7.75 4.97 -30.55
CA SER A 2 8.34 4.91 -29.21
C SER A 2 7.26 4.61 -28.17
N TYR A 3 6.34 5.54 -27.96
CA TYR A 3 5.25 5.35 -27.02
C TYR A 3 3.92 5.26 -27.76
N ILE A 4 2.84 5.17 -27.00
CA ILE A 4 1.50 5.10 -27.59
C ILE A 4 0.60 6.16 -26.96
N PRO A 5 0.43 7.29 -27.65
CA PRO A 5 -0.44 8.37 -27.20
C PRO A 5 -1.91 8.04 -27.41
N GLY A 6 -2.75 8.42 -26.47
CA GLY A 6 -4.16 8.18 -26.60
C GLY A 6 -4.71 7.26 -25.53
N GLN A 7 -3.92 6.27 -25.14
CA GLN A 7 -4.37 5.32 -24.13
C GLN A 7 -3.52 5.38 -22.87
N PRO A 8 -3.85 6.29 -21.94
CA PRO A 8 -3.31 6.30 -20.60
C PRO A 8 -4.29 5.70 -19.58
N VAL A 9 -3.78 5.13 -18.51
CA VAL A 9 -4.65 4.64 -17.45
C VAL A 9 -4.57 5.58 -16.26
N THR A 10 -5.64 5.61 -15.52
CA THR A 10 -5.80 6.55 -14.43
C THR A 10 -5.24 5.99 -13.14
N ALA A 11 -5.73 4.83 -12.81
CA ALA A 11 -5.35 4.11 -11.62
C ALA A 11 -5.91 2.72 -11.69
N VAL A 12 -5.15 1.83 -11.14
CA VAL A 12 -5.47 0.43 -11.23
C VAL A 12 -6.04 -0.06 -9.92
N VAL A 13 -7.27 -0.48 -9.97
CA VAL A 13 -7.91 -1.03 -8.80
C VAL A 13 -7.78 -2.53 -8.86
N GLN A 14 -6.89 -3.05 -8.05
CA GLN A 14 -6.59 -4.46 -8.07
C GLN A 14 -6.55 -5.04 -6.67
N ARG A 15 -6.77 -6.33 -6.63
CA ARG A 15 -6.89 -7.08 -5.42
C ARG A 15 -5.77 -8.08 -5.37
N VAL A 16 -4.96 -8.01 -4.34
CA VAL A 16 -3.79 -8.83 -4.25
C VAL A 16 -3.65 -9.37 -2.83
N GLU A 17 -3.38 -10.65 -2.74
CA GLU A 17 -3.28 -11.31 -1.45
C GLU A 17 -1.83 -11.65 -1.13
N ILE A 18 -1.30 -10.91 -0.17
CA ILE A 18 0.09 -10.99 0.19
C ILE A 18 0.34 -11.96 1.32
N HIS A 19 1.15 -12.94 1.05
CA HIS A 19 1.57 -13.89 2.04
C HIS A 19 3.03 -14.30 1.86
N LYS A 20 3.87 -13.97 2.84
CA LYS A 20 5.26 -14.40 2.80
C LYS A 20 5.40 -15.79 3.40
N LEU A 21 5.43 -15.85 4.71
CA LEU A 21 5.63 -17.12 5.40
C LEU A 21 4.99 -17.12 6.79
N ARG A 22 4.06 -18.03 6.98
CA ARG A 22 3.56 -18.33 8.31
C ARG A 22 4.58 -19.20 9.03
N GLN A 23 5.19 -18.64 10.05
CA GLN A 23 6.16 -19.36 10.85
C GLN A 23 5.75 -19.39 12.30
N GLY A 24 4.68 -20.12 12.52
CA GLY A 24 4.24 -20.38 13.87
C GLY A 24 3.60 -19.18 14.49
N GLU A 25 4.39 -18.51 15.31
CA GLU A 25 3.98 -17.28 15.94
C GLU A 25 4.03 -16.15 14.93
N ASN A 26 4.57 -16.45 13.77
CA ASN A 26 4.82 -15.46 12.80
C ASN A 26 3.94 -15.65 11.62
N LEU A 27 3.44 -14.56 11.25
CA LEU A 27 2.76 -14.36 10.00
C LEU A 27 3.50 -13.26 9.30
N ILE A 28 4.19 -13.60 8.24
CA ILE A 28 5.08 -12.67 7.60
C ILE A 28 4.52 -12.18 6.29
N LEU A 29 4.59 -10.87 6.11
CA LEU A 29 4.26 -10.21 4.86
C LEU A 29 5.55 -9.80 4.18
N GLY A 30 6.52 -9.49 5.01
CA GLY A 30 7.88 -9.21 4.55
C GLY A 30 8.12 -7.77 4.12
N PHE A 31 7.33 -7.31 3.16
CA PHE A 31 7.47 -5.97 2.59
C PHE A 31 7.03 -4.88 3.58
N SER A 32 7.03 -3.62 3.12
CA SER A 32 6.65 -2.51 3.99
C SER A 32 5.78 -1.50 3.25
N ILE A 33 4.90 -0.79 3.98
CA ILE A 33 4.01 0.18 3.34
C ILE A 33 4.00 1.45 4.14
N GLY A 34 4.00 2.56 3.43
CA GLY A 34 4.06 3.84 4.08
C GLY A 34 2.73 4.54 4.08
N GLY A 35 2.25 4.88 5.26
CA GLY A 35 0.98 5.52 5.37
C GLY A 35 0.81 6.16 6.72
N GLY A 36 0.50 7.44 6.73
CA GLY A 36 0.27 8.12 7.99
C GLY A 36 0.76 9.54 7.96
N ILE A 37 1.71 9.79 7.04
CA ILE A 37 2.59 10.97 7.10
C ILE A 37 1.85 12.27 7.38
N ASP A 38 0.77 12.49 6.67
CA ASP A 38 -0.06 13.65 6.90
C ASP A 38 -1.51 13.21 6.87
N GLN A 39 -1.70 11.90 6.70
CA GLN A 39 -3.02 11.37 6.43
C GLN A 39 -3.63 10.62 7.60
N ASP A 40 -2.81 10.26 8.58
CA ASP A 40 -3.28 9.49 9.71
C ASP A 40 -4.47 10.18 10.36
N PRO A 41 -5.54 9.42 10.55
CA PRO A 41 -6.84 9.93 11.02
C PRO A 41 -6.74 10.56 12.40
N SER A 42 -5.67 10.24 13.09
CA SER A 42 -5.41 10.81 14.39
C SER A 42 -5.01 12.28 14.24
N GLN A 43 -4.19 12.58 13.24
CA GLN A 43 -3.73 13.93 13.00
C GLN A 43 -4.52 14.59 11.89
N ASN A 44 -5.18 13.76 11.12
CA ASN A 44 -5.98 14.18 9.97
C ASN A 44 -7.29 13.40 9.95
N PRO A 45 -8.31 13.90 10.65
CA PRO A 45 -9.62 13.25 10.72
C PRO A 45 -10.32 13.22 9.36
N PHE A 46 -9.73 13.92 8.40
CA PHE A 46 -10.26 13.97 7.06
C PHE A 46 -9.58 12.91 6.19
N SER A 47 -8.27 13.09 5.96
CA SER A 47 -7.49 12.24 5.08
C SER A 47 -6.22 12.98 4.69
N GLU A 48 -6.41 13.97 3.84
CA GLU A 48 -5.35 14.79 3.32
C GLU A 48 -5.95 15.71 2.27
N ASP A 49 -6.40 15.10 1.20
CA ASP A 49 -7.11 15.80 0.15
C ASP A 49 -8.51 15.23 0.06
N LYS A 50 -8.60 14.08 -0.58
CA LYS A 50 -9.83 13.29 -0.59
C LYS A 50 -9.58 12.00 -1.32
N THR A 51 -8.80 12.10 -2.38
CA THR A 51 -8.42 10.95 -3.13
C THR A 51 -7.06 10.47 -2.67
N ASP A 52 -6.56 11.10 -1.59
CA ASP A 52 -5.22 10.77 -1.11
C ASP A 52 -5.22 9.45 -0.35
N LYS A 53 -5.88 9.46 0.81
CA LYS A 53 -5.94 8.30 1.71
C LYS A 53 -4.63 8.19 2.46
N GLY A 54 -3.56 8.32 1.72
CA GLY A 54 -2.25 8.45 2.29
C GLY A 54 -1.67 7.13 2.76
N ILE A 55 -2.16 6.06 2.16
CA ILE A 55 -1.72 4.71 2.50
C ILE A 55 -1.28 3.99 1.23
N TYR A 56 0.02 3.74 1.10
CA TYR A 56 0.55 3.09 -0.09
C TYR A 56 1.81 2.31 0.25
N VAL A 57 2.13 1.32 -0.57
CA VAL A 57 3.32 0.56 -0.40
C VAL A 57 4.52 1.38 -0.80
N THR A 58 5.54 1.32 0.03
CA THR A 58 6.76 2.04 -0.17
C THR A 58 7.83 1.12 -0.70
N ARG A 59 7.69 -0.15 -0.36
CA ARG A 59 8.61 -1.15 -0.80
C ARG A 59 8.02 -2.54 -0.70
N VAL A 60 8.79 -3.48 -1.22
CA VAL A 60 8.43 -4.87 -1.28
C VAL A 60 9.71 -5.66 -1.07
N SER A 61 9.64 -6.72 -0.29
CA SER A 61 10.79 -7.61 -0.19
C SER A 61 10.90 -8.43 -1.45
N GLU A 62 11.77 -7.98 -2.34
CA GLU A 62 11.80 -8.43 -3.69
C GLU A 62 12.10 -9.90 -3.81
N GLY A 63 11.45 -10.44 -4.80
CA GLY A 63 11.49 -11.85 -5.07
C GLY A 63 10.82 -12.61 -3.95
N GLY A 64 9.83 -11.98 -3.33
CA GLY A 64 9.23 -12.57 -2.17
C GLY A 64 7.78 -12.89 -2.36
N PRO A 65 6.94 -12.34 -1.49
CA PRO A 65 5.52 -12.65 -1.43
C PRO A 65 4.61 -11.67 -2.15
N ALA A 66 4.94 -10.42 -2.05
CA ALA A 66 4.00 -9.38 -2.38
C ALA A 66 3.91 -9.21 -3.87
N GLU A 67 5.05 -9.36 -4.48
CA GLU A 67 5.20 -9.08 -5.89
C GLU A 67 4.69 -10.25 -6.70
N ILE A 68 4.76 -11.42 -6.09
CA ILE A 68 4.35 -12.60 -6.76
C ILE A 68 2.86 -12.74 -6.62
N ALA A 69 2.39 -12.14 -5.57
CA ALA A 69 0.99 -11.95 -5.39
C ALA A 69 0.53 -10.93 -6.43
N GLY A 70 1.46 -10.08 -6.82
CA GLY A 70 1.18 -9.09 -7.85
C GLY A 70 1.25 -7.66 -7.32
N LEU A 71 2.24 -7.37 -6.49
CA LEU A 71 2.42 -6.06 -5.95
C LEU A 71 3.68 -5.46 -6.49
N GLN A 72 3.96 -4.25 -6.07
CA GLN A 72 5.02 -3.45 -6.62
C GLN A 72 5.42 -2.42 -5.60
N ILE A 73 6.37 -1.61 -5.99
CA ILE A 73 6.79 -0.50 -5.19
C ILE A 73 6.00 0.76 -5.52
N GLY A 74 5.19 1.23 -4.58
CA GLY A 74 4.60 2.55 -4.69
C GLY A 74 3.17 2.52 -5.15
N ASP A 75 2.31 1.83 -4.41
CA ASP A 75 0.92 1.66 -4.80
C ASP A 75 0.02 1.78 -3.58
N LYS A 76 -1.14 2.39 -3.75
CA LYS A 76 -1.95 2.79 -2.61
C LYS A 76 -2.91 1.70 -2.19
N ILE A 77 -2.62 1.10 -1.04
CA ILE A 77 -3.48 0.09 -0.45
C ILE A 77 -4.73 0.73 0.15
N MET A 78 -5.88 0.36 -0.37
CA MET A 78 -7.13 1.00 0.02
C MET A 78 -7.96 0.09 0.91
N GLN A 79 -7.66 -1.19 0.88
CA GLN A 79 -8.41 -2.17 1.65
C GLN A 79 -7.54 -3.31 2.07
N VAL A 80 -8.01 -4.01 3.08
CA VAL A 80 -7.24 -5.11 3.61
C VAL A 80 -8.14 -6.19 4.14
N ASN A 81 -7.82 -7.45 3.83
CA ASN A 81 -8.57 -8.59 4.31
C ASN A 81 -9.97 -8.59 3.68
N GLY A 82 -10.18 -7.62 2.79
CA GLY A 82 -11.40 -7.54 2.03
C GLY A 82 -12.21 -6.30 2.33
N TRP A 83 -11.66 -5.37 3.11
CA TRP A 83 -12.37 -4.18 3.46
C TRP A 83 -11.52 -2.94 3.35
N ASP A 84 -12.12 -1.96 2.70
CA ASP A 84 -11.59 -0.61 2.59
C ASP A 84 -11.09 -0.09 3.94
N MET A 85 -9.78 0.08 4.02
CA MET A 85 -9.09 0.49 5.25
C MET A 85 -8.65 1.95 5.20
N THR A 86 -9.34 2.77 4.42
CA THR A 86 -8.88 4.12 4.12
C THR A 86 -8.83 5.04 5.35
N MET A 87 -9.86 5.00 6.16
CA MET A 87 -9.95 5.90 7.31
C MET A 87 -9.45 5.22 8.58
N VAL A 88 -8.74 4.14 8.37
CA VAL A 88 -8.10 3.39 9.43
C VAL A 88 -6.67 3.94 9.63
N THR A 89 -5.99 3.63 10.74
CA THR A 89 -4.63 4.14 10.86
C THR A 89 -3.63 3.04 10.65
N HIS A 90 -2.37 3.41 10.55
CA HIS A 90 -1.35 2.46 10.23
C HIS A 90 -1.11 1.51 11.39
N ASP A 91 -1.27 2.00 12.60
CA ASP A 91 -1.11 1.16 13.78
C ASP A 91 -2.29 0.21 13.86
N GLN A 92 -3.44 0.83 13.71
CA GLN A 92 -4.71 0.18 13.54
C GLN A 92 -4.58 -1.00 12.57
N ALA A 93 -4.14 -0.69 11.36
CA ALA A 93 -4.04 -1.68 10.31
C ALA A 93 -2.92 -2.66 10.61
N ARG A 94 -1.84 -2.17 11.23
CA ARG A 94 -0.65 -2.97 11.39
C ARG A 94 -0.88 -4.10 12.40
N LYS A 95 -1.57 -3.79 13.48
CA LYS A 95 -1.83 -4.78 14.50
C LYS A 95 -2.94 -5.73 14.06
N ARG A 96 -3.82 -5.26 13.17
CA ARG A 96 -4.92 -6.09 12.73
C ARG A 96 -4.53 -6.96 11.54
N LEU A 97 -3.50 -6.53 10.81
CA LEU A 97 -2.99 -7.31 9.68
C LEU A 97 -2.16 -8.48 10.21
N THR A 98 -1.61 -8.31 11.40
CA THR A 98 -0.91 -9.40 12.07
C THR A 98 -1.80 -10.02 13.15
N LYS A 99 -3.08 -10.26 12.81
CA LYS A 99 -4.03 -10.77 13.79
C LYS A 99 -3.75 -12.21 14.14
N ARG A 100 -2.81 -12.79 13.42
CA ARG A 100 -2.36 -14.16 13.63
C ARG A 100 -3.48 -15.16 13.31
N SER A 101 -4.50 -14.67 12.63
CA SER A 101 -5.63 -15.48 12.24
C SER A 101 -5.76 -15.55 10.71
N GLU A 102 -4.74 -15.10 10.01
CA GLU A 102 -4.68 -15.22 8.58
C GLU A 102 -3.42 -15.98 8.22
N GLU A 103 -3.19 -16.10 6.96
CA GLU A 103 -1.99 -16.72 6.43
C GLU A 103 -1.62 -15.94 5.22
N VAL A 104 -2.22 -14.78 5.18
CA VAL A 104 -2.27 -14.01 3.98
C VAL A 104 -3.04 -12.71 4.21
N VAL A 105 -2.62 -11.65 3.54
CA VAL A 105 -3.32 -10.39 3.67
C VAL A 105 -3.88 -9.97 2.34
N ARG A 106 -5.20 -9.85 2.26
CA ARG A 106 -5.81 -9.49 1.03
C ARG A 106 -5.88 -7.99 0.92
N LEU A 107 -5.50 -7.48 -0.22
CA LEU A 107 -5.37 -6.06 -0.37
C LEU A 107 -6.20 -5.55 -1.51
N LEU A 108 -6.53 -4.29 -1.40
CA LEU A 108 -7.04 -3.52 -2.51
C LEU A 108 -6.08 -2.40 -2.66
N VAL A 109 -5.70 -2.09 -3.85
CA VAL A 109 -4.76 -1.06 -4.05
C VAL A 109 -5.10 -0.30 -5.30
N THR A 110 -4.26 0.65 -5.56
CA THR A 110 -4.33 1.46 -6.74
C THR A 110 -2.95 1.59 -7.27
N ARG A 111 -2.72 1.03 -8.43
CA ARG A 111 -1.44 1.04 -8.97
C ARG A 111 -1.21 2.31 -9.77
N GLN A 112 0.04 2.79 -9.72
CA GLN A 112 0.43 4.10 -10.18
C GLN A 112 -0.42 5.14 -9.51
N SER A 113 -1.58 5.25 -10.08
CA SER A 113 -2.63 6.14 -9.63
C SER A 113 -2.12 7.57 -9.53
N LEU A 114 -1.16 7.85 -10.37
CA LEU A 114 -0.46 9.12 -10.36
C LEU A 114 -0.46 9.69 -11.75
N GLN A 115 -1.16 8.97 -12.55
CA GLN A 115 -1.33 9.29 -13.96
C GLN A 115 -2.52 10.22 -14.15
N LYS A 116 -2.82 10.52 -15.41
CA LYS A 116 -3.97 11.34 -15.73
C LYS A 116 -5.24 10.59 -15.36
N ALA A 117 -6.09 11.24 -14.56
CA ALA A 117 -7.27 10.59 -14.03
C ALA A 117 -8.45 11.51 -14.19
N VAL A 118 -8.32 12.36 -15.18
CA VAL A 118 -9.29 13.38 -15.45
C VAL A 118 -10.19 12.96 -16.60
N GLN A 119 -11.14 12.12 -16.26
CA GLN A 119 -12.11 11.59 -17.22
C GLN A 119 -13.50 12.14 -16.94
N GLN A 120 -13.54 13.33 -16.37
CA GLN A 120 -14.80 13.96 -16.02
C GLN A 120 -15.46 14.57 -17.25
N SER A 121 -15.85 13.70 -18.17
CA SER A 121 -16.61 14.10 -19.34
C SER A 121 -18.07 13.67 -19.18
N MET A 122 -18.25 12.51 -18.58
CA MET A 122 -19.59 11.97 -18.35
C MET A 122 -19.73 11.52 -16.91
N LEU A 123 -20.59 12.19 -16.17
CA LEU A 123 -20.83 11.82 -14.79
C LEU A 123 -22.19 11.11 -14.69
N SER A 124 -22.14 9.79 -14.59
CA SER A 124 -23.36 9.00 -14.44
C SER A 124 -24.06 9.37 -13.14
N LYS B 1 -0.86 9.39 16.73
CA LYS B 1 -0.77 10.05 15.42
C LYS B 1 0.45 9.56 14.65
N GLU B 2 0.98 10.45 13.82
CA GLU B 2 2.23 10.23 13.09
C GLU B 2 2.08 9.22 11.95
N ASN B 3 3.21 8.85 11.38
CA ASN B 3 3.28 8.00 10.20
C ASN B 3 4.09 6.75 10.44
N LEU B 4 3.81 5.71 9.68
CA LEU B 4 4.59 4.48 9.78
C LEU B 4 4.84 3.88 8.42
N GLU B 5 5.82 2.98 8.36
CA GLU B 5 6.01 2.10 7.23
C GLU B 5 6.18 0.67 7.75
N SER B 6 5.25 -0.18 7.34
CA SER B 6 5.13 -1.49 7.97
C SER B 6 4.44 -2.47 7.03
N MET B 7 4.78 -3.75 7.18
CA MET B 7 3.95 -4.84 6.68
C MET B 7 4.36 -6.09 7.38
N VAL B 8 5.64 -6.15 7.71
CA VAL B 8 6.10 -7.05 8.72
C VAL B 8 6.41 -8.42 8.13
N MET A 1 -2.46 28.68 -16.81
CA MET A 1 -2.45 27.43 -16.02
C MET A 1 -1.92 26.29 -16.87
N SER A 2 -0.99 25.52 -16.31
CA SER A 2 -0.34 24.45 -17.06
C SER A 2 -0.66 23.08 -16.45
N TYR A 3 -1.32 23.10 -15.30
CA TYR A 3 -1.65 21.87 -14.60
C TYR A 3 -3.16 21.76 -14.43
N ILE A 4 -3.70 20.57 -14.67
CA ILE A 4 -5.12 20.32 -14.52
C ILE A 4 -5.37 19.34 -13.37
N PRO A 5 -5.66 19.86 -12.17
CA PRO A 5 -5.83 19.07 -10.95
C PRO A 5 -7.26 18.55 -10.79
N GLY A 6 -7.98 18.51 -11.88
CA GLY A 6 -9.37 18.09 -11.84
C GLY A 6 -9.62 16.80 -12.58
N GLN A 7 -8.64 16.37 -13.35
CA GLN A 7 -8.77 15.15 -14.13
C GLN A 7 -8.08 14.00 -13.42
N PRO A 8 -8.61 12.79 -13.57
CA PRO A 8 -8.08 11.59 -12.92
C PRO A 8 -6.62 11.32 -13.27
N VAL A 9 -5.86 10.89 -12.28
CA VAL A 9 -4.46 10.54 -12.46
C VAL A 9 -4.36 9.08 -12.84
N THR A 10 -5.53 8.52 -12.85
CA THR A 10 -5.80 7.15 -13.22
C THR A 10 -5.22 6.17 -12.23
N ALA A 11 -6.13 5.67 -11.43
CA ALA A 11 -5.83 4.71 -10.39
C ALA A 11 -6.43 3.38 -10.73
N VAL A 12 -5.58 2.46 -11.05
CA VAL A 12 -5.96 1.11 -11.33
C VAL A 12 -6.31 0.43 -10.03
N VAL A 13 -7.51 -0.05 -9.94
CA VAL A 13 -7.94 -0.80 -8.79
C VAL A 13 -7.85 -2.29 -9.09
N GLN A 14 -7.01 -2.98 -8.35
CA GLN A 14 -6.87 -4.40 -8.50
C GLN A 14 -6.73 -5.03 -7.13
N ARG A 15 -6.79 -6.33 -7.11
CA ARG A 15 -6.77 -7.08 -5.91
C ARG A 15 -5.55 -7.95 -5.88
N VAL A 16 -4.96 -8.11 -4.72
CA VAL A 16 -3.78 -8.89 -4.60
C VAL A 16 -3.96 -9.82 -3.43
N GLU A 17 -3.37 -10.98 -3.51
CA GLU A 17 -3.40 -11.88 -2.40
C GLU A 17 -2.01 -11.91 -1.76
N ILE A 18 -1.93 -11.31 -0.59
CA ILE A 18 -0.68 -11.00 0.08
C ILE A 18 -0.85 -11.06 1.57
N HIS A 19 -0.21 -12.02 2.15
CA HIS A 19 0.00 -12.03 3.57
C HIS A 19 1.32 -12.69 3.92
N LYS A 20 1.69 -12.50 5.18
CA LYS A 20 2.90 -13.07 5.79
C LYS A 20 3.38 -14.38 5.16
N LEU A 21 4.70 -14.53 5.11
CA LEU A 21 5.32 -15.60 4.34
C LEU A 21 6.25 -16.40 5.22
N ARG A 22 6.07 -17.70 5.18
CA ARG A 22 6.77 -18.62 6.05
C ARG A 22 8.28 -18.59 5.87
N GLN A 23 8.95 -18.27 6.97
CA GLN A 23 10.39 -18.34 7.08
C GLN A 23 10.78 -18.98 8.39
N GLY A 24 10.52 -20.27 8.44
CA GLY A 24 10.84 -21.08 9.59
C GLY A 24 9.89 -20.84 10.72
N GLU A 25 10.40 -20.16 11.74
CA GLU A 25 9.60 -19.80 12.88
C GLU A 25 8.83 -18.52 12.57
N ASN A 26 9.08 -18.01 11.37
CA ASN A 26 8.54 -16.78 10.98
C ASN A 26 7.61 -17.00 9.86
N LEU A 27 6.71 -16.13 9.78
CA LEU A 27 5.94 -15.90 8.60
C LEU A 27 5.59 -14.44 8.51
N ILE A 28 6.20 -13.84 7.53
CA ILE A 28 6.19 -12.39 7.35
C ILE A 28 6.38 -11.97 5.92
N LEU A 29 5.93 -10.76 5.62
CA LEU A 29 6.05 -10.20 4.28
C LEU A 29 7.48 -9.76 4.03
N GLY A 30 7.93 -8.82 4.84
CA GLY A 30 9.25 -8.25 4.67
C GLY A 30 9.22 -6.99 3.83
N PHE A 31 8.07 -6.64 3.28
CA PHE A 31 7.96 -5.42 2.47
C PHE A 31 7.50 -4.27 3.34
N SER A 32 7.60 -3.05 2.83
CA SER A 32 7.34 -1.88 3.66
C SER A 32 6.36 -0.93 2.99
N ILE A 33 5.57 -0.26 3.81
CA ILE A 33 4.49 0.55 3.31
C ILE A 33 4.58 1.94 3.90
N GLY A 34 4.12 2.91 3.16
CA GLY A 34 4.15 4.27 3.64
C GLY A 34 2.76 4.77 3.94
N GLY A 35 2.62 5.40 5.10
CA GLY A 35 1.35 5.93 5.50
C GLY A 35 1.46 7.37 5.95
N GLY A 36 0.57 8.22 5.44
CA GLY A 36 0.63 9.63 5.76
C GLY A 36 -0.72 10.20 6.16
N ILE A 37 -1.65 9.30 6.41
CA ILE A 37 -3.00 9.64 6.83
C ILE A 37 -3.03 10.54 8.07
N ASP A 38 -2.71 9.98 9.23
CA ASP A 38 -2.77 10.73 10.48
C ASP A 38 -1.36 11.14 10.88
N GLN A 39 -0.44 10.95 9.97
CA GLN A 39 0.98 11.23 10.24
C GLN A 39 1.32 12.71 10.17
N ASP A 40 1.92 13.13 9.07
CA ASP A 40 2.52 14.45 9.03
C ASP A 40 1.98 15.26 7.86
N PRO A 41 1.06 16.19 8.16
CA PRO A 41 0.54 17.15 7.17
C PRO A 41 1.67 18.05 6.69
N SER A 42 2.77 17.91 7.42
CA SER A 42 4.01 18.60 7.13
C SER A 42 4.44 18.36 5.70
N GLN A 43 4.24 17.13 5.22
CA GLN A 43 4.79 16.75 3.95
C GLN A 43 3.82 17.01 2.82
N ASN A 44 2.58 17.28 3.19
CA ASN A 44 1.55 17.61 2.21
C ASN A 44 0.47 18.50 2.81
N PRO A 45 0.58 19.81 2.59
CA PRO A 45 -0.44 20.76 3.00
C PRO A 45 -1.54 20.89 1.95
N PHE A 46 -1.27 20.34 0.77
CA PHE A 46 -2.19 20.45 -0.36
C PHE A 46 -3.18 19.29 -0.37
N SER A 47 -2.70 18.08 -0.14
CA SER A 47 -3.54 16.93 -0.25
C SER A 47 -3.31 15.99 0.92
N GLU A 48 -3.98 14.85 0.89
CA GLU A 48 -4.01 13.93 2.02
C GLU A 48 -4.88 12.71 1.67
N ASP A 49 -5.92 12.96 0.89
CA ASP A 49 -6.90 11.94 0.52
C ASP A 49 -7.90 12.53 -0.45
N LYS A 50 -7.38 12.95 -1.59
CA LYS A 50 -8.21 13.42 -2.68
C LYS A 50 -7.81 12.69 -3.94
N THR A 51 -6.52 12.73 -4.21
CA THR A 51 -5.95 11.99 -5.32
C THR A 51 -4.98 10.94 -4.80
N ASP A 52 -4.96 10.74 -3.49
CA ASP A 52 -3.90 9.92 -2.89
C ASP A 52 -4.43 8.76 -2.05
N LYS A 53 -5.18 9.10 -0.99
CA LYS A 53 -5.73 8.13 -0.02
C LYS A 53 -4.78 7.91 1.16
N GLY A 54 -3.52 8.30 1.00
CA GLY A 54 -2.61 8.39 2.13
C GLY A 54 -1.94 7.08 2.53
N ILE A 55 -2.31 5.98 1.87
CA ILE A 55 -1.70 4.68 2.14
C ILE A 55 -1.22 4.04 0.85
N TYR A 56 0.05 3.65 0.81
CA TYR A 56 0.61 2.96 -0.34
C TYR A 56 1.93 2.30 0.01
N VAL A 57 2.32 1.28 -0.74
CA VAL A 57 3.56 0.62 -0.54
C VAL A 57 4.70 1.48 -1.05
N THR A 58 5.78 1.50 -0.28
CA THR A 58 6.95 2.29 -0.61
C THR A 58 8.10 1.38 -1.04
N ARG A 59 7.99 0.09 -0.71
CA ARG A 59 8.95 -0.91 -1.15
C ARG A 59 8.43 -2.31 -0.88
N VAL A 60 9.18 -3.28 -1.38
CA VAL A 60 8.76 -4.66 -1.35
C VAL A 60 9.95 -5.56 -1.04
N SER A 61 9.71 -6.61 -0.28
CA SER A 61 10.68 -7.66 -0.15
C SER A 61 10.73 -8.46 -1.44
N GLU A 62 11.81 -8.28 -2.15
CA GLU A 62 11.96 -8.82 -3.46
C GLU A 62 12.01 -10.31 -3.45
N GLY A 63 11.27 -10.81 -4.38
CA GLY A 63 11.11 -12.23 -4.56
C GLY A 63 10.42 -12.86 -3.38
N GLY A 64 9.53 -12.10 -2.75
CA GLY A 64 8.89 -12.58 -1.56
C GLY A 64 7.45 -12.96 -1.83
N PRO A 65 6.53 -12.44 -1.03
CA PRO A 65 5.12 -12.77 -1.13
C PRO A 65 4.26 -11.77 -1.87
N ALA A 66 4.54 -10.50 -1.68
CA ALA A 66 3.60 -9.47 -2.07
C ALA A 66 3.68 -9.30 -3.56
N GLU A 67 4.90 -9.33 -4.04
CA GLU A 67 5.18 -8.91 -5.37
C GLU A 67 4.84 -10.03 -6.31
N ILE A 68 4.87 -11.25 -5.78
CA ILE A 68 4.55 -12.37 -6.57
C ILE A 68 3.07 -12.50 -6.65
N ALA A 69 2.47 -11.97 -5.61
CA ALA A 69 1.04 -11.82 -5.54
C ALA A 69 0.63 -10.83 -6.60
N GLY A 70 1.56 -9.94 -6.92
CA GLY A 70 1.28 -8.90 -7.89
C GLY A 70 1.33 -7.52 -7.27
N LEU A 71 2.32 -7.32 -6.43
CA LEU A 71 2.52 -6.09 -5.72
C LEU A 71 3.86 -5.57 -6.18
N GLN A 72 4.12 -4.32 -5.93
CA GLN A 72 5.17 -3.62 -6.57
C GLN A 72 5.52 -2.42 -5.74
N ILE A 73 6.43 -1.61 -6.22
CA ILE A 73 6.82 -0.43 -5.51
C ILE A 73 5.92 0.75 -5.87
N GLY A 74 5.15 1.22 -4.92
CA GLY A 74 4.37 2.42 -5.13
C GLY A 74 2.93 2.07 -5.45
N ASP A 75 2.33 1.35 -4.53
CA ASP A 75 1.05 0.70 -4.78
C ASP A 75 0.13 0.94 -3.59
N LYS A 76 -1.02 1.57 -3.82
CA LYS A 76 -1.79 2.10 -2.72
C LYS A 76 -2.68 1.03 -2.12
N ILE A 77 -2.31 0.58 -0.95
CA ILE A 77 -3.09 -0.42 -0.23
C ILE A 77 -4.31 0.23 0.42
N MET A 78 -5.47 -0.03 -0.14
CA MET A 78 -6.71 0.57 0.33
C MET A 78 -7.32 -0.28 1.43
N GLN A 79 -7.02 -1.57 1.38
CA GLN A 79 -7.53 -2.52 2.36
C GLN A 79 -6.79 -3.81 2.31
N VAL A 80 -6.89 -4.50 3.40
CA VAL A 80 -6.28 -5.80 3.54
C VAL A 80 -7.30 -6.82 4.01
N ASN A 81 -7.39 -7.94 3.31
CA ASN A 81 -8.36 -9.02 3.62
C ASN A 81 -9.80 -8.51 3.56
N GLY A 82 -9.95 -7.27 3.10
CA GLY A 82 -11.27 -6.68 2.96
C GLY A 82 -11.48 -5.50 3.90
N TRP A 83 -10.48 -5.21 4.73
CA TRP A 83 -10.60 -4.19 5.74
C TRP A 83 -9.99 -2.92 5.24
N ASP A 84 -10.77 -2.21 4.47
CA ASP A 84 -10.46 -0.82 4.09
C ASP A 84 -9.63 -0.14 5.17
N MET A 85 -8.34 -0.07 4.95
CA MET A 85 -7.43 0.49 5.92
C MET A 85 -7.23 1.99 5.74
N THR A 86 -8.09 2.62 4.94
CA THR A 86 -8.01 4.08 4.77
C THR A 86 -9.01 4.77 5.70
N MET A 87 -10.01 4.02 6.15
CA MET A 87 -10.98 4.55 7.10
C MET A 87 -10.51 4.30 8.53
N VAL A 88 -9.41 3.58 8.65
CA VAL A 88 -8.82 3.26 9.95
C VAL A 88 -7.54 4.07 10.17
N THR A 89 -6.84 3.79 11.25
CA THR A 89 -5.57 4.43 11.52
C THR A 89 -4.46 3.42 11.21
N HIS A 90 -3.23 3.87 11.10
CA HIS A 90 -2.15 3.00 10.62
C HIS A 90 -1.90 1.84 11.58
N ASP A 91 -2.07 2.10 12.86
CA ASP A 91 -1.91 1.06 13.88
C ASP A 91 -3.13 0.14 13.92
N GLN A 92 -4.28 0.68 13.53
CA GLN A 92 -5.49 -0.13 13.35
C GLN A 92 -5.29 -1.08 12.18
N ALA A 93 -4.79 -0.50 11.09
CA ALA A 93 -4.48 -1.25 9.90
C ALA A 93 -3.48 -2.32 10.27
N ARG A 94 -2.60 -1.97 11.19
CA ARG A 94 -1.63 -2.89 11.74
C ARG A 94 -2.33 -4.14 12.26
N LYS A 95 -3.34 -3.92 13.10
CA LYS A 95 -4.04 -5.02 13.76
C LYS A 95 -4.71 -5.95 12.76
N ARG A 96 -4.98 -5.45 11.56
CA ARG A 96 -5.51 -6.29 10.50
C ARG A 96 -4.41 -7.09 9.79
N LEU A 97 -3.32 -6.43 9.47
CA LEU A 97 -2.25 -7.05 8.70
C LEU A 97 -1.32 -7.93 9.55
N THR A 98 -1.27 -7.69 10.85
CA THR A 98 -0.44 -8.49 11.74
C THR A 98 -1.28 -9.37 12.66
N LYS A 99 -2.41 -9.86 12.16
CA LYS A 99 -3.21 -10.74 12.95
C LYS A 99 -2.86 -12.14 12.54
N ARG A 100 -2.85 -13.03 13.49
CA ARG A 100 -2.52 -14.42 13.27
C ARG A 100 -3.82 -15.17 13.02
N SER A 101 -4.75 -14.43 12.48
CA SER A 101 -6.11 -14.88 12.35
C SER A 101 -6.66 -14.60 10.96
N GLU A 102 -5.76 -14.25 10.04
CA GLU A 102 -6.13 -14.13 8.65
C GLU A 102 -6.19 -15.53 8.05
N GLU A 103 -7.03 -15.67 7.06
CA GLU A 103 -7.16 -16.94 6.38
C GLU A 103 -6.37 -16.94 5.11
N VAL A 104 -5.76 -15.81 4.84
CA VAL A 104 -5.13 -15.65 3.56
C VAL A 104 -4.37 -14.34 3.44
N VAL A 105 -3.78 -14.19 2.27
CA VAL A 105 -3.11 -13.11 1.80
C VAL A 105 -4.12 -12.27 0.98
N ARG A 106 -4.59 -11.13 1.49
CA ARG A 106 -5.51 -10.32 0.69
C ARG A 106 -5.23 -8.83 0.79
N LEU A 107 -5.28 -8.15 -0.35
CA LEU A 107 -5.20 -6.70 -0.43
C LEU A 107 -6.20 -6.13 -1.43
N LEU A 108 -6.56 -4.88 -1.23
CA LEU A 108 -7.10 -4.04 -2.29
C LEU A 108 -6.12 -2.90 -2.50
N VAL A 109 -5.74 -2.65 -3.75
CA VAL A 109 -4.68 -1.75 -4.02
C VAL A 109 -4.99 -0.95 -5.28
N THR A 110 -4.31 0.16 -5.36
CA THR A 110 -4.45 1.09 -6.46
C THR A 110 -3.10 1.55 -6.97
N ARG A 111 -2.77 1.19 -8.19
CA ARG A 111 -1.56 1.68 -8.81
C ARG A 111 -1.89 2.34 -10.13
N GLN A 112 -0.91 3.01 -10.71
CA GLN A 112 -1.12 3.76 -11.92
C GLN A 112 -0.76 2.91 -13.12
N SER A 113 0.40 2.26 -12.99
CA SER A 113 0.95 1.34 -13.97
C SER A 113 1.61 2.10 -15.10
N LEU A 114 1.73 3.38 -14.89
CA LEU A 114 2.40 4.26 -15.83
C LEU A 114 3.15 5.30 -15.02
N GLN A 115 3.07 5.04 -13.75
CA GLN A 115 3.60 5.87 -12.70
C GLN A 115 5.12 5.98 -12.76
N LYS A 116 5.64 6.94 -12.01
CA LYS A 116 7.06 7.17 -11.93
C LYS A 116 7.59 6.67 -10.59
N ALA A 117 8.70 5.96 -10.60
CA ALA A 117 9.26 5.41 -9.38
C ALA A 117 10.69 5.86 -9.26
N VAL A 118 10.96 6.91 -9.99
CA VAL A 118 12.29 7.46 -10.10
C VAL A 118 12.23 8.99 -9.97
N GLN A 119 12.27 9.46 -8.74
CA GLN A 119 12.15 10.88 -8.46
C GLN A 119 13.07 11.28 -7.31
N GLN A 120 13.07 12.56 -6.98
CA GLN A 120 13.93 13.07 -5.91
C GLN A 120 13.09 13.67 -4.80
N SER A 121 13.39 13.26 -3.57
CA SER A 121 12.68 13.76 -2.40
C SER A 121 13.63 13.89 -1.21
N MET A 122 14.03 15.11 -0.91
CA MET A 122 14.90 15.36 0.22
C MET A 122 14.08 15.48 1.51
N LEU A 123 14.50 14.78 2.55
CA LEU A 123 13.77 14.77 3.81
C LEU A 123 14.42 15.72 4.81
N SER A 124 13.63 16.16 5.77
CA SER A 124 14.11 17.04 6.82
C SER A 124 14.21 16.29 8.15
N LYS B 1 2.97 12.47 2.33
CA LYS B 1 2.62 13.06 3.63
C LYS B 1 2.84 12.03 4.75
N GLU B 2 3.79 11.13 4.51
CA GLU B 2 3.95 9.96 5.36
C GLU B 2 5.03 10.07 6.42
N ASN B 3 4.69 9.68 7.63
CA ASN B 3 5.66 9.61 8.72
C ASN B 3 5.90 8.16 9.08
N LEU B 4 4.86 7.36 8.90
CA LEU B 4 4.88 5.98 9.32
C LEU B 4 5.17 5.02 8.18
N GLU B 5 6.22 4.23 8.37
CA GLU B 5 6.50 3.12 7.47
C GLU B 5 6.30 1.84 8.27
N SER B 6 6.09 0.72 7.60
CA SER B 6 5.87 -0.53 8.30
C SER B 6 6.31 -1.74 7.48
N MET B 7 7.21 -2.53 8.04
CA MET B 7 7.53 -3.83 7.49
C MET B 7 6.66 -4.88 8.16
N VAL B 8 5.95 -5.65 7.37
CA VAL B 8 4.96 -6.57 7.90
C VAL B 8 5.30 -8.02 7.57
N MET A 1 -2.37 25.89 -19.12
CA MET A 1 -2.36 24.51 -18.61
C MET A 1 -3.51 23.72 -19.23
N SER A 2 -3.43 23.51 -20.53
CA SER A 2 -4.54 22.88 -21.26
C SER A 2 -4.10 21.58 -21.92
N TYR A 3 -5.02 20.61 -21.92
CA TYR A 3 -4.80 19.29 -22.53
C TYR A 3 -3.83 18.44 -21.72
N ILE A 4 -4.09 17.14 -21.67
CA ILE A 4 -3.28 16.24 -20.88
C ILE A 4 -2.70 15.13 -21.75
N PRO A 5 -1.45 15.30 -22.22
CA PRO A 5 -0.74 14.30 -23.00
C PRO A 5 -0.20 13.18 -22.13
N GLY A 6 -0.57 11.95 -22.45
CA GLY A 6 -0.16 10.81 -21.65
C GLY A 6 -0.91 10.75 -20.32
N GLN A 7 -2.21 11.00 -20.39
CA GLN A 7 -3.05 11.03 -19.20
C GLN A 7 -3.10 9.69 -18.49
N PRO A 8 -2.78 9.69 -17.18
CA PRO A 8 -2.80 8.47 -16.36
C PRO A 8 -4.21 7.93 -16.16
N VAL A 9 -4.29 6.70 -15.64
CA VAL A 9 -5.57 6.04 -15.43
C VAL A 9 -6.02 6.21 -13.99
N THR A 10 -5.25 7.01 -13.32
CA THR A 10 -5.47 7.46 -11.93
C THR A 10 -5.19 6.35 -10.92
N ALA A 11 -5.84 5.25 -11.12
CA ALA A 11 -5.67 4.07 -10.28
C ALA A 11 -6.20 2.85 -10.96
N VAL A 12 -5.33 1.91 -11.16
CA VAL A 12 -5.72 0.58 -11.54
C VAL A 12 -6.07 -0.16 -10.27
N VAL A 13 -7.17 -0.85 -10.30
CA VAL A 13 -7.69 -1.53 -9.13
C VAL A 13 -7.40 -3.02 -9.21
N GLN A 14 -6.63 -3.52 -8.26
CA GLN A 14 -6.32 -4.93 -8.20
C GLN A 14 -6.56 -5.47 -6.81
N ARG A 15 -7.02 -6.70 -6.78
CA ARG A 15 -7.25 -7.42 -5.58
C ARG A 15 -6.13 -8.43 -5.42
N VAL A 16 -5.24 -8.17 -4.49
CA VAL A 16 -4.05 -8.96 -4.38
C VAL A 16 -3.86 -9.39 -2.94
N GLU A 17 -3.39 -10.61 -2.76
CA GLU A 17 -3.25 -11.21 -1.46
C GLU A 17 -1.79 -11.52 -1.18
N ILE A 18 -1.25 -10.78 -0.24
CA ILE A 18 0.14 -10.78 0.07
C ILE A 18 0.36 -11.61 1.29
N HIS A 19 1.09 -12.65 1.14
CA HIS A 19 1.28 -13.51 2.26
C HIS A 19 2.55 -13.19 3.03
N LYS A 20 2.40 -12.18 3.88
CA LYS A 20 3.44 -11.70 4.78
C LYS A 20 2.87 -11.65 6.19
N LEU A 21 3.18 -12.67 6.97
CA LEU A 21 2.44 -12.96 8.17
C LEU A 21 3.29 -13.78 9.14
N ARG A 22 2.96 -13.71 10.40
CA ARG A 22 3.39 -14.71 11.33
C ARG A 22 2.49 -15.92 11.24
N GLN A 23 3.06 -16.97 10.73
CA GLN A 23 2.33 -18.19 10.46
C GLN A 23 3.13 -19.41 10.84
N GLY A 24 3.29 -19.56 12.14
CA GLY A 24 3.87 -20.76 12.69
C GLY A 24 5.33 -20.87 12.42
N GLU A 25 5.67 -21.65 11.43
CA GLU A 25 7.04 -21.82 11.01
C GLU A 25 7.44 -20.60 10.23
N ASN A 26 6.45 -19.82 9.86
CA ASN A 26 6.67 -18.73 8.96
C ASN A 26 6.57 -17.45 9.70
N LEU A 27 7.63 -16.78 9.61
CA LEU A 27 7.71 -15.42 10.06
C LEU A 27 8.04 -14.57 8.84
N ILE A 28 7.06 -13.84 8.39
CA ILE A 28 7.25 -12.90 7.32
C ILE A 28 6.75 -11.56 7.75
N LEU A 29 7.69 -10.61 7.71
CA LEU A 29 7.52 -9.25 8.22
C LEU A 29 8.62 -8.40 7.60
N GLY A 30 8.46 -8.10 6.31
CA GLY A 30 9.57 -7.56 5.54
C GLY A 30 9.25 -6.32 4.69
N PHE A 31 8.31 -6.41 3.75
CA PHE A 31 8.11 -5.32 2.80
C PHE A 31 7.50 -4.12 3.51
N SER A 32 7.67 -2.93 2.95
CA SER A 32 7.34 -1.72 3.72
C SER A 32 6.23 -0.95 3.05
N ILE A 33 5.39 -0.35 3.87
CA ILE A 33 4.27 0.43 3.39
C ILE A 33 4.28 1.77 4.08
N GLY A 34 3.78 2.78 3.40
CA GLY A 34 3.79 4.10 3.96
C GLY A 34 2.39 4.58 4.31
N GLY A 35 2.26 5.16 5.50
CA GLY A 35 0.99 5.70 5.94
C GLY A 35 1.15 7.06 6.58
N GLY A 36 0.34 8.01 6.16
CA GLY A 36 0.48 9.37 6.65
C GLY A 36 -0.85 10.11 6.73
N ILE A 37 -1.79 9.56 7.48
CA ILE A 37 -3.10 10.17 7.65
C ILE A 37 -3.44 10.34 9.12
N ASP A 38 -3.16 9.31 9.91
CA ASP A 38 -3.47 9.36 11.34
C ASP A 38 -2.20 9.71 12.11
N GLN A 39 -1.17 10.06 11.35
CA GLN A 39 0.13 10.34 11.92
C GLN A 39 0.51 11.82 11.81
N ASP A 40 0.72 12.27 10.59
CA ASP A 40 1.14 13.64 10.37
C ASP A 40 0.24 14.29 9.33
N PRO A 41 -0.30 15.46 9.66
CA PRO A 41 -1.24 16.19 8.79
C PRO A 41 -0.52 16.94 7.69
N SER A 42 0.77 17.10 7.87
CA SER A 42 1.56 17.87 6.94
C SER A 42 1.99 17.00 5.77
N GLN A 43 1.76 15.66 5.87
CA GLN A 43 2.00 14.77 4.74
C GLN A 43 1.22 15.27 3.56
N ASN A 44 0.11 15.89 3.86
CA ASN A 44 -0.86 16.26 2.85
C ASN A 44 -1.38 17.69 3.07
N PRO A 45 -0.69 18.68 2.47
CA PRO A 45 -1.14 20.07 2.50
C PRO A 45 -2.12 20.37 1.38
N PHE A 46 -2.55 19.32 0.69
CA PHE A 46 -3.49 19.46 -0.43
C PHE A 46 -4.78 18.70 -0.15
N SER A 47 -4.71 17.72 0.74
CA SER A 47 -5.83 16.87 1.06
C SER A 47 -5.72 16.45 2.51
N GLU A 48 -6.28 15.30 2.83
CA GLU A 48 -6.35 14.83 4.20
C GLU A 48 -7.10 13.51 4.26
N ASP A 49 -8.16 13.44 3.48
CA ASP A 49 -9.12 12.35 3.55
C ASP A 49 -10.09 12.51 2.38
N LYS A 50 -11.09 11.64 2.31
CA LYS A 50 -12.11 11.69 1.25
C LYS A 50 -11.49 11.34 -0.10
N THR A 51 -10.84 12.31 -0.71
CA THR A 51 -10.26 12.14 -2.03
C THR A 51 -8.89 11.45 -1.91
N ASP A 52 -8.41 11.30 -0.68
CA ASP A 52 -7.16 10.64 -0.45
C ASP A 52 -7.41 9.44 0.45
N LYS A 53 -6.39 8.65 0.59
CA LYS A 53 -6.43 7.45 1.40
C LYS A 53 -5.15 7.37 2.22
N GLY A 54 -4.13 8.06 1.74
CA GLY A 54 -2.85 8.16 2.44
C GLY A 54 -2.15 6.83 2.72
N ILE A 55 -2.48 5.78 1.96
CA ILE A 55 -1.87 4.46 2.18
C ILE A 55 -1.34 3.88 0.86
N TYR A 56 -0.05 3.49 0.86
CA TYR A 56 0.56 2.84 -0.32
C TYR A 56 1.87 2.15 0.07
N VAL A 57 2.36 1.24 -0.78
CA VAL A 57 3.55 0.49 -0.49
C VAL A 57 4.77 1.24 -0.96
N THR A 58 5.83 1.17 -0.15
CA THR A 58 7.04 1.92 -0.42
C THR A 58 8.23 0.99 -0.68
N ARG A 59 8.00 -0.32 -0.51
CA ARG A 59 9.00 -1.31 -0.88
C ARG A 59 8.47 -2.70 -0.72
N VAL A 60 9.24 -3.67 -1.18
CA VAL A 60 8.87 -5.05 -1.11
C VAL A 60 10.09 -5.92 -0.84
N SER A 61 9.92 -6.91 0.02
CA SER A 61 10.86 -8.03 0.10
C SER A 61 10.90 -8.69 -1.27
N GLU A 62 11.95 -8.42 -2.01
CA GLU A 62 12.03 -8.73 -3.38
C GLU A 62 12.13 -10.21 -3.64
N GLY A 63 11.54 -10.56 -4.73
CA GLY A 63 11.50 -11.92 -5.21
C GLY A 63 10.73 -12.80 -4.26
N GLY A 64 9.81 -12.20 -3.51
CA GLY A 64 9.16 -12.92 -2.47
C GLY A 64 7.69 -13.11 -2.73
N PRO A 65 6.86 -12.88 -1.72
CA PRO A 65 5.43 -13.16 -1.74
C PRO A 65 4.57 -12.02 -2.24
N ALA A 66 4.98 -10.80 -1.91
CA ALA A 66 4.12 -9.65 -2.16
C ALA A 66 3.96 -9.48 -3.63
N GLU A 67 5.08 -9.50 -4.29
CA GLU A 67 5.15 -9.05 -5.63
C GLU A 67 4.66 -10.11 -6.57
N ILE A 68 4.75 -11.35 -6.11
CA ILE A 68 4.31 -12.43 -6.91
C ILE A 68 2.83 -12.52 -6.84
N ALA A 69 2.33 -12.08 -5.70
CA ALA A 69 0.93 -11.92 -5.53
C ALA A 69 0.47 -10.84 -6.47
N GLY A 70 1.38 -9.91 -6.75
CA GLY A 70 1.04 -8.76 -7.56
C GLY A 70 1.10 -7.48 -6.75
N LEU A 71 2.25 -7.26 -6.14
CA LEU A 71 2.49 -6.13 -5.30
C LEU A 71 3.86 -5.62 -5.61
N GLN A 72 3.98 -4.34 -5.61
CA GLN A 72 5.16 -3.69 -6.09
C GLN A 72 5.16 -2.23 -5.70
N ILE A 73 6.32 -1.64 -5.75
CA ILE A 73 6.61 -0.40 -5.08
C ILE A 73 5.81 0.76 -5.60
N GLY A 74 4.97 1.28 -4.73
CA GLY A 74 4.24 2.48 -5.04
C GLY A 74 2.81 2.16 -5.31
N ASP A 75 2.23 1.38 -4.42
CA ASP A 75 0.90 0.84 -4.68
C ASP A 75 -0.02 1.15 -3.53
N LYS A 76 -1.17 1.73 -3.82
CA LYS A 76 -2.00 2.30 -2.77
C LYS A 76 -2.95 1.24 -2.23
N ILE A 77 -2.65 0.79 -1.03
CA ILE A 77 -3.47 -0.18 -0.34
C ILE A 77 -4.71 0.48 0.23
N MET A 78 -5.84 0.23 -0.39
CA MET A 78 -7.08 0.89 0.01
C MET A 78 -7.76 0.10 1.11
N GLN A 79 -7.58 -1.21 1.10
CA GLN A 79 -8.14 -2.07 2.12
C GLN A 79 -7.44 -3.36 2.24
N VAL A 80 -7.55 -3.88 3.43
CA VAL A 80 -6.87 -5.09 3.83
C VAL A 80 -7.86 -6.17 4.16
N ASN A 81 -7.77 -7.33 3.51
CA ASN A 81 -8.67 -8.45 3.76
C ASN A 81 -10.13 -8.07 3.50
N GLY A 82 -10.32 -6.86 2.97
CA GLY A 82 -11.66 -6.35 2.72
C GLY A 82 -12.03 -5.18 3.62
N TRP A 83 -11.09 -4.76 4.48
CA TRP A 83 -11.34 -3.72 5.44
C TRP A 83 -10.72 -2.43 4.95
N ASP A 84 -11.46 -1.72 4.13
CA ASP A 84 -11.16 -0.33 3.77
C ASP A 84 -10.32 0.37 4.85
N MET A 85 -9.04 0.53 4.57
CA MET A 85 -8.11 1.15 5.52
C MET A 85 -7.75 2.57 5.08
N THR A 86 -8.74 3.43 5.06
CA THR A 86 -8.51 4.83 4.69
C THR A 86 -8.58 5.75 5.90
N MET A 87 -9.77 5.91 6.46
CA MET A 87 -9.98 6.67 7.70
C MET A 87 -9.64 5.79 8.90
N VAL A 88 -9.10 4.64 8.57
CA VAL A 88 -8.67 3.63 9.49
C VAL A 88 -7.22 3.90 9.87
N THR A 89 -6.80 3.56 11.09
CA THR A 89 -5.52 3.95 11.54
C THR A 89 -4.52 2.91 11.09
N HIS A 90 -3.40 3.40 10.63
CA HIS A 90 -2.36 2.55 10.08
C HIS A 90 -1.90 1.52 11.09
N ASP A 91 -1.85 1.96 12.33
CA ASP A 91 -1.43 1.13 13.44
C ASP A 91 -2.41 0.00 13.68
N GLN A 92 -3.69 0.33 13.64
CA GLN A 92 -4.71 -0.64 13.96
C GLN A 92 -4.98 -1.47 12.72
N ALA A 93 -4.61 -0.91 11.57
CA ALA A 93 -4.79 -1.57 10.31
C ALA A 93 -3.69 -2.59 10.13
N ARG A 94 -2.51 -2.29 10.63
CA ARG A 94 -1.41 -3.22 10.50
C ARG A 94 -1.55 -4.35 11.52
N LYS A 95 -2.21 -4.05 12.63
CA LYS A 95 -2.44 -5.07 13.63
C LYS A 95 -3.45 -6.10 13.14
N ARG A 96 -4.42 -5.69 12.30
CA ARG A 96 -5.41 -6.64 11.83
C ARG A 96 -4.95 -7.38 10.57
N LEU A 97 -4.04 -6.79 9.79
CA LEU A 97 -3.48 -7.49 8.64
C LEU A 97 -2.54 -8.61 9.09
N THR A 98 -1.98 -8.47 10.28
CA THR A 98 -1.20 -9.56 10.88
C THR A 98 -1.88 -10.11 12.14
N LYS A 99 -3.18 -10.36 12.05
CA LYS A 99 -3.97 -10.82 13.21
C LYS A 99 -3.74 -12.29 13.53
N ARG A 100 -3.06 -12.97 12.63
CA ARG A 100 -2.69 -14.38 12.80
C ARG A 100 -3.85 -15.30 12.44
N SER A 101 -4.92 -14.70 11.92
CA SER A 101 -6.13 -15.45 11.62
C SER A 101 -6.20 -15.81 10.13
N GLU A 102 -5.29 -15.27 9.34
CA GLU A 102 -5.27 -15.49 7.92
C GLU A 102 -4.11 -16.37 7.53
N GLU A 103 -3.96 -16.51 6.25
CA GLU A 103 -2.87 -17.27 5.65
C GLU A 103 -2.13 -16.31 4.78
N VAL A 104 -2.62 -15.09 4.80
CA VAL A 104 -2.24 -14.14 3.79
C VAL A 104 -3.00 -12.83 3.99
N VAL A 105 -2.34 -11.71 3.73
CA VAL A 105 -2.98 -10.43 3.94
C VAL A 105 -3.41 -9.86 2.61
N ARG A 106 -4.71 -9.74 2.47
CA ARG A 106 -5.30 -9.31 1.25
C ARG A 106 -5.35 -7.81 1.23
N LEU A 107 -5.06 -7.24 0.10
CA LEU A 107 -5.30 -5.83 -0.07
C LEU A 107 -5.94 -5.54 -1.38
N LEU A 108 -6.79 -4.57 -1.30
CA LEU A 108 -7.37 -3.93 -2.44
C LEU A 108 -6.56 -2.71 -2.73
N VAL A 109 -5.82 -2.77 -3.81
CA VAL A 109 -4.77 -1.85 -4.05
C VAL A 109 -4.99 -1.12 -5.35
N THR A 110 -4.25 -0.07 -5.52
CA THR A 110 -4.40 0.82 -6.64
C THR A 110 -3.06 1.28 -7.17
N ARG A 111 -2.70 0.80 -8.35
CA ARG A 111 -1.42 1.14 -8.94
C ARG A 111 -1.61 1.76 -10.29
N GLN A 112 -0.53 2.30 -10.84
CA GLN A 112 -0.58 2.95 -12.15
C GLN A 112 -0.07 2.02 -13.19
N SER A 113 0.91 1.28 -12.73
CA SER A 113 1.60 0.20 -13.44
C SER A 113 2.95 0.69 -13.89
N LEU A 114 3.42 1.70 -13.17
CA LEU A 114 4.74 2.26 -13.34
C LEU A 114 4.99 2.69 -14.77
N GLN A 115 4.34 3.75 -15.13
CA GLN A 115 4.58 4.41 -16.39
C GLN A 115 5.96 5.05 -16.38
N LYS A 116 6.84 4.55 -17.26
CA LYS A 116 8.27 4.85 -17.24
C LYS A 116 8.92 4.22 -16.01
N ALA A 117 9.96 3.43 -16.25
CA ALA A 117 10.50 2.57 -15.20
C ALA A 117 12.00 2.70 -15.18
N VAL A 118 12.43 3.85 -15.60
CA VAL A 118 13.81 4.18 -15.79
C VAL A 118 14.50 4.53 -14.47
N GLN A 119 13.97 4.00 -13.39
CA GLN A 119 14.49 4.28 -12.05
C GLN A 119 15.15 3.02 -11.49
N GLN A 120 16.47 2.91 -11.66
CA GLN A 120 17.20 1.75 -11.16
C GLN A 120 17.70 1.98 -9.73
N SER A 121 18.95 2.39 -9.58
CA SER A 121 19.55 2.60 -8.27
C SER A 121 20.80 3.48 -8.38
N MET A 122 20.92 4.43 -7.46
CA MET A 122 22.11 5.30 -7.35
C MET A 122 22.24 6.23 -8.55
N LEU A 123 22.82 5.73 -9.62
CA LEU A 123 23.12 6.53 -10.79
C LEU A 123 22.71 5.78 -12.05
N SER A 124 22.67 6.49 -13.17
CA SER A 124 22.34 5.89 -14.46
C SER A 124 23.27 4.72 -14.76
N LYS B 1 6.23 17.36 8.93
CA LYS B 1 5.72 16.44 7.91
C LYS B 1 6.55 15.18 7.82
N GLU B 2 6.19 14.19 8.62
CA GLU B 2 6.85 12.89 8.58
C GLU B 2 5.90 11.77 9.01
N ASN B 3 5.79 10.75 8.19
CA ASN B 3 4.87 9.63 8.42
C ASN B 3 5.61 8.45 9.03
N LEU B 4 4.97 7.28 9.03
CA LEU B 4 5.63 6.08 9.50
C LEU B 4 5.51 4.97 8.47
N GLU B 5 6.61 4.27 8.24
CA GLU B 5 6.58 3.12 7.36
C GLU B 5 6.37 1.88 8.20
N SER B 6 5.87 0.83 7.57
CA SER B 6 5.61 -0.41 8.28
C SER B 6 6.07 -1.59 7.44
N MET B 7 7.02 -2.34 7.97
CA MET B 7 7.48 -3.55 7.31
C MET B 7 6.68 -4.73 7.80
N VAL B 8 5.95 -5.37 6.89
CA VAL B 8 5.08 -6.48 7.23
C VAL B 8 5.36 -7.68 6.35
N MET A 1 -3.50 27.00 -22.81
CA MET A 1 -4.66 27.56 -22.08
C MET A 1 -5.42 26.45 -21.36
N SER A 2 -6.75 26.55 -21.27
CA SER A 2 -7.54 25.62 -20.49
C SER A 2 -7.63 24.24 -21.14
N TYR A 3 -6.58 23.46 -21.00
CA TYR A 3 -6.56 22.06 -21.42
C TYR A 3 -5.99 21.19 -20.30
N ILE A 4 -5.74 21.84 -19.17
CA ILE A 4 -5.14 21.21 -18.00
C ILE A 4 -3.78 20.61 -18.33
N PRO A 5 -2.72 21.44 -18.35
CA PRO A 5 -1.36 20.98 -18.60
C PRO A 5 -0.79 20.27 -17.38
N GLY A 6 -0.70 18.96 -17.45
CA GLY A 6 -0.22 18.18 -16.33
C GLY A 6 -1.36 17.65 -15.49
N GLN A 7 -2.36 17.07 -16.16
CA GLN A 7 -3.51 16.48 -15.49
C GLN A 7 -3.09 15.30 -14.61
N PRO A 8 -3.47 15.33 -13.33
CA PRO A 8 -3.23 14.22 -12.40
C PRO A 8 -3.96 12.96 -12.85
N VAL A 9 -3.29 11.82 -12.79
CA VAL A 9 -3.89 10.56 -13.19
C VAL A 9 -4.71 9.98 -12.06
N THR A 10 -5.38 8.90 -12.36
CA THR A 10 -6.28 8.27 -11.44
C THR A 10 -5.62 7.11 -10.71
N ALA A 11 -6.11 5.95 -10.98
CA ALA A 11 -5.66 4.74 -10.33
C ALA A 11 -6.25 3.53 -10.98
N VAL A 12 -5.44 2.50 -11.03
CA VAL A 12 -5.87 1.19 -11.41
C VAL A 12 -6.17 0.41 -10.14
N VAL A 13 -7.22 -0.36 -10.17
CA VAL A 13 -7.64 -1.14 -9.02
C VAL A 13 -7.25 -2.60 -9.21
N GLN A 14 -6.54 -3.13 -8.24
CA GLN A 14 -6.12 -4.52 -8.26
C GLN A 14 -6.40 -5.18 -6.93
N ARG A 15 -6.75 -6.44 -7.00
CA ARG A 15 -6.97 -7.27 -5.87
C ARG A 15 -5.81 -8.25 -5.78
N VAL A 16 -5.10 -8.20 -4.69
CA VAL A 16 -3.95 -9.05 -4.55
C VAL A 16 -3.85 -9.63 -3.15
N GLU A 17 -3.69 -10.94 -3.07
CA GLU A 17 -3.49 -11.61 -1.81
C GLU A 17 -2.01 -11.96 -1.64
N ILE A 18 -1.37 -11.26 -0.74
CA ILE A 18 0.00 -11.47 -0.39
C ILE A 18 0.02 -12.45 0.75
N HIS A 19 1.04 -13.24 0.84
CA HIS A 19 1.06 -14.29 1.79
C HIS A 19 2.46 -14.53 2.37
N LYS A 20 2.59 -14.18 3.65
CA LYS A 20 3.68 -14.65 4.50
C LYS A 20 3.05 -15.19 5.78
N LEU A 21 3.78 -15.34 6.86
CA LEU A 21 3.23 -16.04 8.02
C LEU A 21 3.83 -15.54 9.32
N ARG A 22 2.97 -15.35 10.30
CA ARG A 22 3.41 -15.11 11.65
C ARG A 22 3.93 -16.42 12.24
N GLN A 23 5.05 -16.35 12.92
CA GLN A 23 5.70 -17.51 13.45
C GLN A 23 6.03 -17.30 14.90
N GLY A 24 4.98 -17.09 15.67
CA GLY A 24 5.11 -16.98 17.11
C GLY A 24 5.77 -15.69 17.52
N GLU A 25 7.07 -15.77 17.71
CA GLU A 25 7.88 -14.60 17.97
C GLU A 25 7.99 -13.75 16.73
N ASN A 26 7.53 -14.32 15.63
CA ASN A 26 7.71 -13.73 14.37
C ASN A 26 6.40 -13.33 13.79
N LEU A 27 6.49 -12.25 13.14
CA LEU A 27 5.46 -11.75 12.28
C LEU A 27 6.13 -11.50 10.96
N ILE A 28 5.83 -12.33 9.99
CA ILE A 28 6.49 -12.24 8.71
C ILE A 28 5.54 -11.82 7.63
N LEU A 29 5.87 -10.73 6.98
CA LEU A 29 5.25 -10.35 5.73
C LEU A 29 6.34 -9.71 4.86
N GLY A 30 7.03 -8.72 5.42
CA GLY A 30 8.33 -8.34 4.92
C GLY A 30 8.33 -7.09 4.07
N PHE A 31 7.18 -6.64 3.59
CA PHE A 31 7.18 -5.51 2.67
C PHE A 31 6.93 -4.20 3.42
N SER A 32 7.25 -3.09 2.78
CA SER A 32 7.34 -1.81 3.48
C SER A 32 6.26 -0.86 2.99
N ILE A 33 5.56 -0.23 3.91
CA ILE A 33 4.40 0.56 3.55
C ILE A 33 4.53 1.94 4.14
N GLY A 34 3.86 2.86 3.51
CA GLY A 34 3.82 4.19 4.05
C GLY A 34 2.47 4.50 4.65
N GLY A 35 2.46 4.84 5.93
CA GLY A 35 1.22 5.20 6.58
C GLY A 35 1.14 6.70 6.76
N GLY A 36 0.35 7.35 5.94
CA GLY A 36 0.34 8.79 5.96
C GLY A 36 -0.92 9.37 5.42
N ILE A 37 -1.99 9.17 6.15
CA ILE A 37 -3.28 9.74 5.79
C ILE A 37 -3.56 10.99 6.62
N ASP A 38 -3.94 10.78 7.87
CA ASP A 38 -4.30 11.88 8.74
C ASP A 38 -3.31 11.92 9.89
N GLN A 39 -2.21 11.21 9.68
CA GLN A 39 -1.15 11.09 10.67
C GLN A 39 -0.44 12.41 10.88
N ASP A 40 0.32 12.77 9.87
CA ASP A 40 1.20 13.90 9.90
C ASP A 40 1.24 14.54 8.52
N PRO A 41 1.27 13.73 7.42
CA PRO A 41 1.05 14.21 6.03
C PRO A 41 -0.18 15.10 5.92
N SER A 42 -0.90 15.10 7.01
CA SER A 42 -1.89 16.10 7.32
C SER A 42 -1.34 17.51 7.06
N GLN A 43 0.00 17.67 7.13
CA GLN A 43 0.61 18.94 6.88
C GLN A 43 0.67 19.26 5.38
N ASN A 44 0.52 18.21 4.58
CA ASN A 44 0.54 18.29 3.12
C ASN A 44 -0.83 18.66 2.57
N PRO A 45 -0.94 19.87 2.03
CA PRO A 45 -2.14 20.35 1.34
C PRO A 45 -2.34 19.65 0.01
N PHE A 46 -1.32 18.89 -0.40
CA PHE A 46 -1.39 18.09 -1.62
C PHE A 46 -2.06 16.76 -1.33
N SER A 47 -2.07 16.36 -0.06
CA SER A 47 -2.88 15.25 0.34
C SER A 47 -4.15 15.79 0.97
N GLU A 48 -4.92 14.91 1.64
CA GLU A 48 -6.26 15.25 2.13
C GLU A 48 -7.16 15.67 0.97
N ASP A 49 -6.67 15.42 -0.24
CA ASP A 49 -7.35 15.80 -1.46
C ASP A 49 -7.23 14.69 -2.47
N LYS A 50 -8.37 14.18 -2.90
CA LYS A 50 -8.46 13.09 -3.88
C LYS A 50 -7.61 11.90 -3.48
N THR A 51 -8.22 11.01 -2.74
CA THR A 51 -7.68 9.71 -2.37
C THR A 51 -6.61 9.83 -1.29
N ASP A 52 -6.10 11.07 -1.08
CA ASP A 52 -5.14 11.40 -0.05
C ASP A 52 -3.77 10.79 -0.32
N LYS A 53 -3.78 9.60 -0.93
CA LYS A 53 -2.56 8.86 -1.29
C LYS A 53 -1.86 8.41 -0.01
N GLY A 54 -2.59 8.50 1.09
CA GLY A 54 -2.05 8.22 2.41
C GLY A 54 -1.55 6.80 2.62
N ILE A 55 -2.41 5.82 2.36
CA ILE A 55 -2.04 4.43 2.58
C ILE A 55 -1.53 3.81 1.29
N TYR A 56 -0.23 3.54 1.23
CA TYR A 56 0.38 2.99 0.03
C TYR A 56 1.65 2.23 0.38
N VAL A 57 2.05 1.33 -0.50
CA VAL A 57 3.30 0.63 -0.36
C VAL A 57 4.43 1.50 -0.88
N THR A 58 5.56 1.45 -0.20
CA THR A 58 6.70 2.23 -0.61
C THR A 58 7.81 1.28 -1.03
N ARG A 59 7.58 -0.01 -0.78
CA ARG A 59 8.47 -1.07 -1.17
C ARG A 59 7.89 -2.40 -0.72
N VAL A 60 8.38 -3.47 -1.25
CA VAL A 60 7.90 -4.77 -0.89
C VAL A 60 9.08 -5.66 -0.52
N SER A 61 8.77 -6.78 0.08
CA SER A 61 9.77 -7.81 0.29
C SER A 61 10.04 -8.45 -1.05
N GLU A 62 11.13 -8.02 -1.64
CA GLU A 62 11.45 -8.33 -2.97
C GLU A 62 11.96 -9.73 -3.08
N GLY A 63 11.51 -10.33 -4.12
CA GLY A 63 11.69 -11.75 -4.33
C GLY A 63 10.96 -12.52 -3.26
N GLY A 64 9.86 -11.94 -2.77
CA GLY A 64 9.18 -12.51 -1.65
C GLY A 64 7.75 -12.82 -1.94
N PRO A 65 6.85 -12.31 -1.10
CA PRO A 65 5.43 -12.59 -1.16
C PRO A 65 4.61 -11.56 -1.91
N ALA A 66 4.95 -10.30 -1.73
CA ALA A 66 4.08 -9.22 -2.15
C ALA A 66 3.99 -9.20 -3.64
N GLU A 67 5.13 -9.41 -4.24
CA GLU A 67 5.29 -9.11 -5.64
C GLU A 67 4.87 -10.29 -6.44
N ILE A 68 4.92 -11.46 -5.81
CA ILE A 68 4.53 -12.64 -6.47
C ILE A 68 3.05 -12.76 -6.42
N ALA A 69 2.52 -12.16 -5.38
CA ALA A 69 1.10 -12.01 -5.25
C ALA A 69 0.65 -11.06 -6.32
N GLY A 70 1.57 -10.18 -6.69
CA GLY A 70 1.29 -9.21 -7.72
C GLY A 70 1.27 -7.80 -7.18
N LEU A 71 2.28 -7.48 -6.38
CA LEU A 71 2.42 -6.17 -5.82
C LEU A 71 3.78 -5.66 -6.23
N GLN A 72 3.99 -4.38 -6.06
CA GLN A 72 5.19 -3.75 -6.46
C GLN A 72 5.30 -2.40 -5.79
N ILE A 73 6.35 -1.69 -6.07
CA ILE A 73 6.67 -0.50 -5.33
C ILE A 73 5.82 0.67 -5.77
N GLY A 74 4.94 1.12 -4.88
CA GLY A 74 4.16 2.30 -5.15
C GLY A 74 2.72 1.94 -5.40
N ASP A 75 2.06 1.49 -4.36
CA ASP A 75 0.74 0.88 -4.50
C ASP A 75 -0.16 1.31 -3.35
N LYS A 76 -1.26 2.00 -3.64
CA LYS A 76 -2.11 2.53 -2.59
C LYS A 76 -3.04 1.44 -2.07
N ILE A 77 -2.78 0.97 -0.88
CA ILE A 77 -3.60 -0.05 -0.23
C ILE A 77 -4.91 0.56 0.25
N MET A 78 -6.02 0.12 -0.33
CA MET A 78 -7.31 0.72 -0.04
C MET A 78 -8.13 -0.19 0.85
N GLN A 79 -7.73 -1.44 0.90
CA GLN A 79 -8.42 -2.43 1.67
C GLN A 79 -7.51 -3.58 1.96
N VAL A 80 -7.88 -4.30 2.99
CA VAL A 80 -7.15 -5.47 3.41
C VAL A 80 -8.09 -6.55 3.85
N ASN A 81 -7.90 -7.78 3.36
CA ASN A 81 -8.73 -8.94 3.76
C ASN A 81 -10.23 -8.73 3.49
N GLY A 82 -10.55 -7.59 2.91
CA GLY A 82 -11.92 -7.25 2.58
C GLY A 82 -12.42 -6.05 3.36
N TRP A 83 -11.50 -5.40 4.07
CA TRP A 83 -11.82 -4.23 4.85
C TRP A 83 -11.23 -3.01 4.19
N ASP A 84 -12.09 -2.21 3.58
CA ASP A 84 -11.69 -0.92 3.06
C ASP A 84 -10.98 -0.11 4.15
N MET A 85 -9.67 0.04 3.99
CA MET A 85 -8.85 0.81 4.91
C MET A 85 -9.28 2.29 4.95
N THR A 86 -8.58 3.11 4.14
CA THR A 86 -8.85 4.54 3.92
C THR A 86 -8.76 5.40 5.18
N MET A 87 -9.34 4.91 6.25
CA MET A 87 -9.39 5.64 7.52
C MET A 87 -8.66 4.87 8.61
N VAL A 88 -8.15 3.71 8.24
CA VAL A 88 -7.40 2.87 9.14
C VAL A 88 -6.00 3.42 9.36
N THR A 89 -5.53 3.40 10.61
CA THR A 89 -4.25 4.00 10.90
C THR A 89 -3.11 3.01 10.69
N HIS A 90 -1.89 3.43 10.87
CA HIS A 90 -0.74 2.58 10.60
C HIS A 90 -0.69 1.42 11.59
N ASP A 91 -0.98 1.71 12.85
CA ASP A 91 -0.99 0.72 13.91
C ASP A 91 -2.22 -0.16 13.74
N GLN A 92 -3.33 0.54 13.59
CA GLN A 92 -4.59 0.00 13.21
C GLN A 92 -4.45 -1.01 12.06
N ALA A 93 -3.76 -0.61 11.00
CA ALA A 93 -3.55 -1.47 9.87
C ALA A 93 -2.67 -2.63 10.28
N ARG A 94 -1.58 -2.27 10.96
CA ARG A 94 -0.58 -3.23 11.37
C ARG A 94 -1.20 -4.44 12.05
N LYS A 95 -2.00 -4.17 13.07
CA LYS A 95 -2.52 -5.25 13.88
C LYS A 95 -3.66 -6.00 13.21
N ARG A 96 -4.39 -5.35 12.30
CA ARG A 96 -5.55 -6.00 11.72
C ARG A 96 -5.17 -6.81 10.48
N LEU A 97 -4.00 -6.52 9.90
CA LEU A 97 -3.52 -7.28 8.75
C LEU A 97 -2.67 -8.48 9.15
N THR A 98 -1.93 -8.36 10.24
CA THR A 98 -1.11 -9.48 10.72
C THR A 98 -1.59 -9.98 12.07
N LYS A 99 -2.89 -10.27 12.16
CA LYS A 99 -3.45 -10.81 13.38
C LYS A 99 -3.44 -12.35 13.33
N ARG A 100 -4.37 -12.97 14.03
CA ARG A 100 -4.41 -14.42 14.08
C ARG A 100 -5.67 -14.98 13.42
N SER A 101 -6.24 -14.20 12.52
CA SER A 101 -7.47 -14.60 11.86
C SER A 101 -7.21 -15.07 10.42
N GLU A 102 -6.05 -14.70 9.89
CA GLU A 102 -5.67 -15.03 8.54
C GLU A 102 -4.39 -15.84 8.54
N GLU A 103 -3.95 -16.12 7.34
CA GLU A 103 -2.71 -16.83 7.10
C GLU A 103 -1.98 -16.04 6.06
N VAL A 104 -2.58 -14.92 5.73
CA VAL A 104 -2.33 -14.31 4.47
C VAL A 104 -2.93 -12.92 4.42
N VAL A 105 -2.37 -12.01 3.64
CA VAL A 105 -2.92 -10.68 3.61
C VAL A 105 -3.58 -10.40 2.28
N ARG A 106 -4.88 -10.30 2.29
CA ARG A 106 -5.61 -9.93 1.13
C ARG A 106 -5.65 -8.43 1.13
N LEU A 107 -5.60 -7.84 -0.02
CA LEU A 107 -5.71 -6.41 -0.07
C LEU A 107 -6.22 -5.90 -1.40
N LEU A 108 -6.59 -4.66 -1.34
CA LEU A 108 -7.08 -3.91 -2.46
C LEU A 108 -6.10 -2.77 -2.65
N VAL A 109 -5.78 -2.46 -3.87
CA VAL A 109 -4.73 -1.56 -4.10
C VAL A 109 -4.95 -0.83 -5.40
N THR A 110 -4.35 0.31 -5.46
CA THR A 110 -4.48 1.19 -6.59
C THR A 110 -3.12 1.65 -7.08
N ARG A 111 -2.77 1.21 -8.27
CA ARG A 111 -1.50 1.58 -8.85
C ARG A 111 -1.71 2.22 -10.21
N GLN A 112 -0.66 2.80 -10.75
CA GLN A 112 -0.67 3.39 -12.08
C GLN A 112 -0.38 2.32 -13.10
N SER A 113 0.62 1.54 -12.73
CA SER A 113 1.15 0.43 -13.52
C SER A 113 2.20 0.93 -14.48
N LEU A 114 2.60 2.15 -14.23
CA LEU A 114 3.59 2.85 -15.02
C LEU A 114 4.74 3.20 -14.13
N GLN A 115 4.92 2.33 -13.19
CA GLN A 115 5.92 2.45 -12.15
C GLN A 115 7.30 2.07 -12.66
N LYS A 116 8.29 2.11 -11.78
CA LYS A 116 9.66 1.92 -12.18
C LYS A 116 10.23 0.63 -11.61
N ALA A 117 10.84 -0.17 -12.49
CA ALA A 117 11.49 -1.41 -12.08
C ALA A 117 12.80 -1.51 -12.82
N VAL A 118 13.26 -0.34 -13.22
CA VAL A 118 14.44 -0.20 -14.03
C VAL A 118 15.54 0.44 -13.22
N GLN A 119 16.22 -0.42 -12.49
CA GLN A 119 17.33 0.00 -11.64
C GLN A 119 18.62 -0.68 -12.08
N GLN A 120 19.75 -0.10 -11.73
CA GLN A 120 21.03 -0.69 -12.06
C GLN A 120 21.42 -1.70 -10.99
N SER A 121 20.86 -2.90 -11.09
CA SER A 121 21.14 -3.96 -10.14
C SER A 121 22.52 -4.55 -10.43
N MET A 122 23.50 -4.16 -9.62
CA MET A 122 24.89 -4.57 -9.81
C MET A 122 25.12 -6.00 -9.30
N LEU A 123 24.21 -6.88 -9.67
CA LEU A 123 24.27 -8.28 -9.26
C LEU A 123 23.19 -9.06 -10.01
N SER A 124 21.95 -8.55 -9.93
CA SER A 124 20.79 -9.16 -10.59
C SER A 124 20.38 -10.44 -9.88
N LYS B 1 6.33 16.89 11.33
CA LYS B 1 5.12 16.39 10.69
C LYS B 1 5.51 15.61 9.43
N GLU B 2 5.45 14.28 9.51
CA GLU B 2 5.67 13.44 8.33
C GLU B 2 5.22 11.99 8.57
N ASN B 3 4.92 11.30 7.48
CA ASN B 3 4.36 9.94 7.53
C ASN B 3 5.34 8.91 8.10
N LEU B 4 4.79 7.79 8.57
CA LEU B 4 5.59 6.73 9.19
C LEU B 4 5.56 5.47 8.34
N GLU B 5 6.75 4.98 8.01
CA GLU B 5 6.89 3.76 7.23
C GLU B 5 7.32 2.60 8.12
N SER B 6 7.12 1.39 7.63
CA SER B 6 7.49 0.18 8.36
C SER B 6 7.62 -0.98 7.41
N MET B 7 8.29 -2.03 7.83
CA MET B 7 8.20 -3.32 7.15
C MET B 7 7.41 -4.29 8.01
N VAL B 8 6.23 -4.60 7.56
CA VAL B 8 5.42 -5.62 8.19
C VAL B 8 5.55 -6.89 7.39
N MET A 1 8.72 4.71 -22.34
CA MET A 1 8.19 4.41 -23.68
C MET A 1 6.66 4.36 -23.66
N SER A 2 6.09 4.25 -22.47
CA SER A 2 4.65 4.14 -22.34
C SER A 2 4.07 5.43 -21.76
N TYR A 3 3.54 6.28 -22.63
CA TYR A 3 3.00 7.56 -22.21
C TYR A 3 1.79 7.95 -23.05
N ILE A 4 0.81 8.55 -22.41
CA ILE A 4 -0.38 9.07 -23.08
C ILE A 4 -0.71 10.45 -22.52
N PRO A 5 -0.28 11.52 -23.20
CA PRO A 5 -0.50 12.88 -22.74
C PRO A 5 -1.97 13.28 -22.82
N GLY A 6 -2.62 13.32 -21.66
CA GLY A 6 -4.02 13.68 -21.60
C GLY A 6 -4.76 12.88 -20.53
N GLN A 7 -4.53 11.57 -20.52
CA GLN A 7 -5.19 10.70 -19.56
C GLN A 7 -4.18 9.83 -18.84
N PRO A 8 -3.55 10.36 -17.79
CA PRO A 8 -2.61 9.61 -16.96
C PRO A 8 -3.32 8.82 -15.87
N VAL A 9 -3.03 7.53 -15.78
CA VAL A 9 -3.63 6.70 -14.77
C VAL A 9 -3.04 6.95 -13.41
N THR A 10 -3.92 7.23 -12.47
CA THR A 10 -3.54 7.63 -11.14
C THR A 10 -3.41 6.44 -10.22
N ALA A 11 -4.41 5.60 -10.30
CA ALA A 11 -4.49 4.41 -9.48
C ALA A 11 -5.38 3.36 -10.12
N VAL A 12 -4.85 2.17 -10.19
CA VAL A 12 -5.57 1.02 -10.71
C VAL A 12 -6.12 0.17 -9.58
N VAL A 13 -7.42 0.02 -9.55
CA VAL A 13 -8.05 -0.80 -8.52
C VAL A 13 -7.76 -2.27 -8.82
N GLN A 14 -7.00 -2.88 -7.94
CA GLN A 14 -6.55 -4.22 -8.12
C GLN A 14 -6.70 -5.01 -6.82
N ARG A 15 -6.93 -6.30 -6.99
CA ARG A 15 -7.14 -7.22 -5.91
C ARG A 15 -5.98 -8.19 -5.85
N VAL A 16 -5.21 -8.13 -4.80
CA VAL A 16 -4.11 -9.04 -4.65
C VAL A 16 -4.06 -9.52 -3.21
N GLU A 17 -3.73 -10.78 -3.03
CA GLU A 17 -3.63 -11.37 -1.72
C GLU A 17 -2.17 -11.76 -1.42
N ILE A 18 -1.60 -11.03 -0.49
CA ILE A 18 -0.21 -11.08 -0.14
C ILE A 18 0.05 -12.06 0.98
N HIS A 19 0.48 -13.22 0.62
CA HIS A 19 0.62 -14.29 1.56
C HIS A 19 2.02 -14.36 2.13
N LYS A 20 2.18 -13.75 3.30
CA LYS A 20 3.43 -13.70 4.04
C LYS A 20 3.90 -15.11 4.41
N LEU A 21 5.07 -15.21 5.04
CA LEU A 21 5.58 -16.51 5.44
C LEU A 21 6.41 -16.41 6.70
N ARG A 22 5.95 -17.09 7.73
CA ARG A 22 6.75 -17.33 8.91
C ARG A 22 7.88 -18.28 8.61
N GLN A 23 9.00 -18.06 9.26
CA GLN A 23 10.19 -18.83 8.98
C GLN A 23 10.88 -19.16 10.27
N GLY A 24 10.15 -19.89 11.09
CA GLY A 24 10.67 -20.34 12.36
C GLY A 24 10.93 -19.20 13.29
N GLU A 25 12.17 -18.79 13.32
CA GLU A 25 12.60 -17.67 14.12
C GLU A 25 12.27 -16.37 13.39
N ASN A 26 11.65 -16.52 12.25
CA ASN A 26 11.26 -15.41 11.46
C ASN A 26 9.78 -15.38 11.32
N LEU A 27 9.34 -14.19 11.24
CA LEU A 27 7.98 -13.85 10.92
C LEU A 27 8.05 -12.75 9.87
N ILE A 28 7.66 -13.08 8.67
CA ILE A 28 7.70 -12.13 7.59
C ILE A 28 6.29 -11.79 7.21
N LEU A 29 5.97 -10.50 7.20
CA LEU A 29 4.62 -10.07 6.85
C LEU A 29 4.61 -9.70 5.38
N GLY A 30 5.74 -9.17 4.91
CA GLY A 30 5.93 -9.01 3.48
C GLY A 30 6.88 -7.89 3.06
N PHE A 31 6.53 -6.65 3.36
CA PHE A 31 7.13 -5.48 2.69
C PHE A 31 6.94 -4.20 3.51
N SER A 32 7.39 -3.07 2.98
CA SER A 32 7.33 -1.82 3.75
C SER A 32 6.30 -0.89 3.14
N ILE A 33 5.52 -0.23 3.97
CA ILE A 33 4.42 0.57 3.50
C ILE A 33 4.54 1.97 4.05
N GLY A 34 4.12 2.93 3.25
CA GLY A 34 4.26 4.30 3.65
C GLY A 34 2.92 4.96 3.91
N GLY A 35 2.81 5.56 5.08
CA GLY A 35 1.61 6.27 5.45
C GLY A 35 1.84 7.77 5.45
N GLY A 36 0.89 8.47 4.86
CA GLY A 36 0.96 9.91 4.75
C GLY A 36 -0.41 10.52 4.91
N ILE A 37 -1.00 10.28 6.07
CA ILE A 37 -2.37 10.64 6.34
C ILE A 37 -2.46 11.54 7.58
N ASP A 38 -1.62 11.23 8.55
CA ASP A 38 -1.55 12.00 9.78
C ASP A 38 -0.14 12.56 9.93
N GLN A 39 0.54 12.72 8.81
CA GLN A 39 1.94 13.15 8.83
C GLN A 39 2.08 14.65 8.75
N ASP A 40 2.04 15.13 7.54
CA ASP A 40 2.46 16.47 7.25
C ASP A 40 1.69 17.04 6.06
N PRO A 41 1.40 18.35 6.10
CA PRO A 41 0.67 19.04 5.03
C PRO A 41 1.56 19.39 3.85
N SER A 42 2.85 19.25 4.06
CA SER A 42 3.84 19.60 3.06
C SER A 42 3.86 18.58 1.91
N GLN A 43 3.36 17.37 2.18
CA GLN A 43 3.34 16.33 1.18
C GLN A 43 2.14 16.51 0.26
N ASN A 44 1.28 17.42 0.66
CA ASN A 44 0.10 17.79 -0.11
C ASN A 44 -0.64 18.90 0.59
N PRO A 45 -0.59 20.12 0.03
CA PRO A 45 -1.23 21.30 0.62
C PRO A 45 -2.71 21.07 0.90
N PHE A 46 -3.27 20.05 0.29
CA PHE A 46 -4.67 19.70 0.49
C PHE A 46 -4.97 18.30 -0.05
N SER A 47 -4.51 18.02 -1.25
CA SER A 47 -5.08 16.99 -2.08
C SER A 47 -4.69 17.23 -3.52
N GLU A 48 -4.53 16.16 -4.27
CA GLU A 48 -4.19 16.27 -5.66
C GLU A 48 -5.00 15.27 -6.49
N ASP A 49 -5.92 14.57 -5.83
CA ASP A 49 -6.83 13.68 -6.54
C ASP A 49 -8.12 13.53 -5.75
N LYS A 50 -8.38 14.53 -4.91
CA LYS A 50 -9.64 14.66 -4.20
C LYS A 50 -9.81 13.70 -3.04
N THR A 51 -10.33 12.54 -3.35
CA THR A 51 -10.83 11.64 -2.32
C THR A 51 -9.85 10.56 -2.00
N ASP A 52 -8.58 10.92 -1.99
CA ASP A 52 -7.57 9.98 -1.62
C ASP A 52 -7.58 9.77 -0.13
N LYS A 53 -7.08 8.63 0.22
CA LYS A 53 -6.90 8.23 1.60
C LYS A 53 -5.47 8.54 2.02
N GLY A 54 -4.56 8.35 1.07
CA GLY A 54 -3.15 8.60 1.31
C GLY A 54 -2.39 7.42 1.93
N ILE A 55 -2.80 6.20 1.60
CA ILE A 55 -2.11 4.97 2.04
C ILE A 55 -1.54 4.22 0.84
N TYR A 56 -0.26 3.83 0.89
CA TYR A 56 0.33 3.05 -0.21
C TYR A 56 1.64 2.36 0.19
N VAL A 57 2.04 1.36 -0.58
CA VAL A 57 3.28 0.67 -0.38
C VAL A 57 4.43 1.49 -0.93
N THR A 58 5.55 1.47 -0.23
CA THR A 58 6.72 2.19 -0.64
C THR A 58 7.86 1.23 -0.95
N ARG A 59 7.65 -0.05 -0.62
CA ARG A 59 8.65 -1.07 -0.91
C ARG A 59 8.07 -2.47 -0.74
N VAL A 60 8.87 -3.43 -1.14
CA VAL A 60 8.55 -4.81 -1.09
C VAL A 60 9.81 -5.54 -0.75
N SER A 61 9.73 -6.56 0.06
CA SER A 61 10.88 -7.38 0.26
C SER A 61 10.97 -8.32 -0.92
N GLU A 62 11.92 -8.04 -1.79
CA GLU A 62 12.03 -8.71 -3.03
C GLU A 62 12.42 -10.15 -2.80
N GLY A 63 11.77 -10.97 -3.54
CA GLY A 63 11.79 -12.39 -3.29
C GLY A 63 10.87 -12.69 -2.14
N GLY A 64 9.82 -11.88 -2.02
CA GLY A 64 8.94 -11.97 -0.92
C GLY A 64 7.51 -11.95 -1.40
N PRO A 65 6.79 -13.03 -1.13
CA PRO A 65 5.38 -13.36 -1.49
C PRO A 65 4.43 -12.24 -1.87
N ALA A 66 4.80 -11.03 -1.64
CA ALA A 66 3.98 -9.92 -2.02
C ALA A 66 4.06 -9.76 -3.52
N GLU A 67 5.24 -9.97 -4.05
CA GLU A 67 5.53 -9.69 -5.43
C GLU A 67 5.05 -10.80 -6.30
N ILE A 68 5.04 -11.99 -5.72
CA ILE A 68 4.59 -13.12 -6.43
C ILE A 68 3.11 -13.19 -6.41
N ALA A 69 2.58 -12.56 -5.38
CA ALA A 69 1.16 -12.34 -5.32
C ALA A 69 0.82 -11.33 -6.38
N GLY A 70 1.79 -10.49 -6.67
CA GLY A 70 1.64 -9.52 -7.73
C GLY A 70 1.48 -8.10 -7.22
N LEU A 71 2.36 -7.71 -6.31
CA LEU A 71 2.39 -6.40 -5.80
C LEU A 71 3.63 -5.75 -6.36
N GLN A 72 3.86 -4.53 -5.99
CA GLN A 72 4.95 -3.79 -6.55
C GLN A 72 5.17 -2.54 -5.73
N ILE A 73 6.18 -1.80 -6.07
CA ILE A 73 6.53 -0.62 -5.32
C ILE A 73 5.68 0.56 -5.74
N GLY A 74 4.83 1.01 -4.84
CA GLY A 74 4.00 2.16 -5.11
C GLY A 74 2.58 1.71 -5.33
N ASP A 75 2.00 1.16 -4.29
CA ASP A 75 0.75 0.44 -4.42
C ASP A 75 -0.18 0.83 -3.29
N LYS A 76 -1.28 1.45 -3.63
CA LYS A 76 -2.15 2.08 -2.67
C LYS A 76 -3.11 1.10 -2.03
N ILE A 77 -2.85 0.77 -0.79
CA ILE A 77 -3.71 -0.15 -0.07
C ILE A 77 -4.92 0.59 0.49
N MET A 78 -6.09 0.35 -0.11
CA MET A 78 -7.31 1.00 0.33
C MET A 78 -7.98 0.18 1.41
N GLN A 79 -8.01 -1.12 1.20
CA GLN A 79 -8.61 -2.04 2.15
C GLN A 79 -7.89 -3.33 2.19
N VAL A 80 -8.09 -3.99 3.29
CA VAL A 80 -7.46 -5.26 3.52
C VAL A 80 -8.52 -6.31 3.77
N ASN A 81 -8.41 -7.43 3.08
CA ASN A 81 -9.37 -8.51 3.18
C ASN A 81 -10.78 -8.02 2.88
N GLY A 82 -10.85 -6.90 2.15
CA GLY A 82 -12.14 -6.37 1.73
C GLY A 82 -12.72 -5.32 2.65
N TRP A 83 -11.97 -4.88 3.67
CA TRP A 83 -12.43 -3.84 4.53
C TRP A 83 -11.47 -2.67 4.53
N ASP A 84 -11.96 -1.55 4.01
CA ASP A 84 -11.28 -0.26 4.07
C ASP A 84 -10.35 -0.16 5.27
N MET A 85 -9.08 -0.03 4.99
CA MET A 85 -8.06 0.02 6.02
C MET A 85 -7.52 1.43 6.17
N THR A 86 -8.16 2.37 5.48
CA THR A 86 -7.66 3.72 5.43
C THR A 86 -8.38 4.64 6.41
N MET A 87 -9.57 4.24 6.82
CA MET A 87 -10.32 4.97 7.85
C MET A 87 -9.78 4.65 9.24
N VAL A 88 -8.87 3.69 9.29
CA VAL A 88 -8.22 3.29 10.53
C VAL A 88 -6.86 3.98 10.63
N THR A 89 -6.07 3.66 11.66
CA THR A 89 -4.75 4.22 11.78
C THR A 89 -3.76 3.19 11.26
N HIS A 90 -2.55 3.61 10.94
CA HIS A 90 -1.57 2.71 10.35
C HIS A 90 -1.31 1.50 11.24
N ASP A 91 -1.24 1.75 12.53
CA ASP A 91 -1.07 0.68 13.52
C ASP A 91 -2.32 -0.21 13.57
N GLN A 92 -3.46 0.39 13.36
CA GLN A 92 -4.72 -0.33 13.35
C GLN A 92 -4.80 -1.17 12.09
N ALA A 93 -4.42 -0.56 10.98
CA ALA A 93 -4.37 -1.22 9.71
C ALA A 93 -3.32 -2.31 9.76
N ARG A 94 -2.31 -2.06 10.59
CA ARG A 94 -1.25 -3.03 10.80
C ARG A 94 -1.83 -4.35 11.27
N LYS A 95 -2.57 -4.31 12.36
CA LYS A 95 -3.15 -5.53 12.93
C LYS A 95 -4.25 -6.10 12.03
N ARG A 96 -4.78 -5.27 11.14
CA ARG A 96 -5.81 -5.74 10.22
C ARG A 96 -5.18 -6.56 9.10
N LEU A 97 -3.95 -6.22 8.74
CA LEU A 97 -3.24 -6.90 7.66
C LEU A 97 -2.43 -8.07 8.19
N THR A 98 -1.93 -7.94 9.42
CA THR A 98 -1.18 -9.00 10.04
C THR A 98 -1.77 -9.37 11.40
N LYS A 99 -2.97 -9.93 11.37
CA LYS A 99 -3.63 -10.41 12.59
C LYS A 99 -3.00 -11.72 13.05
N ARG A 100 -2.10 -12.22 12.22
CA ARG A 100 -1.34 -13.45 12.47
C ARG A 100 -2.27 -14.67 12.47
N SER A 101 -3.48 -14.44 12.00
CA SER A 101 -4.48 -15.49 11.91
C SER A 101 -4.76 -15.78 10.44
N GLU A 102 -3.86 -15.34 9.57
CA GLU A 102 -4.01 -15.50 8.17
C GLU A 102 -2.70 -16.01 7.58
N GLU A 103 -2.83 -16.66 6.45
CA GLU A 103 -1.67 -17.14 5.70
C GLU A 103 -1.44 -16.24 4.53
N VAL A 104 -2.34 -15.29 4.38
CA VAL A 104 -2.32 -14.41 3.25
C VAL A 104 -3.09 -13.13 3.55
N VAL A 105 -2.58 -12.02 3.07
CA VAL A 105 -3.19 -10.75 3.33
C VAL A 105 -3.94 -10.33 2.09
N ARG A 106 -5.24 -10.33 2.14
CA ARG A 106 -5.99 -9.93 0.99
C ARG A 106 -6.09 -8.44 1.06
N LEU A 107 -6.06 -7.80 -0.06
CA LEU A 107 -6.24 -6.38 -0.08
C LEU A 107 -6.76 -5.86 -1.39
N LEU A 108 -7.23 -4.65 -1.30
CA LEU A 108 -7.74 -3.89 -2.41
C LEU A 108 -6.88 -2.68 -2.58
N VAL A 109 -6.13 -2.69 -3.65
CA VAL A 109 -5.07 -1.78 -3.85
C VAL A 109 -5.31 -0.99 -5.10
N THR A 110 -4.51 0.02 -5.26
CA THR A 110 -4.55 0.89 -6.39
C THR A 110 -3.14 1.21 -6.81
N ARG A 111 -2.75 0.70 -7.95
CA ARG A 111 -1.37 0.75 -8.37
C ARG A 111 -1.13 2.04 -9.15
N GLN A 112 0.14 2.30 -9.49
CA GLN A 112 0.63 3.63 -9.79
C GLN A 112 0.68 4.43 -8.53
N SER A 113 -0.51 4.58 -7.99
CA SER A 113 -0.71 5.16 -6.67
C SER A 113 -0.36 6.63 -6.64
N LEU A 114 -0.34 7.20 -7.81
CA LEU A 114 0.24 8.51 -8.00
C LEU A 114 -0.78 9.61 -7.79
N GLN A 115 -1.73 9.27 -6.99
CA GLN A 115 -2.71 10.20 -6.50
C GLN A 115 -2.53 10.41 -4.99
N LYS A 116 -2.77 11.63 -4.52
CA LYS A 116 -2.67 11.93 -3.10
C LYS A 116 -3.76 12.89 -2.65
N ALA A 117 -4.02 12.92 -1.35
CA ALA A 117 -5.06 13.71 -0.73
C ALA A 117 -5.22 13.27 0.71
N VAL A 118 -4.72 14.08 1.62
CA VAL A 118 -4.84 13.84 3.05
C VAL A 118 -6.26 14.23 3.52
N GLN A 119 -7.23 14.00 2.66
CA GLN A 119 -8.60 14.45 2.88
C GLN A 119 -9.54 13.28 3.17
N GLN A 120 -9.69 12.97 4.43
CA GLN A 120 -10.69 12.01 4.86
C GLN A 120 -11.69 12.66 5.79
N SER A 121 -12.81 12.01 6.02
CA SER A 121 -13.85 12.56 6.86
C SER A 121 -13.57 12.26 8.33
N MET A 122 -13.87 13.21 9.20
CA MET A 122 -13.58 13.07 10.62
C MET A 122 -14.83 12.62 11.38
N LEU A 123 -14.74 11.45 11.99
CA LEU A 123 -15.84 10.94 12.80
C LEU A 123 -15.69 11.39 14.25
N SER A 124 -16.73 11.21 15.03
CA SER A 124 -16.70 11.58 16.43
C SER A 124 -16.79 10.35 17.33
N LYS B 1 7.93 15.20 4.85
CA LYS B 1 6.65 14.77 4.31
C LYS B 1 6.22 13.45 4.94
N GLU B 2 5.73 12.50 4.13
CA GLU B 2 5.19 11.27 4.71
C GLU B 2 6.30 10.34 5.18
N ASN B 3 6.39 10.19 6.48
CA ASN B 3 7.44 9.37 7.08
C ASN B 3 6.91 8.28 8.00
N LEU B 4 5.69 7.78 7.77
CA LEU B 4 5.17 6.71 8.59
C LEU B 4 5.32 5.39 7.84
N GLU B 5 6.49 4.77 7.97
CA GLU B 5 6.77 3.49 7.32
C GLU B 5 6.84 2.36 8.32
N SER B 6 6.73 1.16 7.80
CA SER B 6 6.96 -0.05 8.58
C SER B 6 7.32 -1.20 7.65
N MET B 7 8.45 -1.85 7.90
CA MET B 7 8.77 -3.06 7.17
C MET B 7 8.02 -4.23 7.79
N VAL B 8 6.84 -4.45 7.27
CA VAL B 8 6.00 -5.53 7.73
C VAL B 8 6.10 -6.70 6.74
N MET A 1 -4.37 7.61 -28.50
CA MET A 1 -2.96 7.15 -28.38
C MET A 1 -2.10 8.25 -27.76
N SER A 2 -0.80 8.00 -27.70
CA SER A 2 0.18 8.97 -27.21
C SER A 2 0.08 9.15 -25.68
N TYR A 3 0.97 9.96 -25.13
CA TYR A 3 1.01 10.20 -23.70
C TYR A 3 0.90 11.70 -23.46
N ILE A 4 0.17 12.09 -22.43
CA ILE A 4 -0.02 13.49 -22.13
C ILE A 4 0.57 13.84 -20.76
N PRO A 5 1.83 14.31 -20.74
CA PRO A 5 2.50 14.71 -19.52
C PRO A 5 1.96 16.02 -18.99
N GLY A 6 1.03 15.92 -18.04
CA GLY A 6 0.38 17.07 -17.49
C GLY A 6 -0.86 16.67 -16.72
N GLN A 7 -1.60 15.71 -17.29
CA GLN A 7 -2.79 15.20 -16.66
C GLN A 7 -2.47 13.96 -15.83
N PRO A 8 -2.88 13.95 -14.55
CA PRO A 8 -2.68 12.80 -13.67
C PRO A 8 -3.68 11.69 -13.98
N VAL A 9 -3.24 10.45 -13.83
CA VAL A 9 -4.12 9.31 -14.01
C VAL A 9 -4.93 9.10 -12.74
N THR A 10 -5.80 8.13 -12.79
CA THR A 10 -6.66 7.84 -11.70
C THR A 10 -6.04 6.79 -10.79
N ALA A 11 -6.73 5.69 -10.68
CA ALA A 11 -6.31 4.57 -9.85
C ALA A 11 -7.20 3.37 -10.09
N VAL A 12 -6.59 2.27 -10.42
CA VAL A 12 -7.33 1.05 -10.65
C VAL A 12 -7.28 0.14 -9.45
N VAL A 13 -8.46 -0.09 -8.89
CA VAL A 13 -8.59 -0.91 -7.70
C VAL A 13 -8.55 -2.38 -8.10
N GLN A 14 -7.55 -3.07 -7.61
CA GLN A 14 -7.36 -4.45 -7.92
C GLN A 14 -7.06 -5.22 -6.65
N ARG A 15 -7.09 -6.53 -6.74
CA ARG A 15 -6.97 -7.36 -5.59
C ARG A 15 -5.75 -8.23 -5.71
N VAL A 16 -4.89 -8.17 -4.72
CA VAL A 16 -3.71 -8.99 -4.73
C VAL A 16 -3.54 -9.64 -3.35
N GLU A 17 -3.34 -10.94 -3.36
CA GLU A 17 -3.18 -11.71 -2.15
C GLU A 17 -1.71 -12.08 -1.97
N ILE A 18 -1.12 -11.45 -0.99
CA ILE A 18 0.23 -11.66 -0.61
C ILE A 18 0.20 -12.56 0.59
N HIS A 19 1.27 -13.20 0.89
CA HIS A 19 1.26 -14.15 1.96
C HIS A 19 2.43 -13.96 2.92
N LYS A 20 2.07 -13.77 4.19
CA LYS A 20 2.97 -13.64 5.34
C LYS A 20 4.06 -14.73 5.30
N LEU A 21 5.17 -14.52 6.00
CA LEU A 21 6.30 -15.42 5.84
C LEU A 21 6.76 -15.98 7.17
N ARG A 22 7.03 -17.28 7.13
CA ARG A 22 7.35 -18.07 8.31
C ARG A 22 8.59 -17.57 9.05
N GLN A 23 8.36 -17.19 10.29
CA GLN A 23 9.40 -16.95 11.24
C GLN A 23 9.02 -17.48 12.59
N GLY A 24 8.99 -18.79 12.67
CA GLY A 24 8.78 -19.49 13.92
C GLY A 24 7.65 -18.94 14.74
N GLU A 25 6.45 -19.33 14.32
CA GLU A 25 5.21 -18.99 14.96
C GLU A 25 4.72 -17.70 14.37
N ASN A 26 5.55 -17.14 13.50
CA ASN A 26 5.23 -15.93 12.87
C ASN A 26 5.12 -16.14 11.40
N LEU A 27 4.17 -15.48 10.88
CA LEU A 27 4.02 -15.34 9.45
C LEU A 27 4.00 -13.87 9.13
N ILE A 28 5.12 -13.36 8.63
CA ILE A 28 5.28 -11.93 8.37
C ILE A 28 6.41 -11.55 7.46
N LEU A 29 6.47 -10.24 7.25
CA LEU A 29 7.67 -9.51 6.83
C LEU A 29 8.01 -9.75 5.40
N GLY A 30 7.25 -9.05 4.62
CA GLY A 30 7.44 -9.03 3.19
C GLY A 30 7.94 -7.69 2.66
N PHE A 31 7.29 -6.60 3.06
CA PHE A 31 7.58 -5.30 2.43
C PHE A 31 7.15 -4.14 3.34
N SER A 32 7.34 -2.92 2.86
CA SER A 32 7.08 -1.73 3.67
C SER A 32 6.00 -0.88 3.01
N ILE A 33 5.16 -0.24 3.82
CA ILE A 33 4.07 0.56 3.31
C ILE A 33 4.06 1.91 4.00
N GLY A 34 3.58 2.92 3.32
CA GLY A 34 3.56 4.24 3.89
C GLY A 34 2.17 4.84 3.87
N GLY A 35 1.76 5.38 5.00
CA GLY A 35 0.46 6.03 5.08
C GLY A 35 0.44 7.14 6.11
N GLY A 36 0.15 8.36 5.67
CA GLY A 36 0.21 9.49 6.59
C GLY A 36 0.67 10.76 5.93
N ILE A 37 1.03 10.63 4.65
CA ILE A 37 1.79 11.63 3.91
C ILE A 37 1.39 13.07 4.16
N ASP A 38 0.20 13.42 3.77
CA ASP A 38 -0.20 14.83 3.69
C ASP A 38 -1.54 15.00 4.37
N GLN A 39 -2.14 13.89 4.70
CA GLN A 39 -3.57 13.91 5.01
C GLN A 39 -3.90 13.49 6.44
N ASP A 40 -2.94 12.86 7.09
CA ASP A 40 -3.12 12.32 8.43
C ASP A 40 -3.63 13.39 9.38
N PRO A 41 -4.60 13.04 10.24
CA PRO A 41 -5.27 13.97 11.15
C PRO A 41 -4.32 14.66 12.11
N SER A 42 -3.13 14.11 12.24
CA SER A 42 -2.14 14.65 13.14
C SER A 42 -1.55 15.92 12.54
N GLN A 43 -1.43 15.93 11.22
CA GLN A 43 -0.87 17.05 10.52
C GLN A 43 -1.95 17.83 9.80
N ASN A 44 -2.76 17.08 9.09
CA ASN A 44 -3.82 17.65 8.29
C ASN A 44 -5.19 17.10 8.68
N PRO A 45 -5.80 17.65 9.74
CA PRO A 45 -7.15 17.26 10.14
C PRO A 45 -8.20 17.80 9.18
N PHE A 46 -7.73 18.59 8.21
CA PHE A 46 -8.59 19.11 7.15
C PHE A 46 -8.71 18.05 6.06
N SER A 47 -7.75 17.15 6.01
CA SER A 47 -7.78 16.06 5.09
C SER A 47 -8.34 14.83 5.80
N GLU A 48 -8.09 13.66 5.23
CA GLU A 48 -8.63 12.40 5.74
C GLU A 48 -10.15 12.32 5.52
N ASP A 49 -10.76 13.49 5.34
CA ASP A 49 -12.20 13.60 5.10
C ASP A 49 -12.57 12.96 3.77
N LYS A 50 -11.62 12.97 2.86
CA LYS A 50 -11.80 12.37 1.53
C LYS A 50 -11.71 10.86 1.62
N THR A 51 -11.52 10.37 2.85
CA THR A 51 -11.09 9.01 3.11
C THR A 51 -9.71 8.80 2.49
N ASP A 52 -8.99 9.93 2.40
CA ASP A 52 -7.65 9.98 1.82
C ASP A 52 -6.74 8.91 2.44
N LYS A 53 -6.28 9.21 3.65
CA LYS A 53 -5.43 8.34 4.46
C LYS A 53 -4.03 8.20 3.90
N GLY A 54 -3.88 8.42 2.60
CA GLY A 54 -2.56 8.50 1.99
C GLY A 54 -1.76 7.25 2.21
N ILE A 55 -2.36 6.11 1.90
CA ILE A 55 -1.75 4.82 2.11
C ILE A 55 -1.26 4.23 0.79
N TYR A 56 0.02 3.92 0.70
CA TYR A 56 0.56 3.28 -0.48
C TYR A 56 1.82 2.50 -0.14
N VAL A 57 2.12 1.47 -0.92
CA VAL A 57 3.30 0.69 -0.71
C VAL A 57 4.52 1.48 -1.14
N THR A 58 5.54 1.45 -0.30
CA THR A 58 6.76 2.19 -0.55
C THR A 58 7.84 1.25 -1.00
N ARG A 59 7.63 -0.03 -0.74
CA ARG A 59 8.61 -1.03 -1.13
C ARG A 59 8.05 -2.43 -1.03
N VAL A 60 8.86 -3.35 -1.50
CA VAL A 60 8.62 -4.75 -1.47
C VAL A 60 9.94 -5.44 -1.27
N SER A 61 10.18 -5.97 -0.11
CA SER A 61 11.46 -6.65 0.07
C SER A 61 11.22 -8.11 0.02
N GLU A 62 11.13 -8.55 -1.19
CA GLU A 62 10.74 -9.82 -1.52
C GLU A 62 11.78 -10.73 -2.05
N GLY A 63 11.38 -11.93 -1.96
CA GLY A 63 11.91 -12.99 -2.75
C GLY A 63 10.75 -13.68 -3.47
N GLY A 64 9.55 -13.53 -2.89
CA GLY A 64 8.42 -14.29 -3.34
C GLY A 64 7.10 -13.56 -3.20
N PRO A 65 6.49 -13.74 -2.02
CA PRO A 65 5.06 -13.54 -1.77
C PRO A 65 4.46 -12.25 -2.28
N ALA A 66 5.07 -11.11 -2.01
CA ALA A 66 4.41 -9.84 -2.33
C ALA A 66 4.39 -9.67 -3.82
N GLU A 67 5.51 -9.97 -4.42
CA GLU A 67 5.72 -9.67 -5.80
C GLU A 67 5.17 -10.79 -6.65
N ILE A 68 5.09 -11.99 -6.09
CA ILE A 68 4.49 -13.07 -6.79
C ILE A 68 3.02 -12.92 -6.75
N ALA A 69 2.59 -12.31 -5.66
CA ALA A 69 1.22 -11.90 -5.54
C ALA A 69 0.96 -10.89 -6.63
N GLY A 70 2.03 -10.19 -6.97
CA GLY A 70 1.98 -9.21 -8.03
C GLY A 70 2.06 -7.81 -7.48
N LEU A 71 2.84 -7.63 -6.43
CA LEU A 71 2.99 -6.36 -5.82
C LEU A 71 4.23 -5.71 -6.36
N GLN A 72 4.43 -4.49 -5.96
CA GLN A 72 5.37 -3.63 -6.58
C GLN A 72 5.71 -2.49 -5.65
N ILE A 73 6.65 -1.70 -6.08
CA ILE A 73 7.02 -0.52 -5.36
C ILE A 73 6.16 0.66 -5.80
N GLY A 74 5.32 1.15 -4.91
CA GLY A 74 4.69 2.42 -5.17
C GLY A 74 3.28 2.25 -5.67
N ASP A 75 2.45 1.67 -4.83
CA ASP A 75 1.10 1.27 -5.22
C ASP A 75 0.18 1.45 -4.04
N LYS A 76 -0.96 2.12 -4.22
CA LYS A 76 -1.67 2.63 -3.06
C LYS A 76 -2.62 1.57 -2.53
N ILE A 77 -2.23 0.99 -1.42
CA ILE A 77 -3.04 0.01 -0.73
C ILE A 77 -4.18 0.70 -0.01
N MET A 78 -5.38 0.49 -0.47
CA MET A 78 -6.54 1.18 0.07
C MET A 78 -7.19 0.33 1.14
N GLN A 79 -7.00 -0.97 1.06
CA GLN A 79 -7.52 -1.88 2.03
C GLN A 79 -6.81 -3.18 2.03
N VAL A 80 -6.95 -3.83 3.15
CA VAL A 80 -6.27 -5.07 3.41
C VAL A 80 -7.26 -6.16 3.76
N ASN A 81 -7.24 -7.26 3.02
CA ASN A 81 -8.15 -8.40 3.27
C ASN A 81 -9.61 -7.98 3.08
N GLY A 82 -9.80 -6.72 2.76
CA GLY A 82 -11.12 -6.16 2.57
C GLY A 82 -11.43 -5.06 3.57
N TRP A 83 -10.45 -4.67 4.37
CA TRP A 83 -10.66 -3.64 5.36
C TRP A 83 -10.10 -2.35 4.84
N ASP A 84 -10.93 -1.63 4.14
CA ASP A 84 -10.66 -0.24 3.80
C ASP A 84 -9.81 0.45 4.87
N MET A 85 -8.54 0.64 4.58
CA MET A 85 -7.60 1.26 5.51
C MET A 85 -7.69 2.78 5.47
N THR A 86 -8.81 3.30 5.02
CA THR A 86 -8.94 4.72 4.71
C THR A 86 -9.29 5.60 5.91
N MET A 87 -9.92 5.02 6.91
CA MET A 87 -10.33 5.81 8.09
C MET A 87 -9.79 5.22 9.38
N VAL A 88 -9.30 4.00 9.32
CA VAL A 88 -8.81 3.31 10.49
C VAL A 88 -7.35 3.71 10.75
N THR A 89 -6.80 3.40 11.93
CA THR A 89 -5.51 3.93 12.31
C THR A 89 -4.42 3.00 11.79
N HIS A 90 -3.17 3.47 11.76
CA HIS A 90 -2.07 2.68 11.21
C HIS A 90 -1.88 1.39 12.00
N ASP A 91 -2.02 1.49 13.31
CA ASP A 91 -1.91 0.33 14.19
C ASP A 91 -3.13 -0.56 14.03
N GLN A 92 -4.27 0.05 13.76
CA GLN A 92 -5.49 -0.70 13.46
C GLN A 92 -5.30 -1.45 12.16
N ALA A 93 -4.65 -0.75 11.23
CA ALA A 93 -4.31 -1.34 9.96
C ALA A 93 -3.36 -2.48 10.19
N ARG A 94 -2.46 -2.26 11.13
CA ARG A 94 -1.54 -3.28 11.56
C ARG A 94 -2.32 -4.48 12.12
N LYS A 95 -3.29 -4.19 12.97
CA LYS A 95 -4.09 -5.22 13.63
C LYS A 95 -4.71 -6.22 12.65
N ARG A 96 -5.17 -5.74 11.49
CA ARG A 96 -5.88 -6.62 10.57
C ARG A 96 -4.95 -7.40 9.64
N LEU A 97 -3.81 -6.81 9.29
CA LEU A 97 -2.87 -7.48 8.40
C LEU A 97 -1.87 -8.34 9.14
N THR A 98 -1.67 -8.07 10.42
CA THR A 98 -0.79 -8.90 11.24
C THR A 98 -1.51 -9.42 12.47
N LYS A 99 -2.68 -10.01 12.26
CA LYS A 99 -3.42 -10.64 13.34
C LYS A 99 -3.07 -12.12 13.41
N ARG A 100 -4.00 -12.93 13.87
CA ARG A 100 -3.83 -14.37 13.90
C ARG A 100 -5.04 -15.05 13.28
N SER A 101 -5.77 -14.29 12.48
CA SER A 101 -6.99 -14.75 11.86
C SER A 101 -6.78 -15.00 10.37
N GLU A 102 -5.60 -14.68 9.88
CA GLU A 102 -5.28 -14.87 8.49
C GLU A 102 -4.13 -15.85 8.36
N GLU A 103 -3.74 -16.05 7.13
CA GLU A 103 -2.53 -16.80 6.79
C GLU A 103 -1.67 -15.89 5.97
N VAL A 104 -2.27 -14.78 5.61
CA VAL A 104 -1.94 -14.13 4.39
C VAL A 104 -2.20 -12.63 4.48
N VAL A 105 -1.75 -11.86 3.50
CA VAL A 105 -2.18 -10.47 3.45
C VAL A 105 -2.77 -10.18 2.08
N ARG A 106 -4.07 -10.08 2.06
CA ARG A 106 -4.77 -9.63 0.90
C ARG A 106 -4.82 -8.13 0.96
N LEU A 107 -4.74 -7.50 -0.17
CA LEU A 107 -4.97 -6.08 -0.21
C LEU A 107 -5.67 -5.67 -1.47
N LEU A 108 -6.32 -4.55 -1.33
CA LEU A 108 -6.93 -3.85 -2.42
C LEU A 108 -6.16 -2.59 -2.67
N VAL A 109 -5.49 -2.56 -3.79
CA VAL A 109 -4.56 -1.55 -4.11
C VAL A 109 -5.10 -0.75 -5.27
N THR A 110 -4.34 0.21 -5.68
CA THR A 110 -4.73 1.08 -6.76
C THR A 110 -3.56 1.33 -7.69
N ARG A 111 -3.66 0.76 -8.87
CA ARG A 111 -2.58 0.80 -9.80
C ARG A 111 -2.70 1.99 -10.70
N GLN A 112 -1.57 2.58 -10.98
CA GLN A 112 -1.49 3.60 -11.96
C GLN A 112 -1.11 2.97 -13.27
N SER A 113 -0.13 2.10 -13.16
CA SER A 113 0.47 1.38 -14.27
C SER A 113 1.25 2.33 -15.15
N LEU A 114 1.32 3.53 -14.65
CA LEU A 114 2.00 4.65 -15.28
C LEU A 114 2.84 5.31 -14.23
N GLN A 115 3.23 4.46 -13.32
CA GLN A 115 4.03 4.82 -12.17
C GLN A 115 5.28 5.56 -12.60
N LYS A 116 5.36 6.82 -12.20
CA LYS A 116 6.38 7.72 -12.70
C LYS A 116 7.66 7.63 -11.90
N ALA A 117 8.76 7.51 -12.63
CA ALA A 117 10.09 7.48 -12.05
C ALA A 117 11.11 7.86 -13.10
N VAL A 118 10.62 8.60 -14.07
CA VAL A 118 11.41 8.97 -15.23
C VAL A 118 11.87 10.42 -15.10
N GLN A 119 12.94 10.58 -14.35
CA GLN A 119 13.57 11.87 -14.19
C GLN A 119 14.84 11.92 -15.02
N GLN A 120 14.75 12.50 -16.20
CA GLN A 120 15.88 12.50 -17.14
C GLN A 120 16.58 13.85 -17.19
N SER A 121 16.09 14.81 -16.42
CA SER A 121 16.68 16.14 -16.34
C SER A 121 16.74 16.82 -17.71
N MET A 122 15.67 16.65 -18.49
CA MET A 122 15.60 17.20 -19.83
C MET A 122 15.34 18.71 -19.78
N LEU A 123 16.42 19.49 -19.78
CA LEU A 123 16.33 20.94 -19.72
C LEU A 123 15.61 21.50 -20.94
N SER A 124 15.96 20.99 -22.13
CA SER A 124 15.38 21.42 -23.39
C SER A 124 15.73 22.88 -23.70
N LYS B 1 3.18 16.91 10.09
CA LYS B 1 3.78 15.88 10.90
C LYS B 1 4.72 15.02 10.06
N GLU B 2 4.19 13.91 9.52
CA GLU B 2 4.99 13.03 8.70
C GLU B 2 4.17 11.91 8.07
N ASN B 3 4.47 10.67 8.44
CA ASN B 3 3.81 9.49 7.89
C ASN B 3 4.33 8.24 8.59
N LEU B 4 3.57 7.17 8.56
CA LEU B 4 4.00 5.92 9.17
C LEU B 4 4.35 4.89 8.12
N GLU B 5 5.58 4.39 8.19
CA GLU B 5 6.00 3.27 7.37
C GLU B 5 6.27 2.05 8.23
N SER B 6 6.03 0.88 7.68
CA SER B 6 6.17 -0.36 8.44
C SER B 6 6.33 -1.55 7.52
N MET B 7 7.16 -2.51 7.91
CA MET B 7 7.25 -3.77 7.17
C MET B 7 6.48 -4.83 7.91
N VAL B 8 5.67 -5.58 7.19
CA VAL B 8 4.85 -6.65 7.76
C VAL B 8 4.73 -7.80 6.79
N MET A 1 -16.24 12.61 -8.29
CA MET A 1 -15.14 11.68 -7.98
C MET A 1 -13.82 12.42 -7.92
N SER A 2 -12.98 12.04 -6.97
CA SER A 2 -11.67 12.64 -6.83
C SER A 2 -10.60 11.73 -7.43
N TYR A 3 -9.94 12.22 -8.46
CA TYR A 3 -8.85 11.49 -9.11
C TYR A 3 -7.56 12.26 -8.96
N ILE A 4 -7.49 12.99 -7.84
CA ILE A 4 -6.39 13.88 -7.53
C ILE A 4 -6.44 15.12 -8.42
N PRO A 5 -7.16 16.16 -7.94
CA PRO A 5 -7.30 17.41 -8.68
C PRO A 5 -6.03 18.25 -8.65
N GLY A 6 -5.23 18.10 -9.69
CA GLY A 6 -3.98 18.81 -9.80
C GLY A 6 -3.06 18.12 -10.76
N GLN A 7 -2.95 16.80 -10.61
CA GLN A 7 -2.18 15.98 -11.52
C GLN A 7 -2.96 14.73 -11.89
N PRO A 8 -3.61 14.73 -13.06
CA PRO A 8 -4.47 13.62 -13.50
C PRO A 8 -3.72 12.28 -13.58
N VAL A 9 -4.32 11.27 -12.97
CA VAL A 9 -3.77 9.92 -13.01
C VAL A 9 -4.90 8.91 -13.01
N THR A 10 -4.56 7.64 -13.07
CA THR A 10 -5.54 6.61 -13.24
C THR A 10 -5.33 5.50 -12.24
N ALA A 11 -6.17 5.53 -11.26
CA ALA A 11 -6.15 4.57 -10.18
C ALA A 11 -6.82 3.29 -10.60
N VAL A 12 -5.99 2.35 -10.97
CA VAL A 12 -6.43 1.02 -11.30
C VAL A 12 -6.76 0.26 -10.05
N VAL A 13 -8.00 -0.12 -9.93
CA VAL A 13 -8.49 -0.86 -8.77
C VAL A 13 -8.21 -2.34 -8.97
N GLN A 14 -7.33 -2.86 -8.14
CA GLN A 14 -6.86 -4.21 -8.25
C GLN A 14 -6.67 -4.79 -6.85
N ARG A 15 -6.86 -6.09 -6.73
CA ARG A 15 -6.76 -6.77 -5.47
C ARG A 15 -5.71 -7.85 -5.58
N VAL A 16 -4.92 -7.96 -4.55
CA VAL A 16 -3.80 -8.87 -4.55
C VAL A 16 -3.71 -9.51 -3.17
N GLU A 17 -3.23 -10.73 -3.09
CA GLU A 17 -3.11 -11.41 -1.80
C GLU A 17 -1.66 -11.75 -1.52
N ILE A 18 -1.06 -11.06 -0.56
CA ILE A 18 0.33 -11.28 -0.19
C ILE A 18 0.40 -12.27 0.95
N HIS A 19 0.98 -13.40 0.70
CA HIS A 19 1.20 -14.34 1.77
C HIS A 19 2.67 -14.67 1.92
N LYS A 20 3.23 -14.25 3.05
CA LYS A 20 4.58 -14.61 3.39
C LYS A 20 4.57 -15.88 4.23
N LEU A 21 4.67 -15.73 5.55
CA LEU A 21 4.71 -16.91 6.41
C LEU A 21 4.21 -16.63 7.82
N ARG A 22 3.21 -17.39 8.25
CA ARG A 22 2.85 -17.46 9.65
C ARG A 22 3.83 -18.41 10.34
N GLN A 23 4.72 -17.83 11.14
CA GLN A 23 5.74 -18.61 11.81
C GLN A 23 5.51 -18.60 13.29
N GLY A 24 4.41 -19.22 13.64
CA GLY A 24 4.07 -19.40 15.03
C GLY A 24 3.46 -18.16 15.61
N GLU A 25 4.25 -17.44 16.38
CA GLU A 25 3.83 -16.17 16.91
C GLU A 25 3.95 -15.13 15.82
N ASN A 26 4.52 -15.53 14.70
CA ASN A 26 4.82 -14.62 13.65
C ASN A 26 3.82 -14.75 12.57
N LEU A 27 3.43 -13.62 12.17
CA LEU A 27 2.63 -13.40 11.02
C LEU A 27 3.41 -12.46 10.15
N ILE A 28 3.90 -12.96 9.04
CA ILE A 28 4.80 -12.20 8.22
C ILE A 28 4.13 -11.79 6.94
N LEU A 29 4.14 -10.49 6.70
CA LEU A 29 3.69 -9.90 5.46
C LEU A 29 4.92 -9.54 4.59
N GLY A 30 6.06 -9.28 5.25
CA GLY A 30 7.31 -9.15 4.53
C GLY A 30 7.62 -7.75 4.03
N PHE A 31 6.74 -7.18 3.24
CA PHE A 31 7.01 -5.88 2.63
C PHE A 31 6.70 -4.75 3.61
N SER A 32 6.95 -3.51 3.18
CA SER A 32 6.74 -2.36 4.05
C SER A 32 5.80 -1.38 3.36
N ILE A 33 5.06 -0.64 4.16
CA ILE A 33 4.02 0.23 3.64
C ILE A 33 4.19 1.62 4.20
N GLY A 34 3.96 2.62 3.38
CA GLY A 34 4.26 3.96 3.77
C GLY A 34 3.04 4.76 4.15
N GLY A 35 3.17 5.48 5.25
CA GLY A 35 2.18 6.46 5.63
C GLY A 35 2.46 7.75 4.89
N GLY A 36 1.71 7.98 3.83
CA GLY A 36 2.02 9.02 2.89
C GLY A 36 0.87 9.99 2.76
N ILE A 37 0.26 10.26 3.90
CA ILE A 37 -0.88 11.17 3.99
C ILE A 37 -0.53 12.52 3.45
N ASP A 38 0.61 12.99 3.89
CA ASP A 38 1.02 14.37 3.67
C ASP A 38 2.13 14.67 4.64
N GLN A 39 2.13 13.88 5.72
CA GLN A 39 3.12 13.96 6.76
C GLN A 39 3.02 15.22 7.56
N ASP A 40 3.62 15.13 8.76
CA ASP A 40 3.59 16.18 9.75
C ASP A 40 2.20 16.20 10.40
N PRO A 41 2.03 16.84 11.58
CA PRO A 41 0.71 17.01 12.23
C PRO A 41 -0.39 17.39 11.24
N SER A 42 0.10 17.97 10.19
CA SER A 42 -0.65 18.32 8.98
C SER A 42 -1.57 17.19 8.52
N GLN A 43 -1.08 15.96 8.64
CA GLN A 43 -1.70 14.82 8.01
C GLN A 43 -2.87 14.34 8.84
N ASN A 44 -2.85 14.72 10.11
CA ASN A 44 -3.93 14.46 11.03
C ASN A 44 -4.34 12.99 11.09
N PRO A 45 -3.76 12.21 12.00
CA PRO A 45 -4.15 10.81 12.22
C PRO A 45 -5.46 10.74 13.01
N PHE A 46 -6.10 11.88 13.11
CA PHE A 46 -7.42 11.96 13.68
C PHE A 46 -8.44 12.00 12.56
N SER A 47 -7.97 12.28 11.33
CA SER A 47 -8.80 12.08 10.18
C SER A 47 -8.71 10.62 9.74
N GLU A 48 -7.78 10.32 8.84
CA GLU A 48 -7.62 8.96 8.29
C GLU A 48 -8.99 8.42 7.89
N ASP A 49 -9.83 9.32 7.42
CA ASP A 49 -11.26 9.05 7.26
C ASP A 49 -11.63 8.67 5.83
N LYS A 50 -10.92 9.21 4.85
CA LYS A 50 -11.23 8.95 3.44
C LYS A 50 -10.36 9.76 2.50
N THR A 51 -10.52 11.06 2.59
CA THR A 51 -9.93 11.99 1.65
C THR A 51 -8.42 12.01 1.78
N ASP A 52 -7.97 11.46 2.90
CA ASP A 52 -6.56 11.29 3.19
C ASP A 52 -5.87 10.57 2.06
N LYS A 53 -6.31 9.33 1.80
CA LYS A 53 -5.78 8.51 0.71
C LYS A 53 -4.28 8.29 0.91
N GLY A 54 -3.86 8.44 2.15
CA GLY A 54 -2.45 8.49 2.47
C GLY A 54 -1.83 7.14 2.75
N ILE A 55 -2.33 6.08 2.13
CA ILE A 55 -1.81 4.74 2.39
C ILE A 55 -1.33 4.11 1.09
N TYR A 56 -0.05 3.79 1.01
CA TYR A 56 0.51 3.12 -0.15
C TYR A 56 1.77 2.34 0.21
N VAL A 57 2.09 1.33 -0.59
CA VAL A 57 3.26 0.53 -0.39
C VAL A 57 4.49 1.31 -0.81
N THR A 58 5.51 1.22 0.02
CA THR A 58 6.79 1.85 -0.27
C THR A 58 7.88 0.79 -0.39
N ARG A 59 7.54 -0.46 -0.04
CA ARG A 59 8.49 -1.55 -0.13
C ARG A 59 7.83 -2.83 -0.51
N VAL A 60 8.68 -3.78 -0.78
CA VAL A 60 8.30 -5.13 -1.04
C VAL A 60 9.43 -6.05 -0.64
N SER A 61 9.11 -7.11 0.07
CA SER A 61 10.06 -8.18 0.25
C SER A 61 10.32 -8.83 -1.09
N GLU A 62 11.42 -8.46 -1.68
CA GLU A 62 11.72 -8.79 -3.02
C GLU A 62 12.09 -10.23 -3.17
N GLY A 63 11.66 -10.74 -4.28
CA GLY A 63 11.79 -12.15 -4.57
C GLY A 63 11.00 -12.97 -3.58
N GLY A 64 9.92 -12.40 -3.07
CA GLY A 64 9.20 -13.00 -1.99
C GLY A 64 7.75 -13.23 -2.30
N PRO A 65 6.87 -12.71 -1.44
CA PRO A 65 5.44 -12.92 -1.53
C PRO A 65 4.68 -11.84 -2.26
N ALA A 66 5.08 -10.61 -2.01
CA ALA A 66 4.28 -9.47 -2.39
C ALA A 66 4.21 -9.36 -3.88
N GLU A 67 5.33 -9.58 -4.49
CA GLU A 67 5.51 -9.22 -5.87
C GLU A 67 5.02 -10.34 -6.72
N ILE A 68 5.00 -11.53 -6.14
CA ILE A 68 4.55 -12.65 -6.85
C ILE A 68 3.07 -12.73 -6.73
N ALA A 69 2.60 -12.19 -5.64
CA ALA A 69 1.20 -11.94 -5.45
C ALA A 69 0.79 -10.91 -6.48
N GLY A 70 1.75 -10.07 -6.84
CA GLY A 70 1.51 -9.05 -7.83
C GLY A 70 1.56 -7.66 -7.25
N LEU A 71 2.56 -7.42 -6.41
CA LEU A 71 2.75 -6.15 -5.79
C LEU A 71 4.13 -5.66 -6.15
N GLN A 72 4.34 -4.39 -5.94
CA GLN A 72 5.57 -3.75 -6.30
C GLN A 72 5.63 -2.43 -5.58
N ILE A 73 6.69 -1.69 -5.77
CA ILE A 73 6.92 -0.51 -4.98
C ILE A 73 6.12 0.67 -5.50
N GLY A 74 5.19 1.12 -4.69
CA GLY A 74 4.45 2.32 -5.02
C GLY A 74 3.02 2.00 -5.40
N ASP A 75 2.30 1.45 -4.44
CA ASP A 75 0.97 0.92 -4.71
C ASP A 75 0.05 1.26 -3.56
N LYS A 76 -1.02 2.00 -3.81
CA LYS A 76 -1.80 2.53 -2.70
C LYS A 76 -2.81 1.50 -2.23
N ILE A 77 -2.51 0.92 -1.08
CA ILE A 77 -3.34 -0.10 -0.47
C ILE A 77 -4.53 0.56 0.21
N MET A 78 -5.73 0.09 -0.12
CA MET A 78 -6.93 0.77 0.28
C MET A 78 -7.66 -0.08 1.29
N GLN A 79 -7.28 -1.34 1.33
CA GLN A 79 -7.90 -2.29 2.20
C GLN A 79 -7.00 -3.50 2.35
N VAL A 80 -7.24 -4.19 3.43
CA VAL A 80 -6.51 -5.40 3.73
C VAL A 80 -7.45 -6.48 4.22
N ASN A 81 -7.43 -7.65 3.58
CA ASN A 81 -8.26 -8.81 3.97
C ASN A 81 -9.75 -8.47 3.90
N GLY A 82 -10.01 -7.35 3.29
CA GLY A 82 -11.38 -6.87 3.12
C GLY A 82 -11.71 -5.72 4.05
N TRP A 83 -10.70 -5.21 4.76
CA TRP A 83 -10.88 -4.12 5.68
C TRP A 83 -10.32 -2.88 5.04
N ASP A 84 -11.18 -2.15 4.40
CA ASP A 84 -10.81 -0.86 3.80
C ASP A 84 -10.05 0.01 4.79
N MET A 85 -8.76 0.18 4.53
CA MET A 85 -7.85 0.90 5.43
C MET A 85 -8.00 2.41 5.32
N THR A 86 -8.87 2.86 4.43
CA THR A 86 -9.05 4.29 4.20
C THR A 86 -9.99 4.90 5.24
N MET A 87 -10.73 4.03 5.92
CA MET A 87 -11.59 4.43 7.03
C MET A 87 -10.91 4.03 8.34
N VAL A 88 -9.61 3.81 8.25
CA VAL A 88 -8.87 3.12 9.29
C VAL A 88 -7.52 3.82 9.59
N THR A 89 -6.97 3.62 10.80
CA THR A 89 -5.71 4.18 11.15
C THR A 89 -4.62 3.21 10.73
N HIS A 90 -3.55 3.76 10.22
CA HIS A 90 -2.45 2.97 9.66
C HIS A 90 -1.86 2.03 10.69
N ASP A 91 -1.84 2.49 11.91
CA ASP A 91 -1.29 1.74 13.03
C ASP A 91 -2.24 0.62 13.44
N GLN A 92 -3.54 0.88 13.39
CA GLN A 92 -4.47 -0.09 13.85
C GLN A 92 -4.71 -1.06 12.70
N ALA A 93 -4.44 -0.56 11.48
CA ALA A 93 -4.54 -1.37 10.29
C ALA A 93 -3.35 -2.29 10.21
N ARG A 94 -2.22 -1.79 10.68
CA ARG A 94 -0.99 -2.56 10.63
C ARG A 94 -1.11 -3.79 11.53
N LYS A 95 -1.73 -3.60 12.68
CA LYS A 95 -1.88 -4.69 13.65
C LYS A 95 -3.05 -5.61 13.28
N ARG A 96 -4.03 -5.12 12.52
CA ARG A 96 -5.17 -5.93 12.17
C ARG A 96 -4.90 -6.71 10.88
N LEU A 97 -3.90 -6.30 10.13
CA LEU A 97 -3.47 -7.07 8.98
C LEU A 97 -2.60 -8.22 9.42
N THR A 98 -1.84 -7.99 10.50
CA THR A 98 -1.04 -9.05 11.09
C THR A 98 -1.88 -9.84 12.09
N LYS A 99 -3.07 -10.23 11.65
CA LYS A 99 -3.98 -10.91 12.50
C LYS A 99 -3.64 -12.39 12.50
N ARG A 100 -4.25 -13.10 13.40
CA ARG A 100 -3.94 -14.50 13.60
C ARG A 100 -4.95 -15.38 12.87
N SER A 101 -5.68 -14.77 11.95
CA SER A 101 -6.75 -15.50 11.27
C SER A 101 -6.23 -16.12 9.99
N GLU A 102 -5.19 -15.52 9.43
CA GLU A 102 -4.56 -16.02 8.24
C GLU A 102 -3.17 -15.43 8.13
N GLU A 103 -2.40 -15.99 7.25
CA GLU A 103 -1.06 -15.50 6.99
C GLU A 103 -1.02 -14.93 5.60
N VAL A 104 -2.19 -14.83 5.04
CA VAL A 104 -2.38 -14.19 3.77
C VAL A 104 -2.94 -12.82 3.99
N VAL A 105 -2.34 -11.83 3.38
CA VAL A 105 -2.84 -10.49 3.54
C VAL A 105 -3.43 -10.05 2.21
N ARG A 106 -4.73 -9.86 2.22
CA ARG A 106 -5.42 -9.45 1.03
C ARG A 106 -5.35 -7.95 0.92
N LEU A 107 -5.11 -7.46 -0.25
CA LEU A 107 -4.99 -6.03 -0.45
C LEU A 107 -5.93 -5.58 -1.53
N LEU A 108 -6.59 -4.49 -1.24
CA LEU A 108 -7.19 -3.69 -2.28
C LEU A 108 -6.21 -2.58 -2.54
N VAL A 109 -5.90 -2.32 -3.78
CA VAL A 109 -4.85 -1.42 -4.07
C VAL A 109 -5.21 -0.60 -5.29
N THR A 110 -4.37 0.34 -5.55
CA THR A 110 -4.55 1.25 -6.67
C THR A 110 -3.27 1.44 -7.45
N ARG A 111 -3.28 0.99 -8.68
CA ARG A 111 -2.17 1.18 -9.58
C ARG A 111 -2.35 2.46 -10.35
N GLN A 112 -1.28 2.97 -10.86
CA GLN A 112 -1.32 4.10 -11.73
C GLN A 112 -1.16 3.62 -13.15
N SER A 113 -0.37 2.57 -13.24
CA SER A 113 -0.11 1.85 -14.48
C SER A 113 0.65 2.68 -15.48
N LEU A 114 1.29 3.70 -14.98
CA LEU A 114 2.10 4.57 -15.80
C LEU A 114 3.28 5.02 -14.98
N GLN A 115 3.26 4.44 -13.80
CA GLN A 115 4.18 4.67 -12.69
C GLN A 115 5.19 5.78 -12.95
N LYS A 116 4.87 6.98 -12.51
CA LYS A 116 5.78 8.11 -12.63
C LYS A 116 6.35 8.46 -11.26
N ALA A 117 7.57 8.98 -11.24
CA ALA A 117 8.28 9.24 -10.01
C ALA A 117 9.09 10.51 -10.18
N VAL A 118 8.64 11.23 -11.20
CA VAL A 118 9.24 12.47 -11.67
C VAL A 118 10.76 12.55 -11.50
N GLN A 119 11.46 12.16 -12.55
CA GLN A 119 12.91 12.30 -12.60
C GLN A 119 13.30 13.31 -13.68
N GLN A 120 12.45 14.31 -13.83
CA GLN A 120 12.68 15.38 -14.79
C GLN A 120 12.57 16.72 -14.08
N SER A 121 13.44 17.65 -14.45
CA SER A 121 13.58 18.92 -13.74
C SER A 121 14.03 18.64 -12.31
N MET A 122 15.34 18.41 -12.17
CA MET A 122 15.92 17.93 -10.92
C MET A 122 15.43 16.50 -10.64
N LEU A 123 15.64 16.03 -9.40
CA LEU A 123 15.19 14.69 -8.99
C LEU A 123 15.87 13.59 -9.81
N SER A 124 16.90 13.00 -9.24
CA SER A 124 17.61 11.91 -9.89
C SER A 124 16.79 10.62 -9.84
N LYS B 1 2.16 11.77 13.87
CA LYS B 1 2.13 12.80 12.83
C LYS B 1 3.47 12.92 12.12
N GLU B 2 3.77 11.95 11.25
CA GLU B 2 4.94 12.03 10.39
C GLU B 2 4.97 10.87 9.40
N ASN B 3 6.03 10.82 8.61
CA ASN B 3 6.24 9.75 7.63
C ASN B 3 6.19 8.39 8.32
N LEU B 4 5.33 7.51 7.81
CA LEU B 4 5.18 6.20 8.43
C LEU B 4 5.65 5.08 7.51
N GLU B 5 6.15 4.03 8.12
CA GLU B 5 6.44 2.78 7.43
C GLU B 5 6.13 1.61 8.33
N SER B 6 5.86 0.47 7.72
CA SER B 6 5.56 -0.73 8.47
C SER B 6 5.80 -1.97 7.61
N MET B 7 6.93 -2.64 7.82
CA MET B 7 7.05 -4.00 7.33
C MET B 7 6.49 -4.91 8.39
N VAL B 8 5.66 -5.82 7.99
CA VAL B 8 4.96 -6.66 8.94
C VAL B 8 4.87 -8.09 8.45
N MET A 1 11.42 10.13 -13.69
CA MET A 1 10.19 9.65 -13.03
C MET A 1 9.00 9.80 -13.97
N SER A 2 8.08 8.83 -13.91
CA SER A 2 6.88 8.82 -14.74
C SER A 2 7.24 8.62 -16.22
N TYR A 3 6.24 8.74 -17.07
CA TYR A 3 6.42 8.66 -18.51
C TYR A 3 5.69 9.82 -19.19
N ILE A 4 6.30 10.37 -20.23
CA ILE A 4 5.73 11.50 -20.97
C ILE A 4 5.28 12.64 -20.05
N PRO A 5 6.23 13.52 -19.69
CA PRO A 5 5.96 14.66 -18.79
C PRO A 5 4.82 15.54 -19.31
N GLY A 6 3.69 15.48 -18.63
CA GLY A 6 2.53 16.24 -19.05
C GLY A 6 1.27 15.41 -19.06
N GLN A 7 1.41 14.10 -19.27
CA GLN A 7 0.27 13.20 -19.33
C GLN A 7 0.38 12.09 -18.28
N PRO A 8 -0.35 12.22 -17.17
CA PRO A 8 -0.36 11.23 -16.11
C PRO A 8 -1.47 10.19 -16.28
N VAL A 9 -1.70 9.40 -15.23
CA VAL A 9 -2.76 8.41 -15.23
C VAL A 9 -3.62 8.59 -13.98
N THR A 10 -4.58 7.72 -13.79
CA THR A 10 -5.52 7.85 -12.71
C THR A 10 -5.31 6.76 -11.67
N ALA A 11 -5.99 5.66 -11.87
CA ALA A 11 -5.96 4.55 -10.93
C ALA A 11 -6.62 3.33 -11.49
N VAL A 12 -6.02 2.21 -11.17
CA VAL A 12 -6.54 0.92 -11.48
C VAL A 12 -6.73 0.15 -10.18
N VAL A 13 -7.82 -0.56 -10.07
CA VAL A 13 -8.13 -1.30 -8.85
C VAL A 13 -7.95 -2.80 -9.07
N GLN A 14 -7.14 -3.42 -8.23
CA GLN A 14 -6.85 -4.84 -8.33
C GLN A 14 -6.92 -5.48 -6.96
N ARG A 15 -6.94 -6.78 -6.95
CA ARG A 15 -7.03 -7.56 -5.77
C ARG A 15 -5.84 -8.46 -5.67
N VAL A 16 -5.09 -8.32 -4.61
CA VAL A 16 -3.86 -9.07 -4.46
C VAL A 16 -3.72 -9.58 -3.04
N GLU A 17 -3.49 -10.86 -2.92
CA GLU A 17 -3.43 -11.50 -1.62
C GLU A 17 -1.97 -11.84 -1.26
N ILE A 18 -1.45 -11.11 -0.29
CA ILE A 18 -0.07 -11.20 0.12
C ILE A 18 0.10 -12.15 1.28
N HIS A 19 0.96 -13.12 1.08
CA HIS A 19 1.32 -14.06 2.11
C HIS A 19 2.79 -14.51 1.97
N LYS A 20 3.62 -14.24 2.99
CA LYS A 20 4.99 -14.72 2.99
C LYS A 20 5.11 -16.02 3.75
N LEU A 21 5.16 -15.93 5.06
CA LEU A 21 5.31 -17.13 5.88
C LEU A 21 4.64 -16.95 7.23
N ARG A 22 3.65 -17.76 7.49
CA ARG A 22 3.10 -17.89 8.82
C ARG A 22 4.00 -18.79 9.63
N GLN A 23 4.66 -18.22 10.62
CA GLN A 23 5.53 -18.96 11.49
C GLN A 23 5.07 -18.85 12.92
N GLY A 24 3.90 -19.40 13.14
CA GLY A 24 3.38 -19.53 14.46
C GLY A 24 2.87 -18.23 15.00
N GLU A 25 3.71 -17.58 15.79
CA GLU A 25 3.39 -16.29 16.32
C GLU A 25 3.70 -15.22 15.28
N ASN A 26 4.16 -15.69 14.14
CA ASN A 26 4.51 -14.81 13.08
C ASN A 26 3.62 -15.00 11.91
N LEU A 27 3.19 -13.91 11.46
CA LEU A 27 2.55 -13.78 10.19
C LEU A 27 3.40 -12.80 9.41
N ILE A 28 4.05 -13.30 8.40
CA ILE A 28 5.06 -12.53 7.72
C ILE A 28 4.60 -12.06 6.35
N LEU A 29 4.75 -10.77 6.13
CA LEU A 29 4.60 -10.17 4.83
C LEU A 29 5.95 -9.60 4.39
N GLY A 30 6.57 -8.85 5.28
CA GLY A 30 7.91 -8.37 5.06
C GLY A 30 7.96 -7.02 4.37
N PHE A 31 7.09 -6.81 3.40
CA PHE A 31 7.06 -5.56 2.66
C PHE A 31 6.54 -4.43 3.57
N SER A 32 6.68 -3.18 3.16
CA SER A 32 6.34 -2.07 4.03
C SER A 32 5.47 -1.06 3.31
N ILE A 33 4.58 -0.39 4.03
CA ILE A 33 3.72 0.58 3.40
C ILE A 33 3.78 1.88 4.15
N GLY A 34 3.52 2.94 3.43
CA GLY A 34 3.71 4.25 3.98
C GLY A 34 2.58 5.20 3.65
N GLY A 35 2.02 5.78 4.70
CA GLY A 35 0.96 6.77 4.55
C GLY A 35 -0.07 6.58 5.62
N GLY A 36 -1.01 7.50 5.77
CA GLY A 36 -2.14 7.23 6.63
C GLY A 36 -2.71 8.45 7.28
N ILE A 37 -2.74 8.35 8.61
CA ILE A 37 -3.26 9.33 9.56
C ILE A 37 -4.17 10.39 8.99
N ASP A 38 -3.56 11.34 8.35
CA ASP A 38 -4.23 12.54 7.89
C ASP A 38 -3.17 13.55 7.50
N GLN A 39 -2.05 13.45 8.23
CA GLN A 39 -0.96 14.43 8.25
C GLN A 39 -1.12 15.62 7.32
N ASP A 40 -0.39 15.60 6.23
CA ASP A 40 -0.29 16.79 5.39
C ASP A 40 -0.36 16.45 3.90
N PRO A 41 -1.17 17.20 3.16
CA PRO A 41 -1.32 17.07 1.70
C PRO A 41 -0.21 17.77 0.93
N SER A 42 0.54 18.61 1.65
CA SER A 42 1.57 19.49 1.08
C SER A 42 2.44 18.79 0.05
N GLN A 43 2.84 17.58 0.37
CA GLN A 43 3.88 16.90 -0.36
C GLN A 43 3.32 16.07 -1.52
N ASN A 44 2.00 16.11 -1.66
CA ASN A 44 1.26 15.40 -2.70
C ASN A 44 2.01 15.27 -4.03
N PRO A 45 2.44 14.06 -4.35
CA PRO A 45 3.02 13.74 -5.66
C PRO A 45 1.95 13.49 -6.71
N PHE A 46 0.70 13.43 -6.25
CA PHE A 46 -0.43 13.13 -7.12
C PHE A 46 -1.72 13.68 -6.53
N SER A 47 -2.01 13.30 -5.28
CA SER A 47 -3.18 13.76 -4.55
C SER A 47 -4.45 13.16 -5.15
N GLU A 48 -4.27 12.18 -6.03
CA GLU A 48 -5.37 11.45 -6.66
C GLU A 48 -6.15 12.32 -7.65
N ASP A 49 -6.69 13.41 -7.12
CA ASP A 49 -7.66 14.27 -7.78
C ASP A 49 -8.33 15.10 -6.70
N LYS A 50 -8.56 14.40 -5.60
CA LYS A 50 -9.16 14.97 -4.41
C LYS A 50 -8.08 15.32 -3.41
N THR A 51 -7.87 14.44 -2.46
CA THR A 51 -6.79 14.61 -1.51
C THR A 51 -6.12 13.27 -1.32
N ASP A 52 -6.47 12.36 -2.23
CA ASP A 52 -5.92 11.02 -2.28
C ASP A 52 -6.33 10.22 -1.05
N LYS A 53 -6.12 8.93 -1.14
CA LYS A 53 -6.49 8.01 -0.06
C LYS A 53 -5.41 8.02 1.03
N GLY A 54 -4.20 8.41 0.65
CA GLY A 54 -3.13 8.58 1.62
C GLY A 54 -2.43 7.30 2.08
N ILE A 55 -2.70 6.17 1.41
CA ILE A 55 -2.01 4.91 1.73
C ILE A 55 -1.37 4.33 0.47
N TYR A 56 -0.04 4.24 0.48
CA TYR A 56 0.70 3.60 -0.62
C TYR A 56 1.64 2.55 -0.07
N VAL A 57 2.20 1.74 -0.96
CA VAL A 57 3.25 0.87 -0.60
C VAL A 57 4.54 1.50 -1.05
N THR A 58 5.52 1.53 -0.17
CA THR A 58 6.79 2.14 -0.47
C THR A 58 7.86 1.06 -0.37
N ARG A 59 7.41 -0.14 -0.03
CA ARG A 59 8.30 -1.25 0.12
C ARG A 59 7.63 -2.55 -0.20
N VAL A 60 8.34 -3.36 -0.94
CA VAL A 60 7.97 -4.71 -1.15
C VAL A 60 9.19 -5.57 -0.93
N SER A 61 9.06 -6.57 -0.08
CA SER A 61 10.12 -7.54 0.04
C SER A 61 10.16 -8.37 -1.22
N GLU A 62 11.11 -8.03 -2.07
CA GLU A 62 11.23 -8.65 -3.32
C GLU A 62 11.84 -10.01 -3.14
N GLY A 63 11.46 -10.85 -4.04
CA GLY A 63 11.72 -12.27 -3.90
C GLY A 63 10.94 -12.81 -2.72
N GLY A 64 9.81 -12.16 -2.40
CA GLY A 64 9.06 -12.53 -1.24
C GLY A 64 7.65 -12.89 -1.61
N PRO A 65 6.68 -12.35 -0.88
CA PRO A 65 5.28 -12.66 -1.08
C PRO A 65 4.52 -11.65 -1.91
N ALA A 66 4.86 -10.40 -1.71
CA ALA A 66 3.99 -9.33 -2.14
C ALA A 66 3.99 -9.25 -3.63
N GLU A 67 5.17 -9.42 -4.17
CA GLU A 67 5.42 -9.17 -5.57
C GLU A 67 4.90 -10.31 -6.40
N ILE A 68 4.91 -11.50 -5.82
CA ILE A 68 4.50 -12.66 -6.53
C ILE A 68 3.01 -12.76 -6.50
N ALA A 69 2.49 -12.22 -5.43
CA ALA A 69 1.07 -12.06 -5.34
C ALA A 69 0.66 -11.02 -6.36
N GLY A 70 1.59 -10.12 -6.61
CA GLY A 70 1.36 -9.07 -7.59
C GLY A 70 1.40 -7.69 -6.97
N LEU A 71 2.45 -7.41 -6.21
CA LEU A 71 2.63 -6.12 -5.62
C LEU A 71 4.00 -5.61 -5.96
N GLN A 72 4.17 -4.33 -5.84
CA GLN A 72 5.40 -3.68 -6.18
C GLN A 72 5.40 -2.30 -5.55
N ILE A 73 6.46 -1.57 -5.69
CA ILE A 73 6.67 -0.35 -4.95
C ILE A 73 5.94 0.82 -5.59
N GLY A 74 4.99 1.33 -4.85
CA GLY A 74 4.31 2.54 -5.27
C GLY A 74 2.89 2.25 -5.60
N ASP A 75 2.26 1.54 -4.69
CA ASP A 75 0.94 0.97 -4.97
C ASP A 75 -0.03 1.42 -3.90
N LYS A 76 -1.20 1.90 -4.30
CA LYS A 76 -2.13 2.46 -3.34
C LYS A 76 -2.92 1.34 -2.68
N ILE A 77 -2.58 1.04 -1.44
CA ILE A 77 -3.30 0.02 -0.69
C ILE A 77 -4.54 0.61 -0.05
N MET A 78 -5.69 0.22 -0.57
CA MET A 78 -6.95 0.76 -0.08
C MET A 78 -7.45 -0.06 1.09
N GLN A 79 -7.30 -1.37 1.00
CA GLN A 79 -7.75 -2.26 2.05
C GLN A 79 -6.96 -3.51 2.14
N VAL A 80 -6.98 -4.01 3.35
CA VAL A 80 -6.31 -5.24 3.68
C VAL A 80 -7.34 -6.27 4.12
N ASN A 81 -7.15 -7.53 3.74
CA ASN A 81 -8.06 -8.60 4.16
C ASN A 81 -9.52 -8.28 3.80
N GLY A 82 -9.71 -7.28 2.95
CA GLY A 82 -11.05 -6.92 2.49
C GLY A 82 -11.66 -5.70 3.17
N TRP A 83 -10.96 -5.06 4.12
CA TRP A 83 -11.50 -3.91 4.80
C TRP A 83 -10.63 -2.69 4.59
N ASP A 84 -11.21 -1.74 3.87
CA ASP A 84 -10.64 -0.40 3.67
C ASP A 84 -9.79 0.04 4.84
N MET A 85 -8.52 0.26 4.56
CA MET A 85 -7.59 0.74 5.56
C MET A 85 -7.00 2.10 5.19
N THR A 86 -7.81 2.94 4.57
CA THR A 86 -7.35 4.27 4.14
C THR A 86 -7.37 5.26 5.30
N MET A 87 -8.32 5.09 6.21
CA MET A 87 -8.47 6.00 7.35
C MET A 87 -7.91 5.33 8.59
N VAL A 88 -7.07 4.38 8.31
CA VAL A 88 -6.55 3.47 9.30
C VAL A 88 -5.35 4.04 10.07
N THR A 89 -5.13 3.49 11.26
CA THR A 89 -4.04 3.89 12.10
C THR A 89 -3.04 2.75 12.17
N HIS A 90 -1.78 3.09 12.41
CA HIS A 90 -0.67 2.12 12.45
C HIS A 90 -1.02 0.92 13.32
N ASP A 91 -1.46 1.20 14.51
CA ASP A 91 -1.77 0.20 15.51
C ASP A 91 -2.82 -0.75 15.01
N GLN A 92 -3.89 -0.20 14.48
CA GLN A 92 -4.97 -1.02 14.03
C GLN A 92 -4.72 -1.55 12.61
N ALA A 93 -3.83 -0.90 11.86
CA ALA A 93 -3.40 -1.45 10.59
C ALA A 93 -2.58 -2.66 10.87
N ARG A 94 -1.77 -2.54 11.91
CA ARG A 94 -0.91 -3.61 12.32
C ARG A 94 -1.72 -4.86 12.63
N LYS A 95 -2.85 -4.68 13.31
CA LYS A 95 -3.76 -5.80 13.56
C LYS A 95 -4.53 -6.26 12.31
N ARG A 96 -4.62 -5.40 11.29
CA ARG A 96 -5.33 -5.79 10.06
C ARG A 96 -4.39 -6.54 9.11
N LEU A 97 -3.10 -6.28 9.27
CA LEU A 97 -2.06 -6.89 8.45
C LEU A 97 -1.63 -8.21 9.04
N THR A 98 -1.67 -8.24 10.35
CA THR A 98 -1.40 -9.47 11.09
C THR A 98 -2.53 -9.76 12.07
N LYS A 99 -3.66 -10.21 11.53
CA LYS A 99 -4.80 -10.63 12.35
C LYS A 99 -4.61 -12.03 12.93
N ARG A 100 -5.70 -12.80 12.86
CA ARG A 100 -5.73 -14.19 13.32
C ARG A 100 -4.55 -14.97 12.78
N SER A 101 -4.21 -14.64 11.55
CA SER A 101 -3.24 -15.36 10.75
C SER A 101 -3.64 -15.18 9.31
N GLU A 102 -4.95 -14.89 9.14
CA GLU A 102 -5.64 -14.65 7.82
C GLU A 102 -5.42 -15.70 6.73
N GLU A 103 -4.26 -16.32 6.74
CA GLU A 103 -3.77 -17.21 5.72
C GLU A 103 -3.11 -16.40 4.64
N VAL A 104 -3.48 -15.13 4.60
CA VAL A 104 -3.07 -14.26 3.53
C VAL A 104 -3.74 -12.89 3.63
N VAL A 105 -3.07 -11.83 3.21
CA VAL A 105 -3.66 -10.51 3.36
C VAL A 105 -4.26 -10.03 2.04
N ARG A 106 -5.54 -9.73 2.07
CA ARG A 106 -6.26 -9.29 0.88
C ARG A 106 -6.09 -7.83 0.64
N LEU A 107 -5.29 -7.50 -0.31
CA LEU A 107 -5.01 -6.12 -0.59
C LEU A 107 -5.77 -5.65 -1.78
N LEU A 108 -6.57 -4.66 -1.54
CA LEU A 108 -7.22 -3.96 -2.62
C LEU A 108 -6.38 -2.76 -2.94
N VAL A 109 -5.70 -2.83 -4.06
CA VAL A 109 -4.66 -1.91 -4.34
C VAL A 109 -4.96 -1.20 -5.63
N THR A 110 -4.31 -0.11 -5.78
CA THR A 110 -4.57 0.78 -6.86
C THR A 110 -3.30 1.07 -7.66
N ARG A 111 -3.28 0.53 -8.87
CA ARG A 111 -2.11 0.56 -9.74
C ARG A 111 -2.13 1.76 -10.65
N GLN A 112 -0.98 2.04 -11.24
CA GLN A 112 -0.84 3.18 -12.14
C GLN A 112 -0.91 2.76 -13.57
N SER A 113 -1.29 1.53 -13.72
CA SER A 113 -1.64 0.91 -14.99
C SER A 113 -0.39 0.51 -15.72
N LEU A 114 0.64 0.28 -14.93
CA LEU A 114 1.88 -0.29 -15.45
C LEU A 114 2.48 0.63 -16.49
N GLN A 115 2.71 1.83 -16.02
CA GLN A 115 3.20 2.94 -16.83
C GLN A 115 4.27 2.53 -17.85
N LYS A 116 3.84 2.50 -19.10
CA LYS A 116 4.73 2.35 -20.25
C LYS A 116 4.29 3.30 -21.34
N ALA A 117 5.23 3.89 -22.06
CA ALA A 117 4.89 4.89 -23.05
C ALA A 117 5.49 4.49 -24.37
N VAL A 118 5.77 3.22 -24.45
CA VAL A 118 6.39 2.64 -25.60
C VAL A 118 5.42 1.64 -26.21
N GLN A 119 4.51 2.17 -27.00
CA GLN A 119 3.45 1.38 -27.60
C GLN A 119 3.59 1.36 -29.11
N GLN A 120 2.70 0.62 -29.75
CA GLN A 120 2.64 0.59 -31.20
C GLN A 120 1.42 1.38 -31.67
N SER A 121 1.63 2.29 -32.61
CA SER A 121 0.55 3.10 -33.14
C SER A 121 -0.19 2.34 -34.24
N MET A 122 -1.33 2.90 -34.66
CA MET A 122 -2.17 2.32 -35.72
C MET A 122 -2.89 1.07 -35.22
N LEU A 123 -4.20 1.23 -34.98
CA LEU A 123 -5.07 0.14 -34.53
C LEU A 123 -4.78 -0.24 -33.07
N SER A 124 -5.41 -1.32 -32.63
CA SER A 124 -5.28 -1.82 -31.26
C SER A 124 -5.90 -0.82 -30.27
N LYS B 1 -0.70 12.28 2.63
CA LYS B 1 0.43 12.26 1.71
C LYS B 1 1.70 11.81 2.41
N GLU B 2 1.84 12.18 3.68
CA GLU B 2 3.01 11.82 4.46
C GLU B 2 2.88 10.39 4.95
N ASN B 3 4.02 9.79 5.23
CA ASN B 3 4.07 8.36 5.49
C ASN B 3 3.84 8.00 6.96
N LEU B 4 2.91 7.07 7.18
CA LEU B 4 2.72 6.42 8.46
C LEU B 4 2.93 4.92 8.25
N GLU B 5 3.12 4.19 9.34
CA GLU B 5 3.18 2.73 9.35
C GLU B 5 4.59 2.19 9.12
N SER B 6 4.71 1.06 8.43
CA SER B 6 5.82 0.13 8.69
C SER B 6 5.86 -1.02 7.68
N MET B 7 6.69 -2.01 8.03
CA MET B 7 6.65 -3.31 7.39
C MET B 7 5.93 -4.28 8.33
N VAL B 8 5.55 -5.42 7.80
CA VAL B 8 5.02 -6.49 8.62
C VAL B 8 5.64 -7.81 8.18
N MET A 1 -25.81 11.30 -13.92
CA MET A 1 -24.99 11.66 -12.73
C MET A 1 -23.83 12.56 -13.13
N SER A 2 -22.96 12.04 -14.01
CA SER A 2 -21.76 12.77 -14.46
C SER A 2 -20.75 12.93 -13.32
N TYR A 3 -19.63 12.25 -13.44
CA TYR A 3 -18.59 12.31 -12.42
C TYR A 3 -17.22 12.41 -13.08
N ILE A 4 -16.67 13.61 -13.06
CA ILE A 4 -15.37 13.87 -13.67
C ILE A 4 -14.55 14.81 -12.81
N PRO A 5 -13.56 14.27 -12.10
CA PRO A 5 -12.64 15.05 -11.27
C PRO A 5 -11.62 15.78 -12.12
N GLY A 6 -10.45 16.07 -11.54
CA GLY A 6 -9.39 16.71 -12.30
C GLY A 6 -8.70 15.75 -13.26
N GLN A 7 -9.53 15.06 -14.05
CA GLN A 7 -9.12 14.09 -15.07
C GLN A 7 -7.71 13.50 -14.87
N PRO A 8 -7.62 12.42 -14.08
CA PRO A 8 -6.38 11.71 -13.83
C PRO A 8 -6.16 10.57 -14.83
N VAL A 9 -5.17 9.73 -14.55
CA VAL A 9 -4.91 8.55 -15.37
C VAL A 9 -5.77 7.41 -14.89
N THR A 10 -6.36 7.69 -13.77
CA THR A 10 -7.34 6.85 -13.09
C THR A 10 -6.73 5.58 -12.55
N ALA A 11 -6.66 5.56 -11.24
CA ALA A 11 -6.18 4.44 -10.48
C ALA A 11 -6.92 3.20 -10.83
N VAL A 12 -6.17 2.17 -10.95
CA VAL A 12 -6.69 0.87 -11.12
C VAL A 12 -7.00 0.30 -9.75
N VAL A 13 -8.02 -0.51 -9.66
CA VAL A 13 -8.37 -1.16 -8.42
C VAL A 13 -8.32 -2.68 -8.59
N GLN A 14 -7.43 -3.31 -7.86
CA GLN A 14 -7.26 -4.75 -7.94
C GLN A 14 -7.03 -5.35 -6.57
N ARG A 15 -7.05 -6.65 -6.54
CA ARG A 15 -7.03 -7.42 -5.34
C ARG A 15 -5.87 -8.39 -5.37
N VAL A 16 -4.96 -8.26 -4.44
CA VAL A 16 -3.84 -9.16 -4.37
C VAL A 16 -3.70 -9.69 -2.94
N GLU A 17 -3.36 -10.95 -2.81
CA GLU A 17 -3.19 -11.60 -1.52
C GLU A 17 -1.75 -12.07 -1.36
N ILE A 18 -1.06 -11.43 -0.44
CA ILE A 18 0.36 -11.60 -0.24
C ILE A 18 0.65 -12.38 1.02
N HIS A 19 1.42 -13.42 0.86
CA HIS A 19 1.72 -14.31 1.95
C HIS A 19 3.22 -14.57 2.06
N LYS A 20 3.87 -13.95 3.05
CA LYS A 20 5.28 -14.23 3.32
C LYS A 20 5.39 -15.53 4.10
N LEU A 21 5.59 -15.41 5.41
CA LEU A 21 5.72 -16.61 6.24
C LEU A 21 5.31 -16.33 7.68
N ARG A 22 4.53 -17.22 8.24
CA ARG A 22 4.29 -17.22 9.66
C ARG A 22 5.51 -17.81 10.38
N GLN A 23 5.94 -17.13 11.41
CA GLN A 23 7.12 -17.53 12.16
C GLN A 23 6.79 -17.57 13.63
N GLY A 24 5.88 -18.45 13.94
CA GLY A 24 5.49 -18.69 15.30
C GLY A 24 4.69 -17.54 15.86
N GLU A 25 5.37 -16.71 16.62
CA GLU A 25 4.79 -15.49 17.12
C GLU A 25 4.69 -14.46 16.02
N ASN A 26 5.24 -14.82 14.87
CA ASN A 26 5.32 -13.95 13.77
C ASN A 26 4.41 -14.40 12.70
N LEU A 27 3.94 -13.41 12.08
CA LEU A 27 3.16 -13.47 10.88
C LEU A 27 3.72 -12.42 9.98
N ILE A 28 4.37 -12.84 8.93
CA ILE A 28 5.15 -11.92 8.14
C ILE A 28 4.49 -11.63 6.82
N LEU A 29 4.39 -10.34 6.58
CA LEU A 29 3.97 -9.81 5.31
C LEU A 29 5.20 -9.53 4.45
N GLY A 30 6.22 -8.99 5.10
CA GLY A 30 7.49 -8.82 4.43
C GLY A 30 7.72 -7.42 3.91
N PHE A 31 6.75 -6.86 3.20
CA PHE A 31 6.96 -5.57 2.55
C PHE A 31 6.61 -4.42 3.48
N SER A 32 6.89 -3.19 3.03
CA SER A 32 6.72 -2.01 3.87
C SER A 32 5.87 -0.98 3.13
N ILE A 33 4.98 -0.30 3.85
CA ILE A 33 4.16 0.69 3.21
C ILE A 33 4.28 2.00 3.97
N GLY A 34 3.77 3.04 3.37
CA GLY A 34 3.82 4.33 4.02
C GLY A 34 2.45 4.95 4.12
N GLY A 35 2.16 5.56 5.26
CA GLY A 35 0.89 6.21 5.45
C GLY A 35 1.04 7.57 6.08
N GLY A 36 0.07 8.43 5.84
CA GLY A 36 0.06 9.76 6.42
C GLY A 36 -1.33 10.39 6.42
N ILE A 37 -2.27 9.75 7.09
CA ILE A 37 -3.64 10.25 7.15
C ILE A 37 -4.10 10.44 8.58
N ASP A 38 -4.07 9.36 9.35
CA ASP A 38 -4.47 9.40 10.74
C ASP A 38 -3.22 9.24 11.60
N GLN A 39 -2.08 9.45 10.96
CA GLN A 39 -0.80 9.22 11.59
C GLN A 39 -0.35 10.43 12.37
N ASP A 40 0.10 11.42 11.65
CA ASP A 40 0.63 12.64 12.23
C ASP A 40 -0.02 13.84 11.58
N PRO A 41 -0.57 14.75 12.39
CA PRO A 41 -1.29 15.93 11.92
C PRO A 41 -0.37 16.97 11.33
N SER A 42 0.90 16.84 11.66
CA SER A 42 1.91 17.77 11.22
C SER A 42 2.11 17.70 9.71
N GLN A 43 2.03 16.49 9.16
CA GLN A 43 2.28 16.29 7.76
C GLN A 43 1.01 16.51 6.96
N ASN A 44 -0.10 16.14 7.58
CA ASN A 44 -1.36 16.08 6.87
C ASN A 44 -2.52 16.05 7.83
N PRO A 45 -3.14 17.22 8.08
CA PRO A 45 -4.35 17.32 8.89
C PRO A 45 -5.59 16.92 8.08
N PHE A 46 -5.35 16.41 6.88
CA PHE A 46 -6.42 15.98 6.00
C PHE A 46 -6.28 14.50 5.67
N SER A 47 -5.30 14.18 4.83
CA SER A 47 -5.16 12.87 4.24
C SER A 47 -4.09 12.94 3.19
N GLU A 48 -4.22 13.97 2.37
CA GLU A 48 -3.30 14.28 1.29
C GLU A 48 -3.91 15.39 0.44
N ASP A 49 -4.72 14.99 -0.52
CA ASP A 49 -5.47 15.94 -1.34
C ASP A 49 -6.94 15.81 -0.99
N LYS A 50 -7.19 15.58 0.30
CA LYS A 50 -8.53 15.37 0.84
C LYS A 50 -9.08 14.01 0.44
N THR A 51 -9.29 13.86 -0.84
CA THR A 51 -9.97 12.72 -1.40
C THR A 51 -9.03 11.53 -1.59
N ASP A 52 -7.83 11.64 -1.03
CA ASP A 52 -6.87 10.55 -1.10
C ASP A 52 -7.10 9.65 0.10
N LYS A 53 -6.23 8.69 0.24
CA LYS A 53 -6.37 7.65 1.24
C LYS A 53 -5.10 7.55 2.08
N GLY A 54 -4.04 8.14 1.55
CA GLY A 54 -2.80 8.31 2.30
C GLY A 54 -2.00 7.03 2.54
N ILE A 55 -2.53 5.87 2.16
CA ILE A 55 -1.78 4.62 2.30
C ILE A 55 -1.27 4.16 0.94
N TYR A 56 0.01 3.79 0.89
CA TYR A 56 0.61 3.25 -0.31
C TYR A 56 1.87 2.47 0.06
N VAL A 57 2.23 1.47 -0.70
CA VAL A 57 3.42 0.71 -0.46
C VAL A 57 4.64 1.48 -0.89
N THR A 58 5.67 1.42 -0.06
CA THR A 58 6.92 2.10 -0.33
C THR A 58 8.03 1.09 -0.57
N ARG A 59 7.74 -0.19 -0.32
CA ARG A 59 8.69 -1.24 -0.63
C ARG A 59 8.02 -2.59 -0.59
N VAL A 60 8.75 -3.58 -1.02
CA VAL A 60 8.25 -4.91 -1.14
C VAL A 60 9.29 -5.89 -0.64
N SER A 61 8.84 -6.92 0.05
CA SER A 61 9.69 -8.06 0.30
C SER A 61 10.00 -8.72 -1.03
N GLU A 62 11.16 -8.36 -1.54
CA GLU A 62 11.51 -8.65 -2.87
C GLU A 62 11.93 -10.07 -3.03
N GLY A 63 11.67 -10.55 -4.21
CA GLY A 63 11.85 -11.95 -4.53
C GLY A 63 11.05 -12.82 -3.60
N GLY A 64 9.93 -12.29 -3.11
CA GLY A 64 9.22 -12.93 -2.06
C GLY A 64 7.78 -13.17 -2.41
N PRO A 65 6.87 -12.69 -1.55
CA PRO A 65 5.45 -12.95 -1.67
C PRO A 65 4.67 -11.84 -2.36
N ALA A 66 5.03 -10.62 -2.07
CA ALA A 66 4.20 -9.48 -2.43
C ALA A 66 4.15 -9.34 -3.91
N GLU A 67 5.28 -9.55 -4.52
CA GLU A 67 5.45 -9.19 -5.89
C GLU A 67 4.98 -10.31 -6.76
N ILE A 68 4.99 -11.51 -6.22
CA ILE A 68 4.54 -12.63 -6.94
C ILE A 68 3.05 -12.71 -6.84
N ALA A 69 2.58 -12.24 -5.71
CA ALA A 69 1.17 -12.08 -5.52
C ALA A 69 0.69 -11.01 -6.48
N GLY A 70 1.61 -10.12 -6.82
CA GLY A 70 1.32 -9.06 -7.76
C GLY A 70 1.39 -7.69 -7.14
N LEU A 71 2.47 -7.42 -6.41
CA LEU A 71 2.69 -6.15 -5.82
C LEU A 71 4.09 -5.68 -6.20
N GLN A 72 4.33 -4.42 -6.00
CA GLN A 72 5.57 -3.80 -6.34
C GLN A 72 5.64 -2.46 -5.64
N ILE A 73 6.68 -1.71 -5.88
CA ILE A 73 6.93 -0.50 -5.13
C ILE A 73 6.11 0.67 -5.64
N GLY A 74 5.19 1.13 -4.82
CA GLY A 74 4.46 2.35 -5.12
C GLY A 74 3.02 2.05 -5.39
N ASP A 75 2.35 1.49 -4.40
CA ASP A 75 1.04 0.92 -4.64
C ASP A 75 0.11 1.29 -3.50
N LYS A 76 -0.95 2.05 -3.78
CA LYS A 76 -1.78 2.57 -2.70
C LYS A 76 -2.72 1.49 -2.23
N ILE A 77 -2.42 0.97 -1.07
CA ILE A 77 -3.22 -0.07 -0.45
C ILE A 77 -4.42 0.55 0.25
N MET A 78 -5.61 0.23 -0.24
CA MET A 78 -6.81 0.87 0.24
C MET A 78 -7.50 -0.01 1.25
N GLN A 79 -7.15 -1.28 1.24
CA GLN A 79 -7.80 -2.27 2.10
C GLN A 79 -6.90 -3.41 2.35
N VAL A 80 -7.17 -4.11 3.42
CA VAL A 80 -6.46 -5.33 3.73
C VAL A 80 -7.43 -6.40 4.18
N ASN A 81 -7.42 -7.55 3.52
CA ASN A 81 -8.30 -8.69 3.84
C ASN A 81 -9.76 -8.31 3.74
N GLY A 82 -9.99 -7.14 3.19
CA GLY A 82 -11.34 -6.66 2.95
C GLY A 82 -11.65 -5.41 3.77
N TRP A 83 -10.71 -5.00 4.60
CA TRP A 83 -10.92 -3.89 5.49
C TRP A 83 -10.32 -2.64 4.89
N ASP A 84 -11.18 -1.83 4.35
CA ASP A 84 -10.80 -0.50 3.91
C ASP A 84 -9.96 0.22 4.96
N MET A 85 -8.67 0.34 4.68
CA MET A 85 -7.73 1.02 5.57
C MET A 85 -7.43 2.44 5.10
N THR A 86 -8.40 3.11 4.51
CA THR A 86 -8.15 4.42 3.94
C THR A 86 -8.41 5.54 4.95
N MET A 87 -9.24 5.25 5.94
CA MET A 87 -9.65 6.26 6.91
C MET A 87 -9.21 5.85 8.31
N VAL A 88 -8.22 4.97 8.35
CA VAL A 88 -7.78 4.36 9.59
C VAL A 88 -6.31 4.77 9.89
N THR A 89 -5.74 4.30 11.01
CA THR A 89 -4.45 4.76 11.49
C THR A 89 -3.31 3.86 10.98
N HIS A 90 -2.21 3.80 11.72
CA HIS A 90 -1.15 2.80 11.55
C HIS A 90 -1.49 1.47 12.22
N ASP A 91 -1.67 1.56 13.53
CA ASP A 91 -1.86 0.40 14.42
C ASP A 91 -3.01 -0.51 14.00
N GLN A 92 -4.25 0.00 14.03
CA GLN A 92 -5.44 -0.81 13.66
C GLN A 92 -5.23 -1.62 12.35
N ALA A 93 -4.59 -0.99 11.38
CA ALA A 93 -4.35 -1.58 10.09
C ALA A 93 -3.33 -2.67 10.25
N ARG A 94 -2.36 -2.40 11.13
CA ARG A 94 -1.37 -3.38 11.51
C ARG A 94 -2.07 -4.62 12.06
N LYS A 95 -3.15 -4.39 12.79
CA LYS A 95 -3.91 -5.46 13.42
C LYS A 95 -4.71 -6.24 12.38
N ARG A 96 -4.95 -5.63 11.22
CA ARG A 96 -5.63 -6.31 10.12
C ARG A 96 -4.68 -7.21 9.32
N LEU A 97 -3.52 -6.67 8.98
CA LEU A 97 -2.56 -7.39 8.15
C LEU A 97 -1.95 -8.58 8.89
N THR A 98 -1.89 -8.51 10.21
CA THR A 98 -1.51 -9.65 11.02
C THR A 98 -2.58 -9.90 12.09
N LYS A 99 -3.80 -10.14 11.61
CA LYS A 99 -4.94 -10.40 12.49
C LYS A 99 -4.83 -11.77 13.14
N ARG A 100 -3.86 -12.53 12.67
CA ARG A 100 -3.54 -13.86 13.18
C ARG A 100 -4.59 -14.88 12.77
N SER A 101 -5.48 -14.47 11.88
CA SER A 101 -6.52 -15.35 11.39
C SER A 101 -6.41 -15.50 9.87
N GLU A 102 -5.24 -15.21 9.34
CA GLU A 102 -4.97 -15.32 7.94
C GLU A 102 -3.81 -16.27 7.72
N GLU A 103 -3.53 -16.46 6.47
CA GLU A 103 -2.43 -17.27 6.00
C GLU A 103 -1.81 -16.52 4.88
N VAL A 104 -2.25 -15.28 4.82
CA VAL A 104 -2.10 -14.49 3.64
C VAL A 104 -2.72 -13.12 3.85
N VAL A 105 -2.09 -12.09 3.30
CA VAL A 105 -2.56 -10.75 3.53
C VAL A 105 -3.19 -10.25 2.26
N ARG A 106 -4.49 -10.10 2.27
CA ARG A 106 -5.18 -9.62 1.13
C ARG A 106 -5.19 -8.12 1.18
N LEU A 107 -5.10 -7.49 0.05
CA LEU A 107 -5.29 -6.06 0.01
C LEU A 107 -5.97 -5.61 -1.26
N LEU A 108 -6.53 -4.43 -1.13
CA LEU A 108 -7.03 -3.65 -2.25
C LEU A 108 -6.00 -2.60 -2.52
N VAL A 109 -5.72 -2.34 -3.78
CA VAL A 109 -4.69 -1.44 -4.12
C VAL A 109 -5.06 -0.70 -5.37
N THR A 110 -4.38 0.37 -5.58
CA THR A 110 -4.57 1.18 -6.76
C THR A 110 -3.29 1.26 -7.59
N ARG A 111 -3.32 0.62 -8.75
CA ARG A 111 -2.13 0.43 -9.55
C ARG A 111 -2.05 1.40 -10.69
N GLN A 112 -0.88 1.43 -11.36
CA GLN A 112 -0.58 2.38 -12.38
C GLN A 112 -0.62 3.78 -11.80
N SER A 113 -0.66 3.75 -10.51
CA SER A 113 -0.75 4.94 -9.70
C SER A 113 0.62 5.25 -9.13
N LEU A 114 1.59 4.58 -9.71
CA LEU A 114 2.97 4.73 -9.29
C LEU A 114 3.76 5.43 -10.35
N GLN A 115 3.02 6.07 -11.20
CA GLN A 115 3.56 6.76 -12.35
C GLN A 115 4.26 8.06 -11.96
N LYS A 116 5.54 7.95 -11.70
CA LYS A 116 6.38 9.12 -11.47
C LYS A 116 7.37 9.27 -12.60
N ALA A 117 7.42 10.45 -13.19
CA ALA A 117 8.29 10.71 -14.32
C ALA A 117 9.01 12.02 -14.10
N VAL A 118 9.07 12.36 -12.83
CA VAL A 118 9.64 13.61 -12.40
C VAL A 118 10.69 13.35 -11.31
N GLN A 119 11.91 13.17 -11.75
CA GLN A 119 13.04 12.97 -10.84
C GLN A 119 14.01 14.11 -11.00
N GLN A 120 14.32 14.76 -9.89
CA GLN A 120 15.14 15.97 -9.90
C GLN A 120 16.61 15.59 -9.79
N SER A 121 17.29 15.59 -10.95
CA SER A 121 18.69 15.18 -11.07
C SER A 121 18.82 13.66 -10.90
N MET A 122 19.61 13.05 -11.78
CA MET A 122 19.73 11.59 -11.81
C MET A 122 21.05 11.12 -11.20
N LEU A 123 20.95 10.32 -10.13
CA LEU A 123 22.11 9.66 -9.54
C LEU A 123 23.18 10.68 -9.13
N SER A 124 22.73 11.78 -8.52
CA SER A 124 23.62 12.87 -8.08
C SER A 124 24.25 13.60 -9.28
N LYS B 1 7.99 14.94 6.91
CA LYS B 1 7.10 14.86 8.06
C LYS B 1 6.29 13.58 7.96
N GLU B 2 5.80 13.34 6.75
CA GLU B 2 4.96 12.20 6.45
C GLU B 2 5.76 10.95 6.17
N ASN B 3 5.66 9.98 7.07
CA ASN B 3 6.33 8.71 6.93
C ASN B 3 6.12 7.84 8.16
N LEU B 4 5.05 7.06 8.16
CA LEU B 4 4.92 5.96 9.12
C LEU B 4 3.85 5.00 8.66
N GLU B 5 4.14 3.72 8.80
CA GLU B 5 3.21 2.64 8.48
C GLU B 5 3.99 1.33 8.48
N SER B 6 5.24 1.40 7.99
CA SER B 6 6.25 0.39 8.30
C SER B 6 6.12 -0.88 7.46
N MET B 7 6.97 -1.86 7.77
CA MET B 7 6.85 -3.21 7.21
C MET B 7 6.32 -4.14 8.28
N VAL B 8 5.82 -5.27 7.83
CA VAL B 8 5.30 -6.27 8.75
C VAL B 8 5.61 -7.66 8.24
N MET A 1 -3.21 31.72 -10.20
CA MET A 1 -3.97 30.75 -11.02
C MET A 1 -3.04 29.66 -11.53
N SER A 2 -3.28 28.43 -11.11
CA SER A 2 -2.57 27.29 -11.65
C SER A 2 -3.58 26.19 -11.97
N TYR A 3 -4.13 25.59 -10.90
CA TYR A 3 -5.07 24.47 -11.00
C TYR A 3 -4.43 23.25 -11.66
N ILE A 4 -4.45 22.14 -10.93
CA ILE A 4 -3.76 20.92 -11.34
C ILE A 4 -2.25 21.14 -11.37
N PRO A 5 -1.54 20.63 -10.34
CA PRO A 5 -0.07 20.68 -10.30
C PRO A 5 0.55 19.81 -11.38
N GLY A 6 1.56 19.06 -11.02
CA GLY A 6 2.13 18.09 -11.93
C GLY A 6 1.17 16.95 -12.22
N GLN A 7 0.07 17.31 -12.91
CA GLN A 7 -0.95 16.37 -13.41
C GLN A 7 -0.50 14.91 -13.42
N PRO A 8 -0.93 14.14 -12.41
CA PRO A 8 -0.54 12.74 -12.26
C PRO A 8 -1.54 11.80 -12.92
N VAL A 9 -1.36 10.51 -12.70
CA VAL A 9 -2.27 9.51 -13.22
C VAL A 9 -3.33 9.18 -12.17
N THR A 10 -4.23 8.30 -12.52
CA THR A 10 -5.36 7.97 -11.69
C THR A 10 -5.03 6.83 -10.74
N ALA A 11 -5.70 5.73 -10.97
CA ALA A 11 -5.57 4.54 -10.16
C ALA A 11 -6.29 3.38 -10.77
N VAL A 12 -5.58 2.29 -10.87
CA VAL A 12 -6.15 1.03 -11.25
C VAL A 12 -6.41 0.22 -9.99
N VAL A 13 -7.53 -0.43 -9.93
CA VAL A 13 -7.91 -1.16 -8.72
C VAL A 13 -7.78 -2.66 -8.93
N GLN A 14 -7.00 -3.30 -8.07
CA GLN A 14 -6.77 -4.74 -8.15
C GLN A 14 -6.83 -5.35 -6.76
N ARG A 15 -6.96 -6.65 -6.73
CA ARG A 15 -7.05 -7.41 -5.53
C ARG A 15 -5.92 -8.41 -5.48
N VAL A 16 -5.16 -8.37 -4.43
CA VAL A 16 -4.02 -9.23 -4.32
C VAL A 16 -3.90 -9.75 -2.89
N GLU A 17 -3.56 -11.01 -2.75
CA GLU A 17 -3.36 -11.59 -1.43
C GLU A 17 -1.86 -11.70 -1.13
N ILE A 18 -1.40 -10.88 -0.22
CA ILE A 18 -0.02 -10.84 0.16
C ILE A 18 0.19 -11.63 1.41
N HIS A 19 1.05 -12.59 1.33
CA HIS A 19 1.32 -13.40 2.47
C HIS A 19 2.66 -13.05 3.11
N LYS A 20 2.68 -11.90 3.76
CA LYS A 20 3.82 -11.40 4.53
C LYS A 20 3.50 -11.52 6.01
N LEU A 21 3.95 -12.61 6.61
CA LEU A 21 3.42 -13.05 7.88
C LEU A 21 4.40 -13.96 8.60
N ARG A 22 4.41 -13.90 9.91
CA ARG A 22 4.94 -14.98 10.71
C ARG A 22 4.05 -16.21 10.52
N GLN A 23 4.64 -17.24 9.97
CA GLN A 23 3.95 -18.49 9.77
C GLN A 23 4.89 -19.65 9.99
N GLY A 24 5.39 -19.71 11.21
CA GLY A 24 6.07 -20.88 11.72
C GLY A 24 7.37 -21.15 11.02
N GLU A 25 7.28 -21.95 9.97
CA GLU A 25 8.42 -22.29 9.17
C GLU A 25 8.82 -21.09 8.37
N ASN A 26 7.94 -20.12 8.38
CA ASN A 26 8.10 -18.96 7.59
C ASN A 26 8.00 -17.79 8.48
N LEU A 27 8.87 -16.91 8.25
CA LEU A 27 8.78 -15.60 8.80
C LEU A 27 9.08 -14.61 7.72
N ILE A 28 8.04 -13.93 7.29
CA ILE A 28 8.15 -12.90 6.32
C ILE A 28 7.71 -11.62 6.97
N LEU A 29 8.64 -10.68 7.00
CA LEU A 29 8.52 -9.47 7.77
C LEU A 29 9.52 -8.43 7.24
N GLY A 30 9.22 -7.85 6.09
CA GLY A 30 10.13 -6.84 5.56
C GLY A 30 9.78 -6.23 4.20
N PHE A 31 8.49 -6.13 3.87
CA PHE A 31 8.09 -5.34 2.72
C PHE A 31 7.40 -4.09 3.22
N SER A 32 7.66 -2.96 2.60
CA SER A 32 7.41 -1.69 3.27
C SER A 32 6.25 -0.94 2.67
N ILE A 33 5.37 -0.48 3.54
CA ILE A 33 4.16 0.19 3.16
C ILE A 33 3.71 1.06 4.30
N GLY A 34 3.14 2.18 3.99
CA GLY A 34 2.71 3.05 5.04
C GLY A 34 1.89 4.21 4.57
N GLY A 35 1.44 5.00 5.54
CA GLY A 35 0.97 6.31 5.25
C GLY A 35 2.16 7.13 4.90
N GLY A 36 2.05 7.88 3.81
CA GLY A 36 3.22 8.32 3.10
C GLY A 36 4.05 9.25 3.91
N ILE A 37 3.40 9.91 4.83
CA ILE A 37 4.03 10.95 5.59
C ILE A 37 3.61 10.95 7.04
N ASP A 38 3.38 12.13 7.54
CA ASP A 38 3.16 12.37 8.96
C ASP A 38 1.94 13.22 9.11
N GLN A 39 1.16 13.15 8.07
CA GLN A 39 -0.19 13.71 8.01
C GLN A 39 -1.10 13.08 9.08
N ASP A 40 -2.34 12.80 8.69
CA ASP A 40 -3.39 12.33 9.60
C ASP A 40 -4.79 12.46 8.99
N PRO A 41 -5.31 13.69 8.77
CA PRO A 41 -6.65 13.87 8.18
C PRO A 41 -6.60 13.50 6.71
N SER A 42 -5.38 13.24 6.32
CA SER A 42 -5.02 12.93 4.94
C SER A 42 -5.56 11.56 4.54
N GLN A 43 -5.47 10.61 5.47
CA GLN A 43 -5.81 9.23 5.22
C GLN A 43 -7.30 9.00 5.32
N ASN A 44 -8.02 10.10 5.55
CA ASN A 44 -9.48 10.18 5.56
C ASN A 44 -10.17 9.08 4.74
N PRO A 45 -11.25 8.55 5.30
CA PRO A 45 -12.10 7.52 4.67
C PRO A 45 -12.70 8.00 3.34
N PHE A 46 -12.75 9.31 3.15
CA PHE A 46 -13.14 9.90 1.87
C PHE A 46 -11.88 10.14 1.05
N SER A 47 -10.77 10.25 1.77
CA SER A 47 -9.45 10.49 1.21
C SER A 47 -9.32 11.94 0.75
N GLU A 48 -8.13 12.48 0.95
CA GLU A 48 -7.85 13.88 0.65
C GLU A 48 -8.21 14.22 -0.80
N ASP A 49 -8.00 13.27 -1.70
CA ASP A 49 -8.43 13.41 -3.09
C ASP A 49 -8.43 12.05 -3.75
N LYS A 50 -8.90 11.06 -3.00
CA LYS A 50 -8.96 9.66 -3.44
C LYS A 50 -7.55 9.10 -3.59
N THR A 51 -6.93 9.42 -4.71
CA THR A 51 -5.58 8.94 -5.01
C THR A 51 -4.56 9.97 -4.50
N ASP A 52 -4.84 10.52 -3.31
CA ASP A 52 -4.00 11.57 -2.73
C ASP A 52 -2.73 11.01 -2.13
N LYS A 53 -2.53 9.74 -2.37
CA LYS A 53 -1.29 9.03 -2.02
C LYS A 53 -1.17 8.86 -0.52
N GLY A 54 -2.26 9.16 0.17
CA GLY A 54 -2.31 9.01 1.62
C GLY A 54 -1.68 7.72 2.13
N ILE A 55 -2.04 6.59 1.54
CA ILE A 55 -1.49 5.29 1.92
C ILE A 55 -0.97 4.55 0.69
N TYR A 56 0.22 3.99 0.78
CA TYR A 56 0.79 3.25 -0.34
C TYR A 56 1.97 2.40 0.11
N VAL A 57 2.34 1.43 -0.73
CA VAL A 57 3.49 0.62 -0.51
C VAL A 57 4.72 1.34 -1.03
N THR A 58 5.79 1.25 -0.27
CA THR A 58 7.00 2.00 -0.55
C THR A 58 8.15 1.07 -0.92
N ARG A 59 7.98 -0.23 -0.68
CA ARG A 59 8.99 -1.22 -1.07
C ARG A 59 8.47 -2.62 -0.87
N VAL A 60 9.27 -3.56 -1.34
CA VAL A 60 8.92 -4.94 -1.30
C VAL A 60 10.16 -5.79 -1.05
N SER A 61 10.03 -6.81 -0.21
CA SER A 61 11.05 -7.84 -0.14
C SER A 61 11.04 -8.60 -1.44
N GLU A 62 12.04 -8.37 -2.25
CA GLU A 62 12.12 -8.91 -3.57
C GLU A 62 12.19 -10.40 -3.56
N GLY A 63 11.49 -10.91 -4.51
CA GLY A 63 11.37 -12.34 -4.70
C GLY A 63 10.72 -13.00 -3.52
N GLY A 64 9.82 -12.27 -2.88
CA GLY A 64 9.20 -12.80 -1.70
C GLY A 64 7.76 -13.14 -1.96
N PRO A 65 6.87 -12.70 -1.09
CA PRO A 65 5.46 -13.01 -1.13
C PRO A 65 4.59 -11.97 -1.82
N ALA A 66 4.94 -10.72 -1.65
CA ALA A 66 4.04 -9.64 -2.02
C ALA A 66 3.97 -9.55 -3.51
N GLU A 67 5.12 -9.65 -4.11
CA GLU A 67 5.28 -9.25 -5.46
C GLU A 67 4.86 -10.38 -6.35
N ILE A 68 4.93 -11.58 -5.77
CA ILE A 68 4.59 -12.73 -6.50
C ILE A 68 3.10 -12.86 -6.51
N ALA A 69 2.53 -12.34 -5.44
CA ALA A 69 1.11 -12.22 -5.33
C ALA A 69 0.65 -11.21 -6.36
N GLY A 70 1.58 -10.34 -6.75
CA GLY A 70 1.29 -9.33 -7.74
C GLY A 70 1.32 -7.95 -7.15
N LEU A 71 2.31 -7.72 -6.29
CA LEU A 71 2.51 -6.46 -5.63
C LEU A 71 3.86 -5.92 -6.09
N GLN A 72 4.08 -4.65 -5.90
CA GLN A 72 5.26 -3.97 -6.41
C GLN A 72 5.45 -2.73 -5.59
N ILE A 73 6.40 -1.95 -6.01
CA ILE A 73 6.79 -0.74 -5.33
C ILE A 73 5.95 0.45 -5.75
N GLY A 74 5.17 0.98 -4.82
CA GLY A 74 4.61 2.31 -5.00
C GLY A 74 3.14 2.29 -5.36
N ASP A 75 2.35 1.61 -4.55
CA ASP A 75 0.94 1.43 -4.87
C ASP A 75 0.10 1.65 -3.64
N LYS A 76 -1.08 2.20 -3.84
CA LYS A 76 -1.85 2.73 -2.73
C LYS A 76 -2.76 1.66 -2.16
N ILE A 77 -2.40 1.22 -0.97
CA ILE A 77 -3.17 0.24 -0.22
C ILE A 77 -4.43 0.89 0.33
N MET A 78 -5.58 0.52 -0.20
CA MET A 78 -6.82 1.13 0.22
C MET A 78 -7.48 0.28 1.28
N GLN A 79 -7.43 -1.04 1.12
CA GLN A 79 -8.08 -1.94 2.04
C GLN A 79 -7.33 -3.24 2.24
N VAL A 80 -7.49 -3.78 3.42
CA VAL A 80 -6.95 -5.09 3.79
C VAL A 80 -8.08 -6.10 4.01
N ASN A 81 -8.06 -7.20 3.27
CA ASN A 81 -9.07 -8.28 3.42
C ASN A 81 -10.50 -7.77 3.31
N GLY A 82 -10.64 -6.53 2.86
CA GLY A 82 -11.94 -5.91 2.74
C GLY A 82 -12.16 -4.79 3.75
N TRP A 83 -11.11 -4.45 4.50
CA TRP A 83 -11.20 -3.42 5.51
C TRP A 83 -10.58 -2.17 4.96
N ASP A 84 -11.41 -1.28 4.54
CA ASP A 84 -10.99 0.04 4.11
C ASP A 84 -10.05 0.68 5.13
N MET A 85 -8.77 0.74 4.75
CA MET A 85 -7.69 1.26 5.60
C MET A 85 -7.94 2.71 6.02
N THR A 86 -8.68 3.44 5.18
CA THR A 86 -8.75 4.89 5.32
C THR A 86 -9.57 5.33 6.53
N MET A 87 -10.44 4.46 7.00
CA MET A 87 -11.29 4.79 8.13
C MET A 87 -10.71 4.28 9.45
N VAL A 88 -9.66 3.48 9.35
CA VAL A 88 -9.03 2.91 10.54
C VAL A 88 -7.70 3.62 10.81
N THR A 89 -6.97 3.21 11.85
CA THR A 89 -5.70 3.78 12.14
C THR A 89 -4.65 2.89 11.52
N HIS A 90 -3.49 3.43 11.21
CA HIS A 90 -2.46 2.65 10.55
C HIS A 90 -2.11 1.41 11.38
N ASP A 91 -2.08 1.57 12.69
CA ASP A 91 -1.92 0.46 13.61
C ASP A 91 -3.03 -0.56 13.42
N GLN A 92 -4.27 -0.08 13.35
CA GLN A 92 -5.43 -0.95 13.22
C GLN A 92 -5.34 -1.72 11.92
N ALA A 93 -4.94 -0.99 10.88
CA ALA A 93 -4.76 -1.56 9.57
C ALA A 93 -3.67 -2.60 9.63
N ARG A 94 -2.66 -2.30 10.44
CA ARG A 94 -1.56 -3.22 10.65
C ARG A 94 -2.01 -4.47 11.40
N LYS A 95 -3.03 -4.31 12.23
CA LYS A 95 -3.57 -5.42 13.00
C LYS A 95 -4.45 -6.33 12.15
N ARG A 96 -4.93 -5.82 11.01
CA ARG A 96 -5.69 -6.65 10.07
C ARG A 96 -4.79 -7.46 9.15
N LEU A 97 -3.71 -6.86 8.68
CA LEU A 97 -2.81 -7.54 7.75
C LEU A 97 -2.00 -8.64 8.43
N THR A 98 -1.56 -8.39 9.65
CA THR A 98 -0.81 -9.40 10.39
C THR A 98 -1.46 -9.66 11.76
N LYS A 99 -2.70 -10.11 11.73
CA LYS A 99 -3.40 -10.48 12.97
C LYS A 99 -3.05 -11.89 13.41
N ARG A 100 -2.32 -12.57 12.55
CA ARG A 100 -1.88 -13.96 12.76
C ARG A 100 -3.09 -14.89 12.85
N SER A 101 -4.20 -14.39 12.34
CA SER A 101 -5.44 -15.13 12.27
C SER A 101 -5.71 -15.51 10.82
N GLU A 102 -4.71 -15.26 9.99
CA GLU A 102 -4.78 -15.52 8.58
C GLU A 102 -3.56 -16.32 8.17
N GLU A 103 -3.47 -16.56 6.89
CA GLU A 103 -2.34 -17.25 6.30
C GLU A 103 -1.80 -16.36 5.23
N VAL A 104 -2.41 -15.19 5.17
CA VAL A 104 -2.22 -14.30 4.08
C VAL A 104 -3.13 -13.10 4.23
N VAL A 105 -2.64 -11.94 3.85
CA VAL A 105 -3.44 -10.74 3.99
C VAL A 105 -3.92 -10.31 2.63
N ARG A 106 -5.22 -10.15 2.51
CA ARG A 106 -5.77 -9.74 1.26
C ARG A 106 -5.69 -8.24 1.17
N LEU A 107 -5.49 -7.77 -0.02
CA LEU A 107 -5.28 -6.37 -0.24
C LEU A 107 -6.18 -5.82 -1.31
N LEU A 108 -6.41 -4.53 -1.21
CA LEU A 108 -7.09 -3.78 -2.22
C LEU A 108 -6.30 -2.52 -2.44
N VAL A 109 -5.68 -2.44 -3.59
CA VAL A 109 -4.65 -1.51 -3.85
C VAL A 109 -4.86 -0.93 -5.22
N THR A 110 -4.17 0.13 -5.46
CA THR A 110 -4.32 0.87 -6.70
C THR A 110 -3.00 1.01 -7.42
N ARG A 111 -2.96 0.57 -8.67
CA ARG A 111 -1.77 0.67 -9.47
C ARG A 111 -1.85 1.94 -10.26
N GLN A 112 -0.74 2.33 -10.87
CA GLN A 112 -0.73 3.45 -11.77
C GLN A 112 -1.02 2.98 -13.17
N SER A 113 -0.47 1.82 -13.45
CA SER A 113 -0.63 1.20 -14.75
C SER A 113 -0.06 -0.21 -14.74
N LEU A 114 0.07 -0.75 -13.55
CA LEU A 114 0.70 -2.03 -13.36
C LEU A 114 -0.35 -3.11 -13.28
N GLN A 115 -1.31 -2.98 -14.16
CA GLN A 115 -2.41 -3.90 -14.27
C GLN A 115 -2.05 -5.10 -15.14
N LYS A 116 -2.82 -6.16 -15.01
CA LYS A 116 -2.60 -7.37 -15.78
C LYS A 116 -3.78 -7.63 -16.72
N ALA A 117 -3.50 -8.05 -17.94
CA ALA A 117 -4.54 -8.40 -18.89
C ALA A 117 -4.07 -9.58 -19.69
N VAL A 118 -3.21 -10.35 -19.05
CA VAL A 118 -2.55 -11.48 -19.65
C VAL A 118 -2.66 -12.67 -18.74
N GLN A 119 -3.72 -13.44 -18.93
CA GLN A 119 -3.96 -14.61 -18.12
C GLN A 119 -3.55 -15.87 -18.85
N GLN A 120 -2.78 -16.71 -18.17
CA GLN A 120 -2.29 -17.95 -18.74
C GLN A 120 -3.37 -19.02 -18.64
N SER A 121 -4.40 -18.70 -17.85
CA SER A 121 -5.56 -19.57 -17.65
C SER A 121 -5.16 -20.99 -17.25
N MET A 122 -4.66 -21.11 -16.03
CA MET A 122 -4.33 -22.42 -15.47
C MET A 122 -5.40 -22.80 -14.44
N LEU A 123 -5.47 -24.08 -14.11
CA LEU A 123 -6.50 -24.58 -13.21
C LEU A 123 -6.20 -24.23 -11.75
N SER A 124 -5.23 -23.35 -11.54
CA SER A 124 -4.91 -22.86 -10.21
C SER A 124 -5.92 -21.80 -9.77
N LYS B 1 -6.64 8.12 13.03
CA LYS B 1 -5.94 8.15 11.76
C LYS B 1 -4.46 7.78 11.95
N GLU B 2 -3.56 8.77 11.81
CA GLU B 2 -2.10 8.61 11.99
C GLU B 2 -1.46 7.65 10.97
N ASN B 3 -0.23 7.98 10.54
CA ASN B 3 0.45 7.17 9.54
C ASN B 3 1.97 7.17 9.72
N LEU B 4 2.67 6.46 8.81
CA LEU B 4 4.08 6.09 8.99
C LEU B 4 4.39 4.93 8.04
N GLU B 5 5.65 4.67 7.77
CA GLU B 5 6.02 3.46 7.05
C GLU B 5 6.20 2.30 8.01
N SER B 6 6.06 1.09 7.50
CA SER B 6 6.19 -0.11 8.30
C SER B 6 6.64 -1.26 7.42
N MET B 7 7.27 -2.26 8.01
CA MET B 7 7.75 -3.41 7.24
C MET B 7 7.18 -4.70 7.80
N VAL B 8 6.47 -5.43 6.95
CA VAL B 8 5.91 -6.72 7.31
C VAL B 8 6.20 -7.72 6.21
N MET A 1 1.17 25.11 -26.96
CA MET A 1 1.69 23.95 -26.20
C MET A 1 2.41 24.43 -24.94
N SER A 2 2.30 23.64 -23.88
CA SER A 2 2.95 23.96 -22.62
C SER A 2 2.98 22.74 -21.72
N TYR A 3 4.07 22.58 -20.98
CA TYR A 3 4.18 21.52 -20.01
C TYR A 3 3.57 21.95 -18.69
N ILE A 4 2.88 21.03 -18.02
CA ILE A 4 2.20 21.34 -16.79
C ILE A 4 2.82 20.55 -15.64
N PRO A 5 3.69 21.19 -14.87
CA PRO A 5 4.36 20.56 -13.73
C PRO A 5 3.40 20.36 -12.57
N GLY A 6 3.11 19.11 -12.28
CA GLY A 6 2.17 18.78 -11.23
C GLY A 6 0.88 18.20 -11.78
N GLN A 7 1.01 17.49 -12.88
CA GLN A 7 -0.11 16.77 -13.46
C GLN A 7 -0.31 15.43 -12.75
N PRO A 8 -1.48 15.21 -12.16
CA PRO A 8 -1.78 14.01 -11.40
C PRO A 8 -2.39 12.89 -12.24
N VAL A 9 -2.91 11.89 -11.56
CA VAL A 9 -3.54 10.75 -12.19
C VAL A 9 -4.62 10.21 -11.28
N THR A 10 -5.27 9.16 -11.73
CA THR A 10 -6.31 8.54 -10.99
C THR A 10 -5.76 7.39 -10.17
N ALA A 11 -6.30 6.23 -10.38
CA ALA A 11 -5.89 5.03 -9.67
C ALA A 11 -6.56 3.79 -10.25
N VAL A 12 -5.72 2.90 -10.73
CA VAL A 12 -6.14 1.60 -11.23
C VAL A 12 -5.21 0.52 -10.76
N VAL A 13 -5.67 -0.29 -9.86
CA VAL A 13 -5.08 -1.57 -9.62
C VAL A 13 -6.06 -2.50 -8.90
N GLN A 14 -5.65 -3.71 -8.88
CA GLN A 14 -6.43 -4.88 -8.65
C GLN A 14 -6.26 -5.36 -7.21
N ARG A 15 -6.97 -6.41 -6.88
CA ARG A 15 -6.95 -6.95 -5.55
C ARG A 15 -5.93 -8.04 -5.52
N VAL A 16 -5.16 -8.09 -4.47
CA VAL A 16 -4.12 -9.08 -4.39
C VAL A 16 -4.05 -9.66 -2.99
N GLU A 17 -3.73 -10.94 -2.91
CA GLU A 17 -3.57 -11.63 -1.65
C GLU A 17 -2.11 -12.01 -1.44
N ILE A 18 -1.51 -11.35 -0.47
CA ILE A 18 -0.11 -11.46 -0.17
C ILE A 18 0.10 -12.45 0.95
N HIS A 19 0.44 -13.63 0.56
CA HIS A 19 0.65 -14.71 1.47
C HIS A 19 2.00 -14.60 2.14
N LYS A 20 2.04 -13.79 3.19
CA LYS A 20 3.24 -13.56 3.99
C LYS A 20 3.76 -14.86 4.58
N LEU A 21 5.03 -14.88 4.97
CA LEU A 21 5.70 -16.15 5.23
C LEU A 21 6.46 -16.14 6.54
N ARG A 22 6.14 -17.09 7.39
CA ARG A 22 6.90 -17.36 8.59
C ARG A 22 8.20 -18.04 8.25
N GLN A 23 9.24 -17.61 8.92
CA GLN A 23 10.54 -18.23 8.81
C GLN A 23 11.16 -18.44 10.18
N GLY A 24 10.49 -19.27 10.97
CA GLY A 24 10.93 -19.72 12.29
C GLY A 24 12.03 -18.92 12.94
N GLU A 25 11.66 -17.71 13.31
CA GLU A 25 12.56 -16.65 13.75
C GLU A 25 11.96 -15.40 13.17
N ASN A 26 11.23 -15.64 12.09
CA ASN A 26 10.70 -14.60 11.29
C ASN A 26 9.24 -14.77 11.08
N LEU A 27 8.60 -13.70 11.27
CA LEU A 27 7.25 -13.47 10.86
C LEU A 27 7.32 -12.36 9.84
N ILE A 28 7.10 -12.69 8.59
CA ILE A 28 7.26 -11.71 7.54
C ILE A 28 5.94 -11.31 6.96
N LEU A 29 5.71 -10.02 6.82
CA LEU A 29 4.63 -9.52 5.98
C LEU A 29 5.17 -9.43 4.56
N GLY A 30 6.35 -8.85 4.46
CA GLY A 30 7.12 -8.96 3.25
C GLY A 30 7.23 -7.67 2.45
N PHE A 31 6.88 -6.53 3.03
CA PHE A 31 7.07 -5.26 2.35
C PHE A 31 6.91 -4.07 3.30
N SER A 32 7.03 -2.86 2.77
CA SER A 32 6.89 -1.64 3.56
C SER A 32 5.85 -0.74 2.93
N ILE A 33 5.01 -0.10 3.74
CA ILE A 33 4.01 0.76 3.20
C ILE A 33 4.11 2.12 3.82
N GLY A 34 3.50 3.10 3.20
CA GLY A 34 3.50 4.42 3.75
C GLY A 34 2.21 5.14 3.44
N GLY A 35 1.47 5.56 4.47
CA GLY A 35 0.19 6.18 4.22
C GLY A 35 -0.21 7.20 5.27
N GLY A 36 -0.20 8.46 4.88
CA GLY A 36 -0.67 9.50 5.77
C GLY A 36 0.16 10.74 5.65
N ILE A 37 1.37 10.51 5.18
CA ILE A 37 2.45 11.48 5.27
C ILE A 37 2.14 12.82 4.65
N ASP A 38 1.77 12.82 3.39
CA ASP A 38 1.61 14.06 2.65
C ASP A 38 0.18 14.18 2.19
N GLN A 39 -0.65 13.34 2.75
CA GLN A 39 -2.07 13.34 2.40
C GLN A 39 -2.94 13.88 3.52
N ASP A 40 -2.40 13.96 4.72
CA ASP A 40 -3.13 14.49 5.85
C ASP A 40 -3.42 15.95 5.59
N PRO A 41 -4.70 16.31 5.63
CA PRO A 41 -5.21 17.62 5.18
C PRO A 41 -4.61 18.78 5.94
N SER A 42 -4.13 18.52 7.14
CA SER A 42 -3.49 19.56 7.93
C SER A 42 -2.08 19.84 7.43
N GLN A 43 -1.40 18.80 6.93
CA GLN A 43 -0.06 18.97 6.43
C GLN A 43 -0.09 19.09 4.92
N ASN A 44 -1.27 18.85 4.37
CA ASN A 44 -1.52 19.03 2.95
C ASN A 44 -2.97 19.39 2.71
N PRO A 45 -3.30 20.68 2.75
CA PRO A 45 -4.63 21.17 2.41
C PRO A 45 -4.84 21.23 0.90
N PHE A 46 -3.80 20.85 0.15
CA PHE A 46 -3.87 20.86 -1.29
C PHE A 46 -4.22 19.49 -1.83
N SER A 47 -3.96 18.45 -1.05
CA SER A 47 -4.31 17.12 -1.43
C SER A 47 -5.22 16.49 -0.40
N GLU A 48 -5.95 15.51 -0.85
CA GLU A 48 -6.98 14.81 -0.06
C GLU A 48 -7.88 14.03 -1.01
N ASP A 49 -7.93 14.51 -2.24
CA ASP A 49 -8.80 13.92 -3.26
C ASP A 49 -8.07 13.87 -4.60
N LYS A 50 -7.93 12.65 -5.15
CA LYS A 50 -7.12 12.38 -6.36
C LYS A 50 -5.64 12.59 -6.08
N THR A 51 -5.28 13.77 -5.60
CA THR A 51 -3.91 14.09 -5.25
C THR A 51 -3.53 13.44 -3.92
N ASP A 52 -4.54 12.84 -3.28
CA ASP A 52 -4.40 12.19 -1.98
C ASP A 52 -3.23 11.22 -1.94
N LYS A 53 -3.42 10.06 -2.60
CA LYS A 53 -2.44 8.97 -2.58
C LYS A 53 -2.26 8.51 -1.14
N GLY A 54 -3.33 8.67 -0.37
CA GLY A 54 -3.32 8.52 1.07
C GLY A 54 -2.48 7.36 1.60
N ILE A 55 -2.94 6.16 1.30
CA ILE A 55 -2.26 4.94 1.72
C ILE A 55 -1.74 4.19 0.51
N TYR A 56 -0.45 3.91 0.49
CA TYR A 56 0.14 3.14 -0.60
C TYR A 56 1.42 2.44 -0.16
N VAL A 57 1.83 1.46 -0.93
CA VAL A 57 3.05 0.75 -0.67
C VAL A 57 4.23 1.56 -1.14
N THR A 58 5.27 1.58 -0.33
CA THR A 58 6.48 2.31 -0.64
C THR A 58 7.61 1.34 -0.95
N ARG A 59 7.41 0.06 -0.65
CA ARG A 59 8.40 -0.95 -0.99
C ARG A 59 7.84 -2.34 -0.87
N VAL A 60 8.64 -3.28 -1.32
CA VAL A 60 8.30 -4.68 -1.32
C VAL A 60 9.55 -5.48 -1.00
N SER A 61 9.46 -6.41 -0.07
CA SER A 61 10.60 -7.29 0.15
C SER A 61 10.63 -8.33 -0.95
N GLU A 62 11.56 -8.15 -1.84
CA GLU A 62 11.67 -8.87 -3.04
C GLU A 62 11.98 -10.33 -2.80
N GLY A 63 11.43 -11.10 -3.69
CA GLY A 63 11.51 -12.53 -3.60
C GLY A 63 10.71 -13.04 -2.42
N GLY A 64 9.69 -12.29 -2.04
CA GLY A 64 8.94 -12.63 -0.87
C GLY A 64 7.52 -12.97 -1.21
N PRO A 65 6.57 -12.44 -0.43
CA PRO A 65 5.15 -12.73 -0.56
C PRO A 65 4.39 -11.74 -1.42
N ALA A 66 4.80 -10.49 -1.34
CA ALA A 66 3.97 -9.40 -1.82
C ALA A 66 3.96 -9.38 -3.32
N GLU A 67 5.11 -9.61 -3.87
CA GLU A 67 5.34 -9.37 -5.26
C GLU A 67 4.93 -10.58 -6.03
N ILE A 68 4.93 -11.71 -5.34
CA ILE A 68 4.56 -12.92 -5.97
C ILE A 68 3.07 -13.02 -5.97
N ALA A 69 2.53 -12.35 -4.99
CA ALA A 69 1.11 -12.16 -4.91
C ALA A 69 0.71 -11.27 -6.05
N GLY A 70 1.66 -10.42 -6.42
CA GLY A 70 1.46 -9.50 -7.52
C GLY A 70 1.46 -8.06 -7.06
N LEU A 71 2.39 -7.72 -6.18
CA LEU A 71 2.53 -6.39 -5.68
C LEU A 71 3.88 -5.88 -6.11
N GLN A 72 4.11 -4.62 -5.90
CA GLN A 72 5.25 -3.94 -6.43
C GLN A 72 5.40 -2.62 -5.70
N ILE A 73 6.40 -1.85 -6.06
CA ILE A 73 6.70 -0.63 -5.36
C ILE A 73 5.84 0.53 -5.85
N GLY A 74 4.97 1.01 -4.98
CA GLY A 74 4.23 2.21 -5.27
C GLY A 74 2.82 1.88 -5.69
N ASP A 75 2.02 1.45 -4.73
CA ASP A 75 0.70 0.92 -5.05
C ASP A 75 -0.25 1.17 -3.87
N LYS A 76 -1.42 1.73 -4.14
CA LYS A 76 -2.27 2.25 -3.07
C LYS A 76 -3.09 1.15 -2.44
N ILE A 77 -2.75 0.76 -1.24
CA ILE A 77 -3.53 -0.22 -0.51
C ILE A 77 -4.74 0.45 0.13
N MET A 78 -5.90 0.19 -0.43
CA MET A 78 -7.13 0.85 0.01
C MET A 78 -7.77 0.10 1.14
N GLN A 79 -7.60 -1.22 1.15
CA GLN A 79 -8.21 -2.06 2.15
C GLN A 79 -7.54 -3.38 2.21
N VAL A 80 -7.68 -3.99 3.34
CA VAL A 80 -7.05 -5.28 3.60
C VAL A 80 -8.06 -6.28 4.10
N ASN A 81 -8.05 -7.49 3.55
CA ASN A 81 -8.99 -8.55 3.92
C ASN A 81 -10.43 -8.09 3.76
N GLY A 82 -10.61 -7.07 2.92
CA GLY A 82 -11.92 -6.46 2.73
C GLY A 82 -12.23 -5.31 3.69
N TRP A 83 -11.23 -4.85 4.45
CA TRP A 83 -11.47 -3.80 5.42
C TRP A 83 -10.85 -2.52 4.93
N ASP A 84 -11.61 -1.80 4.15
CA ASP A 84 -11.30 -0.40 3.80
C ASP A 84 -10.45 0.27 4.87
N MET A 85 -9.18 0.47 4.54
CA MET A 85 -8.25 1.13 5.43
C MET A 85 -8.50 2.64 5.42
N THR A 86 -7.70 3.34 4.61
CA THR A 86 -7.82 4.77 4.29
C THR A 86 -7.62 5.71 5.48
N MET A 87 -8.23 5.37 6.61
CA MET A 87 -8.24 6.25 7.76
C MET A 87 -7.72 5.55 9.02
N VAL A 88 -7.02 4.44 8.83
CA VAL A 88 -6.56 3.63 9.96
C VAL A 88 -5.28 4.15 10.57
N THR A 89 -4.92 3.54 11.68
CA THR A 89 -3.70 3.81 12.38
C THR A 89 -2.74 2.64 12.17
N HIS A 90 -1.48 2.85 12.50
CA HIS A 90 -0.44 1.82 12.34
C HIS A 90 -0.87 0.52 12.98
N ASP A 91 -1.33 0.62 14.21
CA ASP A 91 -1.80 -0.53 14.96
C ASP A 91 -3.02 -1.14 14.30
N GLN A 92 -3.91 -0.28 13.84
CA GLN A 92 -5.13 -0.71 13.17
C GLN A 92 -4.76 -1.49 11.92
N ALA A 93 -3.85 -0.94 11.15
CA ALA A 93 -3.40 -1.57 9.94
C ALA A 93 -2.73 -2.87 10.30
N ARG A 94 -2.00 -2.83 11.41
CA ARG A 94 -1.26 -3.99 11.85
C ARG A 94 -2.18 -5.09 12.33
N LYS A 95 -3.37 -4.73 12.78
CA LYS A 95 -4.37 -5.72 13.15
C LYS A 95 -4.90 -6.43 11.92
N ARG A 96 -4.96 -5.74 10.78
CA ARG A 96 -5.51 -6.35 9.58
C ARG A 96 -4.46 -7.12 8.78
N LEU A 97 -3.30 -6.52 8.63
CA LEU A 97 -2.20 -7.09 7.85
C LEU A 97 -1.69 -8.36 8.49
N THR A 98 -1.49 -8.26 9.77
CA THR A 98 -0.92 -9.35 10.55
C THR A 98 -1.84 -9.74 11.70
N LYS A 99 -3.08 -10.11 11.36
CA LYS A 99 -4.06 -10.51 12.37
C LYS A 99 -3.76 -11.88 12.94
N ARG A 100 -2.88 -12.59 12.28
CA ARG A 100 -2.44 -13.92 12.71
C ARG A 100 -3.59 -14.94 12.64
N SER A 101 -4.65 -14.55 11.97
CA SER A 101 -5.83 -15.39 11.82
C SER A 101 -6.08 -15.68 10.34
N GLU A 102 -5.14 -15.27 9.50
CA GLU A 102 -5.26 -15.44 8.08
C GLU A 102 -4.25 -16.45 7.60
N GLU A 103 -4.33 -16.70 6.32
CA GLU A 103 -3.43 -17.61 5.64
C GLU A 103 -2.67 -16.80 4.64
N VAL A 104 -3.05 -15.54 4.57
CA VAL A 104 -2.68 -14.73 3.45
C VAL A 104 -3.23 -13.32 3.63
N VAL A 105 -2.51 -12.32 3.13
CA VAL A 105 -2.93 -10.96 3.39
C VAL A 105 -3.70 -10.42 2.21
N ARG A 106 -4.98 -10.21 2.40
CA ARG A 106 -5.78 -9.68 1.34
C ARG A 106 -5.67 -8.18 1.34
N LEU A 107 -5.44 -7.58 0.20
CA LEU A 107 -5.61 -6.16 0.08
C LEU A 107 -6.16 -5.76 -1.25
N LEU A 108 -6.90 -4.69 -1.20
CA LEU A 108 -7.43 -4.05 -2.37
C LEU A 108 -6.54 -2.85 -2.69
N VAL A 109 -5.78 -2.96 -3.75
CA VAL A 109 -4.72 -2.01 -4.02
C VAL A 109 -4.96 -1.34 -5.36
N THR A 110 -4.23 -0.27 -5.63
CA THR A 110 -4.44 0.55 -6.82
C THR A 110 -3.18 1.29 -7.30
N ARG A 111 -2.84 1.12 -8.57
CA ARG A 111 -1.72 1.77 -9.19
C ARG A 111 -2.18 3.04 -9.83
N GLN A 112 -1.25 3.81 -10.32
CA GLN A 112 -1.56 5.11 -10.88
C GLN A 112 -2.14 4.95 -12.25
N SER A 113 -1.36 4.34 -13.11
CA SER A 113 -1.77 4.02 -14.48
C SER A 113 -0.56 3.61 -15.27
N LEU A 114 0.55 4.19 -14.86
CA LEU A 114 1.81 3.92 -15.49
C LEU A 114 2.32 2.57 -15.06
N GLN A 115 1.74 1.60 -15.69
CA GLN A 115 2.06 0.20 -15.48
C GLN A 115 3.18 -0.25 -16.42
N LYS A 116 3.35 -1.57 -16.53
CA LYS A 116 4.40 -2.12 -17.38
C LYS A 116 3.80 -3.02 -18.46
N ALA A 117 4.66 -3.53 -19.33
CA ALA A 117 4.23 -4.39 -20.42
C ALA A 117 5.29 -5.42 -20.69
N VAL A 118 6.10 -5.62 -19.67
CA VAL A 118 7.29 -6.43 -19.80
C VAL A 118 7.37 -7.44 -18.65
N GLN A 119 6.81 -8.61 -18.89
CA GLN A 119 6.90 -9.70 -17.94
C GLN A 119 7.72 -10.83 -18.55
N GLN A 120 9.03 -10.79 -18.34
CA GLN A 120 9.93 -11.76 -18.93
C GLN A 120 9.98 -13.03 -18.08
N SER A 121 9.31 -13.01 -16.95
CA SER A 121 9.33 -14.13 -16.01
C SER A 121 8.67 -15.38 -16.61
N MET A 122 7.34 -15.42 -16.60
CA MET A 122 6.63 -16.60 -17.07
C MET A 122 5.39 -16.25 -17.89
N LEU A 123 4.98 -14.98 -17.83
CA LEU A 123 3.77 -14.51 -18.50
C LEU A 123 2.54 -15.18 -17.90
N SER A 124 1.41 -15.06 -18.57
CA SER A 124 0.17 -15.67 -18.10
C SER A 124 -0.27 -16.79 -19.03
N LYS B 1 -4.51 14.83 12.54
CA LYS B 1 -3.81 14.83 11.25
C LYS B 1 -2.34 14.45 11.39
N GLU B 2 -2.09 13.16 11.48
CA GLU B 2 -0.73 12.66 11.58
C GLU B 2 -0.71 11.14 11.48
N ASN B 3 -0.75 10.65 10.25
CA ASN B 3 -0.65 9.23 10.00
C ASN B 3 0.81 8.83 9.80
N LEU B 4 1.04 7.64 9.24
CA LEU B 4 2.37 7.04 9.24
C LEU B 4 2.34 5.72 8.50
N GLU B 5 3.32 4.86 8.78
CA GLU B 5 3.29 3.47 8.34
C GLU B 5 4.59 2.73 8.72
N SER B 6 4.92 1.63 8.00
CA SER B 6 5.86 0.66 8.54
C SER B 6 6.52 -0.21 7.46
N MET B 7 7.43 -1.06 7.91
CA MET B 7 8.01 -2.12 7.10
C MET B 7 7.89 -3.44 7.85
N VAL B 8 7.28 -4.41 7.20
CA VAL B 8 6.93 -5.65 7.88
C VAL B 8 7.26 -6.85 7.02
#